data_8HY0
#
_entry.id   8HY0
#
_cell.length_a   1.00
_cell.length_b   1.00
_cell.length_c   1.00
_cell.angle_alpha   90.00
_cell.angle_beta   90.00
_cell.angle_gamma   90.00
#
_symmetry.space_group_name_H-M   'P 1'
#
loop_
_entity.id
_entity.type
_entity.pdbx_description
1 polymer 'Histone H3'
2 polymer 'Histone H4'
3 polymer 'Histone H2A'
4 polymer 'Histone H2B'
5 polymer 'DNA (352-MER)'
6 polymer 'DNA (352-MER)'
7 polymer 'Transcriptional regulatory protein SIN3'
8 polymer 'Histone deacetylase RPD3'
9 polymer 'Chromatin modification-related protein EAF3'
10 polymer 'RCO1 isoform 1'
11 non-polymer 'ZINC ION'
#
loop_
_entity_poly.entity_id
_entity_poly.type
_entity_poly.pdbx_seq_one_letter_code
_entity_poly.pdbx_strand_id
1 'polypeptide(L)'
;ARTKQTARKSTGGKAPRKQLATKAARKSAPATGGV(ML3)KPHRYRPGTVALREIRRYQKSTELLIRKLPFQRLVREIAQ
DFKTDLRFQSSAVMALQEASEAYLVALFEDTNLAAIHAKRVTIMPKDIQLARRIRGERA
;
A,E
2 'polypeptide(L)'
;SGRGKGGKGLGKGGAKRHRKVLRDNIQGITKPAIRRLARRGGVKRISGLIYEETRGVLKVFLENVIRDAVTYTEHAKRKT
VTAMDVVYALKRQGRTLYGFGG
;
B,F
3 'polypeptide(L)'
;SGRGKQGGKTRAKAKTRSSRAGLQFPVGRVHRLLRKGNYAERVGAGAPVYLAAVLEYLTAEILELAGNAARDNKKTRIIP
RHLQLAVRNDEELNKLLGRVTIAQGGVLPNIQSVLLPKKTESSKSAKSK
;
C,G
4 'polypeptide(L)'
;AKSAPAPKKGSKKAVTKTQKKDGKKRRKTRKESYAIYVYKVLKQVHPDTGISSKAMSIMNSFVNDVFERIAGEASRLAHY
NKRSTITSREIQTAVRLLLPGELAKHAVSEGTKAVTKYTSAK
;
D,H
5 'polydeoxyribonucleotide'
;(DG)(DA)(DA)(DT)(DT)(DC)(DG)(DA)(DT)(DA)(DT)(DC)(DG)(DA)(DG)(DA)(DA)(DT)(DC)(DC)
(DC)(DG)(DG)(DT)(DG)(DC)(DC)(DG)(DA)(DG)(DG)(DC)(DC)(DG)(DC)(DT)(DC)(DA)(DA)(DT)
(DT)(DG)(DG)(DT)(DC)(DG)(DT)(DA)(DG)(DA)(DC)(DA)(DG)(DC)(DT)(DC)(DT)(DA)(DG)(DC)
(DA)(DC)(DC)(DG)(DC)(DT)(DT)(DA)(DA)(DA)(DC)(DG)(DC)(DA)(DC)(DG)(DT)(DA)(DC)(DG)
(DC)(DG)(DC)(DT)(DG)(DT)(DC)(DC)(DC)(DC)(DC)(DG)(DC)(DG)(DT)(DT)(DT)(DT)(DA)(DA)
(DC)(DC)(DG)(DC)(DC)(DA)(DA)(DG)(DG)(DG)(DG)(DA)(DT)(DT)(DA)(DC)(DT)(DC)(DC)(DC)
(DT)(DA)(DG)(DT)(DC)(DT)(DC)(DC)(DA)(DG)(DG)(DC)(DA)(DC)(DG)(DT)(DG)(DT)(DC)(DA)
(DG)(DA)(DT)(DA)(DT)(DA)(DT)(DA)(DC)(DA)(DT)(DC)(DC)(DT)(DG)(DT)(DG)(DC)(DA)(DT)
(DG)(DT)(DA)(DT)(DT)(DG)(DA)(DA)(DA)(DG)(DT)(DA)(DC)(DT)(DG)(DC)(DC)(DA)(DG)(DT)
(DT)(DC)(DT)(DA)(DG)(DA)(DC)(DT)(DG)(DG)(DA)(DG)(DA)(DA)(DT)(DC)(DC)(DC)(DG)(DG)
(DT)(DG)(DC)(DC)(DG)(DA)(DG)(DG)(DC)(DC)(DG)(DC)(DT)(DC)(DA)(DA)(DT)(DT)(DG)(DG)
(DT)(DC)(DG)(DT)(DA)(DG)(DA)(DC)(DA)(DG)(DC)(DT)(DC)(DT)(DA)(DG)(DC)(DA)(DC)(DC)
(DG)(DC)(DT)(DT)(DA)(DA)(DA)(DC)(DG)(DC)(DA)(DC)(DG)(DT)(DA)(DC)(DG)(DC)(DG)(DC)
(DT)(DG)(DT)(DC)(DC)(DC)(DC)(DC)(DG)(DC)(DG)(DT)(DT)(DT)(DT)(DA)(DA)(DC)(DC)(DG)
(DC)(DC)(DA)(DA)(DG)(DG)(DG)(DG)(DA)(DT)(DT)(DA)(DC)(DT)(DC)(DC)(DC)(DT)(DA)(DG)
(DT)(DC)(DT)(DC)(DC)(DA)(DG)(DG)(DC)(DA)(DC)(DG)(DT)(DG)(DT)(DC)(DA)(DG)(DA)(DT)
(DA)(DT)(DA)(DT)(DA)(DC)(DA)(DT)(DC)(DC)(DT)(DG)(DT)(DG)(DC)(DA)(DT)(DG)(DT)(DA)
(DT)(DT)(DG)(DA)(DA)(DC)(DA)(DG)(DC)(DG)(DA)(DT)
;
I
6 'polydeoxyribonucleotide'
;(DA)(DT)(DC)(DG)(DC)(DT)(DG)(DT)(DT)(DC)(DA)(DA)(DT)(DA)(DC)(DA)(DT)(DG)(DC)(DA)
(DC)(DA)(DG)(DG)(DA)(DT)(DG)(DT)(DA)(DT)(DA)(DT)(DA)(DT)(DC)(DT)(DG)(DA)(DC)(DA)
(DC)(DG)(DT)(DG)(DC)(DC)(DT)(DG)(DG)(DA)(DG)(DA)(DC)(DT)(DA)(DG)(DG)(DG)(DA)(DG)
(DT)(DA)(DA)(DT)(DC)(DC)(DC)(DC)(DT)(DT)(DG)(DG)(DC)(DG)(DG)(DT)(DT)(DA)(DA)(DA)
(DA)(DC)(DG)(DC)(DG)(DG)(DG)(DG)(DG)(DA)(DC)(DA)(DG)(DC)(DG)(DC)(DG)(DT)(DA)(DC)
(DG)(DT)(DG)(DC)(DG)(DT)(DT)(DT)(DA)(DA)(DG)(DC)(DG)(DG)(DT)(DG)(DC)(DT)(DA)(DG)
(DA)(DG)(DC)(DT)(DG)(DT)(DC)(DT)(DA)(DC)(DG)(DA)(DC)(DC)(DA)(DA)(DT)(DT)(DG)(DA)
(DG)(DC)(DG)(DG)(DC)(DC)(DT)(DC)(DG)(DG)(DC)(DA)(DC)(DC)(DG)(DG)(DG)(DA)(DT)(DT)
(DC)(DT)(DC)(DC)(DA)(DG)(DT)(DC)(DT)(DA)(DG)(DA)(DA)(DC)(DT)(DG)(DG)(DC)(DA)(DG)
(DT)(DA)(DC)(DT)(DT)(DT)(DC)(DA)(DA)(DT)(DA)(DC)(DA)(DT)(DG)(DC)(DA)(DC)(DA)(DG)
(DG)(DA)(DT)(DG)(DT)(DA)(DT)(DA)(DT)(DA)(DT)(DC)(DT)(DG)(DA)(DC)(DA)(DC)(DG)(DT)
(DG)(DC)(DC)(DT)(DG)(DG)(DA)(DG)(DA)(DC)(DT)(DA)(DG)(DG)(DG)(DA)(DG)(DT)(DA)(DA)
(DT)(DC)(DC)(DC)(DC)(DT)(DT)(DG)(DG)(DC)(DG)(DG)(DT)(DT)(DA)(DA)(DA)(DA)(DC)(DG)
(DC)(DG)(DG)(DG)(DG)(DG)(DA)(DC)(DA)(DG)(DC)(DG)(DC)(DG)(DT)(DA)(DC)(DG)(DT)(DG)
(DC)(DG)(DT)(DT)(DT)(DA)(DA)(DG)(DC)(DG)(DG)(DT)(DG)(DC)(DT)(DA)(DG)(DA)(DG)(DC)
(DT)(DG)(DT)(DC)(DT)(DA)(DC)(DG)(DA)(DC)(DC)(DA)(DA)(DT)(DT)(DG)(DA)(DG)(DC)(DG)
(DG)(DC)(DC)(DT)(DC)(DG)(DG)(DC)(DA)(DC)(DC)(DG)(DG)(DG)(DA)(DT)(DT)(DC)(DT)(DC)
(DG)(DA)(DT)(DA)(DT)(DC)(DG)(DA)(DA)(DT)(DT)(DC)
;
J
7 'polypeptide(L)'
;MSQVWHNSNSQSNDVATSNDATGSNERNEKEPSLQGNKPGFVQQQQRITLPSLSALSTKEEDRRDSNGQQALTSHAAHIL
GYPPPHSNAMPSIATDSALKQPHEYHPRPKSSSSSPSINASLMNAGPAPLPTVGAASFSLSRFDNPLPIKAPVHTEEPKS
YNGLQEEEKATQRPQDCKEVPAGVQPADAPDPSSNHADANDDNNNNENSHDEDADYRPLNVKDALSYLEQVKFQFSSRPD
IYNLFLDIMKDFKSQAIDTPGVIERVSTLFRGYPILIQGFNTFLPQGYRIECSSNPDDPIRVTTPMGTTTVNNNISPSGR
GTTDAQELGSFPESDGNGVQQPSNVPMVPSSVYQSEQNQDQQQSLPLLATSSGLPSIQQPEMPAHRQIPQSQSLVPQEDA
KKNVDVEFSQAISYVNKIKTRFADQPDIYKHFLEILQTYQREQKPINEVYAQVTHLFQNAPDLLEDFKKFLPDSSASANQ
QVQHAQQHAQQQHEAQMHAQAQAQAQAQAQVEQQKQQQQFLYPASGYYGHPSNRGIPQQNLPPIGSFSPPTNGSTVHEAY
QDQQHMQPPHFMPLPSIVQHGPNMVHQGIANENPPLSDLRTSLTEQYAPSSIQHQQQHPQSISPIANTQYGDIPVRPEID
LDPSIVPVVPEPTEPIENNISLNEEVTFFEKAKRYIGNKHLYTEFLKILNLYSQDILDLDDLVEKVDFYLGSNKELFTWF
KNFVGYQEKTKCIENIVHEKHRLDLDLCEAFGPSYKRLPKSDTFMPCSGRDDMCWEVLNDEWVGHPVWASEDSGFIAHRK
NQYEETLFKIEEERHEYDFYIESNLRTIQCLETIVNKIENMTENEKANFKLPPGLGHTSMTIYKKVIRKVYDKERGFEII
DALHEHPAVTAPVVLKRLKQKDEEWRRAQREWNKVWRELEQKVFFKSLDHLGLTFKQADKKLLTTKQLISEISSIKVDQT
NKKIHWLTPKPKSQLDFDFPDKNIFYDILCLADTFITHTTAYSNPDKERLKDLLKYFISLFFSISFEKIEESLYSHKQNV
SESSGSDDGSSIASRKRPYQQEMSLLDILHRSRYQKLKRSNDEDGKVPQLSEPPEEEPNTIEEEELIDEEAKNPWLTGNL
VEEANSQGIIQNRSIFNLFANTNIYIFFRHWTTIYERLLEIKQMNERVTKEINTRSTVTFAKDLDLLSSQLSEMGLDFVG
EDAYKQVLRLSRRLINGDLEHQWFEESLRQAYNNKAFKLYTIDKVTQSLVKHAHTLMTDAKTAEIMALFVKDRNASTTSA
KDQIIYRLQVRSHMSNTENMFRIEFDKRTLHVSIQYIALDDLTLKEPKADEDKWKYYVTSYALPHPTEGIPHEKLKIPFL
ERLIEFGQDIDGTEVDEEFSPEGISVSTLKIKIQPITYQLHIENGSYDVFTRKATNKYPTIANDNTQKGMVSQKKELISK
FLDCAVGLRNNLDEAQKLSMQKKWENLKDSIAKTSAGNQGIESETEKGKITKQEQSDNLDSSTASVLPASITTVPQDDNI
ETTGNTESSDKGAKIQ
;
K
8 'polypeptide(L)'
;MVYEATPFDPITVKPSDKRRVAYFYDADVGNYAYGAGHPMKPHRIRMAHSLIMNYGLYKKMEIYRAKPATKQEMCQFHTD
EYIDFLSRVTPDNLEMFKRESVKFNVGDDCPVFDGLYEYCSISGGGSMEGAARLNRGKCDVAVNYAGGLHHAKKSEASGF
CYLNDIVLGIIELLRYHPRVLYIDIDVHHGDGVEEAFYTTDRVMTCSFHKYGEFFPGTGELRDIGVGAGKNYAVNVPLRD
GIDDATYRSVFEPVIKKIMEWYQPSAVVLQCGGDSLSGDRLGCFNLSMEGHANCVNYVKSFGIPMMVVGGGGYTMRNVAR
TWCFETGLLNNVVLDKDLPYNEYYEYYGPDYKLSVRPSNMFNVNTPEYLDKVMTNIFANLENTKYAPSVQLNHTPRDAED
LGDVEEDSAEAKDTKGGSQYARDLHVEHDNEFY
;
L
9 'polypeptide(L)'
;MVDLEQEFALGGRCLAFHGPLMYEAKILKIWDPSSKMYTSIPNDKPGGSSQATKEIKPQKLGEDESIPEEIINGKCFFIH
YQGWKSSWDEWVGYDRIRAYNEENIAMKKRLANEAKEAKKSLLEQQKKKKLSTSLGGPSNGGKRKGDSRSNASISKSTSQ
SFLTSSVSGRKSGRSSANSLHPGSSLRSSSDQNGNDDRRRSSSLSPNMLHHIAGYPTPKISLQIPIKLKSVLVDDWEYVT
KDKKICRLPADVTVEMVLNKYEHEVSQELESPGSQSQLSEYCAGLKLYFDKCLGNMLLYRLERLQYDELLKKSSKDQKPL
VPIRIYGAIHLLRLISVLPELISSTTMDLQSCQLLIKQTEDFLVWLLMHVDEYFNDKDPNRSDDALYVNTSSQYEGVALG
M
;
M,O
10 'polypeptide(L)'
;MDTSKKDTTRSPSHSNSSSPSSSSLSSSSSKEKKRPKRLSSQNVNYDLKRRKIITSEGIERSFKNEHSNLAVEDNIPEEE
PKELLEKDSKGNIIKLNEPSTISEDSKVSVTGLPLNKGPSEKIKRESLWNYRKNLGGQSNNSEMTLVPSKRFTQVPKNFQ
DLNRNDLKTFLTENMTEESNIRSTIGWNGDIINRTRDREPESDRDNKKLSNIRTKIILSTNATYDSKSKLFGQNSIKSTS
NASEKIFRDKNNSTIDFENEDFCSACNQSGSFLCCDTCPKSFHFLCLDPPIDPNNLPKGDWHCNECKFKIFINNSMATLK
KIESNFIKQNNNVKIFAKLLFNIDSHNPKQFQLPNYIKETFPAVKTGSRGQYSDENDKIPLTDRQLFNTSYGQSITKLDS
YNPDTHIDSNSGKFLICYKCNQTRLGSWSHPENSRLIMTCDYCQTPWHLDCVPRASFKNLGSKWKCPLHSPTKVYKKIHH
CQEDNSVNYKVWKKQRLINKKNQLYYEPLQKIGYQNNGNIQIIPTTSHTDYDFNQDFKITQIDENSIKYDFFDKIYKSKM
VQKRKLFQFQESLIDKLVSNGSQNGNSEDNMVKDIASLIYFQVSNNDKSSNNKSASKSNNLRKLWDLKELTNVVVPNELD
SIQFNDFSSDEIKHLLYLKKIIESKPKEELLKFLNIENPENQSE
;
N,P
#
loop_
_chem_comp.id
_chem_comp.type
_chem_comp.name
_chem_comp.formula
DA DNA linking 2'-DEOXYADENOSINE-5'-MONOPHOSPHATE 'C10 H14 N5 O6 P'
DC DNA linking 2'-DEOXYCYTIDINE-5'-MONOPHOSPHATE 'C9 H14 N3 O7 P'
DG DNA linking 2'-DEOXYGUANOSINE-5'-MONOPHOSPHATE 'C10 H14 N5 O7 P'
DT DNA linking THYMIDINE-5'-MONOPHOSPHATE 'C10 H15 N2 O8 P'
ZN non-polymer 'ZINC ION' 'Zn 2'
#
# COMPACT_ATOMS: atom_id res chain seq x y z
N GLY A 33 -41.78 62.80 -40.10
CA GLY A 33 -41.25 61.47 -40.31
C GLY A 33 -40.09 61.14 -39.38
N GLY A 34 -38.87 61.26 -39.90
CA GLY A 34 -37.70 60.98 -39.11
C GLY A 34 -37.41 62.06 -38.08
N VAL A 35 -37.63 61.76 -36.81
CA VAL A 35 -37.40 62.70 -35.74
C VAL A 35 -35.98 62.50 -35.19
N ML3 A 36 -35.33 63.58 -34.78
CA ML3 A 36 -33.99 63.50 -34.26
CB ML3 A 36 -33.38 64.88 -34.05
SG ML3 A 36 -34.42 65.72 -32.90
CD ML3 A 36 -34.67 67.25 -33.72
CE ML3 A 36 -35.22 68.27 -32.75
NZ ML3 A 36 -34.32 69.35 -32.19
CM1 ML3 A 36 -32.87 68.96 -32.23
CM2 ML3 A 36 -34.49 70.60 -33.00
CM3 ML3 A 36 -34.69 69.68 -30.79
C ML3 A 36 -33.87 62.76 -32.94
O ML3 A 36 -34.81 62.54 -32.17
N LYS A 37 -32.61 62.45 -32.62
CA LYS A 37 -32.30 61.77 -31.36
C LYS A 37 -30.88 62.17 -31.05
N PRO A 38 -30.64 62.78 -29.88
CA PRO A 38 -29.31 63.28 -29.56
C PRO A 38 -28.32 62.14 -29.39
N HIS A 39 -27.04 62.43 -29.56
CA HIS A 39 -26.03 61.40 -29.40
C HIS A 39 -25.66 61.28 -27.95
N ARG A 40 -26.15 60.25 -27.29
CA ARG A 40 -25.84 60.03 -25.88
C ARG A 40 -25.11 58.72 -25.71
N TYR A 41 -23.92 58.77 -25.13
CA TYR A 41 -23.17 57.55 -24.87
C TYR A 41 -23.94 56.69 -23.90
N ARG A 42 -23.91 55.39 -24.10
CA ARG A 42 -24.69 54.52 -23.24
C ARG A 42 -24.15 54.49 -21.83
N PRO A 43 -25.03 54.29 -20.85
CA PRO A 43 -24.60 54.28 -19.46
C PRO A 43 -23.39 53.39 -19.22
N GLY A 44 -22.23 53.95 -18.88
CA GLY A 44 -21.05 53.13 -18.73
C GLY A 44 -19.91 53.50 -19.65
N THR A 45 -20.22 53.96 -20.87
CA THR A 45 -19.17 54.40 -21.77
C THR A 45 -18.51 55.68 -21.27
N VAL A 46 -19.33 56.66 -20.89
CA VAL A 46 -18.81 57.89 -20.29
C VAL A 46 -18.10 57.56 -18.99
N ALA A 47 -18.64 56.58 -18.25
CA ALA A 47 -18.02 56.09 -17.03
C ALA A 47 -16.59 55.64 -17.28
N LEU A 48 -16.42 54.60 -18.10
CA LEU A 48 -15.09 54.04 -18.33
C LEU A 48 -14.17 55.05 -19.01
N ARG A 49 -14.74 55.95 -19.81
CA ARG A 49 -13.92 56.98 -20.43
C ARG A 49 -13.30 57.90 -19.38
N GLU A 50 -14.08 58.34 -18.39
CA GLU A 50 -13.49 59.20 -17.37
C GLU A 50 -12.68 58.37 -16.37
N ILE A 51 -12.90 57.06 -16.32
CA ILE A 51 -12.01 56.20 -15.53
C ILE A 51 -10.60 56.22 -16.12
N ARG A 52 -10.49 55.99 -17.43
CA ARG A 52 -9.20 56.09 -18.10
C ARG A 52 -8.64 57.51 -18.03
N ARG A 53 -9.52 58.51 -18.01
CA ARG A 53 -9.07 59.90 -17.86
C ARG A 53 -8.45 60.14 -16.48
N TYR A 54 -9.09 59.63 -15.44
CA TYR A 54 -8.70 59.95 -14.07
C TYR A 54 -7.60 59.04 -13.54
N GLN A 55 -7.44 57.85 -14.09
CA GLN A 55 -6.36 56.96 -13.68
C GLN A 55 -5.04 57.32 -14.34
N LYS A 56 -5.04 58.30 -15.26
CA LYS A 56 -3.83 58.92 -15.74
C LYS A 56 -3.57 60.27 -15.09
N SER A 57 -4.53 60.84 -14.41
CA SER A 57 -4.25 62.09 -13.74
C SER A 57 -3.64 61.84 -12.38
N THR A 58 -2.70 62.67 -11.97
CA THR A 58 -2.13 62.55 -10.63
C THR A 58 -2.67 63.70 -9.81
N GLU A 59 -3.23 64.68 -10.48
CA GLU A 59 -3.77 65.84 -9.80
C GLU A 59 -4.74 65.43 -8.72
N LEU A 60 -4.80 66.22 -7.64
CA LEU A 60 -5.69 65.91 -6.56
C LEU A 60 -7.11 66.12 -7.01
N LEU A 61 -8.04 65.39 -6.40
CA LEU A 61 -9.43 65.50 -6.80
C LEU A 61 -10.19 66.44 -5.88
N ILE A 62 -10.41 66.03 -4.63
CA ILE A 62 -11.07 66.91 -3.70
C ILE A 62 -10.43 68.27 -3.83
N ARG A 63 -11.21 69.31 -3.98
CA ARG A 63 -10.66 70.65 -4.19
C ARG A 63 -9.97 71.16 -2.94
N LYS A 64 -8.93 71.99 -3.12
CA LYS A 64 -8.14 72.44 -1.97
C LYS A 64 -8.90 73.24 -0.92
N LEU A 65 -9.45 74.39 -1.28
CA LEU A 65 -10.10 75.22 -0.28
C LEU A 65 -11.20 74.47 0.46
N PRO A 66 -12.05 73.77 -0.28
CA PRO A 66 -13.05 72.97 0.42
C PRO A 66 -12.40 72.03 1.42
N PHE A 67 -11.25 71.46 1.09
CA PHE A 67 -10.63 70.49 1.99
C PHE A 67 -10.01 71.22 3.15
N GLN A 68 -9.30 72.29 2.87
CA GLN A 68 -8.63 73.03 3.92
C GLN A 68 -9.60 73.28 5.02
N ARG A 69 -10.82 73.69 4.67
CA ARG A 69 -11.79 74.01 5.67
C ARG A 69 -12.22 72.76 6.40
N LEU A 70 -12.16 71.63 5.72
CA LEU A 70 -12.60 70.41 6.33
C LEU A 70 -11.83 70.26 7.60
N VAL A 71 -10.54 70.60 7.54
CA VAL A 71 -9.68 70.45 8.70
C VAL A 71 -9.91 71.50 9.79
N ARG A 72 -9.94 72.78 9.43
CA ARG A 72 -10.04 73.81 10.45
C ARG A 72 -11.21 73.61 11.40
N GLU A 73 -12.13 72.76 10.96
CA GLU A 73 -13.23 72.44 11.80
C GLU A 73 -13.05 71.04 12.31
N ILE A 74 -12.08 70.32 11.79
CA ILE A 74 -11.80 69.00 12.33
C ILE A 74 -10.65 69.11 13.30
N ALA A 75 -10.07 70.29 13.39
CA ALA A 75 -8.98 70.51 14.30
C ALA A 75 -9.41 71.38 15.44
N GLN A 76 -10.27 72.33 15.15
CA GLN A 76 -10.71 73.25 16.18
C GLN A 76 -11.19 72.44 17.37
N ASP A 77 -11.52 71.20 17.13
CA ASP A 77 -12.02 70.35 18.19
C ASP A 77 -10.90 69.74 19.02
N PHE A 78 -9.66 69.84 18.54
CA PHE A 78 -8.55 69.22 19.25
C PHE A 78 -7.66 70.30 19.85
N LYS A 79 -7.57 71.44 19.19
CA LYS A 79 -6.82 72.55 19.78
C LYS A 79 -7.27 73.81 19.11
N THR A 80 -7.44 74.86 19.90
CA THR A 80 -7.96 76.10 19.35
C THR A 80 -6.96 76.85 18.51
N ASP A 81 -7.47 77.65 17.60
CA ASP A 81 -6.60 78.50 16.79
C ASP A 81 -5.30 77.83 16.37
N LEU A 82 -5.35 76.58 15.96
CA LEU A 82 -4.17 75.94 15.46
C LEU A 82 -3.99 76.38 14.07
N ARG A 83 -3.02 77.21 13.81
CA ARG A 83 -2.74 77.56 12.44
C ARG A 83 -2.28 76.32 11.71
N PHE A 84 -2.26 76.38 10.39
CA PHE A 84 -1.84 75.25 9.60
C PHE A 84 -1.06 75.80 8.45
N GLN A 85 0.01 75.15 8.09
CA GLN A 85 0.81 75.48 6.92
C GLN A 85 0.03 75.16 5.65
N SER A 86 0.47 75.78 4.56
CA SER A 86 -0.12 75.48 3.27
C SER A 86 0.49 74.21 2.74
N SER A 87 1.22 73.50 3.58
CA SER A 87 1.80 72.25 3.16
C SER A 87 1.27 71.12 4.00
N ALA A 88 0.81 71.44 5.19
CA ALA A 88 0.23 70.42 6.03
C ALA A 88 -1.07 70.03 5.43
N VAL A 89 -1.79 71.03 4.93
CA VAL A 89 -3.06 70.77 4.31
C VAL A 89 -2.82 69.94 3.08
N MET A 90 -1.84 70.31 2.27
CA MET A 90 -1.65 69.58 1.04
C MET A 90 -1.26 68.17 1.36
N ALA A 91 -0.54 67.97 2.44
CA ALA A 91 -0.13 66.64 2.83
C ALA A 91 -1.26 65.86 3.39
N LEU A 92 -2.06 66.49 4.24
CA LEU A 92 -3.15 65.80 4.89
C LEU A 92 -4.20 65.43 3.86
N GLN A 93 -4.04 65.95 2.65
CA GLN A 93 -4.96 65.65 1.58
C GLN A 93 -4.40 64.52 0.79
N GLU A 94 -3.17 64.67 0.36
CA GLU A 94 -2.58 63.67 -0.48
C GLU A 94 -2.74 62.38 0.26
N ALA A 95 -2.66 62.45 1.57
CA ALA A 95 -2.76 61.27 2.38
C ALA A 95 -4.17 60.80 2.46
N SER A 96 -5.11 61.71 2.31
CA SER A 96 -6.51 61.34 2.34
C SER A 96 -6.92 60.77 1.00
N GLU A 97 -6.83 61.55 -0.07
CA GLU A 97 -7.14 60.93 -1.35
C GLU A 97 -6.49 59.57 -1.52
N ALA A 98 -5.24 59.41 -1.08
CA ALA A 98 -4.58 58.11 -1.19
C ALA A 98 -5.31 57.05 -0.38
N TYR A 99 -5.69 57.39 0.86
CA TYR A 99 -6.43 56.45 1.70
C TYR A 99 -7.76 56.09 1.06
N LEU A 100 -8.48 57.09 0.53
CA LEU A 100 -9.79 56.83 -0.04
C LEU A 100 -9.73 56.04 -1.33
N VAL A 101 -8.75 56.31 -2.20
CA VAL A 101 -8.68 55.56 -3.44
C VAL A 101 -8.26 54.12 -3.17
N ALA A 102 -7.61 53.89 -2.07
CA ALA A 102 -7.34 52.51 -1.71
C ALA A 102 -8.63 51.86 -1.26
N LEU A 103 -9.37 52.51 -0.38
CA LEU A 103 -10.58 51.90 0.16
C LEU A 103 -11.61 51.67 -0.92
N PHE A 104 -11.77 52.63 -1.81
CA PHE A 104 -12.70 52.43 -2.89
C PHE A 104 -12.26 51.20 -3.64
N GLU A 105 -10.97 51.02 -3.83
CA GLU A 105 -10.50 49.90 -4.62
C GLU A 105 -10.89 48.56 -4.02
N ASP A 106 -10.83 48.45 -2.71
CA ASP A 106 -11.21 47.21 -2.05
C ASP A 106 -12.69 47.14 -1.95
N THR A 107 -13.33 48.29 -2.09
CA THR A 107 -14.78 48.31 -2.09
C THR A 107 -15.25 47.71 -3.36
N ASN A 108 -14.58 48.04 -4.46
CA ASN A 108 -14.97 47.51 -5.73
C ASN A 108 -14.80 46.02 -5.69
N LEU A 109 -13.58 45.52 -5.47
CA LEU A 109 -13.46 44.07 -5.36
C LEU A 109 -14.58 43.46 -4.50
N ALA A 110 -14.97 44.14 -3.42
CA ALA A 110 -16.06 43.66 -2.58
C ALA A 110 -17.39 43.73 -3.31
N ALA A 111 -17.57 44.73 -4.18
CA ALA A 111 -18.79 44.81 -4.97
C ALA A 111 -18.85 43.72 -6.03
N ILE A 112 -17.72 43.46 -6.70
CA ILE A 112 -17.63 42.35 -7.65
C ILE A 112 -17.80 41.01 -6.95
N HIS A 113 -17.47 40.94 -5.65
CA HIS A 113 -17.58 39.70 -4.89
C HIS A 113 -19.01 39.17 -4.87
N ALA A 114 -19.99 40.05 -4.72
CA ALA A 114 -21.40 39.68 -4.81
C ALA A 114 -21.93 39.70 -6.24
N LYS A 115 -21.03 39.62 -7.24
CA LYS A 115 -21.39 39.64 -8.66
C LYS A 115 -22.18 40.89 -9.03
N ARG A 116 -21.84 42.03 -8.41
CA ARG A 116 -22.48 43.30 -8.76
C ARG A 116 -21.53 44.43 -9.08
N VAL A 117 -21.92 45.32 -9.98
CA VAL A 117 -21.11 46.45 -10.40
C VAL A 117 -21.42 47.71 -9.60
N THR A 118 -22.52 47.71 -8.85
CA THR A 118 -22.82 48.81 -7.94
C THR A 118 -22.12 48.57 -6.62
N ILE A 119 -21.41 49.58 -6.12
CA ILE A 119 -20.88 49.49 -4.77
C ILE A 119 -21.96 49.95 -3.80
N MET A 120 -21.89 49.46 -2.57
CA MET A 120 -22.90 49.67 -1.54
C MET A 120 -22.21 50.09 -0.26
N PRO A 121 -22.94 50.71 0.68
CA PRO A 121 -22.33 51.04 1.98
C PRO A 121 -21.81 49.84 2.74
N LYS A 122 -22.35 48.65 2.51
CA LYS A 122 -21.86 47.45 3.17
C LYS A 122 -20.45 47.11 2.72
N ASP A 123 -20.17 47.41 1.47
CA ASP A 123 -18.87 47.11 0.92
C ASP A 123 -17.81 47.94 1.61
N ILE A 124 -17.98 49.25 1.64
CA ILE A 124 -17.01 50.06 2.32
C ILE A 124 -16.93 49.48 3.71
N GLN A 125 -18.01 48.91 4.19
CA GLN A 125 -17.98 48.31 5.51
C GLN A 125 -17.31 46.93 5.59
N LEU A 126 -17.53 46.04 4.65
CA LEU A 126 -16.85 44.76 4.72
C LEU A 126 -15.39 45.04 4.58
N ALA A 127 -15.05 45.94 3.70
CA ALA A 127 -13.67 46.20 3.47
C ALA A 127 -13.06 46.63 4.76
N ARG A 128 -13.68 47.62 5.39
CA ARG A 128 -13.11 48.14 6.61
C ARG A 128 -13.28 47.21 7.78
N ARG A 129 -14.11 46.19 7.65
CA ARG A 129 -14.28 45.23 8.72
C ARG A 129 -13.21 44.21 8.60
N ILE A 130 -12.26 44.45 7.71
CA ILE A 130 -11.25 43.42 7.49
C ILE A 130 -9.85 44.05 7.55
N ARG A 131 -9.81 45.36 7.45
CA ARG A 131 -8.55 46.05 7.63
C ARG A 131 -8.32 46.21 9.15
N GLY A 132 -9.36 46.18 9.98
CA GLY A 132 -9.24 46.18 11.42
C GLY A 132 -9.25 47.57 12.04
N GLU A 133 -10.09 48.42 11.43
CA GLU A 133 -10.26 49.75 11.91
C GLU A 133 -11.63 49.68 12.51
N ARG A 134 -12.39 48.67 12.11
CA ARG A 134 -13.73 48.49 12.64
C ARG A 134 -13.77 47.35 13.65
N LEU B 22 -14.65 75.89 10.64
CA LEU B 22 -15.99 76.42 10.87
C LEU B 22 -16.95 75.31 11.26
N ARG B 23 -17.98 75.08 10.45
CA ARG B 23 -18.97 74.05 10.77
C ARG B 23 -19.51 73.30 9.56
N ASP B 24 -19.68 71.99 9.70
CA ASP B 24 -20.24 71.18 8.61
C ASP B 24 -19.67 71.53 7.26
N ASN B 25 -18.35 71.46 7.14
CA ASN B 25 -17.73 71.71 5.86
C ASN B 25 -17.44 70.39 5.22
N ILE B 26 -17.88 69.30 5.83
CA ILE B 26 -17.66 67.99 5.25
C ILE B 26 -18.36 67.94 3.92
N GLN B 27 -19.39 68.76 3.77
CA GLN B 27 -20.15 68.77 2.55
C GLN B 27 -19.32 69.36 1.44
N GLY B 28 -18.16 69.89 1.79
CA GLY B 28 -17.27 70.44 0.78
C GLY B 28 -16.67 69.37 -0.08
N ILE B 29 -16.50 68.17 0.48
CA ILE B 29 -16.03 67.08 -0.31
C ILE B 29 -17.25 66.72 -1.07
N THR B 30 -17.51 67.44 -2.16
CA THR B 30 -18.73 67.25 -2.90
C THR B 30 -18.89 65.88 -3.49
N LYS B 31 -20.12 65.50 -3.79
CA LYS B 31 -20.36 64.23 -4.43
C LYS B 31 -19.62 64.21 -5.74
N PRO B 32 -19.67 65.31 -6.49
CA PRO B 32 -18.92 65.23 -7.73
C PRO B 32 -17.51 64.75 -7.49
N ALA B 33 -16.96 65.08 -6.34
CA ALA B 33 -15.60 64.70 -6.02
C ALA B 33 -15.52 63.33 -5.41
N ILE B 34 -16.31 63.04 -4.39
CA ILE B 34 -16.20 61.71 -3.86
C ILE B 34 -16.21 60.74 -5.01
N ARG B 35 -16.98 61.05 -6.03
CA ARG B 35 -17.04 60.19 -7.19
C ARG B 35 -15.69 60.17 -7.84
N ARG B 36 -15.21 61.34 -8.19
CA ARG B 36 -13.94 61.42 -8.91
C ARG B 36 -12.90 60.57 -8.21
N LEU B 37 -12.90 60.55 -6.89
CA LEU B 37 -11.99 59.67 -6.17
C LEU B 37 -12.32 58.23 -6.41
N ALA B 38 -13.58 57.86 -6.22
CA ALA B 38 -13.99 56.50 -6.47
C ALA B 38 -13.75 56.16 -7.91
N ARG B 39 -14.02 57.11 -8.80
CA ARG B 39 -13.73 56.88 -10.19
C ARG B 39 -12.27 56.62 -10.21
N ARG B 40 -11.49 57.48 -9.57
CA ARG B 40 -10.07 57.12 -9.59
C ARG B 40 -9.87 55.68 -9.13
N GLY B 41 -10.59 55.23 -8.13
CA GLY B 41 -10.34 53.90 -7.60
C GLY B 41 -10.80 52.78 -8.46
N GLY B 42 -11.33 53.10 -9.62
CA GLY B 42 -11.82 52.07 -10.53
C GLY B 42 -13.21 51.53 -10.33
N VAL B 43 -14.11 52.33 -9.80
CA VAL B 43 -15.49 51.89 -9.67
C VAL B 43 -16.29 52.52 -10.78
N LYS B 44 -17.39 51.89 -11.19
CA LYS B 44 -18.15 52.40 -12.30
C LYS B 44 -19.54 52.82 -11.87
N ARG B 45 -20.11 52.14 -10.90
CA ARG B 45 -21.40 52.56 -10.42
C ARG B 45 -21.42 52.84 -8.93
N ILE B 46 -21.46 54.11 -8.57
CA ILE B 46 -21.49 54.49 -7.19
C ILE B 46 -22.90 54.59 -6.74
N SER B 47 -23.33 53.67 -5.91
CA SER B 47 -24.65 53.79 -5.36
C SER B 47 -24.72 55.00 -4.51
N GLY B 48 -25.88 55.60 -4.39
CA GLY B 48 -26.03 56.70 -3.47
C GLY B 48 -25.97 55.96 -2.15
N LEU B 49 -25.93 56.68 -1.05
CA LEU B 49 -25.76 56.02 0.23
C LEU B 49 -24.32 55.59 0.34
N ILE B 50 -23.46 56.14 -0.53
CA ILE B 50 -22.04 55.85 -0.46
C ILE B 50 -21.42 57.17 -0.19
N TYR B 51 -21.97 58.20 -0.82
CA TYR B 51 -21.47 59.55 -0.62
C TYR B 51 -21.51 59.99 0.82
N GLU B 52 -22.46 59.49 1.57
CA GLU B 52 -22.51 59.79 2.98
C GLU B 52 -21.55 58.92 3.76
N GLU B 53 -21.48 57.64 3.40
CA GLU B 53 -20.61 56.73 4.11
C GLU B 53 -19.19 57.18 3.97
N THR B 54 -18.81 57.55 2.75
CA THR B 54 -17.44 57.92 2.52
C THR B 54 -17.10 59.12 3.35
N ARG B 55 -17.90 60.16 3.27
CA ARG B 55 -17.52 61.35 3.99
C ARG B 55 -17.29 60.98 5.45
N GLY B 56 -17.97 59.96 5.94
CA GLY B 56 -17.78 59.54 7.31
C GLY B 56 -16.44 58.90 7.48
N VAL B 57 -16.00 58.16 6.49
CA VAL B 57 -14.71 57.56 6.55
C VAL B 57 -13.63 58.62 6.42
N LEU B 58 -13.86 59.65 5.62
CA LEU B 58 -12.85 60.70 5.57
C LEU B 58 -12.74 61.39 6.92
N LYS B 59 -13.83 61.42 7.67
CA LYS B 59 -13.82 62.11 8.95
C LYS B 59 -13.49 61.24 10.13
N VAL B 60 -12.93 60.07 9.90
CA VAL B 60 -12.47 59.27 11.00
C VAL B 60 -11.00 59.21 10.73
N PHE B 61 -10.65 59.18 9.45
CA PHE B 61 -9.25 59.20 9.10
C PHE B 61 -8.70 60.55 9.41
N LEU B 62 -9.28 61.59 8.85
CA LEU B 62 -8.72 62.91 9.05
C LEU B 62 -8.73 63.23 10.52
N GLU B 63 -9.59 62.56 11.27
CA GLU B 63 -9.62 62.83 12.68
C GLU B 63 -8.35 62.33 13.25
N ASN B 64 -8.19 61.02 13.28
CA ASN B 64 -7.01 60.45 13.88
C ASN B 64 -5.75 61.16 13.42
N VAL B 65 -5.55 61.33 12.14
CA VAL B 65 -4.30 61.92 11.71
C VAL B 65 -4.17 63.29 12.34
N ILE B 66 -5.16 64.14 12.18
CA ILE B 66 -5.09 65.49 12.70
C ILE B 66 -4.95 65.49 14.21
N ARG B 67 -5.60 64.56 14.91
CA ARG B 67 -5.40 64.49 16.34
C ARG B 67 -3.96 64.19 16.68
N ASP B 68 -3.37 63.21 16.03
CA ASP B 68 -2.02 62.85 16.32
C ASP B 68 -1.10 63.93 15.84
N ALA B 69 -1.66 64.90 15.14
CA ALA B 69 -0.85 66.01 14.71
C ALA B 69 -1.03 67.17 15.65
N VAL B 70 -2.19 67.34 16.28
CA VAL B 70 -2.24 68.44 17.23
C VAL B 70 -1.52 68.04 18.51
N THR B 71 -1.43 66.73 18.80
CA THR B 71 -0.65 66.28 19.94
C THR B 71 0.84 66.54 19.70
N TYR B 72 1.32 66.16 18.51
CA TYR B 72 2.68 66.52 18.10
C TYR B 72 2.89 68.02 18.09
N THR B 73 1.86 68.78 17.69
CA THR B 73 1.96 70.23 17.62
C THR B 73 2.18 70.83 19.00
N GLU B 74 1.35 70.42 19.96
CA GLU B 74 1.47 70.93 21.29
C GLU B 74 2.77 70.51 21.95
N HIS B 75 3.24 69.30 21.66
CA HIS B 75 4.43 68.84 22.32
C HIS B 75 5.56 69.75 21.99
N ALA B 76 5.58 70.22 20.77
CA ALA B 76 6.64 71.12 20.35
C ALA B 76 6.29 72.51 20.75
N LYS B 77 5.20 72.63 21.49
CA LYS B 77 4.82 73.94 21.98
C LYS B 77 4.73 74.88 20.82
N ARG B 78 4.47 74.34 19.63
CA ARG B 78 4.29 75.18 18.49
C ARG B 78 2.82 75.39 18.39
N LYS B 79 2.40 76.33 17.57
CA LYS B 79 1.00 76.54 17.37
C LYS B 79 0.67 76.15 15.96
N THR B 80 1.53 76.54 15.03
CA THR B 80 1.29 76.26 13.62
C THR B 80 1.34 74.80 13.34
N VAL B 81 0.20 74.15 13.21
CA VAL B 81 0.32 72.75 12.81
C VAL B 81 1.22 72.68 11.59
N THR B 82 2.31 71.93 11.69
CA THR B 82 3.28 71.83 10.61
C THR B 82 2.97 70.61 9.75
N ALA B 83 3.32 70.70 8.46
CA ALA B 83 3.28 69.54 7.58
C ALA B 83 4.21 68.43 8.07
N MET B 84 5.30 68.82 8.73
CA MET B 84 6.21 67.88 9.34
C MET B 84 5.46 66.99 10.33
N ASP B 85 4.69 67.57 11.20
CA ASP B 85 3.91 66.77 12.10
C ASP B 85 2.97 65.85 11.37
N VAL B 86 2.34 66.34 10.30
CA VAL B 86 1.37 65.51 9.64
C VAL B 86 2.02 64.25 9.21
N VAL B 87 3.22 64.35 8.64
CA VAL B 87 3.86 63.16 8.11
C VAL B 87 4.15 62.19 9.24
N TYR B 88 4.63 62.69 10.37
CA TYR B 88 4.96 61.82 11.47
C TYR B 88 3.72 61.17 11.97
N ALA B 89 2.59 61.84 11.87
CA ALA B 89 1.35 61.30 12.37
C ALA B 89 0.89 60.18 11.50
N LEU B 90 1.00 60.38 10.21
CA LEU B 90 0.59 59.36 9.29
C LEU B 90 1.43 58.12 9.50
N LYS B 91 2.69 58.31 9.86
CA LYS B 91 3.54 57.17 10.06
C LYS B 91 3.02 56.34 11.19
N ARG B 92 2.68 56.98 12.30
CA ARG B 92 2.26 56.24 13.45
C ARG B 92 1.17 55.30 13.06
N GLN B 93 0.20 55.78 12.30
CA GLN B 93 -0.93 54.94 11.92
C GLN B 93 -0.57 53.96 10.83
N GLY B 94 0.58 54.15 10.20
CA GLY B 94 1.03 53.20 9.21
C GLY B 94 1.02 53.72 7.81
N ARG B 95 0.31 54.80 7.56
CA ARG B 95 0.20 55.30 6.22
C ARG B 95 1.26 56.34 5.93
N THR B 96 2.51 55.91 5.79
CA THR B 96 3.61 56.85 5.58
C THR B 96 3.50 57.61 4.27
N LEU B 97 3.91 58.87 4.26
CA LEU B 97 3.76 59.70 3.07
C LEU B 97 5.08 60.27 2.67
N TYR B 98 5.47 60.06 1.41
CA TYR B 98 6.73 60.58 0.93
C TYR B 98 6.47 61.82 0.13
N GLY B 99 7.33 62.81 0.23
CA GLY B 99 7.18 64.00 -0.56
C GLY B 99 7.26 65.28 0.24
N PHE B 100 7.30 65.16 1.56
CA PHE B 100 7.30 66.34 2.40
C PHE B 100 8.45 66.41 3.41
N GLY B 101 9.01 65.26 3.79
CA GLY B 101 10.12 65.23 4.74
C GLY B 101 10.23 63.87 5.41
N ARG C 11 24.95 56.50 54.72
CA ARG C 11 23.86 56.70 53.77
C ARG C 11 22.52 56.65 54.49
N ALA C 12 21.59 57.51 54.08
CA ALA C 12 20.27 57.52 54.69
C ALA C 12 19.51 56.23 54.39
N LYS C 13 18.62 55.82 55.28
CA LYS C 13 17.87 54.58 55.08
C LYS C 13 17.41 54.45 53.65
N ALA C 14 17.75 53.33 53.01
CA ALA C 14 17.41 53.16 51.60
C ALA C 14 15.92 52.98 51.42
N LYS C 15 15.29 53.91 50.71
CA LYS C 15 13.87 53.80 50.42
C LYS C 15 13.70 53.70 48.92
N THR C 16 12.85 52.78 48.49
CA THR C 16 12.64 52.54 47.06
C THR C 16 11.92 53.73 46.42
N ARG C 17 12.22 53.97 45.15
CA ARG C 17 11.62 55.08 44.43
C ARG C 17 10.13 54.83 44.20
N SER C 18 9.72 53.56 44.08
CA SER C 18 8.32 53.25 43.90
C SER C 18 7.50 53.59 45.14
N SER C 19 8.02 53.27 46.33
CA SER C 19 7.33 53.64 47.55
C SER C 19 7.39 55.15 47.77
N ARG C 20 8.33 55.79 47.11
CA ARG C 20 8.38 57.24 47.15
C ARG C 20 7.44 57.75 46.08
N ALA C 21 6.67 56.85 45.48
CA ALA C 21 5.75 57.25 44.41
C ALA C 21 4.46 56.48 44.46
N GLY C 22 4.34 55.55 45.39
CA GLY C 22 3.09 54.84 45.56
C GLY C 22 2.87 53.70 44.61
N LEU C 23 3.70 53.59 43.59
CA LEU C 23 3.49 52.57 42.61
C LEU C 23 4.02 51.23 43.08
N GLN C 24 3.34 50.14 42.80
CA GLN C 24 3.84 48.80 43.13
C GLN C 24 4.77 48.26 42.06
N PHE C 25 4.85 48.89 40.89
CA PHE C 25 5.82 48.46 39.88
C PHE C 25 7.13 49.13 40.25
N PRO C 26 8.23 48.78 39.58
CA PRO C 26 9.51 49.36 40.04
C PRO C 26 9.97 50.62 39.32
N VAL C 27 10.64 51.57 39.98
CA VAL C 27 11.07 52.72 39.20
C VAL C 27 12.55 52.61 38.86
N GLY C 28 13.36 52.14 39.80
CA GLY C 28 14.79 51.97 39.52
C GLY C 28 15.05 50.94 38.45
N ARG C 29 14.28 49.85 38.45
CA ARG C 29 14.43 48.81 37.44
C ARG C 29 14.02 49.32 36.06
N VAL C 30 12.91 50.05 35.95
CA VAL C 30 12.48 50.51 34.64
C VAL C 30 13.37 51.65 34.17
N HIS C 31 13.89 52.43 35.09
CA HIS C 31 14.77 53.51 34.72
C HIS C 31 15.94 52.91 34.01
N ARG C 32 16.39 51.77 34.48
CA ARG C 32 17.49 51.09 33.84
C ARG C 32 17.08 50.74 32.46
N LEU C 33 15.92 50.14 32.34
CA LEU C 33 15.51 49.69 31.04
C LEU C 33 15.52 50.88 30.12
N LEU C 34 15.04 52.02 30.60
CA LEU C 34 14.99 53.20 29.76
C LEU C 34 16.37 53.68 29.37
N ARG C 35 17.31 53.66 30.30
CA ARG C 35 18.67 54.13 30.01
C ARG C 35 19.44 53.15 29.15
N LYS C 36 19.44 51.89 29.55
CA LYS C 36 20.17 50.89 28.81
C LYS C 36 19.58 50.72 27.46
N GLY C 37 18.27 50.85 27.36
CA GLY C 37 17.60 50.62 26.10
C GLY C 37 18.02 51.55 24.99
N ASN C 38 18.75 52.59 25.34
CA ASN C 38 19.22 53.53 24.35
C ASN C 38 18.03 54.16 23.67
N TYR C 39 17.02 54.50 24.43
CA TYR C 39 15.89 55.18 23.85
C TYR C 39 16.39 56.57 23.60
N ALA C 40 17.29 57.06 24.44
CA ALA C 40 17.89 58.37 24.19
C ALA C 40 19.03 58.69 25.13
N GLU C 41 19.77 59.76 24.84
CA GLU C 41 20.94 60.07 25.64
C GLU C 41 20.63 60.10 27.10
N ARG C 42 19.77 60.99 27.52
CA ARG C 42 19.51 61.13 28.94
C ARG C 42 18.10 60.71 29.28
N VAL C 43 17.90 60.26 30.50
CA VAL C 43 16.59 59.88 30.92
C VAL C 43 16.33 60.62 32.17
N GLY C 44 15.39 61.52 32.11
CA GLY C 44 15.00 62.34 33.24
C GLY C 44 14.59 61.52 34.45
N ALA C 45 14.49 62.21 35.58
CA ALA C 45 14.23 61.53 36.85
C ALA C 45 12.77 61.07 36.96
N GLY C 46 11.82 61.93 36.62
CA GLY C 46 10.42 61.59 36.73
C GLY C 46 9.86 60.76 35.60
N ALA C 47 10.65 60.57 34.54
CA ALA C 47 10.20 59.75 33.42
C ALA C 47 9.97 58.29 33.79
N PRO C 48 10.89 57.59 34.50
CA PRO C 48 10.53 56.23 34.93
C PRO C 48 9.40 56.19 35.94
N VAL C 49 9.22 57.25 36.75
CA VAL C 49 8.10 57.30 37.68
C VAL C 49 6.78 57.31 36.91
N TYR C 50 6.67 58.21 35.93
CA TYR C 50 5.45 58.30 35.13
C TYR C 50 5.24 57.04 34.30
N LEU C 51 6.33 56.48 33.76
CA LEU C 51 6.26 55.25 32.99
C LEU C 51 5.76 54.09 33.82
N ALA C 52 6.30 53.95 35.03
CA ALA C 52 5.82 52.93 35.96
C ALA C 52 4.36 53.14 36.29
N ALA C 53 3.91 54.37 36.35
CA ALA C 53 2.51 54.55 36.58
C ALA C 53 1.70 53.92 35.48
N VAL C 54 1.90 54.37 34.24
CA VAL C 54 1.08 53.87 33.15
C VAL C 54 1.05 52.36 33.11
N LEU C 55 2.16 51.70 33.40
CA LEU C 55 2.22 50.25 33.31
C LEU C 55 1.41 49.60 34.41
N GLU C 56 1.51 50.09 35.63
CA GLU C 56 0.71 49.53 36.70
C GLU C 56 -0.74 49.68 36.33
N TYR C 57 -1.09 50.79 35.70
CA TYR C 57 -2.47 51.00 35.30
C TYR C 57 -2.90 49.98 34.31
N LEU C 58 -2.21 49.94 33.19
CA LEU C 58 -2.63 49.06 32.15
C LEU C 58 -2.71 47.62 32.62
N THR C 59 -2.03 47.27 33.71
CA THR C 59 -2.12 45.93 34.24
C THR C 59 -3.27 45.85 35.20
N ALA C 60 -3.36 46.81 36.07
CA ALA C 60 -4.45 46.83 37.03
C ALA C 60 -5.78 46.57 36.34
N GLU C 61 -6.06 47.26 35.25
CA GLU C 61 -7.31 47.02 34.52
C GLU C 61 -7.37 45.63 33.90
N ILE C 62 -6.28 45.18 33.27
CA ILE C 62 -6.36 43.88 32.61
C ILE C 62 -6.44 42.75 33.64
N LEU C 63 -5.81 42.93 34.81
CA LEU C 63 -5.93 41.92 35.86
C LEU C 63 -7.30 41.91 36.51
N GLU C 64 -7.92 43.07 36.74
CA GLU C 64 -9.24 43.04 37.37
C GLU C 64 -10.28 42.49 36.39
N LEU C 65 -10.12 42.79 35.09
CA LEU C 65 -11.00 42.19 34.10
C LEU C 65 -10.79 40.68 33.99
N ALA C 66 -9.54 40.22 34.08
CA ALA C 66 -9.30 38.78 34.11
C ALA C 66 -9.90 38.15 35.36
N GLY C 67 -9.88 38.89 36.47
CA GLY C 67 -10.50 38.38 37.70
C GLY C 67 -12.00 38.25 37.58
N ASN C 68 -12.65 39.24 36.95
CA ASN C 68 -14.09 39.12 36.68
C ASN C 68 -14.37 37.96 35.74
N ALA C 69 -13.51 37.78 34.73
CA ALA C 69 -13.65 36.65 33.81
C ALA C 69 -13.49 35.33 34.53
N ALA C 70 -12.63 35.28 35.54
CA ALA C 70 -12.53 34.07 36.36
C ALA C 70 -13.76 33.91 37.25
N ARG C 71 -14.29 35.01 37.74
CA ARG C 71 -15.39 34.88 38.64
C ARG C 71 -16.60 34.31 37.94
N ASP C 72 -17.06 34.97 36.87
CA ASP C 72 -18.32 34.51 36.27
C ASP C 72 -18.17 33.12 35.69
N ASN C 73 -16.94 32.64 35.64
CA ASN C 73 -16.68 31.29 35.14
C ASN C 73 -16.32 30.36 36.29
N LYS C 74 -16.63 30.76 37.50
CA LYS C 74 -16.39 29.89 38.67
C LYS C 74 -14.98 29.31 38.83
N LYS C 75 -13.94 30.11 38.60
CA LYS C 75 -12.59 29.63 38.81
C LYS C 75 -11.87 30.59 39.72
N THR C 76 -10.78 30.17 40.31
CA THR C 76 -10.09 31.00 41.28
C THR C 76 -8.82 31.57 40.73
N ARG C 77 -8.32 30.98 39.65
CA ARG C 77 -7.08 31.45 39.07
C ARG C 77 -7.28 32.01 37.69
N ILE C 78 -6.54 33.05 37.37
CA ILE C 78 -6.65 33.64 36.06
C ILE C 78 -5.91 32.79 35.04
N ILE C 79 -6.63 32.01 34.25
CA ILE C 79 -6.03 31.20 33.22
C ILE C 79 -5.91 32.05 31.98
N PRO C 80 -4.99 31.71 31.07
CA PRO C 80 -4.75 32.54 29.90
C PRO C 80 -6.04 32.94 29.20
N ARG C 81 -7.05 32.07 29.21
CA ARG C 81 -8.32 32.37 28.54
C ARG C 81 -8.93 33.62 29.07
N HIS C 82 -9.06 33.71 30.37
CA HIS C 82 -9.72 34.84 30.95
C HIS C 82 -9.07 36.14 30.49
N LEU C 83 -7.78 36.12 30.26
CA LEU C 83 -7.11 37.31 29.78
C LEU C 83 -7.67 37.71 28.44
N GLN C 84 -7.99 36.74 27.60
CA GLN C 84 -8.55 37.04 26.29
C GLN C 84 -9.90 37.68 26.43
N LEU C 85 -10.82 36.98 27.08
CA LEU C 85 -12.16 37.49 27.19
C LEU C 85 -12.12 38.95 27.57
N ALA C 86 -11.37 39.26 28.60
CA ALA C 86 -11.27 40.60 29.16
C ALA C 86 -10.81 41.61 28.13
N VAL C 87 -9.87 41.23 27.27
CA VAL C 87 -9.30 42.19 26.34
C VAL C 87 -10.19 42.32 25.09
N ARG C 88 -10.81 41.23 24.69
CA ARG C 88 -11.60 41.29 23.48
C ARG C 88 -12.98 41.77 23.85
N ASN C 89 -13.51 41.34 24.99
CA ASN C 89 -14.79 41.82 25.43
C ASN C 89 -14.70 43.30 25.73
N ASP C 90 -13.51 43.79 26.02
CA ASP C 90 -13.33 45.21 26.24
C ASP C 90 -13.32 45.89 24.91
N GLU C 91 -13.19 47.21 24.91
CA GLU C 91 -13.18 47.93 23.65
C GLU C 91 -11.87 48.64 23.46
N GLU C 92 -11.40 49.33 24.48
CA GLU C 92 -10.18 50.07 24.35
C GLU C 92 -9.04 49.11 24.40
N LEU C 93 -8.96 48.34 25.47
CA LEU C 93 -7.85 47.43 25.63
C LEU C 93 -7.68 46.63 24.35
N ASN C 94 -8.78 46.30 23.69
CA ASN C 94 -8.73 45.55 22.44
C ASN C 94 -8.09 46.32 21.30
N LYS C 95 -8.27 47.62 21.28
CA LYS C 95 -7.65 48.42 20.26
C LYS C 95 -6.16 48.40 20.46
N LEU C 96 -5.74 48.29 21.71
CA LEU C 96 -4.33 48.22 22.01
C LEU C 96 -3.85 46.81 21.81
N LEU C 97 -4.75 45.87 21.57
CA LEU C 97 -4.26 44.49 21.47
C LEU C 97 -4.84 43.75 20.27
N GLY C 98 -5.37 44.50 19.30
CA GLY C 98 -6.10 43.86 18.21
C GLY C 98 -5.21 43.05 17.28
N ARG C 99 -3.98 43.58 17.07
CA ARG C 99 -2.98 42.94 16.19
C ARG C 99 -2.10 42.04 17.00
N VAL C 100 -2.43 41.86 18.24
CA VAL C 100 -1.74 40.99 19.19
C VAL C 100 -2.56 39.72 19.37
N THR C 101 -1.90 38.60 19.63
CA THR C 101 -2.61 37.34 19.88
C THR C 101 -2.24 36.68 21.19
N ILE C 102 -3.06 36.81 22.21
CA ILE C 102 -2.80 36.14 23.47
C ILE C 102 -2.77 34.68 23.15
N ALA C 103 -2.13 33.88 23.96
CA ALA C 103 -1.96 32.47 23.65
C ALA C 103 -2.77 31.54 24.52
N GLN C 104 -3.31 30.51 23.90
CA GLN C 104 -4.12 29.57 24.62
C GLN C 104 -5.23 30.37 25.24
N GLY C 105 -5.72 31.36 24.50
CA GLY C 105 -6.77 32.19 25.01
C GLY C 105 -8.09 32.12 24.26
N GLY C 106 -8.18 31.24 23.28
CA GLY C 106 -9.43 31.08 22.56
C GLY C 106 -9.80 32.28 21.73
N VAL C 107 -11.06 32.39 21.38
CA VAL C 107 -11.53 33.52 20.61
C VAL C 107 -12.82 33.95 21.24
N LEU C 108 -13.27 35.18 20.97
CA LEU C 108 -14.58 35.52 21.50
C LEU C 108 -15.65 34.59 20.95
N PRO C 109 -16.53 34.08 21.79
CA PRO C 109 -17.65 33.29 21.26
C PRO C 109 -18.67 34.17 20.57
N ASN C 110 -18.69 34.16 19.24
CA ASN C 110 -19.65 34.96 18.49
C ASN C 110 -20.17 34.18 17.29
N ILE C 111 -21.43 34.41 16.95
CA ILE C 111 -22.09 33.77 15.81
C ILE C 111 -22.77 34.87 14.99
N GLN C 112 -22.58 34.75 13.68
CA GLN C 112 -23.21 35.68 12.77
C GLN C 112 -24.70 35.41 12.80
N SER C 113 -25.50 36.27 12.17
CA SER C 113 -26.95 36.11 12.31
C SER C 113 -27.54 34.99 11.46
N VAL C 114 -27.14 34.87 10.19
CA VAL C 114 -27.85 33.93 9.32
C VAL C 114 -27.40 32.50 9.61
N LEU C 115 -26.26 32.34 10.30
CA LEU C 115 -25.82 31.02 10.71
C LEU C 115 -26.72 30.40 11.78
N LEU C 116 -27.54 31.21 12.45
CA LEU C 116 -28.55 30.68 13.34
C LEU C 116 -29.62 29.94 12.52
N PRO C 117 -30.22 28.89 13.07
CA PRO C 117 -31.35 28.26 12.41
C PRO C 117 -32.57 29.17 12.44
N LYS C 118 -33.42 29.00 11.43
CA LYS C 118 -34.62 29.82 11.28
C LYS C 118 -35.86 28.96 11.52
N LYS C 119 -37.00 29.62 11.54
CA LYS C 119 -38.28 28.97 11.83
C LYS C 119 -39.13 28.86 10.57
N ARG D 26 27.04 27.16 39.22
CA ARG D 26 26.61 27.80 37.99
C ARG D 26 25.13 28.11 38.07
N ARG D 27 24.70 28.80 39.12
CA ARG D 27 23.28 29.11 39.28
C ARG D 27 22.83 29.94 38.09
N LYS D 28 21.63 29.65 37.58
CA LYS D 28 21.13 30.39 36.42
C LYS D 28 21.13 31.88 36.67
N THR D 29 21.48 32.65 35.65
CA THR D 29 21.54 34.09 35.79
C THR D 29 20.15 34.69 36.01
N ARG D 30 20.07 35.92 36.50
CA ARG D 30 18.76 36.47 36.81
C ARG D 30 17.97 36.88 35.57
N LYS D 31 16.77 36.33 35.40
CA LYS D 31 15.88 36.66 34.29
C LYS D 31 14.98 37.81 34.74
N GLU D 32 14.94 38.86 33.96
CA GLU D 32 14.13 39.96 34.37
C GLU D 32 12.67 39.65 34.18
N SER D 33 11.86 40.02 35.13
CA SER D 33 10.42 39.80 35.11
C SER D 33 9.76 40.72 36.12
N TYR D 34 8.51 41.00 35.76
CA TYR D 34 7.71 41.87 36.55
C TYR D 34 6.71 41.02 37.23
N ALA D 35 6.91 39.72 37.18
CA ALA D 35 5.93 38.83 37.75
C ALA D 35 5.64 39.20 39.18
N ILE D 36 6.67 39.41 39.97
CA ILE D 36 6.44 39.66 41.38
C ILE D 36 5.53 40.85 41.49
N TYR D 37 5.73 41.82 40.62
CA TYR D 37 4.93 43.01 40.69
C TYR D 37 3.51 42.74 40.24
N VAL D 38 3.33 42.05 39.13
CA VAL D 38 1.99 41.84 38.62
C VAL D 38 1.12 41.24 39.72
N TYR D 39 1.72 40.58 40.68
CA TYR D 39 0.93 39.94 41.71
C TYR D 39 0.46 40.93 42.77
N LYS D 40 1.38 41.75 43.24
CA LYS D 40 0.99 42.76 44.18
C LYS D 40 -0.25 43.44 43.62
N VAL D 41 -0.22 43.82 42.34
CA VAL D 41 -1.36 44.53 41.76
C VAL D 41 -2.57 43.62 41.65
N LEU D 42 -2.35 42.34 41.38
CA LEU D 42 -3.46 41.40 41.32
C LEU D 42 -4.05 41.21 42.70
N LYS D 43 -3.30 41.58 43.73
CA LYS D 43 -3.84 41.49 45.08
C LYS D 43 -4.49 42.80 45.50
N GLN D 44 -4.19 43.87 44.78
CA GLN D 44 -4.77 45.16 45.11
C GLN D 44 -6.04 45.36 44.33
N VAL D 45 -6.43 44.35 43.56
CA VAL D 45 -7.66 44.45 42.80
C VAL D 45 -8.57 43.30 43.19
N HIS D 46 -8.21 42.08 42.83
CA HIS D 46 -8.99 40.92 43.21
C HIS D 46 -8.19 40.21 44.27
N PRO D 47 -8.42 40.56 45.55
CA PRO D 47 -7.60 40.00 46.61
C PRO D 47 -7.50 38.49 46.60
N ASP D 48 -8.61 37.77 46.62
CA ASP D 48 -8.53 36.32 46.70
C ASP D 48 -8.48 35.66 45.34
N THR D 49 -7.61 36.16 44.48
CA THR D 49 -7.48 35.58 43.16
C THR D 49 -6.03 35.39 42.81
N GLY D 50 -5.72 34.24 42.23
CA GLY D 50 -4.36 33.98 41.82
C GLY D 50 -4.25 33.97 40.32
N ILE D 51 -3.04 33.79 39.82
CA ILE D 51 -2.85 33.75 38.40
C ILE D 51 -2.11 32.48 38.10
N SER D 52 -2.21 32.01 36.86
CA SER D 52 -1.51 30.82 36.47
C SER D 52 -0.23 31.25 35.82
N SER D 53 0.74 30.35 35.79
CA SER D 53 2.01 30.71 35.23
C SER D 53 1.80 31.25 33.86
N LYS D 54 1.01 30.54 33.06
CA LYS D 54 0.83 30.97 31.68
C LYS D 54 0.28 32.38 31.59
N ALA D 55 -0.69 32.70 32.43
CA ALA D 55 -1.29 34.03 32.39
C ALA D 55 -0.34 35.09 32.91
N MET D 56 0.55 34.70 33.81
CA MET D 56 1.50 35.64 34.36
C MET D 56 2.48 35.98 33.29
N SER D 57 2.97 34.97 32.62
CA SER D 57 3.90 35.19 31.52
C SER D 57 3.27 36.01 30.40
N ILE D 58 1.96 35.80 30.17
CA ILE D 58 1.21 36.68 29.27
C ILE D 58 1.31 38.12 29.75
N MET D 59 1.17 38.34 31.05
CA MET D 59 1.17 39.69 31.60
C MET D 59 2.56 40.32 31.51
N ASN D 60 3.60 39.51 31.71
CA ASN D 60 4.96 40.00 31.56
C ASN D 60 5.27 40.39 30.12
N SER D 61 4.83 39.56 29.16
CA SER D 61 4.97 39.92 27.75
C SER D 61 4.17 41.18 27.44
N PHE D 62 3.00 41.32 28.06
CA PHE D 62 2.20 42.53 27.92
C PHE D 62 2.94 43.78 28.38
N VAL D 63 3.48 43.76 29.60
CA VAL D 63 4.09 44.96 30.14
C VAL D 63 5.37 45.27 29.38
N ASN D 64 6.12 44.24 28.98
CA ASN D 64 7.32 44.48 28.17
C ASN D 64 6.97 45.09 26.82
N ASP D 65 5.91 44.58 26.18
CA ASP D 65 5.52 45.07 24.87
C ASP D 65 5.02 46.51 24.95
N VAL D 66 4.11 46.79 25.89
CA VAL D 66 3.54 48.13 25.93
C VAL D 66 4.58 49.13 26.42
N PHE D 67 5.51 48.69 27.29
CA PHE D 67 6.61 49.54 27.71
C PHE D 67 7.53 49.85 26.55
N GLU D 68 7.82 48.86 25.71
CA GLU D 68 8.67 49.09 24.55
C GLU D 68 7.98 50.03 23.58
N ARG D 69 6.66 49.87 23.39
CA ARG D 69 5.91 50.77 22.52
C ARG D 69 5.97 52.21 23.02
N ILE D 70 5.66 52.42 24.29
CA ILE D 70 5.58 53.77 24.81
C ILE D 70 6.98 54.38 24.93
N ALA D 71 7.99 53.56 25.20
CA ALA D 71 9.35 54.07 25.33
C ALA D 71 9.95 54.38 23.97
N GLY D 72 9.62 53.60 22.96
CA GLY D 72 10.02 53.94 21.61
C GLY D 72 9.34 55.19 21.11
N GLU D 73 8.08 55.38 21.42
CA GLU D 73 7.49 56.62 21.01
C GLU D 73 8.18 57.73 21.73
N ALA D 74 8.42 57.60 23.03
CA ALA D 74 9.02 58.74 23.68
C ALA D 74 10.27 59.11 22.94
N SER D 75 11.02 58.12 22.50
CA SER D 75 12.31 58.41 21.88
C SER D 75 12.19 59.32 20.71
N ARG D 76 11.32 58.99 19.79
CA ARG D 76 11.19 59.78 18.58
C ARG D 76 10.68 61.14 18.91
N LEU D 77 9.70 61.22 19.80
CA LEU D 77 9.12 62.49 20.09
C LEU D 77 10.28 63.38 20.37
N ALA D 78 11.24 62.88 21.12
CA ALA D 78 12.36 63.69 21.50
C ALA D 78 13.20 64.02 20.32
N HIS D 79 13.54 63.01 19.54
CA HIS D 79 14.44 63.25 18.43
C HIS D 79 13.81 64.24 17.48
N TYR D 80 12.52 64.11 17.23
CA TYR D 80 11.86 65.00 16.29
C TYR D 80 12.06 66.42 16.69
N ASN D 81 11.87 66.69 17.96
CA ASN D 81 11.96 68.05 18.42
C ASN D 81 13.41 68.39 18.60
N LYS D 82 14.31 67.66 17.97
CA LYS D 82 15.71 68.03 18.06
C LYS D 82 16.15 68.29 19.48
N ARG D 83 15.64 67.54 20.43
CA ARG D 83 16.10 67.66 21.80
C ARG D 83 16.53 66.28 22.22
N SER D 84 17.27 66.14 23.30
CA SER D 84 17.78 64.82 23.65
C SER D 84 17.60 64.44 25.10
N THR D 85 16.37 64.26 25.55
CA THR D 85 16.12 63.84 26.92
C THR D 85 14.70 63.42 27.11
N ILE D 86 14.48 62.18 27.45
CA ILE D 86 13.15 61.72 27.75
C ILE D 86 12.70 62.26 29.10
N THR D 87 11.65 63.07 29.16
CA THR D 87 11.18 63.68 30.40
C THR D 87 9.74 63.28 30.71
N SER D 88 9.04 63.98 31.61
CA SER D 88 7.66 63.54 31.85
C SER D 88 6.70 64.10 30.81
N ARG D 89 7.07 65.20 30.19
CA ARG D 89 6.13 65.82 29.29
C ARG D 89 5.92 64.96 28.10
N GLU D 90 7.06 64.64 27.48
CA GLU D 90 7.13 63.85 26.25
C GLU D 90 6.68 62.44 26.36
N ILE D 91 6.42 62.01 27.59
CA ILE D 91 5.84 60.69 27.76
C ILE D 91 4.35 60.89 28.03
N GLN D 92 3.93 61.94 28.68
CA GLN D 92 2.50 62.09 28.79
C GLN D 92 2.03 62.14 27.35
N THR D 93 2.83 62.69 26.46
CA THR D 93 2.44 62.92 25.07
C THR D 93 2.32 61.60 24.32
N ALA D 94 3.31 60.72 24.47
CA ALA D 94 3.31 59.48 23.71
C ALA D 94 2.31 58.47 24.26
N VAL D 95 2.14 58.41 25.57
CA VAL D 95 1.21 57.45 26.11
C VAL D 95 -0.12 57.83 25.53
N ARG D 96 -0.32 59.13 25.35
CA ARG D 96 -1.56 59.63 24.75
C ARG D 96 -1.56 59.18 23.36
N LEU D 97 -0.45 59.29 22.65
CA LEU D 97 -0.46 58.96 21.21
C LEU D 97 -0.66 57.50 20.95
N LEU D 98 -0.41 56.66 21.94
CA LEU D 98 -0.57 55.22 21.78
C LEU D 98 -1.82 54.71 22.49
N LEU D 99 -1.78 54.61 23.81
CA LEU D 99 -2.94 54.17 24.54
C LEU D 99 -4.09 54.95 23.98
N PRO D 100 -5.18 54.26 23.65
CA PRO D 100 -6.27 54.95 22.98
C PRO D 100 -7.45 55.28 23.85
N GLY D 101 -8.04 56.44 23.64
CA GLY D 101 -9.24 56.80 24.35
C GLY D 101 -9.17 56.97 25.83
N GLU D 102 -10.18 56.46 26.51
CA GLU D 102 -10.23 56.63 27.93
C GLU D 102 -8.94 56.14 28.53
N LEU D 103 -8.43 55.03 28.04
CA LEU D 103 -7.27 54.48 28.67
C LEU D 103 -6.26 55.59 28.84
N ALA D 104 -6.10 56.41 27.83
CA ALA D 104 -5.10 57.45 27.89
C ALA D 104 -5.34 58.42 29.00
N LYS D 105 -6.55 58.93 29.09
CA LYS D 105 -6.83 59.93 30.08
C LYS D 105 -6.76 59.31 31.46
N HIS D 106 -7.20 58.07 31.57
CA HIS D 106 -7.22 57.42 32.87
C HIS D 106 -5.83 57.00 33.24
N ALA D 107 -4.87 57.34 32.41
CA ALA D 107 -3.49 57.02 32.69
C ALA D 107 -2.81 58.30 33.00
N VAL D 108 -2.87 59.22 32.07
CA VAL D 108 -2.12 60.45 32.24
C VAL D 108 -2.44 61.07 33.60
N SER D 109 -3.68 60.93 34.08
CA SER D 109 -4.05 61.51 35.37
C SER D 109 -3.31 60.82 36.51
N GLU D 110 -3.28 59.49 36.46
CA GLU D 110 -2.59 58.68 37.49
C GLU D 110 -1.11 58.89 37.42
N GLY D 111 -0.63 59.11 36.22
CA GLY D 111 0.79 59.34 36.01
C GLY D 111 1.25 60.66 36.57
N THR D 112 0.48 61.74 36.34
CA THR D 112 0.85 63.02 36.93
C THR D 112 0.72 63.01 38.44
N LYS D 113 -0.23 62.27 38.97
CA LYS D 113 -0.35 62.18 40.41
C LYS D 113 0.89 61.55 40.90
N ALA D 114 1.19 60.41 40.34
CA ALA D 114 2.33 59.62 40.78
C ALA D 114 3.62 60.42 40.70
N VAL D 115 3.79 61.22 39.64
CA VAL D 115 4.99 62.05 39.52
C VAL D 115 5.02 63.11 40.61
N THR D 116 3.87 63.73 40.89
CA THR D 116 3.84 64.78 41.91
C THR D 116 4.04 64.20 43.31
N LYS D 117 3.55 62.99 43.52
CA LYS D 117 3.76 62.35 44.80
C LYS D 117 5.21 61.96 44.93
N TYR D 118 5.85 61.64 43.83
CA TYR D 118 7.27 61.35 43.88
C TYR D 118 7.99 62.62 44.24
N THR D 119 7.81 63.64 43.42
CA THR D 119 8.52 64.89 43.65
C THR D 119 8.14 65.52 44.97
N SER D 120 7.02 65.12 45.53
CA SER D 120 6.58 65.67 46.80
C SER D 120 7.64 65.44 47.81
N ALA D 121 8.19 64.23 47.82
CA ALA D 121 9.22 63.89 48.79
C ALA D 121 10.10 62.77 48.27
N ALA E 1 -0.93 7.53 -35.30
CA ALA E 1 -1.57 6.82 -34.20
C ALA E 1 -0.86 7.11 -32.88
N ARG E 2 -1.54 7.86 -32.02
CA ARG E 2 -0.99 8.19 -30.72
C ARG E 2 -0.98 6.96 -29.81
N THR E 3 0.13 6.73 -29.14
CA THR E 3 0.24 5.62 -28.21
C THR E 3 0.79 6.12 -26.89
N LYS E 4 0.46 5.40 -25.82
CA LYS E 4 0.96 5.73 -24.49
C LYS E 4 1.21 4.43 -23.72
N GLN E 5 2.13 4.50 -22.76
CA GLN E 5 2.48 3.33 -21.96
C GLN E 5 1.96 3.50 -20.53
N THR E 6 1.23 2.55 -20.00
CA THR E 6 0.78 2.75 -18.63
C THR E 6 1.28 1.68 -17.67
N ALA E 7 1.44 0.45 -18.15
CA ALA E 7 1.97 -0.57 -17.28
C ALA E 7 3.23 -0.05 -16.63
N ARG E 8 4.04 0.67 -17.39
CA ARG E 8 5.29 1.22 -16.87
C ARG E 8 6.23 0.10 -16.44
N LYS E 9 6.03 -1.07 -17.03
CA LYS E 9 6.84 -2.23 -16.69
C LYS E 9 7.31 -2.95 -17.95
N SER E 10 8.63 -3.04 -18.13
CA SER E 10 9.18 -3.69 -19.31
C SER E 10 8.82 -5.16 -19.35
N THR E 11 8.59 -5.75 -18.19
CA THR E 11 8.24 -7.16 -18.12
C THR E 11 7.10 -7.39 -17.13
N GLY E 12 6.31 -8.42 -17.36
CA GLY E 12 5.20 -8.73 -16.47
C GLY E 12 5.62 -9.53 -15.26
N GLY E 13 4.68 -9.80 -14.36
CA GLY E 13 4.98 -10.58 -13.18
C GLY E 13 6.20 -10.06 -12.44
N LYS E 14 6.21 -8.78 -12.15
CA LYS E 14 7.34 -8.19 -11.45
C LYS E 14 7.46 -8.75 -10.04
N ALA E 15 6.33 -9.04 -9.41
CA ALA E 15 6.36 -9.61 -8.07
C ALA E 15 7.11 -10.95 -8.04
N PRO E 16 6.83 -11.84 -8.99
CA PRO E 16 7.59 -13.09 -9.03
C PRO E 16 8.98 -12.90 -9.65
N ARG E 17 9.82 -12.09 -9.03
CA ARG E 17 11.17 -11.86 -9.53
C ARG E 17 12.18 -11.92 -8.39
N LYS E 18 13.47 -11.95 -8.71
CA LYS E 18 14.47 -12.10 -7.65
C LYS E 18 14.94 -10.75 -7.14
N GLN E 19 14.41 -9.67 -7.71
CA GLN E 19 14.78 -8.33 -7.27
C GLN E 19 13.56 -7.42 -7.24
N PRO E 38 -33.48 5.82 13.33
CA PRO E 38 -32.53 6.40 14.28
C PRO E 38 -32.57 7.92 14.27
N HIS E 39 -32.34 8.52 15.44
CA HIS E 39 -32.40 9.96 15.57
C HIS E 39 -31.24 10.62 14.84
N ARG E 40 -31.56 11.56 13.96
CA ARG E 40 -30.52 12.26 13.21
C ARG E 40 -30.83 13.73 13.11
N TYR E 41 -29.89 14.57 13.50
CA TYR E 41 -30.08 16.02 13.48
C TYR E 41 -30.08 16.53 12.05
N ARG E 42 -30.65 17.71 11.86
CA ARG E 42 -30.64 18.29 10.55
C ARG E 42 -29.30 18.91 10.27
N PRO E 43 -28.87 18.91 9.01
CA PRO E 43 -27.53 19.41 8.71
C PRO E 43 -27.31 20.85 9.14
N GLY E 44 -26.42 21.06 10.10
CA GLY E 44 -26.14 22.37 10.64
C GLY E 44 -26.33 22.51 12.14
N THR E 45 -27.26 21.76 12.75
CA THR E 45 -27.47 21.85 14.18
C THR E 45 -26.28 21.34 14.97
N VAL E 46 -25.76 20.17 14.59
CA VAL E 46 -24.51 19.66 15.16
C VAL E 46 -23.38 20.63 14.85
N ALA E 47 -23.39 21.21 13.65
CA ALA E 47 -22.37 22.17 13.26
C ALA E 47 -22.36 23.38 14.17
N LEU E 48 -23.54 23.94 14.50
CA LEU E 48 -23.60 25.07 15.43
C LEU E 48 -23.26 24.65 16.86
N ARG E 49 -23.63 23.42 17.24
CA ARG E 49 -23.27 22.91 18.56
C ARG E 49 -21.76 22.88 18.73
N GLU E 50 -21.04 22.45 17.70
CA GLU E 50 -19.59 22.40 17.87
C GLU E 50 -18.90 23.67 17.37
N ILE E 51 -19.64 24.62 16.76
CA ILE E 51 -19.24 26.02 16.84
C ILE E 51 -19.10 26.46 18.28
N ARG E 52 -20.15 26.20 19.08
CA ARG E 52 -20.11 26.56 20.48
C ARG E 52 -19.01 25.82 21.22
N ARG E 53 -18.82 24.54 20.88
CA ARG E 53 -17.80 23.73 21.54
C ARG E 53 -16.38 24.25 21.25
N TYR E 54 -16.07 24.51 19.98
CA TYR E 54 -14.73 25.00 19.66
C TYR E 54 -14.57 26.50 19.89
N GLN E 55 -15.64 27.21 20.24
CA GLN E 55 -15.48 28.61 20.60
C GLN E 55 -15.33 28.82 22.10
N LYS E 56 -15.92 27.96 22.92
CA LYS E 56 -15.79 28.05 24.36
C LYS E 56 -14.50 27.43 24.79
N SER E 57 -13.89 26.66 23.92
CA SER E 57 -12.66 25.94 24.21
C SER E 57 -11.43 26.76 23.82
N THR E 58 -10.29 26.35 24.36
CA THR E 58 -9.02 27.03 24.12
C THR E 58 -7.90 26.08 23.71
N GLU E 59 -8.14 24.78 23.67
CA GLU E 59 -7.08 23.86 23.29
C GLU E 59 -6.78 23.94 21.80
N LEU E 60 -5.74 23.22 21.41
CA LEU E 60 -5.07 23.49 20.15
C LEU E 60 -5.50 22.45 19.12
N LEU E 61 -6.02 22.92 17.98
CA LEU E 61 -6.89 22.12 17.14
C LEU E 61 -6.18 21.37 16.02
N ILE E 62 -4.94 21.69 15.76
CA ILE E 62 -4.24 21.01 14.73
C ILE E 62 -3.39 20.05 15.49
N ARG E 63 -3.64 18.75 15.33
CA ARG E 63 -2.90 17.77 16.09
C ARG E 63 -1.43 18.18 16.06
N LYS E 64 -0.75 18.16 17.21
CA LYS E 64 0.64 18.66 17.27
C LYS E 64 1.66 18.00 16.36
N LEU E 65 1.86 16.71 16.53
CA LEU E 65 2.90 16.05 15.75
C LEU E 65 2.75 16.43 14.31
N PRO E 66 1.56 16.23 13.76
CA PRO E 66 1.50 16.58 12.36
C PRO E 66 1.99 17.99 12.15
N PHE E 67 1.69 18.92 13.06
CA PHE E 67 2.10 20.30 12.81
C PHE E 67 3.60 20.44 12.91
N GLN E 68 4.20 19.80 13.90
CA GLN E 68 5.63 19.91 14.07
C GLN E 68 6.28 19.48 12.79
N ARG E 69 5.81 18.39 12.22
CA ARG E 69 6.42 17.89 11.02
C ARG E 69 6.30 18.92 9.95
N LEU E 70 5.18 19.59 9.88
CA LEU E 70 4.99 20.55 8.81
C LEU E 70 6.12 21.52 8.88
N VAL E 71 6.51 21.87 10.09
CA VAL E 71 7.61 22.79 10.26
C VAL E 71 8.94 22.14 9.94
N ARG E 72 9.19 20.90 10.28
CA ARG E 72 10.48 20.40 9.91
C ARG E 72 10.61 20.40 8.38
N GLU E 73 9.68 19.83 7.63
CA GLU E 73 9.90 19.71 6.19
C GLU E 73 9.93 21.09 5.53
N ILE E 74 9.32 22.09 6.15
CA ILE E 74 9.30 23.41 5.52
C ILE E 74 10.48 24.25 6.03
N ALA E 75 11.06 23.96 7.16
CA ALA E 75 12.18 24.83 7.56
C ALA E 75 13.40 24.32 6.90
N GLN E 76 13.39 23.04 6.59
CA GLN E 76 14.53 22.41 6.01
C GLN E 76 15.07 23.28 4.91
N ASP E 77 14.20 23.96 4.21
CA ASP E 77 14.66 24.73 3.08
C ASP E 77 15.56 25.87 3.50
N PHE E 78 15.19 26.58 4.57
CA PHE E 78 15.97 27.74 4.96
C PHE E 78 17.28 27.38 5.64
N LYS E 79 17.32 26.28 6.38
CA LYS E 79 18.56 25.83 6.99
C LYS E 79 18.45 24.40 7.47
N THR E 80 19.40 23.57 7.08
CA THR E 80 19.36 22.17 7.46
C THR E 80 19.71 22.01 8.91
N ASP E 81 19.41 20.83 9.43
CA ASP E 81 19.77 20.56 10.80
C ASP E 81 19.41 21.71 11.69
N LEU E 82 18.13 22.04 11.76
CA LEU E 82 17.70 23.12 12.58
C LEU E 82 16.80 22.53 13.58
N ARG E 83 17.28 22.34 14.78
CA ARG E 83 16.45 21.82 15.84
C ARG E 83 15.52 22.91 16.28
N PHE E 84 14.39 22.56 16.88
CA PHE E 84 13.42 23.53 17.28
C PHE E 84 13.08 23.30 18.73
N GLN E 85 13.23 24.32 19.56
CA GLN E 85 12.85 24.19 20.94
C GLN E 85 11.40 23.81 20.98
N SER E 86 11.01 22.98 21.92
CA SER E 86 9.64 22.50 21.94
C SER E 86 8.68 23.65 22.00
N SER E 87 8.98 24.63 22.82
CA SER E 87 8.11 25.77 22.94
C SER E 87 7.95 26.45 21.62
N ALA E 88 8.95 26.34 20.77
CA ALA E 88 8.83 26.94 19.47
C ALA E 88 7.76 26.27 18.63
N VAL E 89 7.85 24.97 18.38
CA VAL E 89 6.77 24.44 17.56
C VAL E 89 5.41 24.69 18.23
N MET E 90 5.39 24.91 19.53
CA MET E 90 4.11 25.28 20.14
C MET E 90 3.82 26.72 19.84
N ALA E 91 4.84 27.55 19.71
CA ALA E 91 4.61 28.93 19.29
C ALA E 91 4.14 29.01 17.85
N LEU E 92 4.73 28.20 16.95
CA LEU E 92 4.23 28.12 15.58
C LEU E 92 2.79 27.63 15.54
N GLN E 93 2.42 26.69 16.37
CA GLN E 93 1.05 26.26 16.32
C GLN E 93 0.18 27.40 16.76
N GLU E 94 0.39 27.93 17.95
CA GLU E 94 -0.50 28.98 18.40
C GLU E 94 -0.63 30.03 17.33
N ALA E 95 0.49 30.52 16.83
CA ALA E 95 0.44 31.60 15.85
C ALA E 95 -0.33 31.20 14.61
N SER E 96 -0.15 29.97 14.14
CA SER E 96 -0.85 29.51 12.96
C SER E 96 -2.35 29.38 13.21
N GLU E 97 -2.75 28.83 14.37
CA GLU E 97 -4.18 28.73 14.63
C GLU E 97 -4.82 30.10 14.83
N ALA E 98 -4.09 31.06 15.44
CA ALA E 98 -4.61 32.41 15.56
C ALA E 98 -4.78 33.06 14.20
N TYR E 99 -3.78 32.91 13.32
CA TYR E 99 -3.84 33.47 11.97
C TYR E 99 -5.02 32.90 11.20
N LEU E 100 -5.21 31.58 11.27
CA LEU E 100 -6.29 30.97 10.50
C LEU E 100 -7.66 31.21 11.11
N VAL E 101 -7.78 31.36 12.44
CA VAL E 101 -9.11 31.66 12.97
C VAL E 101 -9.48 33.11 12.65
N ALA E 102 -8.50 34.03 12.63
CA ALA E 102 -8.78 35.39 12.19
C ALA E 102 -9.16 35.43 10.73
N LEU E 103 -8.41 34.70 9.88
CA LEU E 103 -8.70 34.65 8.46
C LEU E 103 -10.05 34.00 8.20
N PHE E 104 -10.47 33.05 9.05
CA PHE E 104 -11.74 32.37 8.84
C PHE E 104 -12.92 33.18 9.37
N GLU E 105 -12.68 34.08 10.29
CA GLU E 105 -13.76 34.94 10.70
C GLU E 105 -13.99 35.83 9.51
N ASP E 106 -12.92 36.34 8.91
CA ASP E 106 -13.05 37.28 7.81
C ASP E 106 -13.70 36.64 6.61
N THR E 107 -13.38 35.38 6.36
CA THR E 107 -13.99 34.68 5.24
C THR E 107 -15.48 34.50 5.44
N ASN E 108 -15.90 34.15 6.64
CA ASN E 108 -17.31 33.95 6.89
C ASN E 108 -18.00 35.24 6.59
N LEU E 109 -17.36 36.35 6.88
CA LEU E 109 -17.93 37.65 6.58
C LEU E 109 -17.96 37.88 5.10
N ALA E 110 -16.89 37.52 4.43
CA ALA E 110 -16.80 37.72 3.00
C ALA E 110 -17.80 36.85 2.32
N ALA E 111 -18.34 35.89 3.05
CA ALA E 111 -19.37 35.07 2.50
C ALA E 111 -20.68 35.65 2.93
N ILE E 112 -20.90 35.82 4.23
CA ILE E 112 -22.23 36.31 4.58
C ILE E 112 -22.54 37.59 3.79
N HIS E 113 -21.49 38.24 3.26
CA HIS E 113 -21.72 39.37 2.37
C HIS E 113 -22.52 38.98 1.13
N ALA E 114 -22.13 37.91 0.45
CA ALA E 114 -22.78 37.56 -0.81
C ALA E 114 -23.98 36.63 -0.63
N LYS E 115 -24.88 36.98 0.31
CA LYS E 115 -26.15 36.29 0.55
C LYS E 115 -25.98 34.78 0.67
N ARG E 116 -24.90 34.39 1.34
CA ARG E 116 -24.58 32.97 1.44
C ARG E 116 -24.03 32.50 2.77
N VAL E 117 -24.02 31.19 2.99
CA VAL E 117 -23.49 30.65 4.22
C VAL E 117 -22.52 29.50 4.00
N THR E 118 -21.63 29.63 3.03
CA THR E 118 -20.65 28.58 2.76
C THR E 118 -19.36 29.20 2.28
N ILE E 119 -18.33 29.10 3.08
CA ILE E 119 -17.09 29.72 2.72
C ILE E 119 -16.58 28.98 1.52
N MET E 120 -16.03 29.72 0.58
CA MET E 120 -15.52 29.11 -0.63
C MET E 120 -14.18 29.68 -0.95
N PRO E 121 -13.40 28.96 -1.74
CA PRO E 121 -12.05 29.44 -1.95
C PRO E 121 -12.02 30.90 -2.31
N LYS E 122 -12.86 31.33 -3.23
CA LYS E 122 -12.86 32.72 -3.67
C LYS E 122 -13.05 33.67 -2.54
N ASP E 123 -13.85 33.27 -1.57
CA ASP E 123 -14.08 34.11 -0.41
C ASP E 123 -12.81 34.34 0.36
N ILE E 124 -11.78 33.55 0.14
CA ILE E 124 -10.59 33.79 0.95
C ILE E 124 -9.46 34.35 0.09
N GLN E 125 -9.59 34.27 -1.21
CA GLN E 125 -8.60 34.91 -2.04
C GLN E 125 -8.92 36.39 -1.98
N LEU E 126 -10.19 36.73 -1.74
CA LEU E 126 -10.58 38.14 -1.59
C LEU E 126 -10.19 38.68 -0.25
N ALA E 127 -10.60 38.02 0.82
CA ALA E 127 -10.31 38.54 2.13
C ALA E 127 -8.88 38.93 2.18
N ARG E 128 -8.02 38.05 1.74
CA ARG E 128 -6.61 38.34 1.86
C ARG E 128 -6.20 39.54 1.01
N ARG E 129 -6.95 39.85 -0.03
CA ARG E 129 -6.65 41.04 -0.83
C ARG E 129 -7.02 42.32 -0.12
N ILE E 130 -8.15 42.32 0.56
CA ILE E 130 -8.55 43.48 1.31
C ILE E 130 -7.67 43.60 2.56
N ARG E 131 -7.33 42.47 3.19
CA ARG E 131 -6.44 42.50 4.34
C ARG E 131 -5.15 43.07 3.88
N GLY E 132 -4.86 42.88 2.61
CA GLY E 132 -3.64 43.43 2.06
C GLY E 132 -2.52 42.44 2.17
N GLU E 133 -2.86 41.23 2.58
CA GLU E 133 -1.85 40.18 2.70
C GLU E 133 -1.63 39.50 1.37
N ARG E 134 -1.61 40.29 0.31
CA ARG E 134 -1.34 39.74 -1.01
C ARG E 134 -1.01 40.85 -2.00
N ASP F 24 3.93 16.44 1.42
CA ASP F 24 3.00 15.48 2.00
C ASP F 24 2.84 15.72 3.48
N ASN F 25 3.86 16.26 4.13
CA ASN F 25 3.69 16.60 5.52
C ASN F 25 2.62 17.66 5.54
N ILE F 26 2.47 18.35 4.43
CA ILE F 26 1.41 19.33 4.34
C ILE F 26 0.11 18.59 4.31
N GLN F 27 0.00 17.49 3.56
CA GLN F 27 -1.32 16.88 3.67
C GLN F 27 -1.61 16.39 5.08
N GLY F 28 -0.62 16.47 5.98
CA GLY F 28 -0.86 16.13 7.37
C GLY F 28 -1.81 17.08 8.07
N ILE F 29 -1.95 18.29 7.55
CA ILE F 29 -2.95 19.23 8.05
C ILE F 29 -4.26 18.73 7.50
N THR F 30 -4.99 17.97 8.29
CA THR F 30 -6.06 17.17 7.71
C THR F 30 -7.33 17.99 7.53
N LYS F 31 -8.28 17.41 6.82
CA LYS F 31 -9.53 18.09 6.62
C LYS F 31 -10.17 18.34 7.95
N PRO F 32 -10.55 17.28 8.66
CA PRO F 32 -11.24 17.64 9.92
C PRO F 32 -10.52 18.72 10.73
N ALA F 33 -9.20 18.83 10.64
CA ALA F 33 -8.51 19.89 11.36
C ALA F 33 -8.84 21.27 10.79
N ILE F 34 -8.87 21.38 9.47
CA ILE F 34 -9.27 22.62 8.82
C ILE F 34 -10.73 22.92 9.14
N ARG F 35 -11.55 21.86 9.22
CA ARG F 35 -12.94 22.05 9.67
C ARG F 35 -13.00 22.57 11.10
N ARG F 36 -12.14 22.07 11.98
CA ARG F 36 -12.09 22.55 13.35
C ARG F 36 -11.69 24.02 13.41
N LEU F 37 -10.72 24.40 12.57
CA LEU F 37 -10.33 25.81 12.49
C LEU F 37 -11.48 26.67 11.99
N ALA F 38 -12.26 26.18 11.02
CA ALA F 38 -13.42 26.90 10.54
C ALA F 38 -14.50 27.00 11.62
N ARG F 39 -14.66 25.95 12.39
CA ARG F 39 -15.67 25.99 13.41
C ARG F 39 -15.25 27.03 14.43
N ARG F 40 -14.02 26.97 14.92
CA ARG F 40 -13.59 28.03 15.82
C ARG F 40 -13.74 29.39 15.15
N GLY F 41 -13.60 29.44 13.83
CA GLY F 41 -13.79 30.66 13.07
C GLY F 41 -15.24 30.99 12.75
N GLY F 42 -16.19 30.18 13.21
CA GLY F 42 -17.59 30.49 13.04
C GLY F 42 -18.16 30.20 11.67
N VAL F 43 -17.57 29.28 10.91
CA VAL F 43 -18.04 28.94 9.58
C VAL F 43 -18.98 27.74 9.68
N LYS F 44 -20.12 27.79 9.02
CA LYS F 44 -21.09 26.70 9.13
C LYS F 44 -21.06 25.71 7.97
N ARG F 45 -20.58 26.13 6.81
CA ARG F 45 -20.50 25.20 5.71
C ARG F 45 -19.25 25.49 4.95
N ILE F 46 -18.33 24.54 4.97
CA ILE F 46 -17.08 24.74 4.30
C ILE F 46 -17.12 24.12 2.94
N SER F 47 -16.74 24.86 1.92
CA SER F 47 -16.67 24.29 0.61
C SER F 47 -15.66 23.20 0.71
N GLY F 48 -15.55 22.39 -0.32
CA GLY F 48 -14.64 21.28 -0.27
C GLY F 48 -13.35 21.71 -0.87
N LEU F 49 -13.39 22.79 -1.61
CA LEU F 49 -12.19 23.22 -2.27
C LEU F 49 -11.43 24.16 -1.36
N ILE F 50 -12.02 24.49 -0.23
CA ILE F 50 -11.35 25.35 0.73
C ILE F 50 -10.22 24.61 1.36
N TYR F 51 -10.47 23.39 1.79
CA TYR F 51 -9.46 22.65 2.50
C TYR F 51 -8.10 22.75 1.85
N GLU F 52 -8.03 22.61 0.54
CA GLU F 52 -6.73 22.62 -0.12
C GLU F 52 -6.22 23.99 -0.42
N GLU F 53 -6.99 25.02 -0.11
CA GLU F 53 -6.56 26.39 -0.33
C GLU F 53 -5.96 26.83 0.94
N THR F 54 -6.48 26.30 2.03
CA THR F 54 -6.02 26.65 3.33
C THR F 54 -4.68 26.00 3.56
N ARG F 55 -4.34 24.99 2.81
CA ARG F 55 -3.04 24.45 3.06
C ARG F 55 -2.07 25.45 2.50
N GLY F 56 -2.13 25.74 1.22
CA GLY F 56 -1.19 26.62 0.57
C GLY F 56 -1.00 27.95 1.29
N VAL F 57 -2.11 28.55 1.74
CA VAL F 57 -2.05 29.80 2.49
C VAL F 57 -1.30 29.59 3.81
N LEU F 58 -1.63 28.50 4.50
CA LEU F 58 -0.91 28.10 5.70
C LEU F 58 0.57 27.98 5.46
N LYS F 59 0.94 27.21 4.46
CA LYS F 59 2.33 27.00 4.17
C LYS F 59 3.05 28.28 3.91
N VAL F 60 2.54 29.11 3.03
CA VAL F 60 3.26 30.32 2.64
C VAL F 60 3.45 31.24 3.86
N PHE F 61 2.46 31.27 4.75
CA PHE F 61 2.59 32.03 6.00
C PHE F 61 3.62 31.46 6.95
N LEU F 62 3.52 30.18 7.27
CA LEU F 62 4.54 29.56 8.09
C LEU F 62 5.87 29.79 7.42
N GLU F 63 5.90 29.67 6.10
CA GLU F 63 7.11 29.86 5.34
C GLU F 63 7.59 31.26 5.36
N ASN F 64 6.89 32.12 6.07
CA ASN F 64 7.38 33.49 6.21
C ASN F 64 7.94 33.66 7.61
N VAL F 65 7.19 33.22 8.60
CA VAL F 65 7.68 33.30 9.95
C VAL F 65 8.93 32.48 10.06
N ILE F 66 8.84 31.20 9.80
CA ILE F 66 9.98 30.32 10.00
C ILE F 66 11.18 30.82 9.23
N ARG F 67 10.98 31.51 8.13
CA ARG F 67 12.12 32.06 7.44
C ARG F 67 12.79 33.08 8.32
N ASP F 68 12.02 33.99 8.87
CA ASP F 68 12.62 35.03 9.67
C ASP F 68 13.07 34.44 10.97
N ALA F 69 12.42 33.38 11.40
CA ALA F 69 12.78 32.77 12.65
C ALA F 69 14.17 32.29 12.50
N VAL F 70 14.52 31.84 11.33
CA VAL F 70 15.83 31.27 11.15
C VAL F 70 16.84 32.37 10.85
N THR F 71 16.49 33.42 10.15
CA THR F 71 17.46 34.48 9.95
C THR F 71 17.94 34.87 11.30
N TYR F 72 17.03 35.20 12.18
CA TYR F 72 17.36 35.47 13.57
C TYR F 72 18.23 34.37 14.18
N THR F 73 17.98 33.11 13.81
CA THR F 73 18.70 32.00 14.43
C THR F 73 20.17 31.95 14.01
N GLU F 74 20.37 32.14 12.72
CA GLU F 74 21.69 32.16 12.18
C GLU F 74 22.29 33.51 12.36
N HIS F 75 21.79 34.27 13.32
CA HIS F 75 22.44 35.53 13.61
C HIS F 75 23.01 35.36 14.96
N ALA F 76 22.48 34.39 15.68
CA ALA F 76 22.97 34.13 17.00
C ALA F 76 23.94 33.01 16.88
N LYS F 77 24.19 32.58 15.66
CA LYS F 77 25.10 31.49 15.44
C LYS F 77 24.57 30.31 16.19
N ARG F 78 23.31 30.37 16.56
CA ARG F 78 22.69 29.24 17.19
C ARG F 78 22.24 28.34 16.08
N LYS F 79 22.18 27.06 16.32
CA LYS F 79 21.80 26.13 15.28
C LYS F 79 20.46 25.67 15.62
N THR F 80 20.10 25.79 16.87
CA THR F 80 18.76 25.44 17.23
C THR F 80 17.97 26.68 17.21
N VAL F 81 16.70 26.53 16.90
CA VAL F 81 15.81 27.69 16.96
C VAL F 81 15.14 27.69 18.34
N THR F 82 14.70 28.86 18.77
CA THR F 82 14.00 29.02 20.03
C THR F 82 12.60 29.58 19.80
N ALA F 83 11.73 29.35 20.78
CA ALA F 83 10.41 29.99 20.77
C ALA F 83 10.55 31.51 20.88
N MET F 84 11.62 31.96 21.54
CA MET F 84 11.89 33.38 21.63
C MET F 84 12.12 33.96 20.24
N ASP F 85 12.90 33.26 19.41
CA ASP F 85 13.11 33.68 18.02
C ASP F 85 11.81 33.63 17.22
N VAL F 86 10.91 32.69 17.57
CA VAL F 86 9.64 32.60 16.86
C VAL F 86 8.77 33.82 17.12
N VAL F 87 8.59 34.17 18.40
CA VAL F 87 7.78 35.36 18.72
C VAL F 87 8.51 36.62 18.26
N TYR F 88 9.82 36.54 18.11
CA TYR F 88 10.61 37.65 17.61
C TYR F 88 10.33 37.88 16.12
N ALA F 89 10.25 36.78 15.36
CA ALA F 89 9.87 36.86 13.95
C ALA F 89 8.44 37.32 13.78
N LEU F 90 7.54 36.89 14.67
CA LEU F 90 6.17 37.43 14.66
C LEU F 90 6.16 38.93 14.93
N LYS F 91 6.93 39.40 15.89
CA LYS F 91 6.97 40.82 16.11
C LYS F 91 7.38 41.48 14.82
N ARG F 92 8.45 41.01 14.19
CA ARG F 92 8.75 41.64 12.91
C ARG F 92 7.56 41.63 11.95
N GLN F 93 6.97 40.49 11.68
CA GLN F 93 5.88 40.44 10.71
C GLN F 93 4.79 41.40 11.10
N GLY F 94 4.55 41.52 12.39
CA GLY F 94 3.57 42.45 12.87
C GLY F 94 2.64 41.89 13.90
N ARG F 95 2.42 40.59 13.84
CA ARG F 95 1.50 39.92 14.73
C ARG F 95 2.12 39.41 16.01
N THR F 96 2.27 40.26 17.00
CA THR F 96 2.89 39.87 18.26
C THR F 96 2.21 38.69 18.90
N LEU F 97 2.95 37.87 19.63
CA LEU F 97 2.36 36.72 20.32
C LEU F 97 2.75 36.73 21.77
N TYR F 98 1.79 36.93 22.65
CA TYR F 98 2.07 36.96 24.07
C TYR F 98 1.89 35.60 24.65
N GLY F 99 2.75 35.21 25.58
CA GLY F 99 2.60 33.92 26.23
C GLY F 99 3.74 32.96 26.04
N PHE F 100 4.78 33.40 25.36
CA PHE F 100 5.88 32.51 25.06
C PHE F 100 7.20 33.20 25.24
N GLY F 101 7.23 34.30 25.97
CA GLY F 101 8.49 34.96 26.25
C GLY F 101 8.64 36.33 25.64
N GLY F 102 9.66 37.10 26.04
CA GLY F 102 9.74 38.44 25.50
C GLY F 102 8.63 39.35 25.99
N LYS G 13 46.65 65.79 2.02
CA LYS G 13 45.62 65.26 1.14
C LYS G 13 44.79 64.24 1.90
N ALA G 14 43.49 64.51 2.02
CA ALA G 14 42.56 63.63 2.71
C ALA G 14 41.54 63.11 1.71
N LYS G 15 41.40 61.80 1.65
CA LYS G 15 40.41 61.22 0.75
C LYS G 15 39.18 60.90 1.54
N THR G 16 38.06 60.72 0.87
CA THR G 16 36.81 60.37 1.52
C THR G 16 36.68 58.86 1.67
N ARG G 17 35.79 58.46 2.58
CA ARG G 17 35.57 57.04 2.81
C ARG G 17 34.78 56.40 1.69
N SER G 18 33.98 57.19 0.97
CA SER G 18 33.19 56.65 -0.14
C SER G 18 34.09 56.18 -1.28
N SER G 19 35.11 56.98 -1.61
CA SER G 19 36.05 56.58 -2.65
C SER G 19 36.90 55.40 -2.20
N ARG G 20 37.12 55.26 -0.89
CA ARG G 20 37.70 54.03 -0.36
C ARG G 20 36.77 52.85 -0.59
N ALA G 21 35.46 53.08 -0.42
CA ALA G 21 34.49 52.01 -0.61
C ALA G 21 33.98 51.93 -2.04
N GLY G 22 34.22 52.95 -2.84
CA GLY G 22 33.66 52.96 -4.18
C GLY G 22 32.15 53.08 -4.13
N LEU G 23 31.67 54.25 -3.73
CA LEU G 23 30.24 54.46 -3.64
C LEU G 23 29.96 55.92 -3.96
N GLN G 24 28.70 56.28 -4.09
CA GLN G 24 28.35 57.68 -4.33
C GLN G 24 27.64 58.22 -3.13
N PHE G 25 26.79 57.43 -2.50
CA PHE G 25 26.15 57.88 -1.27
C PHE G 25 27.21 58.12 -0.22
N PRO G 26 26.93 59.00 0.75
CA PRO G 26 28.00 59.31 1.69
C PRO G 26 28.11 58.29 2.80
N VAL G 27 29.31 57.78 3.04
CA VAL G 27 29.48 56.79 4.07
C VAL G 27 29.73 57.49 5.35
N GLY G 28 30.30 58.67 5.24
CA GLY G 28 30.56 59.43 6.44
C GLY G 28 29.27 59.82 7.08
N ARG G 29 28.37 60.39 6.30
CA ARG G 29 27.14 60.88 6.85
C ARG G 29 26.41 59.74 7.45
N VAL G 30 26.43 58.60 6.81
CA VAL G 30 25.61 57.51 7.32
C VAL G 30 26.22 56.92 8.56
N HIS G 31 27.31 57.50 9.04
CA HIS G 31 27.94 57.01 10.26
C HIS G 31 27.48 57.90 11.35
N ARG G 32 27.58 59.19 11.09
CA ARG G 32 27.11 60.14 12.06
C ARG G 32 25.70 59.75 12.37
N LEU G 33 24.87 59.77 11.36
CA LEU G 33 23.46 59.47 11.60
C LEU G 33 23.32 58.22 12.43
N LEU G 34 24.07 57.18 12.10
CA LEU G 34 23.97 55.92 12.84
C LEU G 34 24.35 56.15 14.27
N ARG G 35 25.33 57.00 14.50
CA ARG G 35 25.77 57.27 15.85
C ARG G 35 24.75 58.09 16.62
N LYS G 36 24.35 59.23 16.06
CA LYS G 36 23.42 60.09 16.77
C LYS G 36 22.05 59.44 16.88
N GLY G 37 21.79 58.49 16.00
CA GLY G 37 20.52 57.79 16.04
C GLY G 37 20.45 56.92 17.26
N ASN G 38 21.59 56.67 17.88
CA ASN G 38 21.61 55.88 19.09
C ASN G 38 20.92 54.56 18.80
N TYR G 39 21.10 54.04 17.61
CA TYR G 39 20.53 52.76 17.30
C TYR G 39 21.20 51.78 18.23
N ALA G 40 22.47 52.02 18.52
CA ALA G 40 23.15 51.17 19.47
C ALA G 40 24.35 51.90 20.05
N GLU G 41 24.90 51.42 21.15
CA GLU G 41 25.98 52.14 21.82
C GLU G 41 27.21 52.38 20.99
N ARG G 42 27.73 51.35 20.34
CA ARG G 42 28.94 51.51 19.59
C ARG G 42 28.69 51.14 18.17
N VAL G 43 29.22 51.90 17.23
CA VAL G 43 29.03 51.48 15.84
C VAL G 43 30.41 51.26 15.21
N GLY G 44 30.55 50.16 14.47
CA GLY G 44 31.81 49.86 13.83
C GLY G 44 32.04 50.65 12.56
N ALA G 45 33.22 50.45 11.98
CA ALA G 45 33.60 51.19 10.78
C ALA G 45 32.86 50.68 9.55
N GLY G 46 32.70 49.36 9.43
CA GLY G 46 32.11 48.81 8.23
C GLY G 46 30.60 48.90 8.13
N ALA G 47 29.92 49.18 9.25
CA ALA G 47 28.47 49.28 9.21
C ALA G 47 27.96 50.45 8.36
N PRO G 48 28.48 51.69 8.50
CA PRO G 48 28.03 52.74 7.56
C PRO G 48 28.42 52.48 6.12
N VAL G 49 29.54 51.78 5.87
CA VAL G 49 29.92 51.44 4.50
C VAL G 49 28.90 50.50 3.88
N TYR G 50 28.52 49.45 4.59
CA TYR G 50 27.50 48.54 4.09
C TYR G 50 26.21 49.28 3.93
N LEU G 51 25.79 50.09 4.89
CA LEU G 51 24.49 50.73 4.69
C LEU G 51 24.53 51.66 3.50
N ALA G 52 25.55 52.47 3.36
CA ALA G 52 25.58 53.28 2.16
C ALA G 52 25.54 52.42 0.90
N ALA G 53 26.17 51.24 0.96
CA ALA G 53 26.15 50.33 -0.19
C ALA G 53 24.74 49.86 -0.51
N VAL G 54 23.96 49.48 0.49
CA VAL G 54 22.59 49.05 0.24
C VAL G 54 21.65 50.17 -0.16
N LEU G 55 21.81 51.35 0.45
CA LEU G 55 20.95 52.48 0.13
C LEU G 55 21.14 52.95 -1.30
N GLU G 56 22.36 52.99 -1.79
CA GLU G 56 22.60 53.37 -3.17
C GLU G 56 22.02 52.37 -4.13
N TYR G 57 22.03 51.10 -3.76
CA TYR G 57 21.44 50.07 -4.61
C TYR G 57 19.96 50.29 -4.70
N LEU G 58 19.30 50.43 -3.56
CA LEU G 58 17.88 50.58 -3.56
C LEU G 58 17.50 51.89 -4.21
N THR G 59 18.42 52.84 -4.21
CA THR G 59 18.12 54.15 -4.78
C THR G 59 18.35 54.03 -6.24
N ALA G 60 19.12 53.04 -6.63
CA ALA G 60 19.42 52.86 -8.03
C ALA G 60 18.34 52.03 -8.68
N GLU G 61 18.15 50.77 -8.26
CA GLU G 61 17.03 50.04 -8.86
C GLU G 61 15.80 50.92 -9.02
N ILE G 62 15.45 51.71 -8.00
CA ILE G 62 14.24 52.53 -8.11
C ILE G 62 14.43 53.62 -9.16
N LEU G 63 15.64 54.17 -9.28
CA LEU G 63 15.89 55.21 -10.27
C LEU G 63 15.96 54.63 -11.68
N GLU G 64 16.43 53.42 -11.80
CA GLU G 64 16.47 52.82 -13.10
C GLU G 64 15.04 52.67 -13.50
N LEU G 65 14.30 51.90 -12.73
CA LEU G 65 12.92 51.64 -13.11
C LEU G 65 12.17 52.93 -13.43
N ALA G 66 12.46 54.01 -12.69
CA ALA G 66 11.87 55.31 -13.02
C ALA G 66 12.35 55.81 -14.38
N GLY G 67 13.61 55.56 -14.71
CA GLY G 67 14.11 55.94 -16.02
C GLY G 67 13.46 55.15 -17.14
N ASN G 68 13.22 53.86 -16.92
CA ASN G 68 12.46 53.06 -17.88
C ASN G 68 11.05 53.60 -18.04
N ALA G 69 10.41 53.99 -16.93
CA ALA G 69 9.08 54.58 -17.00
C ALA G 69 9.09 55.90 -17.77
N ALA G 70 9.97 56.82 -17.43
CA ALA G 70 9.90 58.16 -18.04
C ALA G 70 10.04 58.21 -19.53
N ARG G 71 11.11 57.65 -20.05
CA ARG G 71 11.33 57.74 -21.47
C ARG G 71 10.05 57.33 -22.15
N ASP G 72 9.36 56.35 -21.58
CA ASP G 72 8.09 55.92 -22.16
C ASP G 72 7.12 57.10 -22.33
N ASN G 73 6.93 57.88 -21.29
CA ASN G 73 6.05 59.02 -21.37
C ASN G 73 6.77 60.18 -22.03
N LYS G 74 7.87 59.89 -22.71
CA LYS G 74 8.63 60.93 -23.42
C LYS G 74 8.79 62.23 -22.65
N LYS G 75 9.28 62.16 -21.42
CA LYS G 75 9.48 63.35 -20.60
C LYS G 75 10.93 63.42 -20.21
N THR G 76 11.63 64.53 -20.36
CA THR G 76 13.04 64.48 -19.97
C THR G 76 13.20 64.19 -18.50
N ARG G 77 12.69 65.07 -17.65
CA ARG G 77 12.86 64.90 -16.21
C ARG G 77 12.07 63.76 -15.64
N ILE G 78 12.21 63.54 -14.34
CA ILE G 78 11.49 62.47 -13.68
C ILE G 78 10.53 63.07 -12.68
N ILE G 79 9.26 63.18 -13.04
CA ILE G 79 8.25 63.73 -12.16
C ILE G 79 7.81 62.68 -11.17
N PRO G 80 7.34 63.11 -10.01
CA PRO G 80 6.95 62.17 -8.97
C PRO G 80 6.12 61.01 -9.49
N ARG G 81 5.36 61.20 -10.56
CA ARG G 81 4.48 60.16 -11.06
C ARG G 81 5.26 58.95 -11.43
N HIS G 82 6.32 59.13 -12.19
CA HIS G 82 7.08 58.00 -12.65
C HIS G 82 7.48 57.15 -11.47
N LEU G 83 7.82 57.77 -10.36
CA LEU G 83 8.27 57.01 -9.20
C LEU G 83 7.22 56.05 -8.69
N GLN G 84 5.94 56.32 -8.95
CA GLN G 84 4.90 55.40 -8.52
C GLN G 84 4.81 54.23 -9.45
N LEU G 85 4.90 54.51 -10.73
CA LEU G 85 4.84 53.45 -11.70
C LEU G 85 5.92 52.48 -11.32
N ALA G 86 7.15 52.92 -11.37
CA ALA G 86 8.29 52.11 -11.01
C ALA G 86 8.02 51.27 -9.76
N VAL G 87 7.39 51.85 -8.75
CA VAL G 87 7.20 51.14 -7.50
C VAL G 87 6.01 50.19 -7.60
N ARG G 88 4.97 50.56 -8.29
CA ARG G 88 3.82 49.67 -8.24
C ARG G 88 3.92 48.61 -9.29
N ASN G 89 4.63 48.89 -10.36
CA ASN G 89 4.83 47.89 -11.39
C ASN G 89 5.68 46.76 -10.84
N ASP G 90 6.78 47.09 -10.18
CA ASP G 90 7.66 46.08 -9.59
C ASP G 90 7.01 45.43 -8.41
N GLU G 91 7.23 44.13 -8.25
CA GLU G 91 6.56 43.40 -7.17
C GLU G 91 7.42 43.31 -5.94
N GLU G 92 8.64 43.81 -6.02
CA GLU G 92 9.48 43.79 -4.86
C GLU G 92 9.43 45.14 -4.24
N LEU G 93 9.79 46.15 -5.00
CA LEU G 93 9.78 47.49 -4.48
C LEU G 93 8.41 47.78 -3.90
N ASN G 94 7.40 47.02 -4.29
CA ASN G 94 6.03 47.28 -3.83
C ASN G 94 5.77 46.66 -2.49
N LYS G 95 6.49 45.62 -2.12
CA LYS G 95 6.34 45.06 -0.80
C LYS G 95 7.09 45.97 0.14
N LEU G 96 8.22 46.50 -0.33
CA LEU G 96 9.02 47.39 0.49
C LEU G 96 8.24 48.64 0.66
N LEU G 97 8.07 49.40 -0.41
CA LEU G 97 7.29 50.60 -0.35
C LEU G 97 5.85 50.20 -0.51
N GLY G 98 5.33 49.42 0.43
CA GLY G 98 3.99 48.90 0.30
C GLY G 98 2.96 49.53 1.18
N ARG G 99 3.38 50.18 2.24
CA ARG G 99 2.44 50.91 3.05
C ARG G 99 2.85 52.33 2.93
N VAL G 100 3.51 52.65 1.83
CA VAL G 100 3.97 54.00 1.59
C VAL G 100 3.14 54.62 0.49
N THR G 101 2.80 55.89 0.63
CA THR G 101 2.00 56.56 -0.36
C THR G 101 2.75 57.70 -0.98
N ILE G 102 3.27 57.51 -2.17
CA ILE G 102 4.07 58.56 -2.74
C ILE G 102 3.25 59.74 -3.13
N ALA G 103 3.87 60.89 -3.12
CA ALA G 103 3.23 62.14 -3.53
C ALA G 103 3.02 62.18 -5.05
N GLN G 104 1.81 62.59 -5.45
CA GLN G 104 1.42 62.80 -6.84
C GLN G 104 1.66 61.57 -7.70
N GLY G 105 1.30 60.40 -7.18
CA GLY G 105 1.56 59.17 -7.89
C GLY G 105 0.41 58.69 -8.77
N GLY G 106 -0.79 58.88 -8.29
CA GLY G 106 -1.89 58.35 -9.03
C GLY G 106 -1.88 56.90 -8.63
N VAL G 107 -2.46 56.06 -9.46
CA VAL G 107 -2.52 54.67 -9.12
C VAL G 107 -2.16 53.95 -10.39
N LEU G 108 -1.79 52.70 -10.27
CA LEU G 108 -1.51 51.96 -11.46
C LEU G 108 -2.82 51.87 -12.20
N PRO G 109 -2.80 52.20 -13.48
CA PRO G 109 -4.02 52.08 -14.27
C PRO G 109 -4.53 50.66 -14.29
N ASN G 110 -5.74 50.42 -13.80
CA ASN G 110 -6.32 49.08 -13.88
C ASN G 110 -7.82 49.04 -13.72
N ILE G 111 -8.51 48.31 -14.59
CA ILE G 111 -9.96 48.15 -14.49
C ILE G 111 -10.30 46.67 -14.50
N GLN G 112 -11.26 46.24 -13.70
CA GLN G 112 -11.59 44.80 -13.60
C GLN G 112 -12.19 44.17 -14.85
N SER G 113 -12.07 42.85 -15.03
CA SER G 113 -12.56 42.27 -16.28
C SER G 113 -14.07 42.30 -16.38
N VAL G 114 -14.79 42.19 -15.26
CA VAL G 114 -16.25 42.19 -15.31
C VAL G 114 -16.78 43.57 -15.64
N LEU G 115 -15.99 44.61 -15.41
CA LEU G 115 -16.41 45.97 -15.75
C LEU G 115 -16.23 46.28 -17.23
N LEU G 116 -15.53 45.44 -17.97
CA LEU G 116 -15.39 45.66 -19.41
C LEU G 116 -16.72 45.38 -20.10
N PRO G 117 -17.00 46.07 -21.22
CA PRO G 117 -18.19 45.73 -22.01
C PRO G 117 -18.06 44.35 -22.64
N LYS G 118 -19.20 43.72 -22.88
CA LYS G 118 -19.22 42.38 -23.46
C LYS G 118 -18.85 42.40 -24.94
N THR H 29 20.06 76.57 9.58
CA THR H 29 19.81 76.98 8.22
C THR H 29 20.30 75.91 7.25
N ARG H 30 21.42 75.28 7.57
CA ARG H 30 21.97 74.27 6.67
C ARG H 30 21.12 73.03 6.74
N LYS H 31 20.61 72.59 5.61
CA LYS H 31 19.73 71.43 5.59
C LYS H 31 20.41 70.22 5.00
N GLU H 32 20.58 69.19 5.81
CA GLU H 32 21.29 68.03 5.33
C GLU H 32 20.35 67.08 4.63
N SER H 33 20.66 66.75 3.39
CA SER H 33 19.87 65.82 2.62
C SER H 33 20.73 65.20 1.53
N TYR H 34 20.22 64.13 0.91
CA TYR H 34 20.97 63.32 -0.05
C TYR H 34 20.79 63.80 -1.48
N ALA H 35 20.85 65.12 -1.70
CA ALA H 35 20.55 65.69 -3.02
C ALA H 35 21.61 65.31 -4.05
N ILE H 36 22.85 65.75 -3.83
CA ILE H 36 23.89 65.57 -4.84
C ILE H 36 24.28 64.10 -4.95
N TYR H 37 24.11 63.34 -3.87
CA TYR H 37 24.51 61.92 -3.90
C TYR H 37 23.60 61.10 -4.80
N VAL H 38 22.29 61.26 -4.62
CA VAL H 38 21.34 60.57 -5.49
C VAL H 38 21.42 61.12 -6.90
N TYR H 39 21.71 62.40 -7.05
CA TYR H 39 21.90 62.89 -8.40
C TYR H 39 23.10 62.17 -9.02
N LYS H 40 24.21 62.03 -8.31
CA LYS H 40 25.35 61.39 -8.88
C LYS H 40 24.95 60.01 -9.32
N VAL H 41 24.42 59.22 -8.41
CA VAL H 41 24.15 57.82 -8.75
C VAL H 41 23.15 57.75 -9.91
N LEU H 42 22.29 58.76 -10.04
CA LEU H 42 21.43 58.86 -11.22
C LEU H 42 22.26 59.08 -12.48
N LYS H 43 23.20 59.99 -12.49
CA LYS H 43 23.97 60.07 -13.71
C LYS H 43 24.75 58.75 -13.88
N GLN H 44 25.31 58.18 -12.80
CA GLN H 44 25.99 56.90 -13.00
C GLN H 44 25.09 55.92 -13.74
N VAL H 45 23.80 55.93 -13.42
CA VAL H 45 22.84 55.06 -14.12
C VAL H 45 22.49 55.68 -15.46
N HIS H 46 21.92 56.90 -15.43
CA HIS H 46 21.49 57.60 -16.64
C HIS H 46 22.14 58.98 -16.65
N PRO H 47 23.23 59.16 -17.40
CA PRO H 47 23.83 60.51 -17.49
C PRO H 47 23.16 61.38 -18.55
N ASP H 48 21.83 61.32 -18.63
CA ASP H 48 21.07 62.18 -19.52
C ASP H 48 19.74 62.65 -18.94
N THR H 49 19.36 62.22 -17.75
CA THR H 49 18.00 62.35 -17.26
C THR H 49 17.95 63.38 -16.13
N GLY H 50 16.95 64.26 -16.20
CA GLY H 50 16.70 65.22 -15.14
C GLY H 50 15.90 64.63 -14.00
N ILE H 51 15.62 65.47 -13.00
CA ILE H 51 14.90 65.05 -11.81
C ILE H 51 14.06 66.22 -11.31
N SER H 52 12.85 65.93 -10.85
CA SER H 52 12.02 66.94 -10.21
C SER H 52 12.38 67.08 -8.74
N SER H 53 12.21 68.31 -8.23
CA SER H 53 12.58 68.59 -6.85
C SER H 53 11.68 67.88 -5.85
N LYS H 54 10.40 67.82 -6.20
CA LYS H 54 9.42 67.12 -5.37
C LYS H 54 9.75 65.67 -5.44
N ALA H 55 9.96 65.18 -6.63
CA ALA H 55 10.43 63.81 -6.82
C ALA H 55 11.74 63.56 -6.08
N MET H 56 12.57 64.58 -5.96
CA MET H 56 13.80 64.42 -5.24
C MET H 56 13.38 64.14 -3.84
N SER H 57 12.59 65.01 -3.27
CA SER H 57 12.18 64.85 -1.88
C SER H 57 11.57 63.49 -1.65
N ILE H 58 10.86 62.96 -2.64
CA ILE H 58 10.40 61.57 -2.59
C ILE H 58 11.59 60.64 -2.39
N MET H 59 12.65 60.81 -3.18
CA MET H 59 13.86 59.99 -3.03
C MET H 59 14.53 60.19 -1.67
N ASN H 60 14.61 61.43 -1.19
CA ASN H 60 15.29 61.69 0.08
C ASN H 60 14.54 61.08 1.25
N SER H 61 13.22 61.29 1.31
CA SER H 61 12.41 60.68 2.35
C SER H 61 12.41 59.16 2.24
N PHE H 62 12.50 58.63 1.02
CA PHE H 62 12.49 57.19 0.84
C PHE H 62 13.78 56.56 1.34
N VAL H 63 14.93 57.16 1.02
CA VAL H 63 16.19 56.60 1.51
C VAL H 63 16.31 56.80 3.01
N ASN H 64 15.76 57.90 3.54
CA ASN H 64 15.74 58.09 5.00
C ASN H 64 14.90 57.03 5.68
N ASP H 65 13.74 56.70 5.10
CA ASP H 65 12.84 55.72 5.71
C ASP H 65 13.46 54.33 5.68
N VAL H 66 14.02 53.92 4.53
CA VAL H 66 14.60 52.59 4.46
C VAL H 66 15.85 52.51 5.33
N PHE H 67 16.59 53.62 5.46
CA PHE H 67 17.70 53.68 6.39
C PHE H 67 17.23 53.50 7.82
N GLU H 68 16.12 54.13 8.19
CA GLU H 68 15.58 53.96 9.54
C GLU H 68 15.17 52.52 9.79
N ARG H 69 14.57 51.87 8.81
CA ARG H 69 14.09 50.53 9.03
C ARG H 69 15.24 49.54 9.14
N ILE H 70 16.24 49.67 8.27
CA ILE H 70 17.39 48.78 8.31
C ILE H 70 18.21 49.01 9.59
N ALA H 71 18.35 50.27 10.03
CA ALA H 71 19.15 50.55 11.21
C ALA H 71 18.42 50.14 12.48
N GLY H 72 17.10 50.33 12.51
CA GLY H 72 16.33 49.92 13.67
C GLY H 72 16.31 48.42 13.86
N GLU H 73 16.07 47.69 12.79
CA GLU H 73 16.06 46.25 12.93
C GLU H 73 17.40 45.82 13.44
N ALA H 74 18.45 46.44 12.93
CA ALA H 74 19.78 46.09 13.35
C ALA H 74 19.93 46.34 14.82
N SER H 75 19.51 47.50 15.28
CA SER H 75 19.62 47.82 16.68
C SER H 75 18.92 46.74 17.46
N ARG H 76 17.78 46.29 16.97
CA ARG H 76 17.02 45.30 17.71
C ARG H 76 17.81 44.02 17.75
N LEU H 77 18.17 43.51 16.60
CA LEU H 77 18.92 42.26 16.54
C LEU H 77 19.97 42.26 17.58
N ALA H 78 20.72 43.34 17.64
CA ALA H 78 21.83 43.44 18.57
C ALA H 78 21.32 43.29 19.97
N HIS H 79 20.30 44.08 20.31
CA HIS H 79 19.80 44.05 21.67
C HIS H 79 19.23 42.69 22.03
N TYR H 80 18.90 41.88 21.03
CA TYR H 80 18.41 40.55 21.32
C TYR H 80 19.56 39.64 21.58
N ASN H 81 20.62 39.80 20.80
CA ASN H 81 21.78 38.94 20.94
C ASN H 81 22.72 39.45 22.01
N LYS H 82 22.25 40.36 22.84
CA LYS H 82 23.05 40.87 23.95
C LYS H 82 24.37 41.46 23.49
N ARG H 83 24.43 41.91 22.24
CA ARG H 83 25.63 42.58 21.78
C ARG H 83 25.50 44.05 22.08
N SER H 84 26.39 44.85 21.52
CA SER H 84 26.37 46.26 21.82
C SER H 84 26.81 47.08 20.65
N THR H 85 27.18 46.43 19.56
CA THR H 85 27.71 47.18 18.44
C THR H 85 27.09 46.82 17.09
N ILE H 86 26.97 47.78 16.21
CA ILE H 86 26.28 47.50 14.97
C ILE H 86 27.31 47.11 13.96
N THR H 87 27.55 45.81 13.86
CA THR H 87 28.53 45.33 12.92
C THR H 87 27.93 45.29 11.55
N SER H 88 28.76 45.20 10.53
CA SER H 88 28.24 45.08 9.19
C SER H 88 27.37 43.86 9.11
N ARG H 89 27.58 42.93 10.02
CA ARG H 89 26.80 41.71 10.02
C ARG H 89 25.36 42.01 10.32
N GLU H 90 25.10 42.86 11.31
CA GLU H 90 23.73 43.09 11.67
C GLU H 90 23.04 43.71 10.48
N ILE H 91 23.66 44.71 9.87
CA ILE H 91 23.01 45.39 8.79
C ILE H 91 22.60 44.38 7.73
N GLN H 92 23.26 43.25 7.71
CA GLN H 92 22.94 42.24 6.72
C GLN H 92 21.76 41.42 7.18
N THR H 93 21.91 40.74 8.31
CA THR H 93 20.79 39.99 8.86
C THR H 93 19.59 40.86 8.70
N ALA H 94 19.78 42.15 8.89
CA ALA H 94 18.68 43.09 8.73
C ALA H 94 18.22 43.21 7.29
N VAL H 95 19.12 43.58 6.38
CA VAL H 95 18.70 43.80 5.01
C VAL H 95 17.98 42.58 4.50
N ARG H 96 18.32 41.41 5.03
CA ARG H 96 17.74 40.18 4.56
C ARG H 96 16.49 39.90 5.32
N LEU H 97 16.23 40.66 6.35
CA LEU H 97 15.01 40.49 7.12
C LEU H 97 13.97 41.50 6.72
N LEU H 98 14.40 42.64 6.19
CA LEU H 98 13.50 43.70 5.77
C LEU H 98 13.29 43.71 4.26
N LEU H 99 14.30 44.09 3.49
CA LEU H 99 14.15 44.07 2.05
C LEU H 99 13.57 42.74 1.71
N PRO H 100 12.64 42.71 0.78
CA PRO H 100 11.94 41.47 0.50
C PRO H 100 12.47 40.74 -0.70
N GLY H 101 12.46 39.43 -0.64
CA GLY H 101 12.87 38.64 -1.79
C GLY H 101 14.19 38.97 -2.42
N GLU H 102 14.21 39.06 -3.73
CA GLU H 102 15.46 39.27 -4.42
C GLU H 102 16.07 40.59 -4.06
N LEU H 103 15.27 41.61 -3.86
CA LEU H 103 15.87 42.91 -3.61
C LEU H 103 16.96 42.73 -2.61
N ALA H 104 16.83 41.70 -1.77
CA ALA H 104 17.82 41.46 -0.76
C ALA H 104 19.11 40.93 -1.30
N LYS H 105 19.03 39.84 -2.03
CA LYS H 105 20.23 39.22 -2.51
C LYS H 105 21.10 40.25 -3.18
N HIS H 106 20.53 41.08 -4.01
CA HIS H 106 21.33 42.04 -4.74
C HIS H 106 21.81 43.13 -3.82
N ALA H 107 21.13 43.32 -2.70
CA ALA H 107 21.58 44.31 -1.72
C ALA H 107 22.76 43.73 -1.00
N VAL H 108 22.60 42.55 -0.45
CA VAL H 108 23.71 41.92 0.21
C VAL H 108 24.90 41.94 -0.73
N SER H 109 24.81 41.26 -1.85
CA SER H 109 25.95 41.16 -2.76
C SER H 109 26.68 42.50 -2.89
N GLU H 110 25.93 43.57 -3.11
CA GLU H 110 26.57 44.88 -3.32
C GLU H 110 27.16 45.40 -2.01
N GLY H 111 26.50 45.14 -0.87
CA GLY H 111 27.07 45.57 0.39
C GLY H 111 28.33 44.81 0.76
N THR H 112 28.35 43.50 0.49
CA THR H 112 29.54 42.71 0.75
C THR H 112 30.70 43.12 -0.15
N LYS H 113 30.45 43.39 -1.44
CA LYS H 113 31.55 43.82 -2.28
C LYS H 113 31.98 45.25 -1.94
N ALA H 114 31.05 46.06 -1.42
CA ALA H 114 31.40 47.41 -0.98
C ALA H 114 32.30 47.37 0.25
N VAL H 115 31.95 46.55 1.25
CA VAL H 115 32.80 46.47 2.43
C VAL H 115 34.10 45.74 2.11
N THR H 116 34.08 44.84 1.13
CA THR H 116 35.31 44.22 0.66
C THR H 116 36.23 45.26 0.04
N LYS H 117 35.70 46.19 -0.71
CA LYS H 117 36.55 47.22 -1.27
C LYS H 117 36.96 48.22 -0.19
N TYR H 118 36.13 48.43 0.81
CA TYR H 118 36.52 49.29 1.93
C TYR H 118 37.69 48.71 2.70
N THR H 119 37.67 47.40 2.99
CA THR H 119 38.78 46.79 3.71
C THR H 119 40.00 46.61 2.82
N SER H 120 39.79 46.42 1.51
CA SER H 120 40.93 46.31 0.60
C SER H 120 41.65 47.64 0.47
N ALA H 121 40.90 48.74 0.40
CA ALA H 121 41.50 50.06 0.37
C ALA H 121 41.81 50.59 1.76
N LYS H 122 41.48 49.82 2.80
CA LYS H 122 41.71 50.16 4.21
C LYS H 122 41.03 51.48 4.58
N SER K 661 -11.43 -61.16 17.03
CA SER K 661 -11.44 -60.91 15.60
C SER K 661 -12.69 -60.15 15.18
N LEU K 662 -13.85 -60.71 15.55
CA LEU K 662 -15.12 -60.05 15.25
C LEU K 662 -15.28 -58.74 16.00
N ASN K 663 -14.86 -58.70 17.27
CA ASN K 663 -15.08 -57.52 18.11
C ASN K 663 -14.34 -56.31 17.57
N GLU K 664 -13.10 -56.49 17.13
CA GLU K 664 -12.36 -55.38 16.55
C GLU K 664 -12.98 -54.92 15.24
N GLU K 665 -13.54 -55.86 14.46
CA GLU K 665 -14.19 -55.52 13.21
C GLU K 665 -15.43 -54.66 13.43
N VAL K 666 -16.24 -54.99 14.45
CA VAL K 666 -17.42 -54.17 14.70
C VAL K 666 -17.10 -52.90 15.49
N THR K 667 -15.98 -52.87 16.21
CA THR K 667 -15.62 -51.75 17.06
C THR K 667 -14.64 -50.78 16.37
N PHE K 668 -14.25 -51.07 15.13
CA PHE K 668 -13.24 -50.24 14.47
C PHE K 668 -13.73 -48.82 14.22
N PHE K 669 -14.99 -48.66 13.80
CA PHE K 669 -15.44 -47.36 13.34
C PHE K 669 -15.59 -46.34 14.47
N GLU K 670 -16.21 -46.72 15.58
CA GLU K 670 -16.42 -45.70 16.60
C GLU K 670 -15.17 -45.50 17.44
N LYS K 671 -14.27 -46.49 17.49
CA LYS K 671 -12.97 -46.24 18.10
C LYS K 671 -12.12 -45.33 17.21
N ALA K 672 -12.28 -45.44 15.89
CA ALA K 672 -11.64 -44.48 14.98
C ALA K 672 -12.23 -43.09 15.18
N LYS K 673 -13.56 -43.01 15.39
CA LYS K 673 -14.20 -41.73 15.65
C LYS K 673 -13.69 -41.11 16.95
N ARG K 674 -13.51 -41.94 17.98
CA ARG K 674 -12.96 -41.46 19.24
C ARG K 674 -11.52 -40.98 19.06
N TYR K 675 -10.72 -41.68 18.25
CA TYR K 675 -9.35 -41.23 18.02
C TYR K 675 -9.30 -39.96 17.17
N ILE K 676 -10.28 -39.75 16.29
CA ILE K 676 -10.28 -38.56 15.43
C ILE K 676 -10.41 -37.30 16.28
N GLY K 677 -11.35 -37.29 17.21
CA GLY K 677 -11.56 -36.12 18.02
C GLY K 677 -12.64 -35.20 17.49
N ASN K 678 -12.22 -34.20 16.71
CA ASN K 678 -13.14 -33.22 16.17
C ASN K 678 -14.11 -33.89 15.22
N LYS K 679 -15.38 -33.47 15.26
CA LYS K 679 -16.39 -34.09 14.41
C LYS K 679 -16.27 -33.67 12.96
N HIS K 680 -15.63 -32.52 12.67
CA HIS K 680 -15.44 -32.12 11.28
C HIS K 680 -14.42 -33.02 10.60
N LEU K 681 -13.35 -33.37 11.32
CA LEU K 681 -12.36 -34.29 10.77
C LEU K 681 -12.95 -35.67 10.56
N TYR K 682 -13.85 -36.10 11.45
CA TYR K 682 -14.54 -37.37 11.24
C TYR K 682 -15.52 -37.30 10.08
N THR K 683 -16.13 -36.14 9.87
CA THR K 683 -16.99 -35.94 8.71
C THR K 683 -16.20 -36.07 7.42
N GLU K 684 -15.02 -35.43 7.35
CA GLU K 684 -14.17 -35.58 6.19
C GLU K 684 -13.60 -37.00 6.05
N PHE K 685 -13.37 -37.69 7.17
CA PHE K 685 -12.96 -39.10 7.13
C PHE K 685 -14.04 -40.00 6.54
N LEU K 686 -15.30 -39.78 6.93
CA LEU K 686 -16.40 -40.50 6.33
C LEU K 686 -16.58 -40.13 4.86
N LYS K 687 -16.31 -38.87 4.50
CA LYS K 687 -16.31 -38.49 3.10
C LYS K 687 -15.24 -39.24 2.31
N ILE K 688 -14.05 -39.40 2.89
CA ILE K 688 -12.99 -40.19 2.26
C ILE K 688 -13.42 -41.63 2.08
N LEU K 689 -13.99 -42.24 3.12
CA LEU K 689 -14.44 -43.62 3.06
C LEU K 689 -15.62 -43.82 2.11
N ASN K 690 -16.44 -42.79 1.89
CA ASN K 690 -17.48 -42.84 0.87
C ASN K 690 -16.92 -42.69 -0.53
N LEU K 691 -15.96 -41.78 -0.73
CA LEU K 691 -15.35 -41.60 -2.04
C LEU K 691 -14.61 -42.84 -2.48
N TYR K 692 -14.03 -43.58 -1.53
CA TYR K 692 -13.45 -44.87 -1.86
C TYR K 692 -14.54 -45.88 -2.22
N SER K 693 -15.66 -45.84 -1.50
CA SER K 693 -16.73 -46.79 -1.71
C SER K 693 -17.52 -46.55 -3.00
N GLN K 694 -17.34 -45.40 -3.64
CA GLN K 694 -18.05 -45.08 -4.87
C GLN K 694 -17.25 -45.42 -6.11
N ASP K 695 -16.18 -46.21 -5.97
CA ASP K 695 -15.25 -46.55 -7.05
C ASP K 695 -14.66 -45.28 -7.68
N ILE K 696 -14.36 -44.29 -6.85
CA ILE K 696 -13.75 -43.04 -7.29
C ILE K 696 -12.33 -42.92 -6.76
N LEU K 697 -12.16 -43.02 -5.45
CA LEU K 697 -10.83 -42.96 -4.87
C LEU K 697 -10.12 -44.30 -5.01
N ASP K 698 -8.85 -44.24 -5.38
CA ASP K 698 -8.02 -45.43 -5.53
C ASP K 698 -7.53 -45.89 -4.15
N LEU K 699 -7.19 -47.17 -4.06
CA LEU K 699 -6.75 -47.76 -2.80
C LEU K 699 -5.50 -47.09 -2.24
N ASP K 700 -4.58 -46.69 -3.13
CA ASP K 700 -3.34 -46.06 -2.69
C ASP K 700 -3.61 -44.73 -2.00
N ASP K 701 -4.46 -43.89 -2.60
CA ASP K 701 -4.77 -42.61 -1.99
C ASP K 701 -5.63 -42.77 -0.75
N LEU K 702 -6.48 -43.81 -0.70
CA LEU K 702 -7.24 -44.08 0.51
C LEU K 702 -6.31 -44.46 1.66
N VAL K 703 -5.32 -45.31 1.38
CA VAL K 703 -4.33 -45.68 2.40
C VAL K 703 -3.52 -44.48 2.82
N GLU K 704 -3.17 -43.59 1.88
CA GLU K 704 -2.46 -42.36 2.22
C GLU K 704 -3.29 -41.44 3.11
N LYS K 705 -4.58 -41.30 2.81
CA LYS K 705 -5.45 -40.45 3.61
C LYS K 705 -5.64 -41.01 5.02
N VAL K 706 -5.82 -42.33 5.14
CA VAL K 706 -5.94 -42.95 6.46
C VAL K 706 -4.61 -42.86 7.22
N ASP K 707 -3.48 -42.94 6.51
CA ASP K 707 -2.18 -42.74 7.13
C ASP K 707 -2.06 -41.34 7.69
N PHE K 708 -2.55 -40.34 6.96
CA PHE K 708 -2.58 -38.99 7.49
C PHE K 708 -3.61 -38.83 8.60
N TYR K 709 -4.60 -39.73 8.67
CA TYR K 709 -5.64 -39.65 9.69
C TYR K 709 -5.28 -40.41 10.96
N LEU K 710 -4.80 -41.65 10.82
CA LEU K 710 -4.51 -42.52 11.95
C LEU K 710 -3.05 -42.95 11.95
N GLY K 711 -2.14 -42.01 11.71
CA GLY K 711 -0.72 -42.35 11.66
C GLY K 711 -0.13 -42.70 13.01
N SER K 712 -0.45 -41.89 14.04
CA SER K 712 0.15 -42.13 15.35
C SER K 712 -0.46 -43.34 16.04
N ASN K 713 -1.72 -43.66 15.74
CA ASN K 713 -2.32 -44.91 16.19
C ASN K 713 -1.77 -46.02 15.32
N LYS K 714 -0.66 -46.63 15.77
CA LYS K 714 0.00 -47.65 14.98
C LYS K 714 -0.82 -48.93 14.92
N GLU K 715 -1.48 -49.30 16.02
CA GLU K 715 -2.24 -50.54 16.05
C GLU K 715 -3.48 -50.45 15.17
N LEU K 716 -4.22 -49.34 15.25
CA LEU K 716 -5.42 -49.17 14.41
C LEU K 716 -5.05 -49.08 12.94
N PHE K 717 -4.13 -48.22 12.57
CA PHE K 717 -3.85 -48.04 11.16
C PHE K 717 -3.24 -49.30 10.56
N THR K 718 -2.95 -50.28 11.38
CA THR K 718 -2.46 -51.53 10.85
C THR K 718 -3.64 -52.42 10.66
N TRP K 719 -4.58 -52.38 11.59
CA TRP K 719 -5.76 -53.15 11.41
C TRP K 719 -6.28 -52.79 10.04
N PHE K 720 -6.51 -51.51 9.81
CA PHE K 720 -7.03 -51.07 8.54
C PHE K 720 -6.06 -51.38 7.44
N LYS K 721 -4.78 -51.12 7.65
CA LYS K 721 -3.85 -51.28 6.55
C LYS K 721 -4.03 -52.65 5.96
N ASN K 722 -4.36 -53.63 6.78
CA ASN K 722 -4.50 -54.96 6.30
C ASN K 722 -5.95 -55.37 6.19
N PHE K 723 -6.78 -54.90 7.11
CA PHE K 723 -8.18 -55.25 7.06
C PHE K 723 -8.59 -54.91 5.70
N VAL K 724 -7.76 -54.13 5.06
CA VAL K 724 -8.18 -53.66 3.75
C VAL K 724 -7.51 -54.48 2.66
N GLY K 725 -6.22 -54.78 2.82
CA GLY K 725 -5.51 -55.58 1.85
C GLY K 725 -4.64 -54.76 0.91
N TYR K 726 -3.88 -53.83 1.46
CA TYR K 726 -2.94 -53.04 0.68
C TYR K 726 -1.56 -53.67 0.77
N GLN K 727 -0.92 -53.84 -0.38
CA GLN K 727 0.40 -54.44 -0.48
C GLN K 727 1.40 -53.38 -0.90
N GLU K 728 2.49 -53.26 -0.15
CA GLU K 728 3.53 -52.28 -0.45
C GLU K 728 4.46 -52.78 -1.56
N CYS K 748 2.67 -44.61 -10.78
CA CYS K 748 3.66 -43.56 -11.03
C CYS K 748 2.98 -42.26 -11.44
N GLU K 749 3.53 -41.62 -12.48
CA GLU K 749 3.03 -40.36 -13.04
C GLU K 749 2.94 -39.26 -11.99
N ALA K 750 4.00 -39.15 -11.18
CA ALA K 750 4.10 -38.11 -10.16
C ALA K 750 4.74 -36.89 -10.81
N PHE K 751 3.89 -36.00 -11.32
CA PHE K 751 4.38 -34.85 -12.07
C PHE K 751 4.95 -33.78 -11.16
N GLY K 752 4.36 -33.59 -9.99
CA GLY K 752 4.76 -32.53 -9.10
C GLY K 752 3.89 -31.30 -9.30
N PRO K 753 3.95 -30.36 -8.35
CA PRO K 753 3.02 -29.23 -8.39
C PRO K 753 3.48 -28.09 -9.29
N SER K 754 4.76 -28.05 -9.62
CA SER K 754 5.35 -26.87 -10.24
C SER K 754 5.78 -27.11 -11.68
N TYR K 755 5.10 -28.01 -12.40
CA TYR K 755 5.38 -28.22 -13.81
C TYR K 755 4.07 -28.54 -14.53
N LYS K 756 3.90 -27.97 -15.72
CA LYS K 756 2.76 -28.28 -16.55
C LYS K 756 3.22 -28.54 -17.97
N ARG K 757 2.43 -29.32 -18.70
CA ARG K 757 2.84 -29.85 -19.99
C ARG K 757 2.30 -28.97 -21.11
N LEU K 758 3.19 -28.50 -21.97
CA LEU K 758 2.81 -27.76 -23.16
C LEU K 758 2.29 -28.72 -24.24
N PRO K 759 1.47 -28.24 -25.16
CA PRO K 759 1.07 -29.07 -26.30
C PRO K 759 2.21 -29.23 -27.29
N LYS K 760 1.98 -30.09 -28.27
CA LYS K 760 2.99 -30.31 -29.31
C LYS K 760 3.13 -29.11 -30.25
N SER K 761 2.16 -28.20 -30.25
CA SER K 761 2.28 -26.99 -31.06
C SER K 761 3.32 -26.03 -30.49
N ASP K 762 3.35 -25.88 -29.17
CA ASP K 762 4.30 -24.96 -28.54
C ASP K 762 5.71 -25.52 -28.49
N THR K 763 5.86 -26.85 -28.62
CA THR K 763 7.19 -27.45 -28.61
C THR K 763 7.98 -27.11 -29.86
N PHE K 764 7.30 -27.05 -31.02
CA PHE K 764 7.97 -26.86 -32.30
C PHE K 764 8.39 -25.40 -32.45
N MET K 765 9.54 -25.08 -31.86
CA MET K 765 10.15 -23.77 -32.01
C MET K 765 11.61 -23.95 -32.41
N PRO K 766 12.09 -23.22 -33.43
CA PRO K 766 13.39 -23.53 -34.03
C PRO K 766 14.55 -23.21 -33.11
N CYS K 767 15.32 -24.24 -32.77
CA CYS K 767 16.61 -24.12 -32.10
C CYS K 767 17.64 -24.64 -33.09
N SER K 768 18.38 -23.73 -33.73
CA SER K 768 19.22 -24.11 -34.87
C SER K 768 20.41 -24.96 -34.44
N GLY K 769 20.89 -24.80 -33.22
CA GLY K 769 22.07 -25.51 -32.80
C GLY K 769 21.87 -26.91 -32.30
N ARG K 770 20.64 -27.41 -32.28
CA ARG K 770 20.34 -28.70 -31.68
C ARG K 770 20.53 -29.82 -32.69
N ASP K 771 21.29 -30.83 -32.29
CA ASP K 771 21.39 -32.08 -33.04
C ASP K 771 20.41 -33.08 -32.46
N ASP K 772 20.54 -34.35 -32.87
CA ASP K 772 19.62 -35.38 -32.41
C ASP K 772 19.74 -35.63 -30.91
N MET K 773 20.96 -35.59 -30.38
CA MET K 773 21.17 -35.80 -28.95
C MET K 773 20.55 -34.66 -28.14
N CYS K 774 20.69 -33.42 -28.63
CA CYS K 774 20.07 -32.28 -27.97
C CYS K 774 18.56 -32.37 -27.98
N TRP K 775 17.98 -32.84 -29.09
CA TRP K 775 16.54 -33.03 -29.13
C TRP K 775 16.09 -34.20 -28.29
N GLU K 776 16.99 -35.14 -27.99
CA GLU K 776 16.63 -36.29 -27.15
C GLU K 776 16.70 -35.98 -25.66
N VAL K 777 17.74 -35.27 -25.21
CA VAL K 777 17.98 -35.11 -23.78
C VAL K 777 17.39 -33.84 -23.20
N LEU K 778 16.90 -32.92 -24.03
CA LEU K 778 16.37 -31.66 -23.53
C LEU K 778 14.86 -31.70 -23.47
N ASN K 779 14.30 -31.19 -22.37
CA ASN K 779 12.86 -31.16 -22.17
C ASN K 779 12.30 -29.87 -22.72
N ASP K 780 11.31 -29.98 -23.60
CA ASP K 780 10.67 -28.82 -24.20
C ASP K 780 9.16 -28.79 -23.99
N GLU K 781 8.59 -29.81 -23.36
CA GLU K 781 7.15 -29.87 -23.12
C GLU K 781 6.75 -29.48 -21.71
N TRP K 782 7.54 -29.85 -20.71
CA TRP K 782 7.25 -29.54 -19.33
C TRP K 782 8.01 -28.29 -18.92
N VAL K 783 7.28 -27.27 -18.46
CA VAL K 783 7.86 -25.98 -18.13
C VAL K 783 7.38 -25.53 -16.76
N GLY K 784 8.12 -24.60 -16.18
CA GLY K 784 7.72 -23.98 -14.94
C GLY K 784 8.13 -22.52 -14.94
N HIS K 785 7.37 -21.71 -14.20
CA HIS K 785 7.61 -20.28 -14.12
C HIS K 785 7.44 -19.84 -12.67
N PRO K 786 8.17 -18.80 -12.25
CA PRO K 786 7.92 -18.23 -10.92
C PRO K 786 6.52 -17.68 -10.73
N VAL K 787 5.90 -17.16 -11.79
CA VAL K 787 4.53 -16.64 -11.68
C VAL K 787 3.54 -17.77 -11.43
N TRP K 788 3.76 -18.93 -12.07
CA TRP K 788 2.88 -20.07 -11.84
C TRP K 788 3.08 -20.65 -10.45
N ALA K 789 4.32 -20.69 -9.97
CA ALA K 789 4.59 -21.23 -8.65
C ALA K 789 4.16 -20.28 -7.54
N SER K 790 4.04 -18.99 -7.85
CA SER K 790 3.57 -18.02 -6.87
C SER K 790 2.07 -17.99 -6.72
N GLU K 791 1.34 -18.69 -7.60
CA GLU K 791 -0.11 -18.59 -7.72
C GLU K 791 -0.54 -17.14 -7.95
N ASP K 792 0.32 -16.40 -8.67
CA ASP K 792 0.06 -15.00 -9.08
C ASP K 792 0.10 -14.02 -7.98
N SER K 793 0.72 -14.37 -6.89
CA SER K 793 0.74 -13.58 -5.67
C SER K 793 2.05 -12.83 -5.47
N GLY K 794 3.17 -13.53 -5.55
CA GLY K 794 4.47 -12.91 -5.43
C GLY K 794 5.39 -13.75 -4.58
N PHE K 795 6.49 -13.14 -4.15
CA PHE K 795 7.50 -13.80 -3.34
C PHE K 795 7.79 -12.95 -2.11
N ILE K 796 8.32 -13.58 -1.08
CA ILE K 796 8.70 -12.91 0.16
C ILE K 796 10.22 -12.82 0.20
N ALA K 797 10.73 -11.59 0.15
CA ALA K 797 12.16 -11.37 0.32
C ALA K 797 12.54 -11.54 1.79
N HIS K 798 13.79 -11.91 2.01
CA HIS K 798 14.31 -12.07 3.36
C HIS K 798 14.56 -10.70 3.99
N ARG K 799 14.11 -10.51 5.22
CA ARG K 799 14.26 -9.22 5.87
C ARG K 799 15.68 -8.99 6.33
N LYS K 800 16.22 -7.81 6.00
CA LYS K 800 17.60 -7.50 6.37
C LYS K 800 17.67 -6.31 7.31
N ASN K 801 18.64 -6.31 8.22
CA ASN K 801 18.84 -5.21 9.15
C ASN K 801 19.14 -3.90 8.43
N GLN K 802 18.98 -2.77 9.10
CA GLN K 802 19.36 -1.49 8.49
C GLN K 802 20.88 -1.40 8.37
N TYR K 803 21.61 -2.08 9.24
CA TYR K 803 23.06 -2.19 9.09
C TYR K 803 23.42 -3.03 7.88
N GLU K 804 22.66 -4.08 7.62
CA GLU K 804 22.90 -4.85 6.41
C GLU K 804 22.57 -4.01 5.18
N GLU K 805 21.50 -3.23 5.23
CA GLU K 805 21.15 -2.38 4.09
C GLU K 805 22.21 -1.32 3.82
N THR K 806 22.77 -0.71 4.87
CA THR K 806 23.81 0.28 4.61
C THR K 806 25.13 -0.38 4.22
N LEU K 807 25.36 -1.63 4.64
CA LEU K 807 26.50 -2.39 4.12
C LEU K 807 26.32 -2.66 2.63
N PHE K 808 25.11 -2.99 2.21
CA PHE K 808 24.81 -3.17 0.79
C PHE K 808 24.99 -1.88 0.01
N LYS K 809 24.61 -0.75 0.59
CA LYS K 809 24.84 0.55 -0.04
C LYS K 809 26.32 0.88 -0.18
N ILE K 810 27.11 0.59 0.85
CA ILE K 810 28.57 0.76 0.78
C ILE K 810 29.16 -0.10 -0.33
N GLU K 811 28.75 -1.37 -0.40
CA GLU K 811 29.18 -2.25 -1.47
C GLU K 811 28.75 -1.76 -2.84
N GLU K 812 27.54 -1.18 -2.92
CA GLU K 812 27.04 -0.65 -4.18
C GLU K 812 27.89 0.51 -4.69
N GLU K 813 28.23 1.42 -3.78
CA GLU K 813 29.07 2.56 -4.14
C GLU K 813 30.49 2.10 -4.52
N ARG K 814 31.01 1.13 -3.77
CA ARG K 814 32.30 0.51 -4.08
C ARG K 814 32.30 -0.09 -5.48
N HIS K 815 31.25 -0.83 -5.80
CA HIS K 815 31.13 -1.48 -7.11
C HIS K 815 31.03 -0.44 -8.21
N GLU K 816 30.28 0.63 -7.98
CA GLU K 816 30.16 1.72 -8.95
C GLU K 816 31.52 2.31 -9.30
N TYR K 817 32.26 2.69 -8.26
CA TYR K 817 33.58 3.29 -8.47
C TYR K 817 34.54 2.32 -9.14
N ASP K 818 34.57 1.06 -8.68
CA ASP K 818 35.54 0.10 -9.21
C ASP K 818 35.19 -0.33 -10.63
N PHE K 819 33.90 -0.51 -10.93
CA PHE K 819 33.47 -0.83 -12.27
C PHE K 819 33.87 0.27 -13.25
N TYR K 820 33.60 1.53 -12.88
CA TYR K 820 33.93 2.63 -13.77
C TYR K 820 35.43 2.78 -13.96
N ILE K 821 36.19 2.68 -12.87
CA ILE K 821 37.64 2.84 -12.92
C ILE K 821 38.30 1.71 -13.70
N GLU K 822 37.87 0.46 -13.49
CA GLU K 822 38.51 -0.66 -14.20
C GLU K 822 38.12 -0.69 -15.67
N SER K 823 36.88 -0.31 -16.02
CA SER K 823 36.54 -0.19 -17.43
C SER K 823 37.37 0.89 -18.11
N ASN K 824 37.55 2.03 -17.43
CA ASN K 824 38.37 3.10 -17.98
C ASN K 824 39.84 2.68 -18.09
N LEU K 825 40.32 1.88 -17.13
CA LEU K 825 41.70 1.42 -17.17
C LEU K 825 41.93 0.43 -18.29
N ARG K 826 40.96 -0.45 -18.55
CA ARG K 826 41.06 -1.36 -19.69
C ARG K 826 41.08 -0.60 -21.00
N THR K 827 40.22 0.44 -21.11
CA THR K 827 40.24 1.27 -22.31
C THR K 827 41.55 2.05 -22.44
N ILE K 828 42.14 2.48 -21.32
CA ILE K 828 43.43 3.15 -21.35
C ILE K 828 44.52 2.20 -21.83
N GLN K 829 44.48 0.95 -21.37
CA GLN K 829 45.47 -0.03 -21.83
C GLN K 829 45.36 -0.29 -23.33
N CYS K 830 44.14 -0.44 -23.84
CA CYS K 830 43.96 -0.64 -25.27
C CYS K 830 44.38 0.60 -26.07
N LEU K 831 44.00 1.78 -25.60
CA LEU K 831 44.33 3.02 -26.30
C LEU K 831 45.83 3.29 -26.28
N GLU K 832 46.51 2.93 -25.19
CA GLU K 832 47.95 3.14 -25.11
C GLU K 832 48.71 2.10 -25.93
N THR K 833 48.14 0.90 -26.10
CA THR K 833 48.70 -0.02 -27.07
C THR K 833 48.60 0.54 -28.49
N ILE K 834 47.44 1.13 -28.82
CA ILE K 834 47.27 1.76 -30.13
C ILE K 834 48.22 2.95 -30.29
N VAL K 835 48.42 3.70 -29.21
CA VAL K 835 49.27 4.89 -29.27
C VAL K 835 50.74 4.52 -29.44
N ASN K 836 51.22 3.52 -28.69
CA ASN K 836 52.61 3.12 -28.87
C ASN K 836 52.82 2.36 -30.18
N LYS K 837 51.76 1.82 -30.77
CA LYS K 837 51.87 1.30 -32.13
C LYS K 837 51.98 2.44 -33.14
N ILE K 838 51.18 3.49 -32.99
CA ILE K 838 51.12 4.53 -34.00
C ILE K 838 52.28 5.53 -33.86
N GLU K 839 52.93 5.60 -32.71
CA GLU K 839 54.05 6.51 -32.55
C GLU K 839 55.26 6.08 -33.37
N ASN K 840 55.50 4.77 -33.45
CA ASN K 840 56.68 4.25 -34.13
C ASN K 840 56.40 3.93 -35.60
N MET K 841 55.82 4.89 -36.32
CA MET K 841 55.69 4.81 -37.77
C MET K 841 55.54 6.23 -38.31
N THR K 842 55.91 6.41 -39.58
CA THR K 842 55.92 7.75 -40.16
C THR K 842 54.52 8.17 -40.60
N GLU K 843 54.42 9.37 -41.15
CA GLU K 843 53.14 10.02 -41.36
C GLU K 843 52.54 9.76 -42.73
N ASN K 844 53.27 9.12 -43.66
CA ASN K 844 52.74 8.97 -45.01
C ASN K 844 51.67 7.89 -45.08
N GLU K 845 51.73 6.89 -44.19
CA GLU K 845 50.68 5.89 -44.09
C GLU K 845 49.85 6.05 -42.83
N LYS K 846 50.17 7.02 -41.97
CA LYS K 846 49.37 7.28 -40.79
C LYS K 846 48.03 7.93 -41.14
N ALA K 847 47.88 8.49 -42.34
CA ALA K 847 46.63 9.11 -42.72
C ALA K 847 45.55 8.08 -43.02
N ASN K 848 45.90 6.98 -43.71
CA ASN K 848 44.93 5.96 -44.06
C ASN K 848 44.86 4.79 -43.09
N PHE K 849 45.58 4.88 -41.96
CA PHE K 849 45.50 3.84 -40.95
C PHE K 849 44.16 3.90 -40.24
N LYS K 850 43.46 2.77 -40.21
CA LYS K 850 42.14 2.66 -39.59
C LYS K 850 42.17 1.67 -38.44
N LEU K 851 41.08 1.64 -37.69
CA LEU K 851 40.92 0.73 -36.56
C LEU K 851 39.62 -0.04 -36.69
N PRO K 852 39.64 -1.36 -36.54
CA PRO K 852 38.40 -2.14 -36.62
C PRO K 852 37.55 -1.93 -35.37
N PRO K 853 36.25 -2.22 -35.47
CA PRO K 853 35.41 -2.28 -34.27
C PRO K 853 36.01 -3.18 -33.19
N GLY K 854 36.04 -2.67 -31.97
CA GLY K 854 36.64 -3.43 -30.89
C GLY K 854 38.08 -3.04 -30.71
N LEU K 855 38.61 -2.26 -31.64
CA LEU K 855 39.97 -1.79 -31.51
C LEU K 855 40.86 -2.97 -31.30
N GLY K 856 40.51 -4.09 -31.92
CA GLY K 856 41.34 -5.27 -31.82
C GLY K 856 41.30 -5.90 -30.46
N HIS K 857 40.28 -5.57 -29.68
CA HIS K 857 40.16 -6.11 -28.35
C HIS K 857 39.07 -7.16 -28.31
N THR K 858 39.04 -7.94 -27.26
CA THR K 858 38.06 -9.01 -27.17
C THR K 858 36.64 -8.50 -26.91
N SER K 859 36.51 -7.22 -26.61
CA SER K 859 35.19 -6.65 -26.40
C SER K 859 34.93 -5.66 -27.47
N MET K 860 33.67 -5.44 -27.76
CA MET K 860 33.32 -4.49 -28.77
C MET K 860 32.51 -3.40 -28.15
N THR K 861 32.24 -3.53 -26.87
CA THR K 861 31.39 -2.53 -26.23
C THR K 861 32.00 -1.81 -25.05
N ILE K 862 33.07 -2.31 -24.44
CA ILE K 862 33.60 -1.71 -23.21
C ILE K 862 34.15 -0.32 -23.47
N TYR K 863 34.96 -0.18 -24.54
CA TYR K 863 35.47 1.13 -24.92
C TYR K 863 34.35 2.07 -25.35
N LYS K 864 33.29 1.52 -25.94
CA LYS K 864 32.12 2.33 -26.27
C LYS K 864 31.45 2.87 -25.02
N LYS K 865 31.31 2.04 -23.97
CA LYS K 865 30.74 2.49 -22.71
C LYS K 865 31.59 3.59 -22.09
N VAL K 866 32.92 3.41 -22.10
CA VAL K 866 33.81 4.39 -21.49
C VAL K 866 33.76 5.71 -22.23
N ILE K 867 33.75 5.66 -23.57
CA ILE K 867 33.68 6.89 -24.36
C ILE K 867 32.33 7.58 -24.17
N ARG K 868 31.23 6.81 -24.18
CA ARG K 868 29.90 7.39 -24.01
C ARG K 868 29.70 7.96 -22.61
N LYS K 869 30.45 7.49 -21.63
CA LYS K 869 30.35 8.09 -20.31
C LYS K 869 31.21 9.34 -20.19
N VAL K 870 32.49 9.24 -20.59
CA VAL K 870 33.45 10.31 -20.34
C VAL K 870 33.10 11.56 -21.14
N TYR K 871 32.79 11.38 -22.42
CA TYR K 871 32.42 12.50 -23.27
C TYR K 871 30.92 12.71 -23.21
N ASP K 872 30.39 13.58 -24.07
CA ASP K 872 28.97 13.87 -24.07
C ASP K 872 28.18 12.71 -24.66
N LYS K 873 26.87 12.71 -24.40
CA LYS K 873 25.99 11.65 -24.88
C LYS K 873 25.88 11.68 -26.40
N GLU K 874 25.61 12.84 -26.98
CA GLU K 874 25.49 12.94 -28.43
C GLU K 874 26.84 12.93 -29.13
N ARG K 875 27.89 13.40 -28.46
CA ARG K 875 29.22 13.46 -29.05
C ARG K 875 30.01 12.18 -28.87
N GLY K 876 29.56 11.27 -28.02
CA GLY K 876 30.27 10.02 -27.83
C GLY K 876 30.25 9.13 -29.05
N PHE K 877 29.10 9.06 -29.73
CA PHE K 877 29.00 8.28 -30.95
C PHE K 877 29.91 8.82 -32.04
N GLU K 878 29.95 10.15 -32.21
CA GLU K 878 30.78 10.72 -33.27
C GLU K 878 32.26 10.65 -32.91
N ILE K 879 32.59 10.64 -31.61
CA ILE K 879 33.98 10.40 -31.22
C ILE K 879 34.36 8.95 -31.49
N ILE K 880 33.45 8.00 -31.27
CA ILE K 880 33.71 6.60 -31.58
C ILE K 880 33.92 6.41 -33.09
N ASP K 881 33.08 7.07 -33.90
CA ASP K 881 33.25 7.00 -35.35
C ASP K 881 34.53 7.68 -35.81
N ALA K 882 34.92 8.79 -35.19
CA ALA K 882 36.17 9.44 -35.54
C ALA K 882 37.37 8.59 -35.14
N LEU K 883 37.25 7.84 -34.04
CA LEU K 883 38.32 6.94 -33.64
C LEU K 883 38.41 5.75 -34.59
N HIS K 884 37.28 5.28 -35.09
CA HIS K 884 37.30 4.17 -36.04
C HIS K 884 37.85 4.61 -37.40
N GLU K 885 37.49 5.82 -37.84
CA GLU K 885 37.90 6.29 -39.15
C GLU K 885 39.29 6.93 -39.14
N HIS K 886 39.54 7.86 -38.23
CA HIS K 886 40.81 8.57 -38.14
C HIS K 886 41.36 8.48 -36.72
N PRO K 887 41.96 7.34 -36.36
CA PRO K 887 42.52 7.21 -35.00
C PRO K 887 43.80 8.00 -34.79
N ALA K 888 44.43 8.51 -35.86
CA ALA K 888 45.72 9.16 -35.75
C ALA K 888 45.66 10.44 -34.92
N VAL K 889 44.58 11.21 -35.08
CA VAL K 889 44.42 12.43 -34.28
C VAL K 889 43.59 12.17 -33.03
N THR K 890 42.61 11.29 -33.11
CA THR K 890 41.66 11.11 -32.01
C THR K 890 42.20 10.23 -30.90
N ALA K 891 43.09 9.29 -31.20
CA ALA K 891 43.60 8.38 -30.17
C ALA K 891 44.40 9.06 -29.05
N PRO K 892 45.37 9.96 -29.31
CA PRO K 892 46.13 10.50 -28.16
C PRO K 892 45.31 11.41 -27.26
N VAL K 893 44.42 12.23 -27.82
CA VAL K 893 43.61 13.11 -27.01
C VAL K 893 42.61 12.32 -26.17
N VAL K 894 42.02 11.27 -26.75
CA VAL K 894 41.13 10.39 -26.00
C VAL K 894 41.88 9.68 -24.89
N LEU K 895 43.10 9.19 -25.17
CA LEU K 895 43.90 8.54 -24.15
C LEU K 895 44.27 9.50 -23.02
N LYS K 896 44.62 10.74 -23.35
CA LYS K 896 44.97 11.73 -22.33
C LYS K 896 43.77 12.07 -21.45
N ARG K 897 42.60 12.28 -22.07
CA ARG K 897 41.40 12.56 -21.31
C ARG K 897 40.99 11.39 -20.43
N LEU K 898 41.12 10.16 -20.95
CA LEU K 898 40.82 8.98 -20.15
C LEU K 898 41.78 8.82 -18.99
N LYS K 899 43.05 9.14 -19.19
CA LYS K 899 44.02 9.03 -18.09
C LYS K 899 43.76 10.08 -17.01
N GLN K 900 43.41 11.31 -17.43
CA GLN K 900 43.05 12.34 -16.47
C GLN K 900 41.82 11.95 -15.67
N LYS K 901 40.80 11.42 -16.36
CA LYS K 901 39.60 10.95 -15.68
C LYS K 901 39.91 9.78 -14.76
N ASP K 902 40.85 8.92 -15.16
CA ASP K 902 41.26 7.78 -14.34
C ASP K 902 41.90 8.25 -13.04
N GLU K 903 42.85 9.18 -13.12
CA GLU K 903 43.53 9.60 -11.90
C GLU K 903 42.61 10.41 -10.99
N GLU K 904 41.70 11.19 -11.58
CA GLU K 904 40.78 11.96 -10.74
C GLU K 904 39.76 11.03 -10.07
N TRP K 905 39.27 10.03 -10.81
CA TRP K 905 38.37 9.03 -10.24
C TRP K 905 39.05 8.21 -9.16
N ARG K 906 40.35 7.90 -9.35
CA ARG K 906 41.06 7.13 -8.33
C ARG K 906 41.31 7.94 -7.07
N ARG K 907 41.59 9.25 -7.19
CA ARG K 907 41.73 10.09 -6.00
C ARG K 907 40.40 10.19 -5.25
N ALA K 908 39.31 10.38 -5.99
CA ALA K 908 37.99 10.39 -5.37
C ALA K 908 37.64 9.04 -4.75
N GLN K 909 38.11 7.95 -5.36
CA GLN K 909 37.85 6.61 -4.84
C GLN K 909 38.62 6.36 -3.56
N ARG K 910 39.85 6.87 -3.45
CA ARG K 910 40.58 6.72 -2.20
C ARG K 910 39.94 7.52 -1.08
N GLU K 911 39.53 8.77 -1.38
CA GLU K 911 38.87 9.58 -0.37
C GLU K 911 37.54 8.97 0.05
N TRP K 912 36.83 8.34 -0.89
CA TRP K 912 35.61 7.61 -0.55
C TRP K 912 35.91 6.30 0.18
N ASN K 913 37.06 5.70 -0.10
CA ASN K 913 37.44 4.43 0.51
C ASN K 913 37.67 4.59 2.00
N LYS K 914 38.22 5.74 2.40
CA LYS K 914 38.34 6.05 3.82
C LYS K 914 36.98 6.02 4.52
N VAL K 915 35.99 6.70 3.93
CA VAL K 915 34.64 6.78 4.50
C VAL K 915 33.98 5.41 4.51
N TRP K 916 34.13 4.65 3.42
CA TRP K 916 33.54 3.32 3.34
C TRP K 916 34.13 2.39 4.37
N ARG K 917 35.45 2.47 4.59
CA ARG K 917 36.10 1.61 5.59
C ARG K 917 35.63 1.95 6.99
N GLU K 918 35.52 3.24 7.31
CA GLU K 918 35.08 3.60 8.66
C GLU K 918 33.62 3.22 8.90
N LEU K 919 32.75 3.36 7.92
CA LEU K 919 31.38 2.92 8.13
C LEU K 919 31.31 1.41 8.20
N GLU K 920 32.11 0.70 7.40
CA GLU K 920 32.12 -0.76 7.52
C GLU K 920 32.53 -1.19 8.93
N GLN K 921 33.57 -0.54 9.49
CA GLN K 921 33.97 -0.84 10.85
C GLN K 921 32.88 -0.50 11.86
N LYS K 922 32.09 0.54 11.58
CA LYS K 922 31.00 0.91 12.47
C LYS K 922 29.80 -0.03 12.36
N VAL K 923 29.60 -0.65 11.19
CA VAL K 923 28.33 -1.26 10.85
C VAL K 923 28.38 -2.79 10.88
N PHE K 924 29.52 -3.38 10.50
CA PHE K 924 29.57 -4.77 10.03
C PHE K 924 29.14 -5.78 11.09
N PHE K 925 29.63 -5.63 12.32
CA PHE K 925 29.34 -6.63 13.34
C PHE K 925 27.89 -6.53 13.82
N LYS K 926 27.32 -5.33 13.83
CA LYS K 926 25.89 -5.21 14.08
C LYS K 926 25.08 -5.80 12.95
N SER K 927 25.57 -5.66 11.71
CA SER K 927 24.88 -6.24 10.56
C SER K 927 24.86 -7.75 10.62
N LEU K 928 25.96 -8.37 11.03
CA LEU K 928 26.01 -9.81 11.17
C LEU K 928 25.24 -10.33 12.37
N ASP K 929 24.81 -9.45 13.27
CA ASP K 929 24.04 -9.83 14.44
C ASP K 929 22.56 -9.79 14.09
N HIS K 930 21.90 -10.94 14.17
CA HIS K 930 20.48 -11.02 13.84
C HIS K 930 19.65 -11.10 15.10
N LEU K 931 19.85 -12.15 15.87
CA LEU K 931 19.07 -12.30 17.09
C LEU K 931 19.46 -11.28 18.14
N GLY K 932 20.71 -10.84 18.14
CA GLY K 932 21.16 -9.88 19.14
C GLY K 932 20.65 -8.47 18.92
N LEU K 933 20.28 -8.13 17.69
CA LEU K 933 19.75 -6.80 17.43
C LEU K 933 18.36 -6.63 18.01
N THR K 934 17.64 -7.74 18.16
CA THR K 934 16.30 -7.69 18.71
C THR K 934 16.19 -8.48 19.99
N PHE K 935 17.32 -8.75 20.64
CA PHE K 935 17.29 -9.57 21.84
C PHE K 935 16.77 -8.81 23.05
N LYS K 936 16.89 -7.50 23.06
CA LYS K 936 16.49 -6.81 24.25
C LYS K 936 14.97 -6.76 24.36
N GLN K 937 14.26 -6.43 23.28
CA GLN K 937 12.80 -6.43 23.32
C GLN K 937 12.26 -7.86 23.43
N ALA K 938 12.94 -8.81 22.80
CA ALA K 938 12.53 -10.22 22.92
C ALA K 938 12.69 -10.72 24.35
N ASP K 939 13.78 -10.33 25.02
CA ASP K 939 13.97 -10.73 26.41
C ASP K 939 13.00 -10.02 27.34
N LYS K 940 12.65 -8.77 27.02
CA LYS K 940 11.63 -8.08 27.80
C LYS K 940 10.26 -8.75 27.66
N LYS K 941 9.92 -9.19 26.44
CA LYS K 941 8.63 -9.80 26.18
C LYS K 941 8.54 -11.23 26.69
N LEU K 942 9.62 -12.01 26.56
CA LEU K 942 9.54 -13.44 26.78
C LEU K 942 10.10 -13.92 28.10
N LEU K 943 10.87 -13.11 28.81
CA LEU K 943 11.30 -13.48 30.16
C LEU K 943 10.37 -12.85 31.20
N THR K 944 9.09 -13.18 31.05
CA THR K 944 8.04 -12.72 31.95
C THR K 944 7.45 -13.91 32.67
N THR K 945 6.49 -13.63 33.55
CA THR K 945 5.82 -14.69 34.29
C THR K 945 4.95 -15.54 33.37
N LYS K 946 4.25 -14.90 32.43
CA LYS K 946 3.28 -15.61 31.58
C LYS K 946 3.98 -16.62 30.68
N GLN K 947 5.12 -16.24 30.08
CA GLN K 947 5.82 -17.16 29.18
C GLN K 947 6.47 -18.30 29.95
N LEU K 948 7.01 -18.02 31.14
CA LEU K 948 7.63 -19.06 31.93
C LEU K 948 6.60 -20.04 32.48
N ILE K 949 5.39 -19.57 32.78
CA ILE K 949 4.31 -20.48 33.11
C ILE K 949 3.88 -21.27 31.87
N SER K 950 3.90 -20.62 30.71
CA SER K 950 3.45 -21.25 29.47
C SER K 950 4.37 -22.40 29.07
N GLU K 951 5.67 -22.26 29.31
CA GLU K 951 6.61 -23.31 28.94
C GLU K 951 6.39 -24.58 29.75
N ILE K 952 6.33 -24.45 31.07
CA ILE K 952 6.12 -25.61 31.93
C ILE K 952 4.73 -26.20 31.72
N SER K 953 3.71 -25.37 31.48
CA SER K 953 2.38 -25.89 31.24
C SER K 953 2.28 -26.61 29.90
N SER K 954 2.98 -26.12 28.87
CA SER K 954 2.99 -26.79 27.59
C SER K 954 3.70 -28.13 27.67
N ILE K 955 4.80 -28.20 28.42
CA ILE K 955 5.49 -29.48 28.58
C ILE K 955 4.61 -30.47 29.35
N LYS K 956 3.90 -29.99 30.38
CA LYS K 956 2.99 -30.86 31.13
C LYS K 956 1.82 -31.32 30.24
N VAL K 957 1.31 -30.43 29.39
CA VAL K 957 0.21 -30.79 28.49
C VAL K 957 0.66 -31.83 27.48
N ASP K 958 1.89 -31.68 26.96
CA ASP K 958 2.47 -32.68 26.07
C ASP K 958 2.60 -34.03 26.76
N GLN K 959 3.10 -34.04 28.00
CA GLN K 959 3.29 -35.28 28.73
C GLN K 959 1.95 -35.96 29.02
N THR K 960 0.93 -35.19 29.40
CA THR K 960 -0.37 -35.78 29.68
C THR K 960 -1.07 -36.24 28.41
N ASN K 961 -0.84 -35.56 27.29
CA ASN K 961 -1.43 -35.98 26.03
C ASN K 961 -0.80 -37.28 25.55
N LYS K 962 0.51 -37.42 25.70
CA LYS K 962 1.18 -38.64 25.27
C LYS K 962 1.16 -39.74 26.34
N LYS K 963 0.65 -39.45 27.53
CA LYS K 963 0.57 -40.49 28.57
C LYS K 963 -0.50 -41.52 28.23
N ILE K 964 -1.63 -41.08 27.67
CA ILE K 964 -2.73 -42.00 27.40
C ILE K 964 -2.45 -42.89 26.19
N HIS K 965 -1.45 -42.55 25.38
CA HIS K 965 -1.11 -43.35 24.21
C HIS K 965 -0.06 -44.42 24.53
N TRP K 966 1.04 -44.01 25.15
CA TRP K 966 2.08 -44.93 25.58
C TRP K 966 2.78 -44.34 26.80
N LEU K 967 3.91 -44.94 27.18
CA LEU K 967 4.73 -44.51 28.32
C LEU K 967 3.92 -44.52 29.62
N THR K 968 3.52 -45.73 30.01
CA THR K 968 2.80 -45.91 31.26
C THR K 968 3.57 -45.40 32.49
N PRO K 969 4.91 -45.60 32.64
CA PRO K 969 5.61 -44.87 33.70
C PRO K 969 5.73 -43.38 33.38
N LYS K 970 4.67 -42.64 33.68
CA LYS K 970 4.65 -41.20 33.41
C LYS K 970 5.71 -40.49 34.24
N PRO K 971 6.52 -39.61 33.65
CA PRO K 971 7.59 -38.96 34.41
C PRO K 971 7.06 -38.02 35.47
N LYS K 972 7.81 -37.92 36.56
CA LYS K 972 7.48 -37.05 37.68
C LYS K 972 8.18 -35.70 37.58
N SER K 973 8.48 -35.24 36.36
CA SER K 973 9.15 -33.97 36.16
C SER K 973 8.80 -33.47 34.76
N GLN K 974 8.85 -32.15 34.60
CA GLN K 974 8.65 -31.52 33.30
C GLN K 974 9.91 -30.84 32.79
N LEU K 975 10.51 -29.98 33.60
CA LEU K 975 11.73 -29.27 33.22
C LEU K 975 12.93 -29.91 33.90
N ASP K 976 14.05 -29.96 33.19
CA ASP K 976 15.29 -30.52 33.69
C ASP K 976 16.39 -29.47 33.54
N PHE K 977 17.05 -29.14 34.65
CA PHE K 977 18.12 -28.14 34.65
C PHE K 977 19.41 -28.79 35.09
N ASP K 978 20.48 -28.52 34.35
CA ASP K 978 21.80 -29.06 34.63
C ASP K 978 22.69 -27.94 35.16
N PHE K 979 23.39 -28.22 36.25
CA PHE K 979 24.32 -27.27 36.86
C PHE K 979 25.67 -27.94 37.03
N PRO K 980 26.47 -28.00 35.97
CA PRO K 980 27.77 -28.67 36.07
C PRO K 980 28.86 -27.83 36.70
N ASP K 981 28.76 -26.51 36.64
CA ASP K 981 29.78 -25.61 37.16
C ASP K 981 29.24 -24.86 38.38
N LYS K 982 30.06 -24.75 39.42
CA LYS K 982 29.64 -24.08 40.65
C LYS K 982 30.14 -22.65 40.77
N ASN K 983 31.19 -22.28 40.01
CA ASN K 983 31.70 -20.91 40.05
C ASN K 983 30.70 -19.91 39.47
N ILE K 984 29.82 -20.37 38.58
CA ILE K 984 28.83 -19.50 37.96
C ILE K 984 27.85 -18.96 38.99
N PHE K 985 27.56 -19.73 40.04
CA PHE K 985 26.74 -19.23 41.14
C PHE K 985 27.39 -18.04 41.81
N TYR K 986 28.71 -18.12 42.03
CA TYR K 986 29.44 -17.00 42.62
C TYR K 986 29.48 -15.81 41.68
N ASP K 987 29.55 -16.07 40.37
CA ASP K 987 29.52 -14.98 39.39
C ASP K 987 28.17 -14.26 39.40
N ILE K 988 27.07 -15.00 39.45
CA ILE K 988 25.75 -14.38 39.52
C ILE K 988 25.57 -13.65 40.85
N LEU K 989 26.12 -14.20 41.92
CA LEU K 989 26.05 -13.53 43.22
C LEU K 989 26.83 -12.22 43.20
N CYS K 990 27.98 -12.20 42.53
CA CYS K 990 28.75 -10.96 42.39
C CYS K 990 28.00 -9.94 41.53
N LEU K 991 27.35 -10.40 40.46
CA LEU K 991 26.55 -9.48 39.63
C LEU K 991 25.38 -8.90 40.41
N ALA K 992 24.71 -9.74 41.20
CA ALA K 992 23.61 -9.28 42.03
C ALA K 992 24.09 -8.30 43.10
N ASP K 993 25.24 -8.58 43.71
CA ASP K 993 25.81 -7.67 44.70
C ASP K 993 26.18 -6.34 44.06
N THR K 994 26.69 -6.37 42.83
CA THR K 994 26.99 -5.14 42.11
C THR K 994 25.73 -4.33 41.85
N PHE K 995 24.64 -5.01 41.48
CA PHE K 995 23.37 -4.30 41.26
C PHE K 995 22.83 -3.71 42.56
N ILE K 996 22.97 -4.45 43.67
CA ILE K 996 22.54 -3.94 44.97
C ILE K 996 23.34 -2.71 45.36
N THR K 997 24.66 -2.75 45.15
CA THR K 997 25.49 -1.59 45.48
C THR K 997 25.17 -0.40 44.59
N HIS K 998 24.87 -0.66 43.31
CA HIS K 998 24.65 0.45 42.38
C HIS K 998 23.28 1.10 42.56
N THR K 999 22.25 0.31 42.84
CA THR K 999 20.87 0.80 42.76
C THR K 999 20.57 1.81 43.86
N THR K 1000 19.54 2.62 43.61
CA THR K 1000 19.11 3.64 44.55
C THR K 1000 17.65 3.56 44.94
N ALA K 1001 16.83 2.77 44.23
CA ALA K 1001 15.42 2.67 44.54
C ALA K 1001 15.13 1.77 45.74
N TYR K 1002 16.12 1.07 46.26
CA TYR K 1002 15.96 0.17 47.39
C TYR K 1002 16.69 0.76 48.59
N SER K 1003 16.08 0.63 49.77
CA SER K 1003 16.71 1.13 50.98
C SER K 1003 17.87 0.23 51.39
N ASN K 1004 18.80 0.82 52.14
CA ASN K 1004 19.97 0.06 52.61
C ASN K 1004 19.62 -1.15 53.48
N PRO K 1005 18.67 -1.10 54.44
CA PRO K 1005 18.25 -2.37 55.07
C PRO K 1005 17.68 -3.37 54.09
N ASP K 1006 16.84 -2.91 53.15
CA ASP K 1006 16.33 -3.80 52.11
C ASP K 1006 17.46 -4.36 51.26
N LYS K 1007 18.48 -3.54 51.01
CA LYS K 1007 19.65 -3.99 50.27
C LYS K 1007 20.37 -5.12 50.98
N GLU K 1008 20.62 -4.96 52.29
CA GLU K 1008 21.39 -5.99 52.98
C GLU K 1008 20.56 -7.25 53.20
N ARG K 1009 19.23 -7.11 53.40
CA ARG K 1009 18.37 -8.29 53.45
C ARG K 1009 18.33 -9.03 52.12
N LEU K 1010 18.33 -8.29 51.00
CA LEU K 1010 18.45 -8.91 49.70
C LEU K 1010 19.75 -9.69 49.58
N LYS K 1011 20.84 -9.12 50.10
CA LYS K 1011 22.14 -9.79 50.04
C LYS K 1011 22.13 -11.13 50.76
N ASP K 1012 21.69 -11.16 52.05
CA ASP K 1012 21.83 -12.46 52.72
C ASP K 1012 20.71 -13.40 52.30
N LEU K 1013 19.61 -12.88 51.74
CA LEU K 1013 18.58 -13.76 51.19
C LEU K 1013 19.13 -14.52 50.00
N LEU K 1014 19.78 -13.80 49.06
CA LEU K 1014 20.37 -14.48 47.91
C LEU K 1014 21.46 -15.45 48.32
N LYS K 1015 22.34 -15.03 49.24
CA LYS K 1015 23.41 -15.92 49.69
C LYS K 1015 22.87 -17.15 50.42
N TYR K 1016 21.85 -16.95 51.27
CA TYR K 1016 21.28 -18.05 52.04
C TYR K 1016 20.54 -19.02 51.14
N PHE K 1017 19.79 -18.51 50.16
CA PHE K 1017 19.07 -19.40 49.24
C PHE K 1017 20.05 -20.20 48.39
N ILE K 1018 21.15 -19.58 47.96
CA ILE K 1018 22.11 -20.33 47.16
C ILE K 1018 22.84 -21.36 48.01
N SER K 1019 23.17 -21.00 49.26
CA SER K 1019 23.85 -21.97 50.14
C SER K 1019 22.93 -23.09 50.59
N LEU K 1020 21.62 -22.85 50.66
CA LEU K 1020 20.70 -23.85 51.17
C LEU K 1020 20.14 -24.75 50.08
N PHE K 1021 19.85 -24.18 48.91
CA PHE K 1021 19.32 -24.98 47.81
C PHE K 1021 20.38 -25.95 47.29
N PHE K 1022 21.57 -25.46 47.03
CA PHE K 1022 22.62 -26.27 46.42
C PHE K 1022 23.56 -26.80 47.51
N SER K 1023 24.63 -27.47 47.09
CA SER K 1023 25.59 -28.05 48.02
C SER K 1023 26.63 -27.06 48.50
N ILE K 1024 26.58 -25.81 48.04
CA ILE K 1024 27.58 -24.83 48.42
C ILE K 1024 27.36 -24.41 49.86
N SER K 1025 28.46 -24.26 50.60
CA SER K 1025 28.40 -23.79 51.98
C SER K 1025 28.52 -22.26 52.01
N PHE K 1026 28.13 -21.69 53.15
CA PHE K 1026 28.23 -20.25 53.32
C PHE K 1026 29.68 -19.80 53.42
N GLU K 1027 30.55 -20.64 54.00
CA GLU K 1027 31.96 -20.31 54.08
C GLU K 1027 32.60 -20.25 52.70
N LYS K 1028 32.23 -21.18 51.81
CA LYS K 1028 32.74 -21.15 50.44
C LYS K 1028 32.24 -19.92 49.68
N ILE K 1029 30.98 -19.53 49.91
CA ILE K 1029 30.43 -18.34 49.28
C ILE K 1029 31.16 -17.09 49.76
N GLU K 1030 31.41 -17.01 51.07
CA GLU K 1030 32.12 -15.86 51.62
C GLU K 1030 33.57 -15.79 51.15
N GLU K 1031 34.24 -16.94 51.05
CA GLU K 1031 35.62 -16.95 50.61
C GLU K 1031 35.76 -16.81 49.10
N SER K 1032 34.68 -17.02 48.35
CA SER K 1032 34.71 -16.88 46.90
C SER K 1032 34.15 -15.54 46.41
N LEU K 1033 33.61 -14.72 47.31
CA LEU K 1033 33.05 -13.44 46.93
C LEU K 1033 33.37 -12.36 47.96
N GLY K 1128 9.14 -46.97 56.29
CA GLY K 1128 9.37 -46.19 55.10
C GLY K 1128 10.19 -44.94 55.35
N ILE K 1129 11.06 -45.01 56.35
CA ILE K 1129 11.92 -43.88 56.71
C ILE K 1129 13.08 -43.80 55.73
N ILE K 1130 13.31 -42.62 55.17
CA ILE K 1130 14.37 -42.40 54.21
C ILE K 1130 15.48 -41.64 54.94
N GLN K 1131 16.44 -42.40 55.46
CA GLN K 1131 17.59 -41.81 56.13
C GLN K 1131 18.64 -41.36 55.13
N ASN K 1132 19.46 -40.40 55.56
CA ASN K 1132 20.50 -39.71 54.77
C ASN K 1132 20.05 -39.41 53.34
N ARG K 1133 18.99 -38.59 53.26
CA ARG K 1133 18.34 -38.31 51.99
C ARG K 1133 19.24 -37.48 51.07
N SER K 1134 19.06 -37.68 49.78
CA SER K 1134 19.82 -36.97 48.75
C SER K 1134 18.95 -36.17 47.80
N ILE K 1135 17.70 -36.57 47.60
CA ILE K 1135 16.76 -35.84 46.75
C ILE K 1135 15.95 -34.93 47.67
N PHE K 1136 15.98 -33.63 47.39
CA PHE K 1136 15.31 -32.64 48.22
C PHE K 1136 14.27 -31.92 47.39
N ASN K 1137 13.08 -31.76 47.95
CA ASN K 1137 11.95 -31.19 47.25
C ASN K 1137 11.65 -29.80 47.78
N LEU K 1138 11.49 -28.84 46.87
CA LEU K 1138 11.04 -27.50 47.21
C LEU K 1138 9.65 -27.31 46.61
N PHE K 1139 8.67 -27.08 47.47
CA PHE K 1139 7.32 -26.75 47.04
C PHE K 1139 7.17 -25.24 47.08
N ALA K 1140 6.61 -24.68 46.01
CA ALA K 1140 6.64 -23.23 45.87
C ALA K 1140 5.42 -22.76 45.09
N ASN K 1141 5.10 -21.49 45.27
CA ASN K 1141 4.10 -20.83 44.46
C ASN K 1141 4.77 -20.25 43.22
N THR K 1142 4.08 -19.35 42.52
CA THR K 1142 4.65 -18.74 41.33
C THR K 1142 5.83 -17.83 41.64
N ASN K 1143 5.92 -17.28 42.85
CA ASN K 1143 6.97 -16.30 43.14
C ASN K 1143 8.35 -16.96 43.22
N ILE K 1144 8.48 -18.00 44.04
CA ILE K 1144 9.77 -18.69 44.14
C ILE K 1144 10.09 -19.41 42.83
N TYR K 1145 9.07 -19.89 42.12
CA TYR K 1145 9.32 -20.52 40.81
C TYR K 1145 9.88 -19.54 39.81
N ILE K 1146 9.31 -18.33 39.74
CA ILE K 1146 9.80 -17.33 38.79
C ILE K 1146 11.18 -16.84 39.19
N PHE K 1147 11.43 -16.70 40.50
CA PHE K 1147 12.75 -16.35 40.99
C PHE K 1147 13.79 -17.40 40.60
N PHE K 1148 13.45 -18.68 40.79
CA PHE K 1148 14.35 -19.75 40.41
C PHE K 1148 14.54 -19.84 38.90
N ARG K 1149 13.49 -19.54 38.13
CA ARG K 1149 13.62 -19.54 36.68
C ARG K 1149 14.54 -18.42 36.21
N HIS K 1150 14.47 -17.26 36.85
CA HIS K 1150 15.40 -16.19 36.52
C HIS K 1150 16.83 -16.58 36.88
N TRP K 1151 17.01 -17.27 38.01
CA TRP K 1151 18.35 -17.74 38.38
C TRP K 1151 18.89 -18.73 37.34
N THR K 1152 18.05 -19.68 36.91
CA THR K 1152 18.48 -20.64 35.91
C THR K 1152 18.73 -19.98 34.55
N THR K 1153 17.97 -18.93 34.24
CA THR K 1153 18.18 -18.18 33.00
C THR K 1153 19.56 -17.52 32.99
N ILE K 1154 19.90 -16.85 34.10
CA ILE K 1154 21.22 -16.23 34.19
C ILE K 1154 22.31 -17.31 34.16
N TYR K 1155 22.09 -18.44 34.82
CA TYR K 1155 23.17 -19.41 34.92
C TYR K 1155 23.38 -20.08 33.57
N GLU K 1156 22.29 -20.31 32.82
CA GLU K 1156 22.41 -20.89 31.48
C GLU K 1156 23.10 -19.92 30.52
N ARG K 1157 22.76 -18.63 30.61
CA ARG K 1157 23.39 -17.63 29.77
C ARG K 1157 24.88 -17.54 30.06
N LEU K 1158 25.27 -17.60 31.33
CA LEU K 1158 26.68 -17.54 31.67
C LEU K 1158 27.39 -18.87 31.40
N LEU K 1159 26.67 -19.99 31.48
CA LEU K 1159 27.26 -21.29 31.21
C LEU K 1159 27.55 -21.49 29.73
N GLU K 1160 26.72 -20.90 28.87
CA GLU K 1160 27.03 -20.90 27.44
C GLU K 1160 28.33 -20.16 27.17
N ILE K 1161 28.57 -19.07 27.89
CA ILE K 1161 29.81 -18.31 27.72
C ILE K 1161 30.99 -19.09 28.29
N LYS K 1162 30.83 -19.69 29.47
CA LYS K 1162 31.96 -20.34 30.13
C LYS K 1162 32.32 -21.67 29.47
N GLN K 1163 31.35 -22.38 28.91
CA GLN K 1163 31.64 -23.67 28.28
C GLN K 1163 32.44 -23.50 26.99
N MET K 1164 32.39 -22.34 26.37
CA MET K 1164 33.19 -22.03 25.19
C MET K 1164 34.29 -21.02 25.49
N ASN K 1165 34.55 -20.75 26.77
CA ASN K 1165 35.48 -19.70 27.17
C ASN K 1165 36.91 -19.99 26.72
N GLU K 1166 37.34 -21.25 26.80
CA GLU K 1166 38.71 -21.56 26.44
C GLU K 1166 38.98 -21.40 24.94
N ARG K 1167 38.03 -21.79 24.09
CA ARG K 1167 38.28 -21.69 22.65
C ARG K 1167 38.20 -20.24 22.18
N VAL K 1168 37.28 -19.45 22.74
CA VAL K 1168 37.22 -18.05 22.36
C VAL K 1168 38.42 -17.29 22.92
N THR K 1169 38.91 -17.68 24.10
CA THR K 1169 40.14 -17.07 24.63
C THR K 1169 41.34 -17.39 23.77
N LYS K 1170 41.46 -18.64 23.31
CA LYS K 1170 42.57 -19.02 22.44
C LYS K 1170 42.44 -18.37 21.07
N GLU K 1171 41.21 -18.11 20.62
CA GLU K 1171 41.01 -17.45 19.34
C GLU K 1171 41.37 -15.97 19.42
N ILE K 1172 40.98 -15.31 20.51
CA ILE K 1172 41.27 -13.89 20.66
C ILE K 1172 42.76 -13.67 20.91
N ASN K 1173 43.37 -14.52 21.75
CA ASN K 1173 44.81 -14.37 22.03
C ASN K 1173 45.65 -14.65 20.79
N THR K 1174 45.29 -15.67 20.01
CA THR K 1174 46.00 -15.98 18.78
C THR K 1174 45.28 -15.37 17.58
N ARG K 1175 45.18 -14.04 17.61
CA ARG K 1175 44.58 -13.26 16.52
C ARG K 1175 45.71 -12.60 15.74
N SER K 1176 46.18 -13.29 14.71
CA SER K 1176 47.28 -12.78 13.88
C SER K 1176 46.70 -11.88 12.80
N THR K 1177 46.85 -10.56 12.99
CA THR K 1177 46.36 -9.61 12.01
C THR K 1177 47.20 -9.64 10.75
N VAL K 1178 46.58 -9.28 9.62
CA VAL K 1178 47.29 -9.29 8.36
C VAL K 1178 48.19 -8.06 8.25
N THR K 1179 49.24 -8.20 7.43
CA THR K 1179 50.32 -7.21 7.45
C THR K 1179 49.92 -5.90 6.76
N PHE K 1180 49.25 -5.98 5.61
CA PHE K 1180 48.95 -4.76 4.86
C PHE K 1180 47.92 -3.89 5.58
N ALA K 1181 47.11 -4.48 6.46
CA ALA K 1181 46.19 -3.69 7.26
C ALA K 1181 46.93 -2.96 8.38
N LYS K 1182 47.99 -3.57 8.92
CA LYS K 1182 48.79 -2.89 9.92
C LYS K 1182 49.64 -1.79 9.31
N ASP K 1183 50.19 -2.01 8.12
CA ASP K 1183 50.99 -0.97 7.46
C ASP K 1183 50.12 0.18 6.98
N LEU K 1184 48.88 -0.08 6.58
CA LEU K 1184 47.99 0.95 6.06
C LEU K 1184 46.83 1.26 7.01
N ASP K 1185 47.01 1.03 8.30
CA ASP K 1185 45.99 1.35 9.32
C ASP K 1185 44.55 1.11 8.94
N LEU K 1186 44.26 -0.05 8.40
CA LEU K 1186 42.95 -0.33 7.94
C LEU K 1186 42.15 -1.05 9.01
N LEU K 1187 42.72 -1.28 10.17
CA LEU K 1187 42.00 -2.02 11.14
C LEU K 1187 41.51 -1.04 12.17
N SER K 1188 40.39 -1.34 12.83
CA SER K 1188 39.80 -0.41 13.77
C SER K 1188 40.56 -0.36 15.07
N SER K 1189 40.22 0.59 15.93
CA SER K 1189 40.88 0.72 17.19
C SER K 1189 39.93 1.12 18.24
N GLN K 1190 38.69 1.33 17.86
CA GLN K 1190 37.72 1.84 18.80
C GLN K 1190 37.44 0.93 19.90
N LEU K 1191 37.82 -0.31 19.77
CA LEU K 1191 37.43 -1.25 20.77
C LEU K 1191 38.61 -1.63 21.57
N SER K 1192 39.78 -1.15 21.17
CA SER K 1192 41.01 -1.47 21.87
C SER K 1192 41.35 -0.34 22.75
N GLU K 1193 41.00 0.85 22.34
CA GLU K 1193 41.20 2.00 23.15
C GLU K 1193 40.39 1.89 24.38
N MET K 1194 39.16 1.46 24.26
CA MET K 1194 38.28 1.44 25.40
C MET K 1194 38.49 0.20 26.20
N GLY K 1195 39.47 -0.58 25.83
CA GLY K 1195 39.77 -1.77 26.58
C GLY K 1195 38.57 -2.62 26.52
N LEU K 1196 37.99 -2.70 25.34
CA LEU K 1196 36.79 -3.48 25.17
C LEU K 1196 37.16 -4.72 24.42
N ASP K 1197 38.31 -4.73 23.76
CA ASP K 1197 38.79 -5.96 23.18
C ASP K 1197 39.02 -6.91 24.34
N PHE K 1198 39.28 -8.18 24.06
CA PHE K 1198 39.47 -9.15 25.13
C PHE K 1198 40.86 -9.76 25.07
N VAL K 1199 41.86 -8.97 24.71
CA VAL K 1199 43.22 -9.49 24.58
C VAL K 1199 43.97 -9.45 25.91
N GLY K 1200 44.73 -10.50 26.21
CA GLY K 1200 45.51 -10.46 27.44
C GLY K 1200 44.75 -10.87 28.68
N GLU K 1201 43.44 -11.05 28.59
CA GLU K 1201 42.63 -11.45 29.73
C GLU K 1201 41.81 -12.67 29.37
N ASP K 1202 41.36 -13.39 30.40
CA ASP K 1202 40.42 -14.49 30.19
C ASP K 1202 39.09 -13.93 29.69
N ALA K 1203 38.48 -14.63 28.73
CA ALA K 1203 37.31 -14.09 28.06
C ALA K 1203 36.10 -14.05 29.00
N TYR K 1204 35.89 -15.10 29.79
CA TYR K 1204 34.74 -15.14 30.67
C TYR K 1204 34.87 -14.14 31.82
N LYS K 1205 36.09 -14.01 32.37
CA LYS K 1205 36.32 -13.02 33.42
C LYS K 1205 36.16 -11.61 32.89
N GLN K 1206 36.59 -11.35 31.65
CA GLN K 1206 36.37 -10.06 31.03
C GLN K 1206 34.89 -9.80 30.77
N VAL K 1207 34.13 -10.84 30.43
CA VAL K 1207 32.69 -10.71 30.30
C VAL K 1207 32.07 -10.31 31.63
N LEU K 1208 32.52 -10.94 32.71
CA LEU K 1208 32.01 -10.61 34.05
C LEU K 1208 32.34 -9.17 34.42
N ARG K 1209 33.58 -8.73 34.15
CA ARG K 1209 33.98 -7.36 34.47
C ARG K 1209 33.21 -6.34 33.64
N LEU K 1210 33.03 -6.62 32.35
CA LEU K 1210 32.28 -5.73 31.47
C LEU K 1210 30.81 -5.65 31.88
N SER K 1211 30.23 -6.77 32.29
CA SER K 1211 28.84 -6.75 32.75
C SER K 1211 28.70 -6.02 34.09
N ARG K 1212 29.70 -6.15 34.96
CA ARG K 1212 29.69 -5.38 36.20
C ARG K 1212 29.78 -3.88 35.91
N ARG K 1213 30.62 -3.49 34.97
CA ARG K 1213 30.71 -2.08 34.58
C ARG K 1213 29.41 -1.59 33.95
N LEU K 1214 28.76 -2.43 33.15
CA LEU K 1214 27.48 -2.08 32.55
C LEU K 1214 26.40 -1.91 33.61
N ILE K 1215 26.40 -2.78 34.62
CA ILE K 1215 25.45 -2.65 35.73
C ILE K 1215 25.72 -1.37 36.51
N ASN K 1216 26.99 -1.07 36.76
CA ASN K 1216 27.36 0.13 37.50
C ASN K 1216 27.09 1.43 36.74
N GLY K 1217 26.85 1.36 35.44
CA GLY K 1217 26.48 2.53 34.66
C GLY K 1217 27.62 3.28 34.02
N ASP K 1218 28.86 2.88 34.27
CA ASP K 1218 30.00 3.55 33.65
C ASP K 1218 30.27 3.08 32.23
N LEU K 1219 29.53 2.08 31.76
CA LEU K 1219 29.72 1.52 30.43
C LEU K 1219 28.41 1.63 29.65
N GLU K 1220 28.49 2.10 28.41
CA GLU K 1220 27.30 2.23 27.59
C GLU K 1220 26.84 0.85 27.11
N HIS K 1221 25.54 0.76 26.81
CA HIS K 1221 24.97 -0.50 26.33
C HIS K 1221 25.53 -0.87 24.96
N GLN K 1222 25.65 0.11 24.07
CA GLN K 1222 26.11 -0.16 22.70
C GLN K 1222 27.55 -0.63 22.69
N TRP K 1223 28.41 -0.04 23.53
CA TRP K 1223 29.80 -0.45 23.56
C TRP K 1223 29.97 -1.83 24.18
N PHE K 1224 29.17 -2.15 25.20
CA PHE K 1224 29.16 -3.50 25.76
C PHE K 1224 28.74 -4.53 24.73
N GLU K 1225 27.66 -4.23 23.98
CA GLU K 1225 27.20 -5.14 22.96
C GLU K 1225 28.23 -5.30 21.84
N GLU K 1226 28.86 -4.20 21.44
CA GLU K 1226 29.87 -4.24 20.39
C GLU K 1226 31.08 -5.06 20.82
N SER K 1227 31.52 -4.88 22.06
CA SER K 1227 32.64 -5.66 22.58
C SER K 1227 32.30 -7.14 22.62
N LEU K 1228 31.09 -7.48 23.08
CA LEU K 1228 30.68 -8.89 23.14
C LEU K 1228 30.60 -9.50 21.75
N ARG K 1229 30.07 -8.75 20.80
CA ARG K 1229 29.88 -9.28 19.47
C ARG K 1229 31.17 -9.42 18.75
N GLN K 1230 32.10 -8.51 18.99
CA GLN K 1230 33.40 -8.63 18.35
C GLN K 1230 34.24 -9.73 18.98
N ALA K 1231 34.16 -9.91 20.29
CA ALA K 1231 34.97 -10.92 20.94
C ALA K 1231 34.45 -12.33 20.68
N TYR K 1232 33.13 -12.52 20.71
CA TYR K 1232 32.55 -13.85 20.67
C TYR K 1232 31.98 -14.20 19.30
N ASN K 1233 32.15 -13.34 18.31
CA ASN K 1233 31.55 -13.49 16.98
C ASN K 1233 30.04 -13.68 17.07
N ASN K 1234 29.40 -12.76 17.80
CA ASN K 1234 27.95 -12.68 18.00
C ASN K 1234 27.37 -13.91 18.70
N LYS K 1235 28.18 -14.73 19.34
CA LYS K 1235 27.68 -15.86 20.10
C LYS K 1235 27.33 -15.48 21.54
N ALA K 1236 27.64 -14.25 21.96
CA ALA K 1236 27.33 -13.76 23.29
C ALA K 1236 26.20 -12.74 23.24
N PHE K 1237 25.24 -12.94 22.34
CA PHE K 1237 24.13 -12.00 22.21
C PHE K 1237 23.16 -12.13 23.37
N LYS K 1238 23.10 -13.28 24.02
CA LYS K 1238 22.17 -13.49 25.13
C LYS K 1238 22.62 -12.78 26.41
N LEU K 1239 23.85 -12.25 26.43
CA LEU K 1239 24.36 -11.49 27.55
C LEU K 1239 24.13 -9.99 27.40
N TYR K 1240 23.38 -9.58 26.38
CA TYR K 1240 23.16 -8.15 26.15
C TYR K 1240 22.27 -7.52 27.21
N THR K 1241 21.43 -8.32 27.84
CA THR K 1241 20.48 -7.84 28.84
C THR K 1241 20.79 -8.41 30.23
N ILE K 1242 22.08 -8.56 30.55
CA ILE K 1242 22.47 -9.17 31.81
C ILE K 1242 22.07 -8.26 32.98
N ASP K 1243 22.18 -6.94 32.79
CA ASP K 1243 21.78 -6.01 33.85
C ASP K 1243 20.29 -6.07 34.11
N LYS K 1244 19.47 -6.14 33.06
CA LYS K 1244 18.03 -6.19 33.23
C LYS K 1244 17.57 -7.50 33.85
N VAL K 1245 18.17 -8.61 33.45
CA VAL K 1245 17.77 -9.90 34.01
C VAL K 1245 18.22 -10.03 35.47
N THR K 1246 19.40 -9.50 35.80
CA THR K 1246 19.82 -9.49 37.21
C THR K 1246 18.94 -8.55 38.03
N GLN K 1247 18.51 -7.42 37.45
CA GLN K 1247 17.58 -6.54 38.12
C GLN K 1247 16.24 -7.21 38.38
N SER K 1248 15.75 -7.98 37.40
CA SER K 1248 14.49 -8.70 37.56
C SER K 1248 14.62 -9.81 38.60
N LEU K 1249 15.77 -10.49 38.65
CA LEU K 1249 16.01 -11.49 39.69
C LEU K 1249 16.04 -10.84 41.07
N VAL K 1250 16.67 -9.68 41.17
CA VAL K 1250 16.72 -8.93 42.42
C VAL K 1250 15.33 -8.51 42.86
N LYS K 1251 14.53 -8.01 41.92
CA LYS K 1251 13.16 -7.62 42.22
C LYS K 1251 12.31 -8.82 42.65
N HIS K 1252 12.52 -9.96 42.00
CA HIS K 1252 11.77 -11.15 42.36
C HIS K 1252 12.16 -11.65 43.75
N ALA K 1253 13.43 -11.54 44.12
CA ALA K 1253 13.84 -11.86 45.48
C ALA K 1253 13.23 -10.88 46.49
N HIS K 1254 13.17 -9.60 46.13
CA HIS K 1254 12.62 -8.59 47.03
C HIS K 1254 11.15 -8.83 47.31
N THR K 1255 10.36 -9.06 46.28
CA THR K 1255 8.98 -9.47 46.50
C THR K 1255 8.86 -10.91 46.98
N LEU K 1256 9.95 -11.67 46.96
CA LEU K 1256 9.90 -13.01 47.53
C LEU K 1256 9.95 -12.98 49.04
N MET K 1257 10.71 -12.06 49.65
CA MET K 1257 10.63 -12.07 51.12
C MET K 1257 9.50 -11.19 51.65
N THR K 1258 9.11 -10.15 50.91
CA THR K 1258 8.21 -9.12 51.41
C THR K 1258 6.76 -9.32 50.97
N ASP K 1259 6.35 -10.56 50.76
CA ASP K 1259 4.98 -10.87 50.39
C ASP K 1259 4.39 -11.84 51.39
N ALA K 1260 3.16 -11.53 51.83
CA ALA K 1260 2.41 -12.46 52.66
C ALA K 1260 2.07 -13.71 51.84
N LYS K 1261 1.96 -14.84 52.54
CA LYS K 1261 1.75 -16.16 51.97
C LYS K 1261 2.87 -16.57 51.01
N THR K 1262 4.05 -15.96 51.13
CA THR K 1262 5.20 -16.31 50.30
C THR K 1262 6.45 -16.61 51.10
N ALA K 1263 6.73 -15.83 52.15
CA ALA K 1263 7.96 -16.03 52.91
C ALA K 1263 7.88 -17.25 53.82
N GLU K 1264 6.68 -17.59 54.29
CA GLU K 1264 6.51 -18.78 55.12
C GLU K 1264 6.68 -20.06 54.31
N ILE K 1265 6.42 -20.01 53.01
CA ILE K 1265 6.75 -21.15 52.16
C ILE K 1265 8.25 -21.39 52.14
N MET K 1266 9.04 -20.31 52.03
CA MET K 1266 10.49 -20.47 52.10
C MET K 1266 10.95 -20.86 53.49
N ALA K 1267 10.23 -20.44 54.53
CA ALA K 1267 10.55 -20.90 55.89
C ALA K 1267 10.31 -22.40 56.01
N LEU K 1268 9.22 -22.90 55.43
CA LEU K 1268 8.95 -24.33 55.40
C LEU K 1268 10.01 -25.08 54.61
N PHE K 1269 10.50 -24.47 53.52
CA PHE K 1269 11.62 -25.03 52.78
C PHE K 1269 12.88 -25.08 53.64
N VAL K 1270 13.10 -24.06 54.47
CA VAL K 1270 14.24 -24.03 55.39
C VAL K 1270 14.14 -25.17 56.39
N LYS K 1271 12.96 -25.37 56.97
CA LYS K 1271 12.76 -26.46 57.92
C LYS K 1271 12.90 -27.83 57.26
N ASP K 1272 12.46 -27.95 56.01
CA ASP K 1272 12.58 -29.24 55.34
C ASP K 1272 14.02 -29.55 54.95
N ARG K 1273 14.77 -28.54 54.51
CA ARG K 1273 16.15 -28.77 54.09
C ARG K 1273 17.07 -28.97 55.28
N ASN K 1274 16.89 -28.17 56.34
CA ASN K 1274 17.77 -28.27 57.49
C ASN K 1274 17.57 -29.58 58.25
N ALA K 1275 16.31 -30.02 58.38
CA ALA K 1275 16.01 -31.27 59.07
C ALA K 1275 15.97 -32.39 58.02
N SER K 1276 17.05 -33.16 57.96
CA SER K 1276 17.15 -34.27 57.03
C SER K 1276 16.57 -35.53 57.67
N THR K 1277 16.81 -36.68 57.04
CA THR K 1277 16.30 -38.00 57.44
C THR K 1277 14.79 -37.98 57.66
N THR K 1278 14.06 -37.65 56.59
CA THR K 1278 12.61 -37.56 56.61
C THR K 1278 12.00 -38.67 55.77
N SER K 1279 10.88 -39.21 56.24
CA SER K 1279 10.14 -40.23 55.52
C SER K 1279 9.18 -39.58 54.53
N ALA K 1280 8.32 -40.41 53.93
CA ALA K 1280 7.38 -39.90 52.93
C ALA K 1280 6.29 -39.05 53.58
N LYS K 1281 5.73 -39.51 54.70
CA LYS K 1281 4.60 -38.83 55.35
C LYS K 1281 4.93 -37.40 55.71
N ASP K 1282 6.20 -37.14 56.08
CA ASP K 1282 6.68 -35.78 56.27
C ASP K 1282 6.58 -34.98 54.97
N GLN K 1283 6.85 -35.62 53.82
CA GLN K 1283 6.78 -34.91 52.56
C GLN K 1283 5.35 -34.55 52.19
N ILE K 1284 4.38 -35.46 52.40
CA ILE K 1284 3.01 -35.05 52.10
C ILE K 1284 2.51 -33.98 53.08
N ILE K 1285 2.82 -34.09 54.37
CA ILE K 1285 2.28 -33.08 55.29
C ILE K 1285 2.95 -31.73 55.02
N TYR K 1286 4.22 -31.74 54.60
CA TYR K 1286 4.87 -30.52 54.15
C TYR K 1286 4.18 -29.95 52.91
N ARG K 1287 3.75 -30.84 52.00
CA ARG K 1287 3.03 -30.38 50.81
C ARG K 1287 1.72 -29.70 51.15
N LEU K 1288 0.88 -30.33 52.01
CA LEU K 1288 -0.39 -29.67 52.32
C LEU K 1288 -0.20 -28.46 53.23
N GLN K 1289 0.88 -28.43 54.01
CA GLN K 1289 1.14 -27.25 54.84
C GLN K 1289 1.59 -26.07 53.97
N VAL K 1290 2.33 -26.35 52.90
CA VAL K 1290 2.63 -25.31 51.91
C VAL K 1290 1.35 -24.88 51.21
N ARG K 1291 0.50 -25.84 50.85
CA ARG K 1291 -0.74 -25.53 50.13
C ARG K 1291 -1.67 -24.65 50.96
N SER K 1292 -1.76 -24.91 52.27
CA SER K 1292 -2.66 -24.17 53.12
C SER K 1292 -2.23 -22.72 53.33
N HIS K 1293 -0.98 -22.38 53.00
CA HIS K 1293 -0.52 -21.01 53.20
C HIS K 1293 -1.10 -20.06 52.16
N MET K 1294 -1.24 -20.51 50.92
CA MET K 1294 -1.67 -19.66 49.83
C MET K 1294 -3.09 -19.99 49.40
N SER K 1295 -3.53 -19.35 48.32
CA SER K 1295 -4.90 -19.49 47.84
C SER K 1295 -5.12 -20.88 47.23
N ASN K 1296 -6.40 -21.22 47.04
CA ASN K 1296 -6.77 -22.49 46.46
C ASN K 1296 -6.70 -22.51 44.94
N THR K 1297 -6.48 -21.35 44.30
CA THR K 1297 -6.39 -21.27 42.85
C THR K 1297 -4.97 -21.01 42.37
N GLU K 1298 -3.99 -21.00 43.27
CA GLU K 1298 -2.61 -20.73 42.89
C GLU K 1298 -1.96 -21.99 42.34
N ASN K 1299 -0.74 -21.84 41.83
CA ASN K 1299 -0.01 -22.92 41.19
C ASN K 1299 1.13 -23.39 42.10
N MET K 1300 1.25 -24.70 42.25
CA MET K 1300 2.36 -25.32 42.95
C MET K 1300 3.43 -25.79 41.96
N PHE K 1301 4.68 -25.80 42.44
CA PHE K 1301 5.82 -26.24 41.65
C PHE K 1301 6.69 -27.10 42.55
N ARG K 1302 7.07 -28.27 42.06
CA ARG K 1302 7.92 -29.19 42.81
C ARG K 1302 9.33 -29.11 42.22
N ILE K 1303 10.19 -28.31 42.85
CA ILE K 1303 11.54 -28.10 42.36
C ILE K 1303 12.44 -29.10 43.08
N GLU K 1304 12.68 -30.24 42.44
CA GLU K 1304 13.46 -31.31 43.03
C GLU K 1304 14.95 -31.05 42.81
N PHE K 1305 15.74 -31.20 43.88
CA PHE K 1305 17.18 -31.06 43.82
C PHE K 1305 17.84 -32.35 44.28
N ASP K 1306 18.91 -32.72 43.58
CA ASP K 1306 19.64 -33.92 43.94
C ASP K 1306 21.07 -33.54 44.17
N LYS K 1307 21.56 -33.74 45.38
CA LYS K 1307 22.90 -33.36 45.72
C LYS K 1307 23.85 -33.91 44.74
N ARG K 1308 23.85 -35.21 44.55
CA ARG K 1308 24.69 -35.73 43.53
C ARG K 1308 24.18 -35.12 42.26
N THR K 1309 25.02 -34.43 41.50
CA THR K 1309 24.66 -33.89 40.18
C THR K 1309 23.85 -32.60 40.14
N LEU K 1310 23.56 -31.98 41.27
CA LEU K 1310 22.88 -30.70 41.19
C LEU K 1310 21.92 -30.65 40.02
N HIS K 1311 20.93 -31.54 40.00
CA HIS K 1311 20.00 -31.59 38.88
C HIS K 1311 18.65 -31.16 39.33
N VAL K 1312 18.21 -29.98 38.92
CA VAL K 1312 16.97 -29.46 39.41
C VAL K 1312 15.81 -29.78 38.51
N SER K 1313 15.02 -30.78 38.85
CA SER K 1313 13.80 -31.11 38.13
C SER K 1313 12.63 -30.33 38.70
N ILE K 1314 11.95 -29.59 37.83
CA ILE K 1314 10.79 -28.78 38.21
C ILE K 1314 9.56 -29.43 37.61
N GLN K 1315 8.53 -29.62 38.42
CA GLN K 1315 7.32 -30.33 38.01
C GLN K 1315 6.11 -29.45 38.27
N TYR K 1316 5.13 -29.52 37.36
CA TYR K 1316 3.95 -28.67 37.39
C TYR K 1316 2.80 -29.45 38.02
N ILE K 1317 2.45 -29.10 39.25
CA ILE K 1317 1.33 -29.74 39.95
C ILE K 1317 0.27 -28.71 40.32
N ALA K 1318 0.11 -27.69 39.48
CA ALA K 1318 -0.90 -26.67 39.66
C ALA K 1318 -2.31 -27.25 39.71
N LEU K 1319 -2.95 -27.13 40.88
CA LEU K 1319 -4.30 -27.65 41.14
C LEU K 1319 -4.39 -29.14 40.86
N ASP K 1320 -3.35 -29.88 41.21
CA ASP K 1320 -3.32 -31.33 41.02
C ASP K 1320 -3.46 -32.10 42.33
N ASP K 1321 -2.86 -31.62 43.41
CA ASP K 1321 -2.94 -32.28 44.70
C ASP K 1321 -4.20 -31.90 45.48
N LEU K 1322 -5.03 -31.02 44.94
CA LEU K 1322 -6.25 -30.58 45.61
C LEU K 1322 -7.30 -31.69 45.63
N MET L 1 15.25 -42.10 10.76
CA MET L 1 16.54 -42.67 11.17
C MET L 1 17.57 -42.52 10.06
N VAL L 2 17.45 -41.45 9.28
CA VAL L 2 18.36 -41.16 8.18
C VAL L 2 19.26 -39.98 8.49
N TYR L 3 18.68 -38.88 8.98
CA TYR L 3 19.46 -37.71 9.33
C TYR L 3 20.21 -37.94 10.65
N GLU L 4 21.49 -37.60 10.66
CA GLU L 4 22.31 -37.69 11.86
C GLU L 4 22.91 -36.32 12.14
N ALA L 5 22.74 -35.85 13.38
CA ALA L 5 23.30 -34.57 13.80
C ALA L 5 24.78 -34.75 14.06
N THR L 6 25.62 -34.20 13.18
CA THR L 6 27.05 -34.36 13.27
C THR L 6 27.70 -32.98 13.27
N PRO L 7 28.64 -32.70 14.18
CA PRO L 7 29.35 -31.42 14.14
C PRO L 7 30.22 -31.29 12.90
N PHE L 8 30.42 -30.04 12.50
CA PHE L 8 31.15 -29.75 11.27
C PHE L 8 32.62 -30.07 11.44
N ASP L 9 33.09 -31.11 10.76
CA ASP L 9 34.49 -31.47 10.80
C ASP L 9 35.33 -30.43 10.03
N PRO L 10 36.58 -30.21 10.43
CA PRO L 10 37.44 -29.31 9.67
C PRO L 10 37.72 -29.84 8.27
N ILE L 11 37.93 -28.90 7.34
CA ILE L 11 38.15 -29.25 5.94
C ILE L 11 39.57 -29.77 5.79
N THR L 12 39.69 -30.99 5.27
CA THR L 12 40.99 -31.61 5.03
C THR L 12 41.04 -32.08 3.58
N VAL L 13 42.13 -31.76 2.89
CA VAL L 13 42.29 -32.18 1.51
C VAL L 13 42.76 -33.63 1.46
N LYS L 14 42.61 -34.25 0.29
CA LYS L 14 43.09 -35.61 0.06
C LYS L 14 44.33 -35.56 -0.80
N PRO L 15 45.50 -35.92 -0.27
CA PRO L 15 46.73 -35.87 -1.09
C PRO L 15 46.76 -36.92 -2.19
N SER L 16 45.94 -37.97 -2.10
CA SER L 16 45.86 -39.00 -3.12
C SER L 16 44.82 -38.68 -4.19
N ASP L 17 44.31 -37.45 -4.21
CA ASP L 17 43.29 -37.02 -5.15
C ASP L 17 43.73 -35.75 -5.86
N LYS L 18 44.97 -35.76 -6.36
CA LYS L 18 45.47 -34.62 -7.13
C LYS L 18 44.76 -34.54 -8.47
N ARG L 19 44.24 -33.37 -8.80
CA ARG L 19 43.48 -33.15 -10.01
C ARG L 19 44.12 -32.05 -10.84
N ARG L 20 44.20 -32.27 -12.15
CA ARG L 20 44.59 -31.20 -13.07
C ARG L 20 43.44 -30.20 -13.14
N VAL L 21 43.69 -28.97 -12.72
CA VAL L 21 42.66 -27.95 -12.63
C VAL L 21 42.81 -26.98 -13.78
N ALA L 22 41.73 -26.76 -14.52
CA ALA L 22 41.66 -25.76 -15.57
C ALA L 22 40.81 -24.60 -15.10
N TYR L 23 41.35 -23.39 -15.22
CA TYR L 23 40.66 -22.17 -14.80
C TYR L 23 40.28 -21.38 -16.04
N PHE L 24 39.01 -20.99 -16.12
CA PHE L 24 38.51 -20.23 -17.26
C PHE L 24 38.12 -18.84 -16.79
N TYR L 25 38.88 -17.86 -17.21
CA TYR L 25 38.59 -16.49 -16.84
C TYR L 25 38.85 -15.58 -18.02
N ASP L 26 37.90 -14.72 -18.35
CA ASP L 26 38.10 -13.74 -19.39
C ASP L 26 38.14 -12.42 -18.71
N ALA L 27 39.22 -11.69 -18.87
CA ALA L 27 39.38 -10.44 -18.15
C ALA L 27 38.27 -9.44 -18.37
N ASP L 28 37.43 -9.69 -19.34
CA ASP L 28 36.40 -8.74 -19.64
C ASP L 28 35.16 -8.95 -18.85
N VAL L 29 34.92 -10.15 -18.35
CA VAL L 29 33.68 -10.43 -17.67
C VAL L 29 33.31 -9.36 -16.68
N GLY L 30 34.27 -8.86 -15.92
CA GLY L 30 33.95 -7.91 -14.88
C GLY L 30 33.58 -6.54 -15.33
N ASN L 31 33.87 -6.21 -16.57
CA ASN L 31 33.63 -4.84 -17.02
C ASN L 31 32.20 -4.70 -17.46
N TYR L 32 31.36 -5.61 -17.00
CA TYR L 32 29.96 -5.57 -17.33
C TYR L 32 29.16 -5.41 -16.06
N ALA L 33 28.13 -4.58 -16.07
CA ALA L 33 27.35 -4.33 -14.87
C ALA L 33 25.89 -4.29 -15.17
N TYR L 34 25.11 -5.06 -14.45
CA TYR L 34 23.68 -5.13 -14.71
C TYR L 34 22.97 -3.78 -14.67
N GLY L 35 23.25 -2.96 -13.68
CA GLY L 35 22.61 -1.66 -13.59
C GLY L 35 23.20 -0.82 -12.47
N ALA L 36 22.51 0.26 -12.10
CA ALA L 36 22.95 1.13 -11.03
C ALA L 36 22.50 0.62 -9.67
N GLY L 37 21.23 0.24 -9.56
CA GLY L 37 20.66 -0.31 -8.34
C GLY L 37 20.56 -1.82 -8.30
N HIS L 38 21.35 -2.53 -9.10
CA HIS L 38 21.10 -3.96 -9.29
C HIS L 38 21.99 -4.79 -8.37
N PRO L 39 21.49 -5.90 -7.82
CA PRO L 39 22.33 -6.71 -6.93
C PRO L 39 23.35 -7.58 -7.64
N MET L 40 23.02 -8.12 -8.81
CA MET L 40 23.97 -8.98 -9.51
C MET L 40 25.10 -8.15 -10.10
N LYS L 41 26.33 -8.54 -9.81
CA LYS L 41 27.52 -7.80 -10.23
C LYS L 41 28.53 -8.78 -10.81
N PRO L 42 28.84 -8.68 -12.10
CA PRO L 42 29.93 -9.51 -12.66
C PRO L 42 31.31 -9.11 -12.17
N HIS L 43 31.38 -7.97 -11.48
CA HIS L 43 32.62 -7.50 -10.86
C HIS L 43 33.10 -8.41 -9.74
N ARG L 44 32.32 -9.38 -9.32
CA ARG L 44 32.69 -10.27 -8.24
C ARG L 44 33.52 -11.34 -8.76
N ILE L 45 33.55 -11.44 -10.05
CA ILE L 45 34.29 -12.51 -10.69
C ILE L 45 35.78 -12.18 -10.67
N ARG L 46 36.12 -10.93 -10.96
CA ARG L 46 37.51 -10.54 -11.06
C ARG L 46 38.15 -10.20 -9.72
N MET L 47 37.37 -9.86 -8.69
CA MET L 47 37.97 -9.79 -7.37
C MET L 47 38.16 -11.20 -6.79
N ALA L 48 37.31 -12.15 -7.20
CA ALA L 48 37.61 -13.54 -6.90
C ALA L 48 38.87 -13.98 -7.62
N HIS L 49 39.01 -13.60 -8.89
CA HIS L 49 40.19 -13.96 -9.67
C HIS L 49 41.43 -13.25 -9.17
N SER L 50 41.31 -12.01 -8.71
CA SER L 50 42.45 -11.31 -8.13
C SER L 50 42.93 -11.97 -6.86
N LEU L 51 42.05 -12.67 -6.16
CA LEU L 51 42.46 -13.46 -5.01
C LEU L 51 43.15 -14.76 -5.44
N ILE L 52 42.82 -15.27 -6.62
CA ILE L 52 43.51 -16.45 -7.14
C ILE L 52 44.95 -16.12 -7.51
N MET L 53 45.15 -15.00 -8.20
CA MET L 53 46.49 -14.63 -8.64
C MET L 53 47.38 -14.24 -7.48
N ASN L 54 46.84 -13.52 -6.50
CA ASN L 54 47.64 -13.02 -5.40
C ASN L 54 47.88 -14.07 -4.32
N TYR L 55 47.16 -15.17 -4.33
CA TYR L 55 47.47 -16.32 -3.49
C TYR L 55 48.50 -17.23 -4.12
N GLY L 56 48.96 -16.92 -5.34
CA GLY L 56 49.88 -17.79 -6.04
C GLY L 56 49.28 -19.11 -6.44
N LEU L 57 47.99 -19.15 -6.74
CA LEU L 57 47.32 -20.37 -7.16
C LEU L 57 47.47 -20.65 -8.65
N TYR L 58 48.01 -19.70 -9.42
CA TYR L 58 48.19 -19.93 -10.85
C TYR L 58 49.35 -20.87 -11.15
N LYS L 59 50.20 -21.15 -10.17
CA LYS L 59 51.30 -22.08 -10.38
C LYS L 59 50.88 -23.54 -10.26
N LYS L 60 49.68 -23.82 -9.78
CA LYS L 60 49.18 -25.18 -9.65
C LYS L 60 48.05 -25.48 -10.62
N MET L 61 47.82 -24.62 -11.60
CA MET L 61 46.67 -24.75 -12.50
C MET L 61 46.95 -23.96 -13.77
N GLU L 62 46.14 -24.22 -14.78
CA GLU L 62 46.27 -23.58 -16.08
C GLU L 62 45.11 -22.62 -16.29
N ILE L 63 45.42 -21.37 -16.62
CA ILE L 63 44.42 -20.34 -16.83
C ILE L 63 44.14 -20.24 -18.32
N TYR L 64 42.87 -20.36 -18.69
CA TYR L 64 42.44 -20.30 -20.08
C TYR L 64 41.43 -19.18 -20.25
N ARG L 65 41.44 -18.60 -21.44
CA ARG L 65 40.41 -17.66 -21.85
C ARG L 65 39.59 -18.35 -22.94
N ALA L 66 38.39 -18.77 -22.57
CA ALA L 66 37.54 -19.51 -23.50
C ALA L 66 37.05 -18.61 -24.61
N LYS L 67 36.92 -19.19 -25.81
CA LYS L 67 36.36 -18.46 -26.93
C LYS L 67 34.90 -18.17 -26.67
N PRO L 68 34.44 -16.93 -26.83
CA PRO L 68 33.03 -16.62 -26.57
C PRO L 68 32.11 -17.33 -27.56
N ALA L 69 30.94 -17.72 -27.05
CA ALA L 69 29.99 -18.48 -27.84
C ALA L 69 29.38 -17.60 -28.93
N THR L 70 29.13 -18.21 -30.09
CA THR L 70 28.45 -17.52 -31.17
C THR L 70 26.93 -17.69 -30.98
N LYS L 71 26.16 -17.30 -31.99
CA LYS L 71 24.71 -17.28 -31.85
C LYS L 71 24.14 -18.70 -31.82
N GLN L 72 24.63 -19.54 -32.73
CA GLN L 72 24.11 -20.89 -32.85
C GLN L 72 24.46 -21.74 -31.68
N GLU L 73 25.68 -21.62 -31.22
CA GLU L 73 26.09 -22.48 -30.12
C GLU L 73 25.22 -22.26 -28.90
N MET L 74 24.75 -21.02 -28.72
CA MET L 74 23.77 -20.73 -27.68
C MET L 74 22.45 -21.41 -27.95
N CYS L 75 22.12 -21.63 -29.22
CA CYS L 75 20.88 -22.26 -29.63
C CYS L 75 20.90 -23.78 -29.46
N GLN L 76 21.94 -24.33 -28.84
CA GLN L 76 21.92 -25.73 -28.46
C GLN L 76 20.89 -26.02 -27.39
N PHE L 77 20.49 -25.02 -26.63
CA PHE L 77 19.40 -25.15 -25.66
C PHE L 77 18.31 -24.11 -25.87
N HIS L 78 18.67 -22.87 -26.18
CA HIS L 78 17.69 -21.81 -26.31
C HIS L 78 17.15 -21.76 -27.74
N THR L 79 16.04 -21.06 -27.91
CA THR L 79 15.46 -20.91 -29.24
C THR L 79 16.24 -19.89 -30.04
N ASP L 80 16.00 -19.89 -31.35
CA ASP L 80 16.65 -18.92 -32.24
C ASP L 80 16.19 -17.51 -31.95
N GLU L 81 14.89 -17.34 -31.67
CA GLU L 81 14.36 -15.99 -31.49
C GLU L 81 14.86 -15.35 -30.20
N TYR L 82 15.06 -16.16 -29.15
CA TYR L 82 15.53 -15.62 -27.89
C TYR L 82 16.99 -15.18 -27.98
N ILE L 83 17.83 -15.99 -28.62
CA ILE L 83 19.24 -15.61 -28.81
C ILE L 83 19.35 -14.45 -29.78
N ASP L 84 18.49 -14.41 -30.80
CA ASP L 84 18.47 -13.30 -31.73
C ASP L 84 18.06 -12.00 -31.04
N PHE L 85 17.09 -12.07 -30.12
CA PHE L 85 16.73 -10.89 -29.34
C PHE L 85 17.85 -10.49 -28.39
N LEU L 86 18.50 -11.45 -27.75
CA LEU L 86 19.57 -11.16 -26.81
C LEU L 86 20.76 -10.52 -27.50
N SER L 87 21.09 -10.99 -28.71
CA SER L 87 22.24 -10.45 -29.43
C SER L 87 21.97 -9.10 -30.07
N ARG L 88 20.73 -8.65 -30.09
CA ARG L 88 20.39 -7.40 -30.76
C ARG L 88 19.90 -6.30 -29.84
N VAL L 89 19.46 -6.67 -28.65
CA VAL L 89 18.87 -5.67 -27.75
C VAL L 89 19.99 -4.90 -27.06
N THR L 90 19.79 -3.60 -26.94
CA THR L 90 20.66 -2.67 -26.24
C THR L 90 19.77 -1.76 -25.41
N PRO L 91 20.33 -1.07 -24.41
CA PRO L 91 19.54 -0.04 -23.72
C PRO L 91 19.10 1.10 -24.62
N ASP L 92 19.76 1.31 -25.76
CA ASP L 92 19.31 2.34 -26.69
C ASP L 92 18.01 1.93 -27.38
N ASN L 93 18.02 0.80 -28.08
CA ASN L 93 16.83 0.36 -28.80
C ASN L 93 15.97 -0.58 -27.96
N LEU L 94 15.67 -0.18 -26.72
CA LEU L 94 14.75 -0.97 -25.90
C LEU L 94 13.30 -0.74 -26.30
N GLU L 95 12.98 0.46 -26.80
CA GLU L 95 11.61 0.73 -27.26
C GLU L 95 11.32 0.04 -28.58
N MET L 96 12.35 -0.35 -29.34
CA MET L 96 12.15 -1.09 -30.57
C MET L 96 11.79 -2.55 -30.31
N PHE L 97 12.02 -3.05 -29.09
CA PHE L 97 11.65 -4.41 -28.71
C PHE L 97 10.83 -4.33 -27.43
N LYS L 98 9.52 -4.20 -27.57
CA LYS L 98 8.64 -4.16 -26.42
C LYS L 98 7.90 -5.47 -26.31
N ARG L 99 7.43 -6.02 -27.43
CA ARG L 99 6.80 -7.33 -27.37
C ARG L 99 7.78 -8.39 -26.91
N GLU L 100 9.01 -8.35 -27.42
CA GLU L 100 10.03 -9.31 -27.01
C GLU L 100 10.51 -9.07 -25.58
N SER L 101 10.35 -7.84 -25.07
CA SER L 101 10.75 -7.55 -23.70
C SER L 101 9.89 -8.32 -22.70
N VAL L 102 8.58 -8.37 -22.92
CA VAL L 102 7.70 -9.15 -22.06
C VAL L 102 7.63 -10.61 -22.48
N LYS L 103 7.95 -10.92 -23.75
CA LYS L 103 7.98 -12.31 -24.18
C LYS L 103 9.12 -13.07 -23.52
N PHE L 104 10.33 -12.51 -23.55
CA PHE L 104 11.52 -13.16 -23.06
C PHE L 104 11.91 -12.69 -21.66
N ASN L 105 11.04 -11.92 -21.00
CA ASN L 105 11.22 -11.46 -19.61
C ASN L 105 12.50 -10.65 -19.43
N VAL L 106 12.79 -9.76 -20.38
CA VAL L 106 14.00 -8.94 -20.36
C VAL L 106 13.56 -7.49 -20.27
N GLY L 107 14.08 -6.77 -19.27
CA GLY L 107 13.77 -5.37 -19.10
C GLY L 107 13.49 -4.98 -17.67
N ASP L 108 12.86 -5.88 -16.92
CA ASP L 108 12.67 -5.73 -15.49
C ASP L 108 13.07 -7.03 -14.80
N ASP L 109 13.93 -6.88 -13.78
CA ASP L 109 14.58 -7.92 -12.97
C ASP L 109 15.65 -8.65 -13.78
N CYS L 110 15.71 -8.38 -15.09
CA CYS L 110 16.79 -8.84 -15.97
C CYS L 110 17.05 -7.69 -16.93
N PRO L 111 17.73 -6.63 -16.50
CA PRO L 111 17.79 -5.40 -17.28
C PRO L 111 18.68 -5.55 -18.50
N VAL L 112 18.57 -4.59 -19.41
CA VAL L 112 19.34 -4.57 -20.64
C VAL L 112 20.51 -3.63 -20.44
N PHE L 113 21.69 -4.20 -20.30
CA PHE L 113 22.93 -3.44 -20.33
C PHE L 113 23.65 -3.75 -21.64
N ASP L 114 24.45 -2.80 -22.12
CA ASP L 114 24.94 -2.85 -23.49
C ASP L 114 26.07 -3.85 -23.69
N GLY L 115 26.50 -4.56 -22.66
CA GLY L 115 27.42 -5.67 -22.84
C GLY L 115 26.75 -6.99 -22.51
N LEU L 116 25.45 -7.08 -22.77
CA LEU L 116 24.69 -8.27 -22.40
C LEU L 116 25.09 -9.48 -23.23
N TYR L 117 25.15 -9.30 -24.56
CA TYR L 117 25.48 -10.42 -25.45
C TYR L 117 26.90 -10.90 -25.21
N GLU L 118 27.84 -9.97 -24.99
CA GLU L 118 29.23 -10.35 -24.74
C GLU L 118 29.37 -11.07 -23.40
N TYR L 119 28.66 -10.62 -22.37
CA TYR L 119 28.68 -11.29 -21.08
C TYR L 119 28.15 -12.71 -21.18
N CYS L 120 27.02 -12.87 -21.88
CA CYS L 120 26.45 -14.21 -22.07
C CYS L 120 27.38 -15.09 -22.89
N SER L 121 28.04 -14.51 -23.91
CA SER L 121 28.97 -15.28 -24.73
C SER L 121 30.17 -15.74 -23.92
N ILE L 122 30.69 -14.88 -23.05
CA ILE L 122 31.81 -15.25 -22.20
C ILE L 122 31.41 -16.39 -21.26
N SER L 123 30.23 -16.26 -20.64
CA SER L 123 29.76 -17.29 -19.71
C SER L 123 29.55 -18.63 -20.41
N GLY L 124 28.85 -18.63 -21.55
CA GLY L 124 28.59 -19.86 -22.26
C GLY L 124 29.85 -20.49 -22.82
N GLY L 125 30.76 -19.67 -23.35
CA GLY L 125 32.02 -20.19 -23.84
C GLY L 125 32.86 -20.80 -22.74
N GLY L 126 32.87 -20.16 -21.56
CA GLY L 126 33.60 -20.73 -20.43
C GLY L 126 33.05 -22.08 -20.01
N SER L 127 31.73 -22.19 -19.90
CA SER L 127 31.11 -23.46 -19.50
C SER L 127 31.37 -24.54 -20.54
N MET L 128 31.19 -24.21 -21.83
CA MET L 128 31.34 -25.21 -22.87
C MET L 128 32.80 -25.64 -23.03
N GLU L 129 33.75 -24.71 -22.89
CA GLU L 129 35.16 -25.09 -22.98
C GLU L 129 35.61 -25.87 -21.76
N GLY L 130 35.07 -25.58 -20.57
CA GLY L 130 35.37 -26.42 -19.43
C GLY L 130 34.87 -27.83 -19.61
N ALA L 131 33.65 -27.98 -20.14
CA ALA L 131 33.13 -29.31 -20.43
C ALA L 131 33.94 -30.01 -21.51
N ALA L 132 34.38 -29.26 -22.52
CA ALA L 132 35.17 -29.85 -23.60
C ALA L 132 36.54 -30.31 -23.10
N ARG L 133 37.18 -29.51 -22.25
CA ARG L 133 38.45 -29.92 -21.66
C ARG L 133 38.28 -31.12 -20.74
N LEU L 134 37.12 -31.23 -20.09
CA LEU L 134 36.83 -32.43 -19.31
C LEU L 134 36.63 -33.64 -20.22
N ASN L 135 36.05 -33.42 -21.41
CA ASN L 135 35.77 -34.53 -22.32
C ASN L 135 37.05 -35.12 -22.89
N ARG L 136 37.99 -34.29 -23.29
CA ARG L 136 39.22 -34.76 -23.91
C ARG L 136 40.26 -35.23 -22.88
N GLY L 137 39.99 -35.08 -21.60
CA GLY L 137 40.93 -35.50 -20.58
C GLY L 137 42.06 -34.54 -20.32
N LYS L 138 41.98 -33.31 -20.84
CA LYS L 138 43.03 -32.33 -20.60
C LYS L 138 43.02 -31.82 -19.15
N CYS L 139 41.92 -31.99 -18.43
CA CYS L 139 41.85 -31.57 -17.04
C CYS L 139 40.86 -32.45 -16.30
N ASP L 140 41.03 -32.51 -14.98
CA ASP L 140 40.11 -33.24 -14.12
C ASP L 140 39.08 -32.33 -13.47
N VAL L 141 39.43 -31.09 -13.17
CA VAL L 141 38.51 -30.10 -12.62
C VAL L 141 38.54 -28.88 -13.53
N ALA L 142 37.37 -28.47 -14.00
CA ALA L 142 37.23 -27.27 -14.80
C ALA L 142 36.54 -26.21 -13.96
N VAL L 143 37.21 -25.08 -13.75
CA VAL L 143 36.69 -24.00 -12.93
C VAL L 143 36.32 -22.84 -13.85
N ASN L 144 35.06 -22.42 -13.78
CA ASN L 144 34.57 -21.32 -14.59
C ASN L 144 33.55 -20.54 -13.75
N TYR L 145 34.01 -19.45 -13.15
CA TYR L 145 33.10 -18.61 -12.37
C TYR L 145 32.37 -17.59 -13.22
N ALA L 146 32.69 -17.52 -14.52
CA ALA L 146 32.02 -16.57 -15.40
C ALA L 146 30.57 -16.92 -15.65
N GLY L 147 30.16 -18.16 -15.41
CA GLY L 147 28.81 -18.57 -15.70
C GLY L 147 27.91 -18.71 -14.49
N GLY L 148 27.31 -19.87 -14.33
CA GLY L 148 26.42 -20.15 -13.23
C GLY L 148 24.99 -19.69 -13.41
N LEU L 149 24.64 -19.23 -14.60
CA LEU L 149 23.30 -18.72 -14.85
C LEU L 149 22.32 -19.88 -14.93
N HIS L 150 21.88 -20.35 -13.76
CA HIS L 150 21.01 -21.53 -13.68
C HIS L 150 19.55 -21.28 -13.72
N HIS L 151 19.18 -20.03 -13.74
CA HIS L 151 17.76 -19.69 -13.79
C HIS L 151 17.25 -19.45 -15.20
N ALA L 152 18.16 -19.23 -16.16
CA ALA L 152 17.74 -18.96 -17.53
C ALA L 152 17.12 -20.20 -18.15
N LYS L 153 16.12 -19.97 -19.00
CA LYS L 153 15.37 -21.07 -19.58
C LYS L 153 15.41 -20.98 -21.10
N LYS L 154 14.60 -21.80 -21.76
CA LYS L 154 14.69 -21.96 -23.21
C LYS L 154 14.39 -20.66 -23.96
N SER L 155 13.39 -19.92 -23.52
CA SER L 155 12.99 -18.71 -24.23
C SER L 155 12.70 -17.57 -23.27
N GLU L 156 13.43 -17.49 -22.17
CA GLU L 156 13.20 -16.42 -21.21
C GLU L 156 14.46 -16.20 -20.37
N ALA L 157 14.52 -15.02 -19.77
CA ALA L 157 15.57 -14.65 -18.84
C ALA L 157 14.94 -14.41 -17.48
N SER L 158 15.38 -15.15 -16.48
CA SER L 158 14.84 -15.01 -15.14
C SER L 158 15.97 -15.06 -14.14
N GLY L 159 15.74 -14.44 -12.99
CA GLY L 159 16.67 -14.53 -11.86
C GLY L 159 18.06 -13.99 -12.13
N PHE L 160 18.16 -12.88 -12.86
CA PHE L 160 19.40 -12.24 -13.28
C PHE L 160 20.22 -13.15 -14.18
N CYS L 161 19.57 -14.10 -14.86
CA CYS L 161 20.22 -15.06 -15.72
C CYS L 161 19.62 -14.97 -17.11
N TYR L 162 20.46 -14.90 -18.13
CA TYR L 162 20.02 -14.77 -19.51
C TYR L 162 20.35 -15.99 -20.35
N LEU L 163 21.60 -16.43 -20.34
CA LEU L 163 22.04 -17.59 -21.10
C LEU L 163 22.32 -18.71 -20.11
N ASN L 164 21.57 -19.81 -20.20
CA ASN L 164 21.78 -20.95 -19.32
C ASN L 164 23.02 -21.70 -19.80
N ASP L 165 24.18 -21.22 -19.35
CA ASP L 165 25.44 -21.84 -19.75
C ASP L 165 25.62 -23.21 -19.14
N ILE L 166 25.00 -23.48 -17.99
CA ILE L 166 25.15 -24.78 -17.34
C ILE L 166 24.53 -25.88 -18.19
N VAL L 167 23.40 -25.58 -18.85
CA VAL L 167 22.79 -26.54 -19.75
C VAL L 167 23.69 -26.79 -20.96
N LEU L 168 24.34 -25.74 -21.46
CA LEU L 168 25.30 -25.90 -22.56
C LEU L 168 26.49 -26.75 -22.14
N GLY L 169 26.99 -26.54 -20.93
CA GLY L 169 28.09 -27.36 -20.43
C GLY L 169 27.70 -28.81 -20.22
N ILE L 170 26.50 -29.06 -19.69
CA ILE L 170 26.04 -30.43 -19.51
C ILE L 170 25.79 -31.08 -20.87
N ILE L 171 25.33 -30.30 -21.85
CA ILE L 171 25.16 -30.81 -23.21
C ILE L 171 26.51 -31.23 -23.80
N GLU L 172 27.54 -30.39 -23.62
CA GLU L 172 28.87 -30.74 -24.10
C GLU L 172 29.45 -31.93 -23.33
N LEU L 173 29.09 -32.08 -22.06
CA LEU L 173 29.52 -33.25 -21.31
C LEU L 173 28.82 -34.52 -21.77
N LEU L 174 27.56 -34.40 -22.20
CA LEU L 174 26.78 -35.57 -22.59
C LEU L 174 27.26 -36.20 -23.89
N ARG L 175 28.04 -35.46 -24.68
CA ARG L 175 28.57 -36.03 -25.91
C ARG L 175 29.66 -37.06 -25.63
N TYR L 176 30.25 -37.02 -24.44
CA TYR L 176 31.29 -37.98 -24.06
C TYR L 176 30.98 -38.73 -22.77
N HIS L 177 30.02 -38.28 -21.97
CA HIS L 177 29.68 -38.96 -20.74
C HIS L 177 28.23 -39.42 -20.75
N PRO L 178 27.96 -40.66 -20.31
CA PRO L 178 26.58 -41.15 -20.34
C PRO L 178 25.69 -40.56 -19.25
N ARG L 179 26.25 -40.33 -18.06
CA ARG L 179 25.49 -39.80 -16.93
C ARG L 179 26.22 -38.61 -16.34
N VAL L 180 25.54 -37.48 -16.26
CA VAL L 180 26.09 -36.24 -15.72
C VAL L 180 25.23 -35.81 -14.55
N LEU L 181 25.85 -35.61 -13.38
CA LEU L 181 25.14 -35.19 -12.19
C LEU L 181 25.37 -33.69 -11.98
N TYR L 182 24.27 -32.94 -11.86
CA TYR L 182 24.33 -31.52 -11.60
C TYR L 182 23.93 -31.25 -10.16
N ILE L 183 24.83 -30.61 -9.40
CA ILE L 183 24.59 -30.28 -8.00
C ILE L 183 24.54 -28.77 -7.87
N ASP L 184 23.47 -28.27 -7.25
CA ASP L 184 23.21 -26.84 -7.11
C ASP L 184 23.16 -26.52 -5.63
N ILE L 185 24.19 -25.87 -5.11
CA ILE L 185 24.21 -25.49 -3.70
C ILE L 185 23.85 -24.02 -3.56
N ASP L 186 23.41 -23.42 -4.68
CA ASP L 186 22.82 -22.08 -4.64
C ASP L 186 21.56 -22.10 -3.78
N VAL L 187 21.33 -21.02 -3.04
CA VAL L 187 20.16 -20.92 -2.16
C VAL L 187 18.86 -20.89 -2.97
N HIS L 188 18.90 -20.45 -4.21
CA HIS L 188 17.74 -20.55 -5.09
C HIS L 188 17.75 -21.89 -5.82
N HIS L 189 16.57 -22.32 -6.22
CA HIS L 189 16.42 -23.58 -6.93
C HIS L 189 16.91 -23.45 -8.36
N GLY L 190 17.63 -24.45 -8.83
CA GLY L 190 18.11 -24.45 -10.20
C GLY L 190 17.02 -24.78 -11.18
N ASP L 191 16.06 -23.86 -11.36
CA ASP L 191 14.84 -24.17 -12.10
C ASP L 191 15.14 -24.34 -13.59
N GLY L 192 16.05 -23.54 -14.13
CA GLY L 192 16.37 -23.67 -15.55
C GLY L 192 17.05 -24.98 -15.88
N VAL L 193 18.01 -25.37 -15.06
CA VAL L 193 18.76 -26.61 -15.32
C VAL L 193 17.89 -27.83 -15.07
N GLU L 194 17.09 -27.79 -14.00
CA GLU L 194 16.20 -28.90 -13.71
C GLU L 194 15.10 -29.02 -14.75
N GLU L 195 14.55 -27.88 -15.20
CA GLU L 195 13.52 -27.88 -16.23
C GLU L 195 14.07 -28.38 -17.56
N ALA L 196 15.33 -28.04 -17.87
CA ALA L 196 15.95 -28.50 -19.11
C ALA L 196 16.13 -30.01 -19.13
N PHE L 197 16.51 -30.61 -18.01
CA PHE L 197 16.79 -32.04 -17.93
C PHE L 197 15.76 -32.75 -17.05
N TYR L 198 14.50 -32.34 -17.16
CA TYR L 198 13.45 -32.92 -16.32
C TYR L 198 13.04 -34.30 -16.82
N THR L 199 13.01 -34.50 -18.13
CA THR L 199 12.44 -35.71 -18.72
C THR L 199 13.51 -36.72 -19.14
N THR L 200 14.77 -36.51 -18.78
CA THR L 200 15.83 -37.41 -19.16
C THR L 200 16.46 -38.07 -17.94
N ASP L 201 16.87 -39.31 -18.12
CA ASP L 201 17.62 -40.04 -17.10
C ASP L 201 19.12 -39.87 -17.24
N ARG L 202 19.58 -39.23 -18.32
CA ARG L 202 21.01 -39.06 -18.52
C ARG L 202 21.58 -37.99 -17.60
N VAL L 203 20.76 -37.04 -17.15
CA VAL L 203 21.19 -35.98 -16.26
C VAL L 203 20.37 -36.03 -14.99
N MET L 204 21.03 -36.19 -13.85
CA MET L 204 20.40 -36.08 -12.55
C MET L 204 20.69 -34.69 -12.00
N THR L 205 19.65 -33.91 -11.76
CA THR L 205 19.77 -32.54 -11.28
C THR L 205 19.40 -32.51 -9.81
N CYS L 206 20.39 -32.28 -8.95
CA CYS L 206 20.18 -32.17 -7.51
C CYS L 206 20.34 -30.71 -7.09
N SER L 207 19.37 -30.21 -6.35
CA SER L 207 19.36 -28.81 -5.94
C SER L 207 19.15 -28.73 -4.44
N PHE L 208 20.09 -28.08 -3.75
CA PHE L 208 19.98 -27.82 -2.31
C PHE L 208 19.63 -26.35 -2.17
N HIS L 209 18.34 -26.06 -2.00
CA HIS L 209 17.86 -24.70 -2.08
C HIS L 209 16.87 -24.42 -0.97
N LYS L 210 16.72 -23.14 -0.65
CA LYS L 210 15.63 -22.69 0.20
C LYS L 210 14.33 -22.77 -0.57
N TYR L 211 13.33 -23.41 0.04
CA TYR L 211 12.01 -23.53 -0.58
C TYR L 211 10.98 -22.99 0.40
N GLY L 212 10.57 -21.76 0.18
CA GLY L 212 9.49 -21.16 0.94
C GLY L 212 8.54 -20.47 0.01
N GLU L 213 8.35 -19.17 0.23
CA GLU L 213 7.82 -18.27 -0.79
C GLU L 213 8.97 -17.57 -1.49
N PHE L 214 10.05 -18.30 -1.70
CA PHE L 214 11.26 -17.74 -2.26
C PHE L 214 11.42 -18.02 -3.72
N PHE L 215 12.16 -17.18 -4.41
CA PHE L 215 12.43 -17.36 -5.83
C PHE L 215 13.14 -18.68 -6.06
N PRO L 216 12.79 -19.43 -7.12
CA PRO L 216 11.75 -19.18 -8.11
C PRO L 216 10.43 -19.87 -7.79
N GLY L 217 10.25 -20.39 -6.58
CA GLY L 217 9.00 -21.03 -6.25
C GLY L 217 8.97 -22.51 -6.59
N THR L 218 9.65 -22.88 -7.67
CA THR L 218 9.79 -24.28 -8.01
C THR L 218 10.78 -24.95 -7.04
N GLY L 219 10.69 -26.26 -6.93
CA GLY L 219 11.62 -26.98 -6.09
C GLY L 219 10.96 -27.71 -4.94
N GLU L 220 9.69 -28.08 -5.10
CA GLU L 220 9.02 -28.94 -4.14
C GLU L 220 9.67 -30.31 -4.14
N LEU L 221 9.60 -30.99 -2.99
CA LEU L 221 10.17 -32.33 -2.87
C LEU L 221 9.50 -33.32 -3.81
N ARG L 222 8.23 -33.11 -4.13
CA ARG L 222 7.53 -34.02 -5.04
C ARG L 222 7.95 -33.85 -6.49
N ASP L 223 8.73 -32.82 -6.81
CA ASP L 223 9.25 -32.63 -8.16
C ASP L 223 10.43 -33.58 -8.35
N ILE L 224 10.17 -34.70 -9.02
CA ILE L 224 11.18 -35.75 -9.16
C ILE L 224 11.38 -36.10 -10.63
N GLY L 225 10.78 -35.33 -11.51
CA GLY L 225 10.92 -35.63 -12.93
C GLY L 225 9.77 -36.45 -13.46
N VAL L 226 9.51 -36.31 -14.76
CA VAL L 226 8.45 -37.03 -15.43
C VAL L 226 9.05 -37.85 -16.57
N GLY L 227 8.28 -38.82 -17.04
CA GLY L 227 8.71 -39.63 -18.18
C GLY L 227 9.87 -40.52 -17.81
N ALA L 228 10.90 -40.52 -18.67
CA ALA L 228 12.11 -41.26 -18.40
C ALA L 228 12.99 -40.59 -17.35
N GLY L 229 12.69 -39.35 -16.98
CA GLY L 229 13.46 -38.65 -15.99
C GLY L 229 12.86 -38.70 -14.61
N LYS L 230 11.96 -39.65 -14.38
CA LYS L 230 11.35 -39.82 -13.07
C LYS L 230 12.39 -40.30 -12.07
N ASN L 231 12.36 -39.70 -10.88
CA ASN L 231 13.35 -39.91 -9.81
C ASN L 231 14.76 -39.54 -10.24
N TYR L 232 14.89 -38.67 -11.24
CA TYR L 232 16.18 -38.18 -11.69
C TYR L 232 16.30 -36.67 -11.53
N ALA L 233 15.52 -36.09 -10.63
CA ALA L 233 15.61 -34.67 -10.28
C ALA L 233 15.33 -34.58 -8.79
N VAL L 234 16.40 -34.57 -7.99
CA VAL L 234 16.30 -34.54 -6.54
C VAL L 234 16.21 -33.09 -6.09
N ASN L 235 15.17 -32.77 -5.34
CA ASN L 235 15.00 -31.44 -4.75
C ASN L 235 15.08 -31.54 -3.24
N VAL L 236 15.96 -30.76 -2.64
CA VAL L 236 16.14 -30.77 -1.19
C VAL L 236 15.66 -29.43 -0.65
N PRO L 237 14.43 -29.33 -0.15
CA PRO L 237 13.94 -28.06 0.37
C PRO L 237 14.49 -27.79 1.75
N LEU L 238 14.98 -26.56 1.96
CA LEU L 238 15.59 -26.16 3.22
C LEU L 238 14.92 -24.88 3.70
N ARG L 239 14.97 -24.68 5.02
CA ARG L 239 14.45 -23.48 5.64
C ARG L 239 15.58 -22.47 5.85
N ASP L 240 15.27 -21.37 6.53
CA ASP L 240 16.23 -20.29 6.70
C ASP L 240 17.32 -20.67 7.69
N GLY L 241 18.48 -20.03 7.53
CA GLY L 241 19.52 -20.07 8.54
C GLY L 241 20.19 -21.40 8.76
N ILE L 242 20.33 -22.21 7.72
CA ILE L 242 20.99 -23.50 7.89
C ILE L 242 22.49 -23.26 8.07
N ASP L 243 23.07 -23.88 9.08
CA ASP L 243 24.47 -23.66 9.43
C ASP L 243 25.33 -24.74 8.77
N ASP L 244 26.64 -24.70 9.06
CA ASP L 244 27.59 -25.56 8.36
C ASP L 244 27.40 -27.02 8.72
N ALA L 245 27.17 -27.32 10.01
CA ALA L 245 26.99 -28.71 10.42
C ALA L 245 25.69 -29.28 9.86
N THR L 246 24.62 -28.50 9.91
CA THR L 246 23.34 -28.94 9.37
C THR L 246 23.39 -29.14 7.87
N TYR L 247 24.00 -28.18 7.15
CA TYR L 247 24.13 -28.30 5.71
C TYR L 247 25.03 -29.47 5.33
N ARG L 248 26.08 -29.73 6.12
CA ARG L 248 26.95 -30.87 5.83
C ARG L 248 26.20 -32.18 6.05
N SER L 249 25.47 -32.30 7.16
CA SER L 249 24.72 -33.52 7.45
C SER L 249 23.52 -33.70 6.53
N VAL L 250 23.10 -32.68 5.79
CA VAL L 250 22.12 -32.85 4.74
C VAL L 250 22.79 -33.20 3.40
N PHE L 251 23.86 -32.45 3.07
CA PHE L 251 24.48 -32.55 1.75
C PHE L 251 25.20 -33.88 1.55
N GLU L 252 26.03 -34.26 2.52
CA GLU L 252 26.88 -35.45 2.34
C GLU L 252 26.11 -36.75 2.20
N PRO L 253 25.08 -37.07 3.01
CA PRO L 253 24.33 -38.30 2.73
C PRO L 253 23.60 -38.32 1.40
N VAL L 254 23.00 -37.21 0.99
CA VAL L 254 22.24 -37.17 -0.26
C VAL L 254 23.18 -37.34 -1.45
N ILE L 255 24.28 -36.60 -1.47
CA ILE L 255 25.23 -36.68 -2.57
C ILE L 255 25.93 -38.03 -2.56
N LYS L 256 26.19 -38.60 -1.38
CA LYS L 256 26.77 -39.93 -1.31
C LYS L 256 25.83 -40.99 -1.87
N LYS L 257 24.55 -40.91 -1.52
CA LYS L 257 23.57 -41.87 -2.03
C LYS L 257 23.40 -41.73 -3.54
N ILE L 258 23.44 -40.50 -4.05
CA ILE L 258 23.40 -40.28 -5.48
C ILE L 258 24.64 -40.87 -6.15
N MET L 259 25.81 -40.70 -5.52
CA MET L 259 27.06 -41.22 -6.07
C MET L 259 27.05 -42.74 -6.18
N GLU L 260 26.65 -43.44 -5.12
CA GLU L 260 26.63 -44.90 -5.17
C GLU L 260 25.34 -45.47 -5.77
N TRP L 261 24.39 -44.63 -6.16
CA TRP L 261 23.18 -45.12 -6.80
C TRP L 261 23.05 -44.68 -8.25
N TYR L 262 23.20 -43.38 -8.52
CA TYR L 262 23.11 -42.89 -9.90
C TYR L 262 24.37 -43.20 -10.68
N GLN L 263 25.53 -43.17 -10.01
CA GLN L 263 26.87 -43.41 -10.57
C GLN L 263 27.15 -42.54 -11.79
N PRO L 264 27.34 -41.24 -11.62
CA PRO L 264 27.58 -40.38 -12.77
C PRO L 264 29.00 -40.50 -13.29
N SER L 265 29.18 -40.06 -14.54
CA SER L 265 30.50 -39.98 -15.15
C SER L 265 31.11 -38.59 -15.10
N ALA L 266 30.29 -37.56 -14.98
CA ALA L 266 30.78 -36.19 -14.83
C ALA L 266 29.89 -35.47 -13.83
N VAL L 267 30.44 -34.46 -13.16
CA VAL L 267 29.73 -33.71 -12.14
C VAL L 267 29.80 -32.23 -12.51
N VAL L 268 28.67 -31.56 -12.47
CA VAL L 268 28.62 -30.10 -12.57
C VAL L 268 28.17 -29.58 -11.21
N LEU L 269 28.98 -28.71 -10.62
CA LEU L 269 28.72 -28.18 -9.28
C LEU L 269 28.49 -26.69 -9.38
N GLN L 270 27.25 -26.26 -9.15
CA GLN L 270 26.92 -24.85 -9.10
C GLN L 270 27.29 -24.32 -7.72
N CYS L 271 28.30 -23.45 -7.67
CA CYS L 271 28.74 -22.85 -6.42
C CYS L 271 28.19 -21.43 -6.30
N GLY L 272 26.91 -21.36 -5.97
CA GLY L 272 26.27 -20.09 -5.74
C GLY L 272 26.73 -19.50 -4.42
N GLY L 273 27.27 -18.30 -4.45
CA GLY L 273 27.70 -17.65 -3.23
C GLY L 273 26.59 -17.04 -2.41
N ASP L 274 25.37 -17.06 -2.91
CA ASP L 274 24.24 -16.54 -2.16
C ASP L 274 23.76 -17.51 -1.09
N SER L 275 24.31 -18.72 -1.05
CA SER L 275 24.13 -19.62 0.07
C SER L 275 24.91 -19.18 1.30
N LEU L 276 25.80 -18.21 1.18
CA LEU L 276 26.59 -17.74 2.30
C LEU L 276 25.76 -16.89 3.24
N SER L 277 26.23 -16.80 4.49
CA SER L 277 25.62 -15.90 5.45
C SER L 277 25.90 -14.45 5.06
N GLY L 278 24.94 -13.58 5.38
CA GLY L 278 25.09 -12.17 5.08
C GLY L 278 24.83 -11.78 3.64
N ASP L 279 24.23 -12.66 2.85
CA ASP L 279 23.95 -12.34 1.45
C ASP L 279 22.79 -11.35 1.36
N ARG L 280 22.77 -10.58 0.27
CA ARG L 280 21.71 -9.60 0.06
C ARG L 280 20.37 -10.27 -0.17
N LEU L 281 20.34 -11.33 -0.96
CA LEU L 281 19.10 -12.03 -1.25
C LEU L 281 19.00 -13.39 -0.59
N GLY L 282 20.13 -14.04 -0.33
CA GLY L 282 20.09 -15.34 0.32
C GLY L 282 19.69 -15.25 1.77
N CYS L 283 19.21 -16.39 2.30
CA CYS L 283 18.73 -16.46 3.67
C CYS L 283 19.33 -17.64 4.43
N PHE L 284 20.48 -18.13 3.99
CA PHE L 284 21.16 -19.22 4.69
C PHE L 284 22.22 -18.64 5.63
N ASN L 285 22.81 -19.52 6.42
CA ASN L 285 23.81 -19.13 7.42
C ASN L 285 25.07 -19.95 7.26
N LEU L 286 25.52 -20.10 6.01
CA LEU L 286 26.73 -20.85 5.73
C LEU L 286 27.95 -19.95 5.82
N SER L 287 28.98 -20.44 6.50
CA SER L 287 30.29 -19.80 6.48
C SER L 287 31.01 -20.25 5.21
N MET L 288 32.22 -19.73 4.99
CA MET L 288 32.97 -20.12 3.80
C MET L 288 33.43 -21.56 3.89
N GLU L 289 33.73 -22.04 5.12
CA GLU L 289 33.99 -23.45 5.34
C GLU L 289 32.77 -24.30 4.99
N GLY L 290 31.58 -23.87 5.39
CA GLY L 290 30.38 -24.64 5.08
C GLY L 290 30.06 -24.67 3.60
N HIS L 291 30.34 -23.57 2.90
CA HIS L 291 30.13 -23.54 1.46
C HIS L 291 31.15 -24.39 0.73
N ALA L 292 32.41 -24.35 1.17
CA ALA L 292 33.48 -25.07 0.50
C ALA L 292 33.53 -26.54 0.88
N ASN L 293 32.86 -26.95 1.95
CA ASN L 293 32.84 -28.36 2.30
C ASN L 293 32.09 -29.19 1.27
N CYS L 294 31.08 -28.61 0.63
CA CYS L 294 30.39 -29.29 -0.46
C CYS L 294 31.33 -29.55 -1.64
N VAL L 295 32.14 -28.55 -1.99
CA VAL L 295 33.09 -28.69 -3.08
C VAL L 295 34.18 -29.69 -2.73
N ASN L 296 34.63 -29.68 -1.48
CA ASN L 296 35.66 -30.64 -1.07
C ASN L 296 35.11 -32.05 -1.00
N TYR L 297 33.84 -32.21 -0.61
CA TYR L 297 33.26 -33.54 -0.51
C TYR L 297 32.98 -34.12 -1.89
N VAL L 298 32.51 -33.29 -2.82
CA VAL L 298 32.30 -33.79 -4.17
C VAL L 298 33.63 -34.03 -4.89
N LYS L 299 34.71 -33.40 -4.43
CA LYS L 299 36.03 -33.66 -5.00
C LYS L 299 36.58 -35.02 -4.60
N SER L 300 36.11 -35.58 -3.47
CA SER L 300 36.63 -36.83 -2.96
C SER L 300 36.24 -38.03 -3.82
N PHE L 301 35.21 -37.90 -4.64
CA PHE L 301 34.72 -39.04 -5.41
C PHE L 301 35.57 -39.33 -6.65
N GLY L 302 36.43 -38.39 -7.06
CA GLY L 302 37.31 -38.62 -8.18
C GLY L 302 36.69 -38.48 -9.54
N ILE L 303 35.39 -38.17 -9.61
CA ILE L 303 34.69 -38.02 -10.89
C ILE L 303 35.14 -36.71 -11.54
N PRO L 304 35.40 -36.70 -12.85
CA PRO L 304 35.78 -35.44 -13.52
C PRO L 304 34.67 -34.39 -13.41
N MET L 305 34.99 -33.29 -12.75
CA MET L 305 33.98 -32.32 -12.34
C MET L 305 34.20 -30.98 -13.01
N MET L 306 33.12 -30.20 -13.04
CA MET L 306 33.12 -28.85 -13.59
C MET L 306 32.57 -27.92 -12.51
N VAL L 307 33.45 -27.17 -11.86
CA VAL L 307 33.06 -26.24 -10.82
C VAL L 307 32.67 -24.92 -11.48
N VAL L 308 31.40 -24.57 -11.38
CA VAL L 308 30.86 -23.39 -12.05
C VAL L 308 30.20 -22.52 -10.99
N GLY L 309 30.65 -21.27 -10.89
CA GLY L 309 30.18 -20.36 -9.86
C GLY L 309 28.94 -19.62 -10.31
N GLY L 310 27.94 -19.58 -9.43
CA GLY L 310 26.65 -19.03 -9.80
C GLY L 310 26.29 -17.71 -9.16
N GLY L 311 25.47 -17.75 -8.12
CA GLY L 311 24.98 -16.55 -7.46
C GLY L 311 26.01 -15.87 -6.58
N GLY L 312 25.53 -15.21 -5.53
CA GLY L 312 26.42 -14.43 -4.70
C GLY L 312 26.30 -12.95 -5.02
N TYR L 313 25.66 -12.21 -4.12
CA TYR L 313 25.35 -10.81 -4.38
C TYR L 313 26.03 -9.85 -3.42
N THR L 314 26.71 -10.35 -2.38
CA THR L 314 27.73 -9.59 -1.69
C THR L 314 29.07 -10.05 -2.23
N MET L 315 29.77 -9.13 -2.91
CA MET L 315 30.94 -9.46 -3.72
C MET L 315 32.10 -10.01 -2.89
N ARG L 316 32.31 -9.47 -1.69
CA ARG L 316 33.45 -9.86 -0.87
C ARG L 316 33.33 -11.32 -0.43
N ASN L 317 32.16 -11.71 0.07
CA ASN L 317 31.98 -13.06 0.57
C ASN L 317 32.05 -14.10 -0.53
N VAL L 318 31.41 -13.83 -1.68
CA VAL L 318 31.43 -14.78 -2.78
C VAL L 318 32.83 -14.88 -3.37
N ALA L 319 33.57 -13.76 -3.43
CA ALA L 319 34.95 -13.80 -3.90
C ALA L 319 35.83 -14.63 -2.98
N ARG L 320 35.69 -14.43 -1.66
CA ARG L 320 36.49 -15.18 -0.71
C ARG L 320 36.16 -16.67 -0.75
N THR L 321 34.88 -17.01 -0.84
CA THR L 321 34.53 -18.42 -0.87
C THR L 321 34.91 -19.07 -2.19
N TRP L 322 34.93 -18.32 -3.29
CA TRP L 322 35.36 -18.89 -4.56
C TRP L 322 36.87 -19.10 -4.56
N CYS L 323 37.61 -18.17 -3.95
CA CYS L 323 39.05 -18.35 -3.82
C CYS L 323 39.39 -19.55 -2.95
N PHE L 324 38.67 -19.72 -1.83
CA PHE L 324 38.90 -20.87 -0.97
C PHE L 324 38.53 -22.18 -1.66
N GLU L 325 37.42 -22.19 -2.40
CA GLU L 325 36.99 -23.38 -3.11
C GLU L 325 37.98 -23.74 -4.21
N THR L 326 38.47 -22.74 -4.94
CA THR L 326 39.46 -22.96 -5.98
C THR L 326 40.77 -23.48 -5.39
N GLY L 327 41.20 -22.91 -4.27
CA GLY L 327 42.38 -23.44 -3.59
C GLY L 327 42.19 -24.86 -3.09
N LEU L 328 40.96 -25.20 -2.70
CA LEU L 328 40.69 -26.56 -2.24
C LEU L 328 40.82 -27.59 -3.36
N LEU L 329 40.55 -27.18 -4.60
CA LEU L 329 40.66 -28.08 -5.74
C LEU L 329 42.11 -28.37 -6.12
N ASN L 330 43.06 -27.59 -5.64
CA ASN L 330 44.48 -27.86 -5.84
C ASN L 330 45.10 -28.60 -4.66
N ASN L 331 44.26 -29.20 -3.80
CA ASN L 331 44.69 -29.96 -2.62
C ASN L 331 45.54 -29.12 -1.68
N VAL L 332 45.15 -27.86 -1.49
CA VAL L 332 45.78 -26.99 -0.51
C VAL L 332 44.69 -26.25 0.24
N VAL L 333 44.99 -25.83 1.46
CA VAL L 333 44.08 -24.99 2.23
C VAL L 333 44.74 -23.63 2.40
N LEU L 334 44.12 -22.61 1.83
CA LEU L 334 44.70 -21.27 1.87
C LEU L 334 44.63 -20.71 3.28
N ASP L 335 45.71 -20.04 3.69
CA ASP L 335 45.76 -19.46 5.02
C ASP L 335 44.77 -18.32 5.16
N LYS L 336 44.27 -18.13 6.38
CA LYS L 336 43.24 -17.13 6.65
C LYS L 336 43.84 -15.75 6.83
N ASP L 337 44.69 -15.34 5.89
CA ASP L 337 45.30 -14.01 5.90
C ASP L 337 45.39 -13.58 4.45
N LEU L 338 44.56 -12.63 4.06
CA LEU L 338 44.45 -12.28 2.66
C LEU L 338 45.71 -11.59 2.18
N PRO L 339 46.21 -11.93 0.99
CA PRO L 339 47.32 -11.18 0.40
C PRO L 339 46.83 -9.85 -0.13
N TYR L 340 47.78 -8.99 -0.48
CA TYR L 340 47.44 -7.68 -1.00
C TYR L 340 46.94 -7.81 -2.43
N ASN L 341 45.68 -7.48 -2.66
CA ASN L 341 45.12 -7.37 -4.00
C ASN L 341 44.70 -5.94 -4.24
N GLU L 342 44.28 -5.65 -5.47
CA GLU L 342 43.83 -4.31 -5.80
C GLU L 342 42.45 -3.98 -5.23
N TYR L 343 41.72 -4.99 -4.75
CA TYR L 343 40.42 -4.81 -4.13
C TYR L 343 40.49 -5.19 -2.66
N TYR L 344 41.60 -4.86 -2.00
CA TYR L 344 41.79 -5.23 -0.60
C TYR L 344 40.85 -4.50 0.34
N GLU L 345 40.33 -3.35 -0.07
CA GLU L 345 39.48 -2.53 0.79
C GLU L 345 38.09 -3.12 0.99
N TYR L 346 37.73 -4.18 0.26
CA TYR L 346 36.40 -4.76 0.40
C TYR L 346 36.29 -5.59 1.67
N TYR L 347 37.35 -6.29 2.04
CA TYR L 347 37.27 -7.40 2.98
C TYR L 347 37.47 -6.97 4.43
N GLY L 348 37.14 -5.73 4.78
CA GLY L 348 37.22 -5.29 6.15
C GLY L 348 36.19 -5.98 7.03
N PRO L 349 36.38 -5.90 8.36
CA PRO L 349 37.44 -5.20 9.08
C PRO L 349 38.67 -6.05 9.38
N ASP L 350 38.59 -7.37 9.24
CA ASP L 350 39.72 -8.22 9.62
C ASP L 350 40.65 -8.53 8.45
N TYR L 351 40.16 -8.37 7.21
CA TYR L 351 40.93 -8.61 5.99
C TYR L 351 41.47 -10.03 5.92
N LYS L 352 40.64 -10.97 6.35
CA LYS L 352 40.95 -12.39 6.33
C LYS L 352 40.07 -13.10 5.31
N LEU L 353 40.42 -14.35 5.03
CA LEU L 353 39.68 -15.13 4.04
C LEU L 353 38.31 -15.56 4.56
N SER L 354 38.15 -15.69 5.87
CA SER L 354 36.95 -16.30 6.43
C SER L 354 35.71 -15.44 6.24
N VAL L 355 34.58 -16.10 6.01
CA VAL L 355 33.27 -15.48 5.99
C VAL L 355 32.54 -15.91 7.26
N ARG L 356 32.26 -14.95 8.13
CA ARG L 356 31.73 -15.29 9.44
C ARG L 356 30.23 -15.53 9.37
N PRO L 357 29.73 -16.62 9.92
CA PRO L 357 28.28 -16.85 9.94
C PRO L 357 27.56 -15.95 10.92
N SER L 358 26.30 -15.68 10.64
CA SER L 358 25.45 -14.91 11.53
C SER L 358 24.89 -15.81 12.64
N ASN L 359 24.49 -15.18 13.75
CA ASN L 359 23.94 -15.91 14.88
C ASN L 359 22.42 -16.02 14.81
N MET L 360 21.90 -16.42 13.66
CA MET L 360 20.46 -16.47 13.47
C MET L 360 19.96 -17.91 13.58
N PHE L 361 18.65 -18.04 13.76
CA PHE L 361 18.05 -19.31 14.16
C PHE L 361 18.14 -20.33 13.04
N ASN L 362 18.78 -21.46 13.32
CA ASN L 362 18.78 -22.61 12.43
C ASN L 362 17.44 -23.30 12.62
N VAL L 363 16.46 -22.92 11.81
CA VAL L 363 15.10 -23.38 11.97
C VAL L 363 14.85 -24.70 11.23
N ASN L 364 15.86 -25.21 10.53
CA ASN L 364 15.78 -26.53 9.93
C ASN L 364 15.92 -27.60 11.00
N THR L 365 14.77 -28.08 11.50
CA THR L 365 14.78 -29.06 12.57
C THR L 365 15.26 -30.41 12.07
N PRO L 366 15.85 -31.23 12.95
CA PRO L 366 16.27 -32.57 12.53
C PRO L 366 15.14 -33.48 12.05
N GLU L 367 13.93 -33.32 12.58
CA GLU L 367 12.82 -34.15 12.13
C GLU L 367 12.41 -33.83 10.70
N TYR L 368 12.37 -32.54 10.36
CA TYR L 368 12.00 -32.13 9.01
C TYR L 368 13.02 -32.61 7.99
N LEU L 369 14.31 -32.42 8.28
CA LEU L 369 15.34 -32.88 7.37
C LEU L 369 15.43 -34.39 7.32
N ASP L 370 15.08 -35.07 8.42
CA ASP L 370 15.01 -36.52 8.40
C ASP L 370 13.91 -37.01 7.46
N LYS L 371 12.74 -36.39 7.52
CA LYS L 371 11.67 -36.75 6.59
C LYS L 371 12.03 -36.42 5.15
N VAL L 372 12.68 -35.27 4.94
CA VAL L 372 13.08 -34.85 3.59
C VAL L 372 14.08 -35.85 3.01
N MET L 373 15.10 -36.20 3.79
CA MET L 373 16.11 -37.11 3.30
C MET L 373 15.59 -38.54 3.21
N THR L 374 14.59 -38.91 4.03
CA THR L 374 13.98 -40.22 3.90
C THR L 374 13.21 -40.36 2.58
N ASN L 375 12.40 -39.35 2.24
CA ASN L 375 11.71 -39.40 0.96
C ASN L 375 12.68 -39.30 -0.22
N ILE L 376 13.75 -38.51 -0.08
CA ILE L 376 14.75 -38.42 -1.14
C ILE L 376 15.46 -39.75 -1.33
N PHE L 377 15.84 -40.41 -0.24
CA PHE L 377 16.50 -41.71 -0.32
C PHE L 377 15.55 -42.77 -0.89
N ALA L 378 14.27 -42.69 -0.55
CA ALA L 378 13.29 -43.61 -1.11
C ALA L 378 13.12 -43.41 -2.61
N ASN L 379 13.16 -42.16 -3.07
CA ASN L 379 13.06 -41.91 -4.52
C ASN L 379 14.32 -42.34 -5.25
N LEU L 380 15.45 -42.39 -4.56
CA LEU L 380 16.71 -42.71 -5.22
C LEU L 380 16.92 -44.21 -5.38
N GLU L 381 16.02 -45.04 -4.86
CA GLU L 381 16.17 -46.49 -4.96
C GLU L 381 15.96 -47.00 -6.38
N ASN L 382 15.36 -46.19 -7.25
CA ASN L 382 15.03 -46.61 -8.61
C ASN L 382 16.03 -46.09 -9.64
N THR L 383 17.18 -45.59 -9.19
CA THR L 383 18.17 -44.98 -10.08
C THR L 383 19.37 -45.89 -10.35
N LYS L 384 19.30 -47.16 -9.97
CA LYS L 384 20.41 -48.09 -10.18
C LYS L 384 20.63 -48.39 -11.64
N GLU M 7 -42.85 90.34 -30.50
CA GLU M 7 -41.98 90.41 -31.66
C GLU M 7 -40.72 89.58 -31.46
N PHE M 8 -39.65 89.96 -32.16
CA PHE M 8 -38.36 89.27 -32.08
C PHE M 8 -37.33 90.22 -31.50
N ALA M 9 -36.58 89.73 -30.51
CA ALA M 9 -35.53 90.52 -29.87
C ALA M 9 -34.28 89.66 -29.72
N LEU M 10 -33.13 90.33 -29.62
CA LEU M 10 -31.87 89.64 -29.41
C LEU M 10 -31.83 89.02 -28.01
N GLY M 11 -31.63 87.71 -27.97
CA GLY M 11 -31.63 86.98 -26.73
C GLY M 11 -33.00 86.55 -26.23
N GLY M 12 -34.07 86.93 -26.93
CA GLY M 12 -35.39 86.58 -26.47
C GLY M 12 -35.81 85.18 -26.86
N ARG M 13 -36.87 84.71 -26.21
CA ARG M 13 -37.46 83.43 -26.51
C ARG M 13 -38.13 83.43 -27.87
N CYS M 14 -38.07 82.29 -28.56
CA CYS M 14 -38.82 82.12 -29.80
C CYS M 14 -39.17 80.65 -29.95
N LEU M 15 -40.18 80.38 -30.76
CA LEU M 15 -40.57 79.03 -31.11
C LEU M 15 -40.43 78.83 -32.61
N ALA M 16 -39.84 77.71 -33.00
CA ALA M 16 -39.38 77.53 -34.37
C ALA M 16 -39.71 76.15 -34.90
N PHE M 17 -39.77 76.05 -36.23
CA PHE M 17 -40.00 74.79 -36.87
C PHE M 17 -38.75 73.97 -36.79
N HIS M 18 -38.89 72.66 -36.91
CA HIS M 18 -37.74 71.79 -36.98
C HIS M 18 -38.49 70.57 -37.38
N GLY M 19 -38.38 70.20 -38.64
CA GLY M 19 -39.23 69.14 -39.11
C GLY M 19 -40.68 69.53 -38.94
N PRO M 20 -41.49 68.63 -38.37
CA PRO M 20 -42.90 68.95 -38.14
C PRO M 20 -43.19 69.56 -36.77
N LEU M 21 -42.19 69.76 -35.93
CA LEU M 21 -42.45 70.09 -34.53
C LEU M 21 -41.84 71.42 -34.13
N MET M 22 -42.30 71.90 -32.97
CA MET M 22 -42.01 73.22 -32.45
C MET M 22 -40.95 73.12 -31.37
N TYR M 23 -39.96 74.01 -31.43
CA TYR M 23 -38.90 74.00 -30.43
C TYR M 23 -38.56 75.41 -29.99
N GLU M 24 -38.24 75.55 -28.71
CA GLU M 24 -37.86 76.84 -28.15
C GLU M 24 -36.41 77.14 -28.42
N ALA M 25 -36.10 78.42 -28.65
CA ALA M 25 -34.78 78.83 -29.06
C ALA M 25 -34.49 80.26 -28.60
N LYS M 26 -33.20 80.55 -28.53
CA LYS M 26 -32.67 81.88 -28.24
C LYS M 26 -32.24 82.53 -29.54
N ILE M 27 -32.57 83.80 -29.71
CA ILE M 27 -32.14 84.56 -30.88
C ILE M 27 -30.82 85.24 -30.55
N LEU M 28 -29.73 84.73 -31.12
CA LEU M 28 -28.40 85.28 -30.88
C LEU M 28 -28.02 86.35 -31.88
N LYS M 29 -28.45 86.23 -33.13
CA LYS M 29 -28.14 87.22 -34.16
C LYS M 29 -29.42 87.56 -34.92
N ILE M 30 -29.49 88.81 -35.39
CA ILE M 30 -30.60 89.29 -36.20
C ILE M 30 -30.03 89.76 -37.53
N TRP M 31 -30.51 89.20 -38.63
CA TRP M 31 -29.97 89.45 -39.95
C TRP M 31 -30.89 90.38 -40.74
N ASP M 32 -30.30 91.33 -41.45
CA ASP M 32 -31.02 92.24 -42.33
C ASP M 32 -30.61 91.95 -43.78
N PRO M 33 -31.52 91.53 -44.65
CA PRO M 33 -31.12 91.18 -46.03
C PRO M 33 -30.65 92.37 -46.84
N SER M 34 -31.18 93.57 -46.57
CA SER M 34 -30.85 94.73 -47.39
C SER M 34 -29.41 95.18 -47.17
N SER M 35 -28.96 95.16 -45.92
CA SER M 35 -27.61 95.63 -45.60
C SER M 35 -26.55 94.54 -45.68
N LYS M 36 -26.96 93.29 -45.90
CA LYS M 36 -26.08 92.11 -45.90
C LYS M 36 -25.28 92.06 -44.59
N MET M 37 -26.00 92.13 -43.48
CA MET M 37 -25.44 92.44 -42.18
C MET M 37 -26.28 91.77 -41.10
N TYR M 38 -25.67 91.51 -39.95
CA TYR M 38 -26.39 91.02 -38.79
C TYR M 38 -25.84 91.65 -37.52
N THR M 39 -26.71 91.78 -36.52
CA THR M 39 -26.35 92.24 -35.19
C THR M 39 -26.32 91.05 -34.24
N SER M 40 -25.37 91.07 -33.31
CA SER M 40 -25.12 89.94 -32.44
C SER M 40 -25.04 90.40 -30.99
N ILE M 41 -25.03 89.42 -30.10
CA ILE M 41 -24.94 89.66 -28.66
C ILE M 41 -23.63 89.06 -28.14
N PRO M 42 -23.03 89.60 -27.07
CA PRO M 42 -21.81 89.01 -26.50
C PRO M 42 -22.06 87.66 -25.84
N LYS M 57 -24.10 96.10 -32.19
CA LYS M 57 -22.83 95.98 -32.90
C LYS M 57 -23.02 95.31 -34.26
N PRO M 58 -23.27 96.13 -35.28
CA PRO M 58 -23.47 95.59 -36.63
C PRO M 58 -22.20 94.97 -37.20
N GLN M 59 -22.38 93.91 -38.00
CA GLN M 59 -21.27 93.26 -38.67
C GLN M 59 -21.79 92.43 -39.84
N LYS M 60 -20.93 92.24 -40.83
CA LYS M 60 -21.25 91.39 -41.98
C LYS M 60 -20.93 89.94 -41.67
N LEU M 61 -21.25 89.06 -42.63
CA LEU M 61 -20.95 87.64 -42.48
C LEU M 61 -19.45 87.39 -42.50
N GLY M 62 -19.00 86.45 -41.68
CA GLY M 62 -17.60 86.13 -41.62
C GLY M 62 -17.17 85.21 -42.74
N GLU M 63 -15.91 84.77 -42.66
CA GLU M 63 -15.34 83.89 -43.67
C GLU M 63 -16.00 82.51 -43.65
N ASP M 64 -16.19 81.95 -42.46
CA ASP M 64 -16.82 80.65 -42.30
C ASP M 64 -18.31 80.73 -42.05
N GLU M 65 -18.87 81.94 -41.98
CA GLU M 65 -20.28 82.14 -41.71
C GLU M 65 -21.05 82.35 -43.00
N SER M 66 -22.18 81.65 -43.10
CA SER M 66 -23.02 81.72 -44.29
C SER M 66 -24.46 81.43 -43.89
N ILE M 67 -25.38 81.90 -44.71
CA ILE M 67 -26.81 81.70 -44.50
C ILE M 67 -27.35 81.00 -45.75
N PRO M 68 -28.22 80.01 -45.61
CA PRO M 68 -28.84 79.39 -46.80
C PRO M 68 -29.63 80.41 -47.62
N GLU M 69 -29.55 80.27 -48.94
CA GLU M 69 -30.11 81.28 -49.83
C GLU M 69 -31.63 81.22 -49.92
N GLU M 70 -32.25 80.17 -49.37
CA GLU M 70 -33.71 80.09 -49.37
C GLU M 70 -34.33 81.11 -48.43
N ILE M 71 -33.59 81.58 -47.43
CA ILE M 71 -34.15 82.46 -46.41
C ILE M 71 -33.40 83.78 -46.37
N ILE M 72 -32.21 83.84 -46.97
CA ILE M 72 -31.33 85.00 -46.84
C ILE M 72 -31.92 86.26 -47.45
N ASN M 73 -32.91 86.13 -48.34
CA ASN M 73 -33.65 87.27 -48.85
C ASN M 73 -34.71 87.78 -47.87
N GLY M 74 -35.14 86.95 -46.92
CA GLY M 74 -35.98 87.38 -45.83
C GLY M 74 -35.19 87.62 -44.56
N LYS M 75 -35.85 88.22 -43.58
CA LYS M 75 -35.18 88.59 -42.34
C LYS M 75 -34.91 87.35 -41.51
N CYS M 76 -33.62 87.07 -41.28
CA CYS M 76 -33.19 85.84 -40.64
C CYS M 76 -32.81 86.09 -39.19
N PHE M 77 -32.86 85.01 -38.41
CA PHE M 77 -32.38 85.01 -37.03
C PHE M 77 -31.53 83.77 -36.83
N PHE M 78 -30.33 83.96 -36.30
CA PHE M 78 -29.49 82.86 -35.84
C PHE M 78 -30.02 82.45 -34.46
N ILE M 79 -30.39 81.18 -34.32
CA ILE M 79 -31.07 80.72 -33.12
C ILE M 79 -30.34 79.50 -32.57
N HIS M 80 -30.47 79.33 -31.25
CA HIS M 80 -29.90 78.24 -30.50
C HIS M 80 -31.01 77.49 -29.80
N TYR M 81 -31.11 76.18 -30.06
CA TYR M 81 -32.17 75.37 -29.47
C TYR M 81 -31.90 75.13 -28.00
N GLN M 82 -32.92 75.34 -27.17
CA GLN M 82 -32.79 75.08 -25.75
C GLN M 82 -32.74 73.58 -25.48
N GLY M 83 -31.86 73.18 -24.56
CA GLY M 83 -31.70 71.77 -24.27
C GLY M 83 -30.92 70.99 -25.31
N TRP M 84 -30.31 71.68 -26.26
CA TRP M 84 -29.55 71.04 -27.33
C TRP M 84 -28.31 71.89 -27.59
N LYS M 85 -27.24 71.27 -28.07
CA LYS M 85 -25.95 71.93 -28.11
C LYS M 85 -25.82 72.91 -29.27
N SER M 86 -24.67 73.58 -29.35
CA SER M 86 -24.42 74.62 -30.34
C SER M 86 -24.29 74.08 -31.76
N SER M 87 -24.13 72.77 -31.94
CA SER M 87 -24.13 72.20 -33.27
C SER M 87 -25.49 72.30 -33.95
N TRP M 88 -26.55 72.50 -33.18
CA TRP M 88 -27.90 72.66 -33.70
C TRP M 88 -28.26 74.12 -33.98
N ASP M 89 -27.32 75.05 -33.78
CA ASP M 89 -27.61 76.46 -33.98
C ASP M 89 -27.71 76.76 -35.47
N GLU M 90 -28.73 77.54 -35.87
CA GLU M 90 -28.95 77.71 -37.29
C GLU M 90 -29.71 79.01 -37.57
N TRP M 91 -29.66 79.42 -38.83
CA TRP M 91 -30.38 80.59 -39.32
C TRP M 91 -31.78 80.19 -39.79
N VAL M 92 -32.79 80.96 -39.37
CA VAL M 92 -34.18 80.69 -39.75
C VAL M 92 -34.85 81.99 -40.18
N GLY M 93 -35.71 81.91 -41.19
CA GLY M 93 -36.52 83.04 -41.60
C GLY M 93 -37.87 83.05 -40.91
N TYR M 94 -38.71 84.02 -41.30
CA TYR M 94 -40.07 84.15 -40.78
C TYR M 94 -40.91 82.90 -40.99
N ASP M 95 -40.63 82.14 -42.04
CA ASP M 95 -41.27 80.86 -42.23
C ASP M 95 -40.97 79.92 -41.06
N ARG M 96 -39.70 79.84 -40.69
CA ARG M 96 -39.30 78.91 -39.63
C ARG M 96 -39.28 79.52 -38.25
N ILE M 97 -39.52 80.83 -38.10
CA ILE M 97 -39.48 81.47 -36.78
C ILE M 97 -40.79 82.19 -36.50
N ARG M 98 -41.21 82.15 -35.24
CA ARG M 98 -42.39 82.84 -34.74
C ARG M 98 -42.06 83.44 -33.39
N ALA M 99 -42.81 84.47 -33.01
CA ALA M 99 -42.62 85.09 -31.71
C ALA M 99 -43.09 84.17 -30.59
N TYR M 100 -42.53 84.37 -29.40
CA TYR M 100 -42.88 83.56 -28.23
C TYR M 100 -44.11 84.17 -27.58
N ASN M 101 -45.28 83.76 -28.07
CA ASN M 101 -46.55 84.22 -27.51
C ASN M 101 -47.46 83.02 -27.30
N GLU M 102 -48.58 83.26 -26.62
CA GLU M 102 -49.43 82.18 -26.12
C GLU M 102 -50.06 81.37 -27.26
N GLU M 103 -50.29 82.01 -28.41
CA GLU M 103 -50.79 81.28 -29.57
C GLU M 103 -49.75 80.27 -30.07
N ASN M 104 -48.50 80.71 -30.18
CA ASN M 104 -47.44 79.82 -30.60
C ASN M 104 -47.16 78.74 -29.56
N ILE M 105 -47.25 79.08 -28.26
CA ILE M 105 -47.08 78.07 -27.22
C ILE M 105 -48.20 77.04 -27.26
N ALA M 106 -49.44 77.49 -27.53
CA ALA M 106 -50.56 76.58 -27.61
C ALA M 106 -50.45 75.64 -28.82
N MET M 107 -50.04 76.16 -29.98
CA MET M 107 -49.87 75.27 -31.13
C MET M 107 -48.62 74.41 -30.97
N LYS M 108 -47.66 74.86 -30.16
CA LYS M 108 -46.55 73.99 -29.78
C LYS M 108 -47.04 72.82 -28.94
N LYS M 109 -47.96 73.08 -28.00
CA LYS M 109 -48.59 72.00 -27.24
C LYS M 109 -49.37 71.08 -28.16
N ARG M 110 -50.06 71.65 -29.15
CA ARG M 110 -50.83 70.86 -30.10
C ARG M 110 -49.94 69.94 -30.91
N LEU M 111 -48.81 70.45 -31.40
CA LEU M 111 -47.90 69.61 -32.18
C LEU M 111 -47.15 68.62 -31.30
N ALA M 112 -46.94 68.95 -30.03
CA ALA M 112 -46.44 67.97 -29.08
C ALA M 112 -47.44 66.84 -28.90
N ASN M 113 -48.74 67.17 -28.88
CA ASN M 113 -49.76 66.13 -28.82
C ASN M 113 -49.80 65.31 -30.11
N GLU M 114 -49.53 65.95 -31.26
CA GLU M 114 -49.43 65.20 -32.51
C GLU M 114 -48.25 64.23 -32.49
N ALA M 115 -47.11 64.66 -31.95
CA ALA M 115 -45.96 63.77 -31.80
C ALA M 115 -46.27 62.65 -30.81
N LYS M 116 -47.04 62.96 -29.76
CA LYS M 116 -47.47 61.93 -28.82
C LYS M 116 -48.38 60.91 -29.49
N GLU M 117 -49.28 61.37 -30.36
CA GLU M 117 -50.13 60.45 -31.11
C GLU M 117 -49.32 59.61 -32.09
N ALA M 118 -48.29 60.21 -32.69
CA ALA M 118 -47.40 59.43 -33.57
C ALA M 118 -46.65 58.36 -32.78
N LYS M 119 -46.18 58.70 -31.58
CA LYS M 119 -45.52 57.71 -30.73
C LYS M 119 -46.49 56.62 -30.28
N LYS M 120 -47.75 56.99 -30.02
CA LYS M 120 -48.76 56.00 -29.66
C LYS M 120 -49.07 55.08 -30.83
N SER M 121 -49.10 55.62 -32.04
CA SER M 121 -49.29 54.79 -33.23
C SER M 121 -48.09 53.87 -33.45
N LEU M 122 -46.88 54.36 -33.14
CA LEU M 122 -45.68 53.52 -33.15
C LEU M 122 -45.82 52.35 -32.17
N LEU M 123 -46.31 52.64 -30.96
CA LEU M 123 -46.52 51.60 -29.96
C LEU M 123 -47.57 50.59 -30.42
N GLU M 124 -48.66 51.08 -31.02
CA GLU M 124 -49.70 50.19 -31.52
C GLU M 124 -49.20 49.30 -32.64
N GLN M 125 -48.42 49.86 -33.58
CA GLN M 125 -47.98 49.04 -34.70
C GLN M 125 -46.92 48.04 -34.26
N GLN M 126 -46.09 48.40 -33.27
CA GLN M 126 -45.09 47.44 -32.80
C GLN M 126 -45.74 46.35 -31.95
N LYS M 127 -46.81 46.68 -31.21
CA LYS M 127 -47.47 45.65 -30.43
C LYS M 127 -48.33 44.75 -31.30
N LYS M 128 -48.78 45.25 -32.46
CA LYS M 128 -49.41 44.36 -33.43
C LYS M 128 -48.37 43.54 -34.18
N LYS M 129 -47.17 44.10 -34.36
CA LYS M 129 -46.08 43.34 -34.96
C LYS M 129 -45.62 42.21 -34.06
N LYS M 130 -45.64 42.42 -32.75
CA LYS M 130 -45.29 41.35 -31.81
C LYS M 130 -46.30 40.21 -31.87
N LEU M 131 -47.58 40.55 -32.01
CA LEU M 131 -48.63 39.54 -32.14
C LEU M 131 -48.61 38.93 -33.54
N LYS M 219 -36.43 -6.23 -18.86
CA LYS M 219 -35.72 -7.31 -18.20
C LYS M 219 -35.88 -8.62 -18.97
N ILE M 220 -34.75 -9.22 -19.34
CA ILE M 220 -34.72 -10.46 -20.12
C ILE M 220 -33.92 -11.49 -19.33
N SER M 221 -34.51 -12.66 -19.12
CA SER M 221 -33.89 -13.71 -18.33
C SER M 221 -33.70 -14.97 -19.16
N LEU M 222 -32.65 -15.72 -18.86
CA LEU M 222 -32.32 -16.96 -19.53
C LEU M 222 -32.16 -18.07 -18.50
N GLN M 223 -32.81 -19.20 -18.74
CA GLN M 223 -32.75 -20.34 -17.82
C GLN M 223 -31.68 -21.29 -18.32
N ILE M 224 -30.44 -20.99 -17.97
CA ILE M 224 -29.32 -21.87 -18.28
C ILE M 224 -29.22 -22.91 -17.17
N PRO M 225 -29.08 -24.19 -17.49
CA PRO M 225 -28.92 -25.19 -16.43
C PRO M 225 -27.63 -24.99 -15.66
N ILE M 226 -27.67 -25.37 -14.38
CA ILE M 226 -26.53 -25.14 -13.50
C ILE M 226 -25.35 -26.01 -13.85
N LYS M 227 -25.57 -27.11 -14.57
CA LYS M 227 -24.43 -27.89 -15.08
C LYS M 227 -23.65 -27.09 -16.11
N LEU M 228 -24.36 -26.43 -17.03
CA LEU M 228 -23.68 -25.57 -18.01
C LEU M 228 -23.16 -24.29 -17.37
N LYS M 229 -23.84 -23.81 -16.33
CA LYS M 229 -23.31 -22.68 -15.56
C LYS M 229 -21.99 -23.05 -14.89
N SER M 230 -21.91 -24.25 -14.33
CA SER M 230 -20.67 -24.72 -13.73
C SER M 230 -19.60 -24.97 -14.78
N VAL M 231 -20.00 -25.40 -15.97
CA VAL M 231 -19.05 -25.55 -17.07
C VAL M 231 -18.46 -24.20 -17.46
N LEU M 232 -19.30 -23.17 -17.54
CA LEU M 232 -18.82 -21.82 -17.84
C LEU M 232 -17.92 -21.28 -16.73
N VAL M 233 -18.28 -21.55 -15.47
CA VAL M 233 -17.46 -21.08 -14.36
C VAL M 233 -16.11 -21.80 -14.33
N ASP M 234 -16.11 -23.11 -14.65
CA ASP M 234 -14.85 -23.84 -14.78
C ASP M 234 -14.01 -23.33 -15.94
N ASP M 235 -14.66 -22.91 -17.02
CA ASP M 235 -13.94 -22.27 -18.13
C ASP M 235 -13.29 -20.97 -17.68
N TRP M 236 -14.02 -20.17 -16.90
CA TRP M 236 -13.47 -18.94 -16.34
C TRP M 236 -12.28 -19.23 -15.42
N GLU M 237 -12.42 -20.27 -14.58
CA GLU M 237 -11.32 -20.73 -13.74
C GLU M 237 -10.09 -21.09 -14.56
N TYR M 238 -10.27 -21.91 -15.59
CA TYR M 238 -9.16 -22.39 -16.38
C TYR M 238 -8.48 -21.27 -17.15
N VAL M 239 -9.24 -20.30 -17.65
CA VAL M 239 -8.62 -19.23 -18.43
C VAL M 239 -7.94 -18.21 -17.52
N THR M 240 -8.64 -17.72 -16.50
CA THR M 240 -8.09 -16.61 -15.74
C THR M 240 -7.16 -17.08 -14.62
N LYS M 241 -7.54 -18.11 -13.88
CA LYS M 241 -6.72 -18.56 -12.75
C LYS M 241 -5.68 -19.58 -13.15
N ASP M 242 -6.09 -20.66 -13.81
CA ASP M 242 -5.17 -21.71 -14.23
C ASP M 242 -4.38 -21.34 -15.47
N LYS M 243 -4.76 -20.27 -16.16
CA LYS M 243 -4.10 -19.76 -17.37
C LYS M 243 -4.05 -20.84 -18.45
N LYS M 244 -5.23 -21.33 -18.81
CA LYS M 244 -5.37 -22.34 -19.84
C LYS M 244 -6.18 -21.75 -20.98
N ILE M 245 -5.76 -22.03 -22.21
CA ILE M 245 -6.51 -21.66 -23.39
C ILE M 245 -7.11 -22.92 -23.99
N CYS M 246 -7.99 -22.74 -24.96
CA CYS M 246 -8.63 -23.88 -25.60
C CYS M 246 -7.76 -24.44 -26.72
N ARG M 247 -7.85 -25.74 -26.92
CA ARG M 247 -7.26 -26.37 -28.09
C ARG M 247 -8.01 -25.91 -29.33
N LEU M 248 -7.33 -25.16 -30.21
CA LEU M 248 -7.95 -24.66 -31.41
C LEU M 248 -7.18 -25.17 -32.63
N PRO M 249 -7.86 -25.75 -33.63
CA PRO M 249 -9.30 -26.06 -33.68
C PRO M 249 -9.66 -27.28 -32.85
N ALA M 250 -10.86 -27.30 -32.28
CA ALA M 250 -11.26 -28.39 -31.40
C ALA M 250 -11.63 -29.63 -32.21
N ASP M 251 -11.61 -30.78 -31.54
CA ASP M 251 -12.10 -32.01 -32.17
C ASP M 251 -13.61 -31.97 -32.35
N VAL M 252 -14.24 -30.94 -31.77
CA VAL M 252 -15.67 -30.72 -31.99
C VAL M 252 -15.94 -29.23 -32.01
N THR M 253 -16.20 -28.64 -33.15
CA THR M 253 -16.38 -27.19 -33.26
C THR M 253 -17.76 -26.70 -32.93
N VAL M 254 -18.06 -25.44 -33.25
CA VAL M 254 -19.35 -24.86 -32.92
C VAL M 254 -20.33 -25.12 -33.99
N GLU M 255 -19.90 -25.11 -35.22
CA GLU M 255 -20.81 -25.45 -36.28
C GLU M 255 -21.21 -26.85 -36.02
N MET M 256 -20.23 -27.69 -35.77
CA MET M 256 -20.52 -29.07 -35.55
C MET M 256 -21.55 -29.26 -34.46
N VAL M 257 -21.68 -28.34 -33.52
CA VAL M 257 -22.72 -28.57 -32.53
C VAL M 257 -24.04 -27.99 -32.98
N LEU M 258 -24.02 -26.91 -33.74
CA LEU M 258 -25.25 -26.30 -34.16
C LEU M 258 -25.79 -27.05 -35.35
N ASN M 259 -25.01 -27.93 -35.94
CA ASN M 259 -25.51 -28.77 -37.02
C ASN M 259 -26.07 -30.07 -36.49
N LYS M 260 -25.43 -30.67 -35.48
CA LYS M 260 -25.93 -31.91 -34.92
C LYS M 260 -27.21 -31.67 -34.12
N TYR M 261 -27.32 -30.51 -33.45
CA TYR M 261 -28.56 -30.18 -32.76
C TYR M 261 -29.70 -29.97 -33.75
N GLU M 262 -29.43 -29.32 -34.87
CA GLU M 262 -30.44 -29.16 -35.91
C GLU M 262 -30.84 -30.51 -36.51
N HIS M 263 -29.86 -31.38 -36.76
CA HIS M 263 -30.16 -32.70 -37.31
C HIS M 263 -30.77 -33.64 -36.28
N GLU M 264 -30.73 -33.29 -34.99
CA GLU M 264 -31.36 -34.12 -33.98
C GLU M 264 -32.79 -33.67 -33.68
N VAL M 265 -33.02 -32.37 -33.56
CA VAL M 265 -34.36 -31.87 -33.25
C VAL M 265 -35.15 -31.52 -34.50
N SER M 266 -34.59 -31.71 -35.69
CA SER M 266 -35.35 -31.50 -36.91
C SER M 266 -36.41 -32.58 -37.09
N GLN M 267 -36.09 -33.81 -36.71
CA GLN M 267 -37.03 -34.92 -36.81
C GLN M 267 -37.88 -35.10 -35.56
N GLU M 268 -37.67 -34.29 -34.54
CA GLU M 268 -38.43 -34.42 -33.29
C GLU M 268 -39.87 -33.93 -33.44
N LEU M 269 -40.18 -33.16 -34.47
CA LEU M 269 -41.53 -32.70 -34.72
C LEU M 269 -41.71 -32.48 -36.22
N GLU M 270 -42.97 -32.47 -36.64
CA GLU M 270 -43.32 -32.42 -38.05
C GLU M 270 -44.04 -31.12 -38.41
N SER M 271 -43.55 -30.01 -37.89
CA SER M 271 -44.10 -28.70 -38.21
C SER M 271 -43.12 -27.96 -39.11
N PRO M 272 -43.52 -27.58 -40.34
CA PRO M 272 -42.56 -26.93 -41.25
C PRO M 272 -42.22 -25.52 -40.84
N GLY M 273 -43.15 -24.79 -40.23
CA GLY M 273 -42.82 -23.47 -39.71
C GLY M 273 -41.84 -23.54 -38.56
N SER M 274 -41.97 -24.55 -37.71
CA SER M 274 -41.00 -24.77 -36.64
C SER M 274 -39.64 -25.17 -37.21
N GLN M 275 -39.63 -25.94 -38.29
CA GLN M 275 -38.37 -26.27 -38.96
C GLN M 275 -37.70 -25.03 -39.53
N SER M 276 -38.49 -24.14 -40.14
CA SER M 276 -37.94 -22.89 -40.64
C SER M 276 -37.41 -22.02 -39.50
N GLN M 277 -38.12 -21.97 -38.38
CA GLN M 277 -37.66 -21.19 -37.24
C GLN M 277 -36.38 -21.77 -36.63
N LEU M 278 -36.27 -23.10 -36.59
CA LEU M 278 -35.07 -23.74 -36.08
C LEU M 278 -33.86 -23.48 -36.97
N SER M 279 -34.03 -23.63 -38.29
CA SER M 279 -32.94 -23.33 -39.21
C SER M 279 -32.56 -21.86 -39.17
N GLU M 280 -33.56 -20.98 -39.02
CA GLU M 280 -33.32 -19.55 -38.86
C GLU M 280 -32.49 -19.27 -37.61
N TYR M 281 -32.84 -19.89 -36.49
CA TYR M 281 -32.11 -19.68 -35.25
C TYR M 281 -30.67 -20.19 -35.36
N CYS M 282 -30.49 -21.36 -35.97
CA CYS M 282 -29.14 -21.92 -36.12
C CYS M 282 -28.27 -21.05 -37.02
N ALA M 283 -28.80 -20.62 -38.16
CA ALA M 283 -28.02 -19.77 -39.06
C ALA M 283 -27.71 -18.42 -38.44
N GLY M 284 -28.67 -17.84 -37.72
CA GLY M 284 -28.43 -16.58 -37.06
C GLY M 284 -27.41 -16.68 -35.94
N LEU M 285 -27.45 -17.81 -35.21
CA LEU M 285 -26.46 -18.03 -34.15
C LEU M 285 -25.07 -18.19 -34.75
N LYS M 286 -24.96 -18.85 -35.90
CA LYS M 286 -23.67 -19.00 -36.57
C LYS M 286 -23.12 -17.65 -37.02
N LEU M 287 -23.97 -16.83 -37.66
CA LEU M 287 -23.54 -15.51 -38.12
C LEU M 287 -23.17 -14.62 -36.95
N TYR M 288 -23.96 -14.67 -35.88
CA TYR M 288 -23.68 -13.87 -34.70
C TYR M 288 -22.36 -14.29 -34.05
N PHE M 289 -22.11 -15.60 -34.01
CA PHE M 289 -20.88 -16.12 -33.44
C PHE M 289 -19.66 -15.61 -34.22
N ASP M 290 -19.73 -15.70 -35.55
CA ASP M 290 -18.61 -15.22 -36.37
C ASP M 290 -18.39 -13.72 -36.23
N LYS M 291 -19.47 -12.94 -36.21
CA LYS M 291 -19.26 -11.50 -36.17
C LYS M 291 -18.91 -11.00 -34.76
N CYS M 292 -19.27 -11.74 -33.71
CA CYS M 292 -19.09 -11.25 -32.35
C CYS M 292 -17.94 -11.91 -31.58
N LEU M 293 -17.35 -13.00 -32.08
CA LEU M 293 -16.26 -13.65 -31.37
C LEU M 293 -15.04 -12.75 -31.22
N GLY M 294 -14.67 -12.07 -32.30
CA GLY M 294 -13.57 -11.13 -32.21
C GLY M 294 -13.87 -9.91 -31.37
N ASN M 295 -15.14 -9.60 -31.15
CA ASN M 295 -15.52 -8.43 -30.36
C ASN M 295 -15.57 -8.73 -28.87
N MET M 296 -16.41 -9.68 -28.46
CA MET M 296 -16.68 -9.76 -27.02
C MET M 296 -16.87 -11.18 -26.49
N LEU M 297 -16.24 -12.20 -27.07
CA LEU M 297 -16.52 -13.56 -26.68
C LEU M 297 -15.35 -14.31 -26.07
N LEU M 298 -14.20 -13.66 -25.90
CA LEU M 298 -13.02 -14.38 -25.42
C LEU M 298 -12.22 -13.47 -24.49
N TYR M 299 -11.58 -14.10 -23.50
CA TYR M 299 -10.86 -13.38 -22.46
C TYR M 299 -9.60 -12.72 -23.01
N ARG M 300 -8.93 -11.96 -22.14
CA ARG M 300 -7.72 -11.26 -22.55
C ARG M 300 -6.58 -12.22 -22.86
N LEU M 301 -6.57 -13.39 -22.21
CA LEU M 301 -5.53 -14.37 -22.48
C LEU M 301 -5.67 -14.98 -23.87
N GLU M 302 -6.90 -15.25 -24.29
CA GLU M 302 -7.12 -15.91 -25.57
C GLU M 302 -7.06 -14.97 -26.77
N ARG M 303 -6.92 -13.67 -26.54
CA ARG M 303 -6.84 -12.74 -27.66
C ARG M 303 -5.53 -12.87 -28.41
N LEU M 304 -4.47 -13.31 -27.73
CA LEU M 304 -3.23 -13.62 -28.44
C LEU M 304 -3.40 -14.83 -29.36
N GLN M 305 -4.09 -15.87 -28.89
CA GLN M 305 -4.39 -17.03 -29.73
C GLN M 305 -5.27 -16.63 -30.91
N TYR M 306 -6.21 -15.72 -30.67
CA TYR M 306 -7.01 -15.15 -31.75
C TYR M 306 -6.15 -14.43 -32.77
N ASP M 307 -5.16 -13.67 -32.30
CA ASP M 307 -4.24 -12.95 -33.19
C ASP M 307 -3.43 -13.93 -34.03
N GLU M 308 -2.87 -14.97 -33.42
CA GLU M 308 -2.08 -15.93 -34.20
C GLU M 308 -2.96 -16.71 -35.17
N LEU M 309 -4.21 -16.99 -34.82
CA LEU M 309 -5.13 -17.62 -35.76
C LEU M 309 -5.41 -16.71 -36.94
N LEU M 310 -5.60 -15.41 -36.69
CA LEU M 310 -5.85 -14.46 -37.78
C LEU M 310 -4.64 -14.34 -38.69
N LYS M 311 -3.43 -14.30 -38.13
CA LYS M 311 -2.23 -14.22 -38.95
C LYS M 311 -2.00 -15.52 -39.73
N LYS M 312 -2.30 -16.67 -39.12
CA LYS M 312 -2.17 -17.94 -39.84
C LYS M 312 -3.19 -18.05 -40.97
N SER M 313 -4.40 -17.53 -40.75
CA SER M 313 -5.41 -17.51 -41.81
C SER M 313 -5.01 -16.56 -42.94
N SER M 314 -4.44 -15.41 -42.59
CA SER M 314 -3.98 -14.47 -43.61
C SER M 314 -2.74 -14.97 -44.34
N LYS M 315 -1.96 -15.86 -43.72
CA LYS M 315 -0.81 -16.45 -44.39
C LYS M 315 -1.23 -17.30 -45.58
N ASP M 316 -2.26 -18.13 -45.40
CA ASP M 316 -2.75 -19.01 -46.44
C ASP M 316 -3.91 -18.42 -47.23
N GLN M 317 -4.21 -17.13 -47.01
CA GLN M 317 -5.15 -16.34 -47.82
C GLN M 317 -6.58 -16.89 -47.76
N LYS M 318 -6.96 -17.46 -46.63
CA LYS M 318 -8.35 -17.82 -46.37
C LYS M 318 -8.84 -17.03 -45.17
N PRO M 319 -9.94 -16.29 -45.26
CA PRO M 319 -10.44 -15.56 -44.09
C PRO M 319 -10.83 -16.49 -42.96
N LEU M 320 -10.57 -16.03 -41.73
CA LEU M 320 -10.83 -16.83 -40.55
C LEU M 320 -12.31 -16.78 -40.18
N VAL M 321 -12.94 -17.94 -40.11
CA VAL M 321 -14.32 -18.07 -39.69
C VAL M 321 -14.36 -18.79 -38.35
N PRO M 322 -14.92 -18.20 -37.30
CA PRO M 322 -14.94 -18.86 -35.98
C PRO M 322 -15.88 -20.05 -35.89
N ILE M 323 -16.70 -20.32 -36.92
CA ILE M 323 -17.61 -21.46 -36.88
C ILE M 323 -16.81 -22.76 -36.88
N ARG M 324 -15.83 -22.87 -37.77
CA ARG M 324 -15.10 -24.11 -37.95
C ARG M 324 -13.89 -24.25 -37.03
N ILE M 325 -13.58 -23.21 -36.25
CA ILE M 325 -12.37 -23.18 -35.42
C ILE M 325 -12.69 -23.37 -33.95
N TYR M 326 -13.50 -22.48 -33.38
CA TYR M 326 -13.72 -22.45 -31.95
C TYR M 326 -14.69 -23.54 -31.51
N GLY M 327 -14.52 -24.00 -30.27
CA GLY M 327 -15.31 -25.09 -29.75
C GLY M 327 -16.60 -24.63 -29.12
N ALA M 328 -17.34 -25.59 -28.57
CA ALA M 328 -18.67 -25.35 -28.03
C ALA M 328 -18.67 -24.52 -26.76
N ILE M 329 -17.53 -24.39 -26.08
CA ILE M 329 -17.49 -23.58 -24.87
C ILE M 329 -17.67 -22.11 -25.20
N HIS M 330 -17.15 -21.66 -26.35
CA HIS M 330 -17.38 -20.27 -26.76
C HIS M 330 -18.82 -20.05 -27.22
N LEU M 331 -19.45 -21.08 -27.77
CA LEU M 331 -20.89 -21.01 -28.05
C LEU M 331 -21.68 -20.87 -26.77
N LEU M 332 -21.28 -21.61 -25.72
CA LEU M 332 -21.93 -21.46 -24.42
C LEU M 332 -21.69 -20.07 -23.83
N ARG M 333 -20.51 -19.50 -24.07
CA ARG M 333 -20.24 -18.13 -23.65
C ARG M 333 -21.15 -17.14 -24.36
N LEU M 334 -21.36 -17.33 -25.67
CA LEU M 334 -22.26 -16.48 -26.43
C LEU M 334 -23.69 -16.60 -25.92
N ILE M 335 -24.10 -17.82 -25.56
CA ILE M 335 -25.44 -18.02 -25.01
C ILE M 335 -25.57 -17.32 -23.66
N SER M 336 -24.54 -17.42 -22.83
CA SER M 336 -24.59 -16.83 -21.49
C SER M 336 -24.61 -15.31 -21.55
N VAL M 337 -23.86 -14.71 -22.48
CA VAL M 337 -23.84 -13.26 -22.63
C VAL M 337 -24.95 -12.75 -23.54
N LEU M 338 -25.73 -13.66 -24.13
CA LEU M 338 -26.77 -13.28 -25.09
C LEU M 338 -27.89 -12.39 -24.53
N PRO M 339 -28.43 -12.60 -23.31
CA PRO M 339 -29.49 -11.69 -22.83
C PRO M 339 -29.08 -10.22 -22.72
N GLU M 340 -27.83 -9.94 -22.37
CA GLU M 340 -27.37 -8.55 -22.31
C GLU M 340 -27.35 -7.92 -23.69
N LEU M 341 -26.99 -8.70 -24.70
CA LEU M 341 -27.05 -8.23 -26.08
C LEU M 341 -28.48 -8.03 -26.54
N ILE M 342 -29.39 -8.89 -26.07
CA ILE M 342 -30.80 -8.75 -26.41
C ILE M 342 -31.37 -7.47 -25.81
N SER M 343 -31.00 -7.18 -24.55
CA SER M 343 -31.50 -5.98 -23.88
C SER M 343 -30.88 -4.69 -24.42
N SER M 344 -29.83 -4.79 -25.23
CA SER M 344 -29.13 -3.61 -25.74
C SER M 344 -29.52 -3.25 -27.17
N THR M 345 -30.54 -3.90 -27.73
CA THR M 345 -30.99 -3.61 -29.07
C THR M 345 -32.49 -3.38 -29.07
N THR M 346 -32.98 -2.62 -30.06
CA THR M 346 -34.39 -2.33 -30.17
C THR M 346 -35.14 -3.52 -30.77
N MET M 347 -35.22 -4.61 -30.02
CA MET M 347 -35.90 -5.82 -30.44
C MET M 347 -37.24 -5.90 -29.73
N ASP M 348 -38.29 -6.19 -30.49
CA ASP M 348 -39.63 -6.28 -29.91
C ASP M 348 -39.77 -7.51 -29.01
N LEU M 349 -40.82 -7.51 -28.20
CA LEU M 349 -41.01 -8.52 -27.15
C LEU M 349 -41.17 -9.93 -27.72
N GLN M 350 -41.86 -10.05 -28.86
CA GLN M 350 -42.11 -11.36 -29.45
C GLN M 350 -40.82 -12.02 -29.91
N SER M 351 -39.96 -11.27 -30.60
CA SER M 351 -38.68 -11.81 -31.07
C SER M 351 -37.78 -12.18 -29.90
N CYS M 352 -37.75 -11.33 -28.87
CA CYS M 352 -36.96 -11.63 -27.68
C CYS M 352 -37.44 -12.90 -26.99
N GLN M 353 -38.77 -13.05 -26.85
CA GLN M 353 -39.31 -14.24 -26.19
C GLN M 353 -39.03 -15.50 -26.99
N LEU M 354 -39.20 -15.45 -28.31
CA LEU M 354 -38.97 -16.65 -29.10
C LEU M 354 -37.49 -17.00 -29.19
N LEU M 355 -36.61 -15.99 -29.23
CA LEU M 355 -35.18 -16.25 -29.28
C LEU M 355 -34.71 -16.83 -27.95
N ILE M 356 -35.24 -16.31 -26.83
CA ILE M 356 -34.94 -16.87 -25.53
C ILE M 356 -35.45 -18.31 -25.41
N LYS M 357 -36.63 -18.60 -25.96
CA LYS M 357 -37.19 -19.94 -25.94
C LYS M 357 -36.33 -20.92 -26.76
N GLN M 358 -35.88 -20.49 -27.95
CA GLN M 358 -35.05 -21.34 -28.78
C GLN M 358 -33.68 -21.57 -28.13
N THR M 359 -33.11 -20.53 -27.51
CA THR M 359 -31.86 -20.69 -26.80
C THR M 359 -32.01 -21.64 -25.61
N GLU M 360 -33.14 -21.56 -24.91
CA GLU M 360 -33.41 -22.47 -23.79
C GLU M 360 -33.54 -23.91 -24.27
N ASP M 361 -34.20 -24.12 -25.41
CA ASP M 361 -34.30 -25.46 -25.98
C ASP M 361 -32.93 -26.00 -26.40
N PHE M 362 -32.09 -25.15 -26.98
CA PHE M 362 -30.72 -25.57 -27.30
C PHE M 362 -29.94 -25.89 -26.03
N LEU M 363 -30.16 -25.13 -24.97
CA LEU M 363 -29.46 -25.37 -23.71
C LEU M 363 -29.88 -26.70 -23.08
N VAL M 364 -31.18 -27.01 -23.11
CA VAL M 364 -31.61 -28.29 -22.56
C VAL M 364 -31.27 -29.43 -23.50
N TRP M 365 -30.99 -29.15 -24.77
CA TRP M 365 -30.40 -30.15 -25.63
C TRP M 365 -28.94 -30.41 -25.26
N LEU M 366 -28.24 -29.38 -24.79
CA LEU M 366 -26.84 -29.52 -24.43
C LEU M 366 -26.63 -30.38 -23.19
N LEU M 367 -27.61 -30.45 -22.29
CA LEU M 367 -27.49 -31.33 -21.13
C LEU M 367 -27.47 -32.79 -21.52
N MET M 368 -28.25 -33.17 -22.54
CA MET M 368 -28.26 -34.56 -22.98
C MET M 368 -26.95 -34.96 -23.64
N HIS M 369 -26.14 -34.00 -24.07
CA HIS M 369 -24.84 -34.26 -24.67
C HIS M 369 -23.74 -33.48 -23.97
N VAL M 370 -23.86 -33.29 -22.66
CA VAL M 370 -22.85 -32.54 -21.91
C VAL M 370 -21.62 -33.37 -21.62
N ASP M 371 -21.69 -34.69 -21.77
CA ASP M 371 -20.55 -35.56 -21.52
C ASP M 371 -19.69 -35.76 -22.76
N GLU M 372 -20.14 -35.31 -23.93
CA GLU M 372 -19.38 -35.46 -25.16
C GLU M 372 -18.93 -34.15 -25.77
N TYR M 373 -19.38 -33.01 -25.25
CA TYR M 373 -18.91 -31.71 -25.70
C TYR M 373 -18.06 -31.00 -24.65
N PHE M 374 -18.42 -31.16 -23.38
CA PHE M 374 -17.71 -30.52 -22.27
C PHE M 374 -17.22 -31.65 -21.36
N ASN M 375 -16.06 -32.19 -21.70
CA ASN M 375 -15.44 -33.22 -20.88
C ASN M 375 -14.43 -32.61 -19.93
N ASP M 376 -14.00 -33.40 -18.96
CA ASP M 376 -13.07 -32.96 -17.93
C ASP M 376 -11.79 -33.77 -18.08
N LYS M 377 -10.73 -33.10 -18.53
CA LYS M 377 -9.46 -33.79 -18.77
C LYS M 377 -8.30 -32.87 -18.41
N ASP M 378 -7.31 -33.43 -17.74
CA ASP M 378 -6.11 -32.68 -17.40
C ASP M 378 -5.23 -32.53 -18.64
N PRO M 379 -4.85 -31.31 -19.03
CA PRO M 379 -3.89 -31.16 -20.14
C PRO M 379 -2.53 -31.78 -19.86
N ASN M 380 -2.13 -31.89 -18.60
CA ASN M 380 -0.86 -32.49 -18.25
C ASN M 380 -0.84 -34.00 -18.48
N ARG M 381 -1.99 -34.63 -18.59
CA ARG M 381 -2.10 -36.08 -18.76
C ARG M 381 -2.59 -36.49 -20.12
N SER M 382 -3.52 -35.74 -20.72
CA SER M 382 -4.14 -36.11 -21.98
C SER M 382 -3.88 -35.03 -23.02
N ASP M 383 -3.46 -35.45 -24.21
CA ASP M 383 -3.37 -34.55 -25.34
C ASP M 383 -4.74 -34.23 -25.92
N ASP M 384 -5.75 -35.09 -25.66
CA ASP M 384 -7.09 -34.90 -26.18
C ASP M 384 -7.98 -34.12 -25.23
N ALA M 385 -7.40 -33.33 -24.32
CA ALA M 385 -8.17 -32.44 -23.47
C ALA M 385 -8.69 -31.25 -24.28
N LEU M 386 -9.76 -30.64 -23.77
CA LEU M 386 -10.31 -29.45 -24.43
C LEU M 386 -9.50 -28.21 -24.15
N TYR M 387 -8.75 -28.17 -23.07
CA TYR M 387 -7.90 -27.04 -22.72
C TYR M 387 -6.45 -27.45 -22.82
N VAL M 388 -5.58 -26.47 -23.04
CA VAL M 388 -4.15 -26.70 -23.08
C VAL M 388 -3.48 -25.78 -22.08
N ASN M 389 -2.35 -26.22 -21.55
CA ASN M 389 -1.53 -25.35 -20.73
C ASN M 389 -0.78 -24.36 -21.63
N THR M 390 -0.49 -23.19 -21.07
CA THR M 390 0.12 -22.14 -21.85
C THR M 390 1.60 -22.03 -21.49
N SER M 391 2.33 -21.31 -22.33
CA SER M 391 3.74 -21.04 -22.11
C SER M 391 3.92 -19.68 -21.44
N SER M 392 5.12 -19.48 -20.88
CA SER M 392 5.43 -18.21 -20.24
C SER M 392 5.52 -17.07 -21.25
N GLN M 393 5.97 -17.38 -22.46
CA GLN M 393 6.05 -16.36 -23.51
C GLN M 393 4.66 -15.92 -23.95
N TYR M 394 3.74 -16.87 -24.08
CA TYR M 394 2.34 -16.54 -24.36
C TYR M 394 1.75 -15.68 -23.24
N GLU M 395 2.03 -16.03 -21.99
CA GLU M 395 1.56 -15.25 -20.85
C GLU M 395 2.10 -13.83 -20.90
N GLY M 396 3.39 -13.69 -21.20
CA GLY M 396 3.99 -12.36 -21.23
C GLY M 396 3.41 -11.49 -22.32
N VAL M 397 3.27 -12.04 -23.53
CA VAL M 397 2.72 -11.25 -24.63
C VAL M 397 1.23 -10.97 -24.41
N ALA M 398 0.50 -11.93 -23.83
CA ALA M 398 -0.94 -11.75 -23.65
C ALA M 398 -1.26 -10.74 -22.55
N LEU M 399 -0.56 -10.82 -21.40
CA LEU M 399 -0.90 -10.01 -20.25
C LEU M 399 0.25 -9.13 -19.79
N GLY M 400 1.11 -8.69 -20.71
CA GLY M 400 2.22 -7.84 -20.34
C GLY M 400 2.31 -6.56 -21.14
N MET M 401 1.59 -6.50 -22.25
CA MET M 401 1.61 -5.33 -23.13
C MET M 401 0.20 -4.90 -23.50
N LYS N 82 29.73 20.49 -33.91
CA LYS N 82 30.38 21.79 -33.88
C LYS N 82 31.79 21.71 -34.46
N GLU N 83 31.90 21.16 -35.67
CA GLU N 83 33.17 21.00 -36.40
C GLU N 83 34.16 20.18 -35.58
N LEU N 84 33.82 18.91 -35.37
CA LEU N 84 34.68 18.03 -34.59
C LEU N 84 36.01 17.78 -35.29
N LEU N 85 35.96 17.39 -36.56
CA LEU N 85 37.16 17.09 -37.33
C LEU N 85 37.44 18.27 -38.26
N GLU N 86 38.50 19.01 -37.97
CA GLU N 86 38.90 20.16 -38.78
C GLU N 86 39.75 19.65 -39.93
N LYS N 87 39.10 19.28 -41.02
CA LYS N 87 39.80 18.80 -42.20
C LYS N 87 40.47 19.96 -42.94
N ASP N 88 41.49 19.61 -43.72
CA ASP N 88 42.24 20.60 -44.49
C ASP N 88 41.54 20.85 -45.82
N SER N 89 42.20 21.59 -46.72
CA SER N 89 41.64 21.84 -48.04
C SER N 89 41.62 20.57 -48.89
N LYS N 90 42.58 19.67 -48.68
CA LYS N 90 42.65 18.41 -49.39
C LYS N 90 41.92 17.28 -48.66
N GLY N 91 41.26 17.58 -47.54
CA GLY N 91 40.55 16.58 -46.76
C GLY N 91 41.37 15.92 -45.67
N ASN N 92 42.64 16.26 -45.55
CA ASN N 92 43.48 15.66 -44.51
C ASN N 92 43.11 16.20 -43.13
N ILE N 93 43.26 15.34 -42.13
CA ILE N 93 42.96 15.68 -40.75
C ILE N 93 44.10 16.50 -40.17
N ILE N 94 43.76 17.50 -39.36
CA ILE N 94 44.78 18.35 -38.73
C ILE N 94 44.70 18.20 -37.21
N LYS N 95 43.57 18.61 -36.63
CA LYS N 95 43.40 18.61 -35.19
C LYS N 95 41.91 18.68 -34.87
N LEU N 96 41.50 17.92 -33.87
CA LEU N 96 40.12 17.92 -33.40
C LEU N 96 40.00 18.66 -32.07
N ASN N 97 38.79 19.11 -31.79
CA ASN N 97 38.49 19.85 -30.56
C ASN N 97 37.71 18.97 -29.60
N GLU N 98 38.04 19.07 -28.32
CA GLU N 98 37.38 18.25 -27.31
C GLU N 98 35.96 18.75 -27.09
N PRO N 99 34.97 17.85 -27.06
CA PRO N 99 33.59 18.29 -26.78
C PRO N 99 33.37 18.64 -25.31
N SER N 100 32.12 18.93 -24.95
CA SER N 100 31.78 19.41 -23.62
C SER N 100 31.85 18.25 -22.63
N THR N 101 32.97 18.15 -21.92
CA THR N 101 33.08 17.17 -20.83
C THR N 101 32.23 17.58 -19.64
N ILE N 102 32.08 18.89 -19.42
CA ILE N 102 31.34 19.44 -18.30
C ILE N 102 29.84 19.27 -18.49
N SER N 103 29.42 18.80 -19.67
CA SER N 103 28.01 18.53 -19.91
C SER N 103 27.51 17.41 -19.01
N GLU N 104 28.31 16.36 -18.82
CA GLU N 104 27.94 15.29 -17.90
C GLU N 104 29.11 14.87 -17.02
N ASP N 105 30.03 15.79 -16.72
CA ASP N 105 31.09 15.49 -15.77
C ASP N 105 30.60 15.42 -14.34
N SER N 106 29.42 15.98 -14.05
CA SER N 106 28.90 16.08 -12.69
C SER N 106 27.54 15.39 -12.59
N LYS N 107 27.40 14.23 -13.23
CA LYS N 107 26.19 13.44 -13.07
C LYS N 107 26.18 12.77 -11.70
N VAL N 108 25.00 12.70 -11.11
CA VAL N 108 24.84 12.12 -9.78
C VAL N 108 24.94 10.60 -9.90
N SER N 109 25.87 10.01 -9.16
CA SER N 109 26.07 8.58 -9.12
C SER N 109 25.24 7.99 -7.98
N VAL N 110 25.50 6.73 -7.65
CA VAL N 110 24.77 6.06 -6.56
C VAL N 110 25.16 6.66 -5.21
N THR N 111 26.35 7.26 -5.12
CA THR N 111 26.79 7.89 -3.88
C THR N 111 26.01 9.17 -3.55
N GLY N 112 25.27 9.71 -4.50
CA GLY N 112 24.62 11.00 -4.33
C GLY N 112 25.47 12.18 -4.74
N LEU N 113 26.74 11.96 -5.04
CA LEU N 113 27.70 12.94 -5.49
C LEU N 113 28.32 12.45 -6.79
N PRO N 114 28.83 13.34 -7.63
CA PRO N 114 29.54 12.91 -8.84
C PRO N 114 30.82 12.15 -8.51
N LEU N 115 31.26 11.34 -9.47
CA LEU N 115 32.53 10.64 -9.33
C LEU N 115 33.72 11.59 -9.36
N ASN N 116 33.52 12.82 -9.85
CA ASN N 116 34.59 13.81 -9.85
C ASN N 116 35.01 14.18 -8.44
N LYS N 117 34.06 14.34 -7.54
CA LYS N 117 34.33 14.80 -6.17
C LYS N 117 34.19 13.65 -5.19
N GLY N 118 34.78 13.84 -4.01
CA GLY N 118 34.68 12.88 -2.94
C GLY N 118 33.48 13.13 -2.05
N PRO N 119 33.43 12.45 -0.91
CA PRO N 119 32.29 12.61 -0.01
C PRO N 119 32.23 13.99 0.63
N SER N 120 31.01 14.44 0.89
CA SER N 120 30.79 15.71 1.55
C SER N 120 30.88 15.54 3.07
N GLU N 121 31.00 16.67 3.78
CA GLU N 121 31.14 16.63 5.23
C GLU N 121 29.84 16.21 5.91
N LYS N 122 28.70 16.50 5.29
CA LYS N 122 27.40 16.17 5.88
C LYS N 122 27.23 14.68 6.02
N ILE N 123 27.75 13.90 5.06
CA ILE N 123 27.76 12.45 5.19
C ILE N 123 29.05 11.92 5.80
N LYS N 124 30.09 12.75 5.88
CA LYS N 124 31.32 12.34 6.55
C LYS N 124 31.18 12.40 8.07
N ARG N 125 30.20 13.15 8.58
CA ARG N 125 30.02 13.26 10.03
C ARG N 125 29.61 11.93 10.64
N GLU N 126 28.58 11.27 10.09
CA GLU N 126 28.09 10.03 10.68
C GLU N 126 28.77 8.79 10.14
N SER N 127 29.61 8.92 9.12
CA SER N 127 30.28 7.76 8.54
C SER N 127 31.62 7.48 9.22
N LEU N 128 32.49 8.49 9.26
CA LEU N 128 33.75 8.36 9.98
C LEU N 128 33.48 8.33 11.48
N TRP N 129 34.41 7.72 12.22
CA TRP N 129 34.27 7.64 13.68
C TRP N 129 34.35 9.02 14.31
N ASN N 130 35.26 9.87 13.83
CA ASN N 130 35.38 11.24 14.32
C ASN N 130 35.78 12.14 13.17
N TYR N 131 35.17 13.32 13.10
CA TYR N 131 35.47 14.31 12.06
C TYR N 131 35.73 15.65 12.73
N ARG N 132 36.85 16.27 12.39
CA ARG N 132 37.21 17.57 12.91
C ARG N 132 37.01 18.64 11.85
N LYS N 133 36.59 19.83 12.29
CA LYS N 133 36.37 20.94 11.37
C LYS N 133 37.68 21.63 11.01
N ARG N 164 51.66 -2.67 -0.33
CA ARG N 164 52.81 -2.51 -1.21
C ARG N 164 52.50 -3.14 -2.57
N ASN N 165 53.14 -2.63 -3.63
CA ASN N 165 52.88 -3.07 -5.00
C ASN N 165 53.67 -4.34 -5.30
N ASP N 166 53.25 -5.44 -4.68
CA ASP N 166 53.74 -6.78 -4.98
C ASP N 166 52.66 -7.60 -5.66
N LEU N 167 51.91 -6.96 -6.55
CA LEU N 167 50.74 -7.57 -7.16
C LEU N 167 51.13 -8.65 -8.16
N LYS N 168 50.46 -9.79 -8.07
CA LYS N 168 50.61 -10.88 -9.03
C LYS N 168 49.45 -10.96 -10.00
N THR N 169 48.58 -9.95 -10.01
CA THR N 169 47.39 -9.94 -10.85
C THR N 169 47.64 -9.40 -12.25
N PHE N 170 48.84 -8.91 -12.53
CA PHE N 170 49.18 -8.44 -13.88
C PHE N 170 49.83 -9.53 -14.72
N LEU N 171 50.05 -10.72 -14.16
CA LEU N 171 50.69 -11.81 -14.87
C LEU N 171 49.71 -12.71 -15.62
N THR N 172 48.41 -12.46 -15.47
CA THR N 172 47.42 -13.35 -16.05
C THR N 172 47.36 -13.34 -17.56
N GLU N 173 47.33 -12.16 -18.14
CA GLU N 173 47.21 -12.07 -19.58
C GLU N 173 48.22 -12.99 -20.20
N ASN N 174 49.40 -13.07 -19.62
CA ASN N 174 50.47 -13.89 -20.15
C ASN N 174 50.24 -15.37 -19.92
N MET N 175 49.65 -15.71 -18.79
CA MET N 175 49.51 -17.11 -18.44
C MET N 175 48.20 -17.71 -18.92
N THR N 176 47.46 -16.97 -19.73
CA THR N 176 46.18 -17.46 -20.24
C THR N 176 46.28 -17.98 -21.66
N GLU N 177 45.91 -19.24 -21.85
CA GLU N 177 45.92 -19.82 -23.18
C GLU N 177 44.51 -19.95 -23.68
N GLU N 178 44.22 -19.45 -24.87
CA GLU N 178 42.88 -19.52 -25.43
C GLU N 178 42.39 -20.95 -25.47
N SER N 179 41.08 -21.15 -25.64
CA SER N 179 40.52 -22.49 -25.59
C SER N 179 39.39 -22.56 -26.61
N ASN N 180 39.59 -23.36 -27.66
CA ASN N 180 38.57 -23.56 -28.69
C ASN N 180 38.52 -25.02 -29.11
N ILE N 181 38.54 -25.92 -28.14
CA ILE N 181 38.60 -27.35 -28.42
C ILE N 181 37.23 -28.02 -28.29
N ARG N 182 36.15 -27.25 -28.30
CA ARG N 182 34.83 -27.84 -28.20
C ARG N 182 34.42 -28.51 -29.50
N SER N 183 33.52 -29.49 -29.38
CA SER N 183 33.03 -30.22 -30.55
C SER N 183 32.16 -29.34 -31.45
N THR N 184 31.63 -28.24 -30.93
CA THR N 184 30.84 -27.30 -31.72
C THR N 184 31.64 -26.06 -32.10
N ILE N 185 32.97 -26.17 -32.14
CA ILE N 185 33.79 -25.04 -32.58
C ILE N 185 33.63 -24.84 -34.09
N GLY N 186 33.90 -23.61 -34.53
CA GLY N 186 33.59 -23.27 -35.90
C GLY N 186 32.11 -23.05 -36.02
N TRP N 187 31.41 -24.01 -36.62
CA TRP N 187 29.96 -24.03 -36.61
C TRP N 187 29.50 -25.43 -36.19
N ASN N 188 28.31 -25.48 -35.61
CA ASN N 188 27.75 -26.74 -35.14
C ASN N 188 27.40 -27.67 -36.31
N ASP N 256 -8.22 19.20 -27.03
CA ASP N 256 -7.75 17.83 -26.89
C ASP N 256 -8.12 17.28 -25.51
N PHE N 257 -8.19 15.95 -25.42
CA PHE N 257 -8.54 15.27 -24.18
C PHE N 257 -7.51 14.18 -23.91
N GLU N 258 -7.14 14.01 -22.64
CA GLU N 258 -6.20 12.95 -22.28
C GLU N 258 -6.93 11.63 -22.12
N ASN N 259 -6.35 10.56 -22.68
CA ASN N 259 -6.96 9.26 -22.62
C ASN N 259 -6.76 8.63 -21.24
N GLU N 260 -7.34 7.43 -21.37
CA GLU N 260 -7.33 6.94 -20.00
C GLU N 260 -6.10 6.07 -19.75
N ASP N 261 -5.86 5.81 -18.46
CA ASP N 261 -4.73 5.00 -18.04
C ASP N 261 -5.07 3.51 -17.96
N PHE N 262 -6.28 3.12 -18.36
CA PHE N 262 -6.70 1.73 -18.35
C PHE N 262 -7.28 1.37 -19.71
N CYS N 263 -7.16 0.10 -20.08
CA CYS N 263 -7.74 -0.38 -21.32
C CYS N 263 -9.26 -0.34 -21.24
N SER N 264 -9.89 0.04 -22.34
CA SER N 264 -11.34 0.10 -22.37
C SER N 264 -11.98 -1.26 -22.59
N ALA N 265 -11.20 -2.28 -22.90
CA ALA N 265 -11.73 -3.62 -23.17
C ALA N 265 -11.59 -4.56 -21.98
N CYS N 266 -10.42 -4.57 -21.34
CA CYS N 266 -10.17 -5.49 -20.23
C CYS N 266 -10.05 -4.79 -18.89
N ASN N 267 -10.08 -3.46 -18.86
CA ASN N 267 -9.96 -2.65 -17.63
C ASN N 267 -8.66 -2.97 -16.88
N GLN N 268 -7.56 -3.03 -17.62
CA GLN N 268 -6.24 -3.30 -17.06
C GLN N 268 -5.23 -2.36 -17.68
N SER N 269 -4.15 -2.12 -16.93
CA SER N 269 -3.09 -1.23 -17.40
C SER N 269 -2.19 -1.93 -18.40
N GLY N 270 -1.44 -1.12 -19.14
CA GLY N 270 -0.52 -1.64 -20.13
C GLY N 270 -0.28 -0.60 -21.20
N SER N 271 0.35 -1.05 -22.29
CA SER N 271 0.59 -0.18 -23.43
C SER N 271 -0.66 -0.13 -24.28
N PHE N 272 -1.14 1.09 -24.57
CA PHE N 272 -2.42 1.29 -25.21
C PHE N 272 -2.27 1.94 -26.57
N LEU N 273 -3.25 1.68 -27.44
CA LEU N 273 -3.43 2.45 -28.65
C LEU N 273 -4.56 3.43 -28.42
N CYS N 274 -4.25 4.73 -28.49
CA CYS N 274 -5.17 5.77 -28.05
C CYS N 274 -6.07 6.21 -29.21
N CYS N 275 -7.37 6.27 -28.94
CA CYS N 275 -8.32 6.76 -29.92
C CYS N 275 -8.15 8.27 -30.09
N ASP N 276 -8.20 8.73 -31.34
CA ASP N 276 -7.95 10.14 -31.63
C ASP N 276 -9.14 11.01 -31.27
N THR N 277 -10.30 10.72 -31.84
CA THR N 277 -11.52 11.49 -31.61
C THR N 277 -12.40 10.87 -30.52
N CYS N 278 -11.78 10.23 -29.54
CA CYS N 278 -12.49 9.49 -28.51
C CYS N 278 -11.56 9.31 -27.32
N PRO N 279 -12.03 9.51 -26.09
CA PRO N 279 -11.14 9.43 -24.93
C PRO N 279 -10.86 8.02 -24.42
N LYS N 280 -11.15 6.99 -25.20
CA LYS N 280 -10.94 5.60 -24.77
C LYS N 280 -9.62 5.09 -25.32
N SER N 281 -8.97 4.20 -24.55
CA SER N 281 -7.72 3.59 -24.93
C SER N 281 -7.86 2.07 -24.88
N PHE N 282 -7.24 1.39 -25.84
CA PHE N 282 -7.35 -0.05 -25.98
C PHE N 282 -5.98 -0.68 -26.04
N HIS N 283 -5.87 -1.88 -25.49
CA HIS N 283 -4.67 -2.68 -25.64
C HIS N 283 -4.48 -3.06 -27.11
N PHE N 284 -3.23 -3.31 -27.48
CA PHE N 284 -2.93 -3.68 -28.86
C PHE N 284 -3.50 -5.06 -29.20
N LEU N 285 -3.61 -5.94 -28.23
CA LEU N 285 -4.19 -7.27 -28.44
C LEU N 285 -5.69 -7.31 -28.19
N CYS N 286 -6.27 -6.25 -27.63
CA CYS N 286 -7.67 -6.27 -27.23
C CYS N 286 -8.63 -5.86 -28.34
N LEU N 287 -8.11 -5.42 -29.49
CA LEU N 287 -8.93 -4.93 -30.59
C LEU N 287 -9.29 -6.05 -31.56
N ASP N 288 -10.26 -5.76 -32.42
CA ASP N 288 -10.62 -6.67 -33.51
C ASP N 288 -10.42 -6.01 -34.88
N PRO N 289 -9.49 -6.49 -35.69
CA PRO N 289 -8.47 -7.52 -35.39
C PRO N 289 -7.36 -6.90 -34.54
N PRO N 290 -6.63 -7.70 -33.78
CA PRO N 290 -5.55 -7.14 -32.95
C PRO N 290 -4.46 -6.50 -33.79
N ILE N 291 -3.94 -5.39 -33.31
CA ILE N 291 -3.00 -4.55 -34.04
C ILE N 291 -1.60 -4.91 -33.60
N ASP N 292 -0.71 -5.14 -34.56
CA ASP N 292 0.69 -5.38 -34.25
C ASP N 292 1.31 -4.12 -33.66
N PRO N 293 2.14 -4.25 -32.62
CA PRO N 293 2.77 -3.06 -32.03
C PRO N 293 3.89 -2.47 -32.87
N ASN N 294 4.24 -3.08 -34.01
CA ASN N 294 5.17 -2.50 -34.95
C ASN N 294 4.52 -2.08 -36.27
N ASN N 295 3.38 -2.65 -36.61
CA ASN N 295 2.69 -2.28 -37.84
C ASN N 295 1.51 -1.39 -37.54
N LEU N 296 1.77 -0.21 -36.99
CA LEU N 296 0.67 0.65 -36.58
C LEU N 296 0.00 1.37 -37.72
N PRO N 297 -1.17 1.96 -37.46
CA PRO N 297 -1.84 2.74 -38.49
C PRO N 297 -1.04 3.99 -38.73
N LYS N 298 -0.84 4.36 -39.98
CA LYS N 298 0.01 5.52 -40.30
C LYS N 298 -0.50 6.87 -39.81
N GLY N 299 -1.76 7.20 -40.10
CA GLY N 299 -2.26 8.51 -39.75
C GLY N 299 -3.12 8.62 -38.51
N ASP N 300 -4.37 8.20 -38.62
CA ASP N 300 -5.29 8.28 -37.50
C ASP N 300 -5.91 6.95 -37.17
N TRP N 301 -6.27 6.76 -35.91
CA TRP N 301 -6.91 5.53 -35.52
C TRP N 301 -8.14 5.83 -34.75
N HIS N 302 -9.27 5.36 -35.24
CA HIS N 302 -10.50 5.54 -34.49
C HIS N 302 -10.95 4.20 -33.93
N CYS N 303 -11.71 4.25 -32.84
CA CYS N 303 -12.28 3.03 -32.28
C CYS N 303 -13.48 2.59 -33.11
N ASN N 304 -14.03 1.42 -32.76
CA ASN N 304 -15.19 0.90 -33.48
C ASN N 304 -16.41 1.79 -33.27
N GLU N 305 -16.63 2.26 -32.04
CA GLU N 305 -17.72 3.19 -31.76
C GLU N 305 -17.51 4.51 -32.49
N CYS N 306 -16.28 5.03 -32.48
CA CYS N 306 -15.98 6.27 -33.19
C CYS N 306 -16.13 6.09 -34.69
N LYS N 307 -15.68 4.97 -35.24
CA LYS N 307 -15.84 4.71 -36.67
C LYS N 307 -17.30 4.62 -37.06
N PHE N 308 -18.12 3.99 -36.22
CA PHE N 308 -19.56 3.96 -36.46
C PHE N 308 -20.16 5.36 -36.37
N LYS N 309 -19.63 6.20 -35.48
CA LYS N 309 -20.12 7.58 -35.38
C LYS N 309 -19.82 8.37 -36.65
N ILE N 310 -18.60 8.24 -37.20
CA ILE N 310 -18.30 8.93 -38.45
C ILE N 310 -19.10 8.34 -39.61
N PHE N 311 -19.36 7.03 -39.59
CA PHE N 311 -20.16 6.42 -40.63
C PHE N 311 -21.60 6.91 -40.58
N ILE N 312 -22.14 7.10 -39.37
CA ILE N 312 -23.50 7.62 -39.23
C ILE N 312 -23.57 9.08 -39.64
N ASN N 313 -22.59 9.89 -39.20
CA ASN N 313 -22.61 11.32 -39.51
C ASN N 313 -22.34 11.59 -40.99
N ASN N 314 -21.58 10.71 -41.65
CA ASN N 314 -21.31 10.89 -43.07
C ASN N 314 -22.53 10.56 -43.91
N SER N 315 -23.29 9.54 -43.51
CA SER N 315 -24.50 9.17 -44.22
C SER N 315 -25.64 10.11 -43.88
N MET N 316 -26.45 10.43 -44.90
CA MET N 316 -27.55 11.36 -44.70
C MET N 316 -28.71 10.71 -43.95
N ALA N 317 -28.94 9.42 -44.18
CA ALA N 317 -30.05 8.74 -43.53
C ALA N 317 -29.74 8.48 -42.06
N THR N 318 -30.80 8.36 -41.27
CA THR N 318 -30.66 8.19 -39.83
C THR N 318 -30.33 6.73 -39.50
N LEU N 319 -30.15 6.46 -38.21
CA LEU N 319 -29.70 5.14 -37.75
C LEU N 319 -30.73 4.06 -38.00
N LYS N 320 -32.01 4.35 -37.74
CA LYS N 320 -33.05 3.34 -37.92
C LYS N 320 -33.25 3.00 -39.39
N LYS N 321 -32.96 3.95 -40.29
CA LYS N 321 -33.05 3.64 -41.72
C LYS N 321 -32.00 2.61 -42.13
N ILE N 322 -30.76 2.78 -41.66
CA ILE N 322 -29.72 1.80 -41.95
C ILE N 322 -30.00 0.47 -41.27
N GLU N 323 -30.59 0.51 -40.07
CA GLU N 323 -30.95 -0.73 -39.39
C GLU N 323 -32.02 -1.48 -40.17
N SER N 324 -33.04 -0.78 -40.67
CA SER N 324 -34.08 -1.41 -41.46
C SER N 324 -33.54 -1.92 -42.79
N ASN N 325 -32.63 -1.16 -43.40
CA ASN N 325 -32.01 -1.59 -44.66
C ASN N 325 -31.15 -2.84 -44.44
N PHE N 326 -30.43 -2.90 -43.31
CA PHE N 326 -29.65 -4.09 -43.00
C PHE N 326 -30.53 -5.29 -42.67
N ILE N 327 -31.69 -5.05 -42.06
CA ILE N 327 -32.61 -6.14 -41.78
C ILE N 327 -33.20 -6.69 -43.09
N LYS N 328 -33.65 -5.80 -43.97
CA LYS N 328 -34.25 -6.22 -45.23
C LYS N 328 -33.24 -6.83 -46.19
N GLN N 329 -32.02 -6.30 -46.24
CA GLN N 329 -31.00 -6.88 -47.10
C GLN N 329 -30.56 -8.25 -46.60
N ASN N 330 -30.46 -8.41 -45.28
CA ASN N 330 -30.16 -9.71 -44.68
C ASN N 330 -31.49 -10.37 -44.34
N ASN N 331 -32.21 -10.75 -45.39
CA ASN N 331 -33.50 -11.41 -45.23
C ASN N 331 -33.38 -12.88 -44.86
N ASN N 332 -32.18 -13.46 -45.00
CA ASN N 332 -31.95 -14.85 -44.63
C ASN N 332 -32.14 -15.08 -43.14
N VAL N 333 -31.67 -14.16 -42.31
CA VAL N 333 -31.84 -14.22 -40.86
C VAL N 333 -32.52 -12.94 -40.40
N LYS N 334 -33.66 -13.08 -39.73
CA LYS N 334 -34.45 -11.94 -39.28
C LYS N 334 -34.27 -11.66 -37.79
N ILE N 335 -34.30 -12.69 -36.96
CA ILE N 335 -34.29 -12.48 -35.51
C ILE N 335 -32.94 -11.98 -35.01
N PHE N 336 -31.85 -12.49 -35.56
CA PHE N 336 -30.52 -12.05 -35.16
C PHE N 336 -30.06 -10.80 -35.89
N ALA N 337 -30.86 -10.29 -36.84
CA ALA N 337 -30.44 -9.15 -37.65
C ALA N 337 -30.24 -7.90 -36.81
N LYS N 338 -31.14 -7.64 -35.86
CA LYS N 338 -30.95 -6.51 -34.95
C LYS N 338 -29.76 -6.76 -34.02
N LEU N 339 -29.48 -8.02 -33.69
CA LEU N 339 -28.28 -8.33 -32.92
C LEU N 339 -27.02 -8.14 -33.78
N LEU N 340 -27.09 -8.50 -35.06
CA LEU N 340 -25.93 -8.34 -35.94
C LEU N 340 -25.63 -6.87 -36.19
N PHE N 341 -26.66 -6.04 -36.26
CA PHE N 341 -26.44 -4.63 -36.61
C PHE N 341 -25.78 -3.86 -35.47
N ASN N 342 -26.20 -4.11 -34.24
CA ASN N 342 -25.80 -3.25 -33.12
C ASN N 342 -24.39 -3.53 -32.60
N ILE N 343 -23.77 -4.65 -32.97
CA ILE N 343 -22.46 -4.96 -32.41
C ILE N 343 -21.33 -4.42 -33.28
N ASP N 344 -21.65 -3.93 -34.48
CA ASP N 344 -20.65 -3.19 -35.24
C ASP N 344 -20.35 -1.84 -34.59
N SER N 345 -21.30 -1.27 -33.87
CA SER N 345 -21.10 -0.02 -33.15
C SER N 345 -20.45 -0.21 -31.79
N HIS N 346 -20.56 -1.39 -31.21
CA HIS N 346 -19.96 -1.65 -29.90
C HIS N 346 -18.45 -1.81 -30.03
N ASN N 347 -17.72 -1.12 -29.16
CA ASN N 347 -16.28 -1.32 -29.08
C ASN N 347 -15.98 -2.73 -28.57
N PRO N 348 -14.87 -3.33 -29.00
CA PRO N 348 -14.52 -4.66 -28.49
C PRO N 348 -14.18 -4.61 -27.01
N LYS N 349 -14.66 -5.61 -26.28
CA LYS N 349 -14.43 -5.71 -24.84
C LYS N 349 -14.06 -7.14 -24.51
N GLN N 350 -13.32 -7.30 -23.40
CA GLN N 350 -13.00 -8.62 -22.93
C GLN N 350 -14.26 -9.30 -22.40
N PHE N 351 -14.41 -10.59 -22.70
CA PHE N 351 -15.57 -11.33 -22.24
C PHE N 351 -15.54 -11.48 -20.73
N GLN N 352 -16.65 -11.14 -20.09
CA GLN N 352 -16.84 -11.37 -18.67
C GLN N 352 -18.12 -12.15 -18.48
N LEU N 353 -18.09 -13.10 -17.54
CA LEU N 353 -19.30 -13.84 -17.23
C LEU N 353 -20.33 -12.91 -16.61
N PRO N 354 -21.60 -13.02 -17.00
CA PRO N 354 -22.64 -12.19 -16.38
C PRO N 354 -22.84 -12.59 -14.92
N ASN N 355 -23.54 -11.71 -14.20
CA ASN N 355 -23.69 -11.88 -12.76
C ASN N 355 -24.49 -13.13 -12.42
N TYR N 356 -25.53 -13.44 -13.20
CA TYR N 356 -26.39 -14.58 -12.88
C TYR N 356 -25.69 -15.92 -13.07
N ILE N 357 -24.55 -15.95 -13.77
CA ILE N 357 -23.72 -17.15 -13.78
C ILE N 357 -22.81 -17.17 -12.55
N LYS N 358 -22.53 -16.00 -11.99
CA LYS N 358 -21.63 -15.95 -10.84
C LYS N 358 -22.37 -15.99 -9.51
N GLU N 359 -23.60 -15.48 -9.45
CA GLU N 359 -24.35 -15.48 -8.20
C GLU N 359 -24.86 -16.86 -7.81
N THR N 360 -24.94 -17.81 -8.74
CA THR N 360 -25.40 -19.14 -8.38
C THR N 360 -24.34 -19.93 -7.61
N PHE N 361 -23.09 -19.49 -7.67
CA PHE N 361 -22.01 -20.08 -6.88
C PHE N 361 -21.49 -19.05 -5.89
N PRO N 362 -21.89 -19.12 -4.61
CA PRO N 362 -21.49 -18.07 -3.66
C PRO N 362 -20.02 -18.11 -3.29
N ALA N 363 -19.35 -19.25 -3.44
CA ALA N 363 -17.93 -19.31 -3.11
C ALA N 363 -17.09 -18.59 -4.15
N VAL N 364 -17.59 -18.48 -5.38
CA VAL N 364 -16.83 -17.90 -6.48
C VAL N 364 -16.85 -16.39 -6.38
N LYS N 365 -15.68 -15.77 -6.34
CA LYS N 365 -15.53 -14.33 -6.28
C LYS N 365 -14.82 -13.83 -7.54
N THR N 366 -14.73 -12.51 -7.66
CA THR N 366 -14.07 -11.87 -8.78
C THR N 366 -12.88 -11.05 -8.24
N GLY N 367 -11.71 -11.26 -8.84
CA GLY N 367 -10.53 -10.55 -8.43
C GLY N 367 -10.51 -9.11 -8.89
N SER N 368 -9.42 -8.42 -8.56
CA SER N 368 -9.27 -7.03 -8.93
C SER N 368 -9.11 -6.85 -10.44
N ARG N 369 -8.47 -7.81 -11.10
CA ARG N 369 -8.29 -7.78 -12.54
C ARG N 369 -9.40 -8.51 -13.29
N GLY N 370 -10.45 -8.91 -12.60
CA GLY N 370 -11.50 -9.72 -13.19
C GLY N 370 -11.19 -11.20 -13.23
N GLN N 371 -10.09 -11.62 -12.60
CA GLN N 371 -9.71 -13.02 -12.63
C GLN N 371 -10.58 -13.84 -11.68
N TYR N 372 -10.47 -15.16 -11.81
CA TYR N 372 -11.22 -16.07 -10.95
C TYR N 372 -10.68 -16.02 -9.53
N SER N 373 -11.60 -16.19 -8.58
CA SER N 373 -11.25 -16.32 -7.17
C SER N 373 -12.34 -17.11 -6.48
N ASP N 374 -11.96 -17.95 -5.53
CA ASP N 374 -12.93 -18.79 -4.84
C ASP N 374 -12.48 -18.99 -3.39
N GLU N 375 -13.08 -19.98 -2.72
CA GLU N 375 -12.78 -20.23 -1.32
C GLU N 375 -11.37 -20.76 -1.10
N ASN N 376 -10.73 -21.29 -2.13
CA ASN N 376 -9.33 -21.72 -2.03
C ASN N 376 -8.39 -20.61 -2.46
N ASP N 377 -8.57 -19.43 -1.89
CA ASP N 377 -7.73 -18.28 -2.19
C ASP N 377 -7.65 -17.39 -0.96
N LYS N 378 -6.43 -17.00 -0.59
CA LYS N 378 -6.24 -16.19 0.60
C LYS N 378 -6.64 -14.74 0.33
N ILE N 379 -6.97 -14.05 1.42
CA ILE N 379 -7.12 -12.59 1.37
C ILE N 379 -5.73 -12.04 1.15
N PRO N 380 -5.51 -11.22 0.12
CA PRO N 380 -4.16 -10.73 -0.18
C PRO N 380 -3.61 -9.85 0.93
N LEU N 381 -2.39 -10.15 1.35
CA LEU N 381 -1.73 -9.39 2.41
C LEU N 381 -1.30 -8.03 1.88
N THR N 382 -1.63 -6.99 2.63
CA THR N 382 -1.24 -5.63 2.25
C THR N 382 0.25 -5.43 2.47
N ASP N 383 0.78 -4.37 1.86
CA ASP N 383 2.21 -4.08 1.98
C ASP N 383 2.57 -3.62 3.39
N ARG N 384 1.57 -3.26 4.21
CA ARG N 384 1.83 -2.95 5.61
C ARG N 384 2.27 -4.18 6.39
N GLN N 385 1.89 -5.37 5.94
CA GLN N 385 2.25 -6.60 6.62
C GLN N 385 3.56 -7.21 6.13
N LEU N 386 3.85 -7.12 4.83
CA LEU N 386 5.04 -7.74 4.26
C LEU N 386 6.31 -6.92 4.52
N PHE N 387 6.34 -5.67 4.08
CA PHE N 387 7.56 -4.88 4.13
C PHE N 387 7.57 -3.80 5.21
N ASN N 388 6.43 -3.52 5.83
CA ASN N 388 6.35 -2.49 6.87
C ASN N 388 6.33 -3.08 8.28
N THR N 389 7.06 -4.18 8.46
CA THR N 389 7.11 -4.84 9.76
C THR N 389 8.50 -4.71 10.37
N SER N 390 8.62 -4.99 11.66
CA SER N 390 9.90 -4.87 12.35
C SER N 390 10.88 -5.95 11.92
N TYR N 391 12.16 -5.76 12.20
CA TYR N 391 13.16 -6.71 11.73
C TYR N 391 12.95 -8.12 12.28
N GLY N 392 12.82 -8.24 13.60
CA GLY N 392 12.70 -9.56 14.19
C GLY N 392 11.41 -10.25 13.87
N GLN N 393 10.36 -9.48 13.65
CA GLN N 393 9.04 -10.07 13.40
C GLN N 393 8.74 -10.06 11.92
N SER N 394 8.70 -11.24 11.32
CA SER N 394 8.42 -11.33 9.90
C SER N 394 7.24 -12.24 9.63
N ILE N 395 6.53 -11.98 8.54
CA ILE N 395 5.39 -12.81 8.17
C ILE N 395 5.82 -14.25 7.97
N THR N 396 7.10 -14.47 7.71
CA THR N 396 7.60 -15.82 7.47
C THR N 396 7.65 -16.64 8.76
N LYS N 397 7.75 -15.96 9.90
CA LYS N 397 7.81 -16.59 11.23
C LYS N 397 8.97 -17.57 11.34
N LEU N 398 10.09 -17.23 10.72
CA LEU N 398 11.29 -18.06 10.75
C LEU N 398 12.52 -17.35 11.28
N ASP N 399 12.46 -16.03 11.43
CA ASP N 399 13.62 -15.26 11.84
C ASP N 399 13.75 -15.06 13.33
N SER N 400 12.80 -15.55 14.10
CA SER N 400 12.79 -15.34 15.53
C SER N 400 11.96 -16.43 16.19
N TYR N 401 12.10 -16.54 17.50
CA TYR N 401 11.33 -17.48 18.31
C TYR N 401 10.03 -16.81 18.71
N ASN N 402 8.91 -17.30 18.18
CA ASN N 402 7.61 -16.73 18.45
C ASN N 402 6.72 -17.77 19.12
N PRO N 403 6.64 -17.79 20.45
CA PRO N 403 5.79 -18.78 21.12
C PRO N 403 4.32 -18.39 21.18
N ASP N 404 3.95 -17.20 20.71
CA ASP N 404 2.54 -16.83 20.64
C ASP N 404 1.93 -17.28 19.31
N THR N 405 2.20 -18.54 18.96
CA THR N 405 1.58 -19.23 17.84
C THR N 405 1.12 -20.62 18.20
N HIS N 406 1.62 -21.20 19.29
CA HIS N 406 1.10 -22.43 19.84
C HIS N 406 -0.09 -22.21 20.75
N ILE N 407 -0.42 -20.96 21.06
CA ILE N 407 -1.50 -20.61 21.97
C ILE N 407 -2.67 -20.08 21.16
N ASP N 408 -3.85 -20.67 21.36
CA ASP N 408 -5.05 -20.22 20.67
C ASP N 408 -5.42 -18.83 21.20
N SER N 409 -5.79 -17.94 20.28
CA SER N 409 -6.06 -16.56 20.66
C SER N 409 -7.38 -16.42 21.40
N ASN N 410 -8.43 -17.10 20.93
CA ASN N 410 -9.76 -16.95 21.48
C ASN N 410 -10.08 -17.95 22.58
N SER N 411 -9.16 -18.85 22.91
CA SER N 411 -9.43 -19.85 23.95
C SER N 411 -8.33 -19.84 25.00
N GLY N 412 -7.11 -19.50 24.59
CA GLY N 412 -5.97 -19.52 25.49
C GLY N 412 -5.33 -20.87 25.69
N LYS N 413 -5.87 -21.92 25.09
CA LYS N 413 -5.29 -23.25 25.23
C LYS N 413 -4.13 -23.41 24.26
N PHE N 414 -3.50 -24.58 24.29
CA PHE N 414 -2.35 -24.87 23.47
C PHE N 414 -2.78 -25.58 22.18
N LEU N 415 -2.29 -25.08 21.05
CA LEU N 415 -2.58 -25.68 19.76
C LEU N 415 -1.83 -27.00 19.66
N ILE N 416 -2.54 -28.10 19.86
CA ILE N 416 -1.95 -29.42 19.79
C ILE N 416 -1.91 -29.87 18.34
N CYS N 417 -0.71 -30.20 17.86
CA CYS N 417 -0.57 -30.70 16.50
C CYS N 417 -1.29 -32.04 16.36
N TYR N 418 -1.86 -32.28 15.17
CA TYR N 418 -2.71 -33.44 15.00
C TYR N 418 -1.91 -34.74 14.95
N LYS N 419 -0.79 -34.74 14.24
CA LYS N 419 -0.06 -35.99 14.05
C LYS N 419 0.73 -36.39 15.29
N CYS N 420 1.54 -35.48 15.82
CA CYS N 420 2.40 -35.82 16.95
C CYS N 420 1.70 -35.72 18.28
N ASN N 421 0.49 -35.15 18.33
CA ASN N 421 -0.30 -34.98 19.56
C ASN N 421 0.44 -34.19 20.63
N GLN N 422 1.28 -33.26 20.19
CA GLN N 422 2.07 -32.44 21.10
C GLN N 422 2.12 -31.02 20.59
N THR N 423 2.42 -30.10 21.49
CA THR N 423 2.78 -28.73 21.12
C THR N 423 4.19 -28.46 21.63
N ARG N 424 5.12 -28.25 20.70
CA ARG N 424 6.51 -28.02 21.04
C ARG N 424 6.73 -26.52 21.13
N LEU N 425 6.38 -25.96 22.29
CA LEU N 425 6.43 -24.52 22.46
C LEU N 425 7.86 -24.02 22.61
N GLY N 426 8.76 -24.84 23.11
CA GLY N 426 10.09 -24.39 23.40
C GLY N 426 10.16 -23.76 24.78
N SER N 427 11.33 -23.19 25.09
CA SER N 427 11.54 -22.66 26.43
C SER N 427 12.24 -21.31 26.49
N TRP N 428 12.63 -20.73 25.35
CA TRP N 428 13.32 -19.44 25.20
C TRP N 428 14.75 -19.48 25.77
N SER N 429 15.11 -20.56 26.45
CA SER N 429 16.49 -20.88 26.74
C SER N 429 17.02 -21.95 25.80
N HIS N 430 16.15 -22.79 25.27
CA HIS N 430 16.45 -23.70 24.16
C HIS N 430 15.39 -23.49 23.10
N PRO N 431 15.49 -22.40 22.32
CA PRO N 431 14.47 -22.15 21.28
C PRO N 431 14.57 -23.11 20.11
N GLU N 432 15.65 -23.88 19.99
CA GLU N 432 15.74 -24.90 18.97
C GLU N 432 14.86 -26.10 19.27
N ASN N 433 14.37 -26.22 20.50
CA ASN N 433 13.42 -27.27 20.86
C ASN N 433 12.00 -26.95 20.45
N SER N 434 11.75 -25.74 19.96
CA SER N 434 10.41 -25.35 19.54
C SER N 434 10.18 -25.71 18.08
N ARG N 435 9.13 -26.47 17.82
CA ARG N 435 8.75 -26.85 16.46
C ARG N 435 7.68 -25.90 15.97
N LEU N 436 7.84 -25.44 14.73
CA LEU N 436 6.89 -24.49 14.16
C LEU N 436 5.54 -25.15 13.94
N ILE N 437 4.48 -24.40 14.20
CA ILE N 437 3.13 -24.93 14.07
C ILE N 437 2.30 -23.94 13.27
N MET N 438 1.49 -24.48 12.35
CA MET N 438 0.53 -23.68 11.60
C MET N 438 -0.83 -24.34 11.72
N THR N 439 -1.87 -23.57 11.42
CA THR N 439 -3.23 -24.07 11.43
C THR N 439 -3.75 -24.12 10.00
N CYS N 440 -4.62 -25.10 9.75
CA CYS N 440 -5.27 -25.21 8.45
C CYS N 440 -6.17 -24.01 8.22
N ASP N 441 -6.28 -23.60 6.96
CA ASP N 441 -7.06 -22.43 6.61
C ASP N 441 -8.54 -22.74 6.43
N TYR N 442 -8.93 -24.00 6.56
CA TYR N 442 -10.32 -24.40 6.41
C TYR N 442 -10.94 -24.91 7.69
N CYS N 443 -10.35 -25.92 8.32
CA CYS N 443 -10.90 -26.49 9.56
C CYS N 443 -10.10 -26.09 10.79
N GLN N 444 -9.07 -25.26 10.64
CA GLN N 444 -8.25 -24.73 11.72
C GLN N 444 -7.57 -25.84 12.53
N THR N 445 -7.27 -26.96 11.90
CA THR N 445 -6.58 -28.04 12.58
C THR N 445 -5.09 -27.72 12.63
N PRO N 446 -4.49 -27.63 13.81
CA PRO N 446 -3.08 -27.21 13.88
C PRO N 446 -2.15 -28.35 13.52
N TRP N 447 -1.16 -28.05 12.69
CA TRP N 447 -0.19 -29.02 12.22
C TRP N 447 1.22 -28.48 12.43
N HIS N 448 2.12 -29.35 12.88
CA HIS N 448 3.52 -28.97 12.91
C HIS N 448 4.08 -28.88 11.51
N LEU N 449 5.13 -28.07 11.36
CA LEU N 449 5.78 -27.93 10.07
C LEU N 449 6.58 -29.17 9.67
N ASP N 450 6.83 -30.08 10.60
CA ASP N 450 7.58 -31.30 10.32
C ASP N 450 6.71 -32.53 10.20
N CYS N 451 5.53 -32.52 10.83
CA CYS N 451 4.65 -33.68 10.76
C CYS N 451 4.05 -33.82 9.37
N VAL N 452 3.55 -32.72 8.81
CA VAL N 452 3.34 -32.60 7.37
C VAL N 452 4.61 -31.97 6.78
N PRO N 453 5.22 -32.57 5.78
CA PRO N 453 6.50 -32.04 5.29
C PRO N 453 6.32 -30.71 4.57
N ARG N 454 6.69 -29.62 5.25
CA ARG N 454 6.55 -28.28 4.72
C ARG N 454 7.67 -27.43 5.27
N ALA N 455 8.19 -26.52 4.44
CA ALA N 455 9.19 -25.56 4.89
C ALA N 455 8.64 -24.15 4.98
N SER N 456 7.65 -23.81 4.17
CA SER N 456 7.03 -22.50 4.21
C SER N 456 5.86 -22.49 5.18
N PHE N 457 5.38 -21.29 5.49
CA PHE N 457 4.19 -21.12 6.30
C PHE N 457 2.93 -20.84 5.50
N LYS N 458 3.02 -20.75 4.17
CA LYS N 458 1.91 -20.39 3.29
C LYS N 458 1.30 -19.06 3.71
N ASN N 459 2.07 -18.00 3.54
CA ASN N 459 1.61 -16.68 3.94
C ASN N 459 0.71 -16.03 2.89
N LEU N 460 1.01 -16.21 1.61
CA LEU N 460 0.22 -15.61 0.54
C LEU N 460 0.05 -16.62 -0.58
N GLY N 461 -0.95 -16.35 -1.43
CA GLY N 461 -1.27 -17.24 -2.52
C GLY N 461 -2.59 -17.94 -2.30
N SER N 462 -2.58 -19.26 -2.35
CA SER N 462 -3.77 -20.05 -2.06
C SER N 462 -3.80 -20.42 -0.58
N LYS N 463 -5.00 -20.73 -0.10
CA LYS N 463 -5.17 -21.17 1.28
C LYS N 463 -4.55 -22.54 1.47
N TRP N 464 -3.84 -22.74 2.56
CA TRP N 464 -3.23 -24.03 2.82
C TRP N 464 -4.26 -25.03 3.33
N LYS N 465 -4.23 -26.23 2.78
CA LYS N 465 -5.16 -27.29 3.13
C LYS N 465 -4.41 -28.39 3.88
N CYS N 466 -4.89 -28.71 5.07
CA CYS N 466 -4.31 -29.80 5.85
C CYS N 466 -4.61 -31.13 5.17
N PRO N 467 -3.82 -32.17 5.45
CA PRO N 467 -4.05 -33.47 4.79
C PRO N 467 -5.37 -34.16 5.14
N LEU N 468 -6.09 -33.70 6.17
CA LEU N 468 -7.28 -34.43 6.60
C LEU N 468 -8.50 -34.14 5.75
N HIS N 469 -8.46 -33.16 4.86
CA HIS N 469 -9.64 -32.78 4.10
C HIS N 469 -9.80 -33.67 2.87
N SER N 470 -11.05 -33.99 2.55
CA SER N 470 -11.34 -34.81 1.39
C SER N 470 -11.10 -34.01 0.11
N PRO N 471 -10.54 -34.64 -0.93
CA PRO N 471 -10.19 -33.90 -2.13
C PRO N 471 -11.42 -33.51 -2.95
N THR N 472 -11.32 -32.36 -3.61
CA THR N 472 -12.33 -31.93 -4.55
C THR N 472 -12.02 -32.34 -5.99
N LYS N 473 -10.86 -32.94 -6.23
CA LYS N 473 -10.46 -33.42 -7.55
C LYS N 473 -9.50 -34.58 -7.35
N VAL N 474 -9.81 -35.72 -7.98
CA VAL N 474 -8.97 -36.90 -7.89
C VAL N 474 -8.84 -37.51 -9.27
N TYR N 475 -7.74 -38.21 -9.52
CA TYR N 475 -7.56 -38.96 -10.75
C TYR N 475 -7.40 -40.45 -10.41
N LYS N 476 -8.13 -41.30 -11.12
CA LYS N 476 -8.06 -42.74 -10.91
C LYS N 476 -7.72 -43.42 -12.23
N LYS N 477 -7.02 -44.55 -12.12
CA LYS N 477 -6.58 -45.30 -13.28
C LYS N 477 -7.68 -46.22 -13.76
N ILE N 478 -7.89 -46.25 -15.08
CA ILE N 478 -8.90 -47.13 -15.66
C ILE N 478 -8.44 -48.58 -15.55
N HIS N 479 -7.17 -48.85 -15.91
CA HIS N 479 -6.57 -50.19 -15.92
C HIS N 479 -7.37 -51.19 -16.75
N ASN N 488 -6.70 -45.53 -20.20
CA ASN N 488 -6.68 -44.12 -19.86
C ASN N 488 -6.90 -43.91 -18.37
N TYR N 489 -7.78 -42.98 -18.03
CA TYR N 489 -8.05 -42.64 -16.63
C TYR N 489 -9.46 -42.07 -16.55
N LYS N 490 -9.90 -41.81 -15.32
CA LYS N 490 -11.14 -41.09 -15.06
C LYS N 490 -10.89 -40.03 -13.99
N VAL N 491 -11.53 -38.89 -14.16
CA VAL N 491 -11.42 -37.78 -13.22
C VAL N 491 -12.77 -37.59 -12.57
N TRP N 492 -12.77 -37.07 -11.35
CA TRP N 492 -13.99 -36.67 -10.66
C TRP N 492 -13.73 -35.34 -9.97
N LYS N 493 -14.65 -34.39 -10.17
CA LYS N 493 -14.59 -33.12 -9.46
C LYS N 493 -15.86 -32.95 -8.64
N LYS N 494 -15.68 -32.53 -7.38
CA LYS N 494 -16.81 -32.23 -6.52
C LYS N 494 -17.60 -31.05 -7.07
N GLN N 495 -18.91 -31.11 -6.90
CA GLN N 495 -19.78 -30.03 -7.37
C GLN N 495 -19.50 -28.75 -6.58
N ARG N 496 -19.60 -27.63 -7.27
CA ARG N 496 -19.40 -26.34 -6.63
C ARG N 496 -20.57 -26.04 -5.69
N LEU N 497 -20.30 -25.21 -4.69
CA LEU N 497 -21.34 -24.80 -3.75
C LEU N 497 -22.36 -23.92 -4.46
N ILE N 498 -23.62 -24.14 -4.14
CA ILE N 498 -24.74 -23.42 -4.75
C ILE N 498 -25.50 -22.72 -3.64
N ASN N 499 -25.96 -21.49 -3.90
CA ASN N 499 -26.76 -20.74 -2.95
C ASN N 499 -28.05 -21.49 -2.60
N LYS N 500 -28.60 -21.15 -1.43
CA LYS N 500 -29.69 -21.91 -0.83
C LYS N 500 -30.97 -21.87 -1.65
N LYS N 501 -31.14 -20.86 -2.51
CA LYS N 501 -32.35 -20.78 -3.32
C LYS N 501 -32.31 -21.73 -4.51
N ASN N 502 -31.14 -22.23 -4.90
CA ASN N 502 -31.01 -23.10 -6.07
C ASN N 502 -30.31 -24.41 -5.74
N GLN N 503 -30.09 -24.70 -4.46
CA GLN N 503 -29.42 -25.92 -4.05
C GLN N 503 -30.42 -26.83 -3.36
N LEU N 504 -30.58 -28.05 -3.87
CA LEU N 504 -31.49 -29.02 -3.31
C LEU N 504 -30.71 -30.13 -2.63
N TYR N 505 -30.97 -30.29 -1.33
CA TYR N 505 -30.42 -31.40 -0.55
C TYR N 505 -31.52 -32.45 -0.45
N TYR N 506 -31.24 -33.67 -0.91
CA TYR N 506 -32.24 -34.72 -0.91
C TYR N 506 -31.70 -35.91 -0.13
N GLU N 507 -32.60 -36.62 0.57
CA GLU N 507 -32.22 -37.77 1.37
C GLU N 507 -32.55 -39.05 0.62
N PRO N 508 -31.59 -39.91 0.35
CA PRO N 508 -31.87 -41.20 -0.28
C PRO N 508 -32.88 -42.04 0.48
N LEU N 509 -33.69 -42.78 -0.28
CA LEU N 509 -34.47 -43.86 0.27
C LEU N 509 -33.64 -45.13 0.40
N GLN N 510 -32.79 -45.40 -0.60
CA GLN N 510 -31.88 -46.52 -0.53
C GLN N 510 -30.69 -46.19 0.36
N LYS N 511 -30.45 -47.04 1.36
CA LYS N 511 -29.37 -46.79 2.31
C LYS N 511 -28.06 -47.41 1.83
N ILE N 512 -28.14 -48.63 1.30
CA ILE N 512 -26.93 -49.38 0.97
C ILE N 512 -26.77 -49.44 -0.55
N GLY N 513 -25.59 -49.04 -1.02
CA GLY N 513 -25.26 -49.13 -2.42
C GLY N 513 -25.79 -48.00 -3.28
N TYR N 514 -26.29 -46.94 -2.68
CA TYR N 514 -26.76 -45.79 -3.45
C TYR N 514 -25.58 -45.08 -4.10
N GLN N 515 -25.52 -45.16 -5.43
CA GLN N 515 -24.44 -44.54 -6.20
C GLN N 515 -24.66 -43.04 -6.21
N ASN N 516 -23.99 -42.39 -5.27
CA ASN N 516 -24.00 -40.95 -5.19
C ASN N 516 -22.80 -40.55 -5.97
N ASN N 517 -22.78 -39.33 -6.47
CA ASN N 517 -21.69 -38.92 -7.32
C ASN N 517 -20.46 -38.63 -6.54
N GLY N 518 -20.44 -38.96 -5.26
CA GLY N 518 -19.31 -38.59 -4.43
C GLY N 518 -19.63 -37.29 -3.78
N ASN N 519 -20.72 -36.68 -4.18
CA ASN N 519 -21.13 -35.42 -3.60
C ASN N 519 -22.18 -35.70 -2.55
N ILE N 520 -21.78 -35.76 -1.29
CA ILE N 520 -22.70 -36.13 -0.25
C ILE N 520 -22.72 -35.17 0.91
N GLN N 521 -23.64 -35.38 1.85
CA GLN N 521 -23.70 -34.58 3.07
C GLN N 521 -23.92 -35.56 4.19
N ILE N 522 -23.29 -35.35 5.33
CA ILE N 522 -23.42 -36.26 6.45
C ILE N 522 -24.51 -35.75 7.38
N ILE N 523 -25.46 -36.60 7.71
CA ILE N 523 -26.52 -36.27 8.64
C ILE N 523 -26.19 -36.92 9.99
N PRO N 524 -26.68 -36.39 11.11
CA PRO N 524 -26.46 -37.06 12.40
C PRO N 524 -27.16 -38.41 12.45
N THR N 525 -26.54 -39.33 13.17
CA THR N 525 -27.05 -40.70 13.32
C THR N 525 -27.90 -40.77 14.59
N THR N 526 -29.15 -41.18 14.43
CA THR N 526 -30.06 -41.29 15.56
C THR N 526 -30.36 -42.75 15.89
N ASN N 545 -29.74 -48.12 19.74
CA ASN N 545 -29.08 -49.30 20.30
C ASN N 545 -29.31 -50.52 19.42
N SER N 546 -30.47 -50.58 18.77
CA SER N 546 -30.80 -51.69 17.90
C SER N 546 -29.91 -51.72 16.66
N ILE N 547 -29.54 -50.53 16.17
CA ILE N 547 -28.67 -50.44 14.99
C ILE N 547 -27.28 -50.96 15.30
N LYS N 548 -26.82 -50.77 16.55
CA LYS N 548 -25.49 -51.23 16.93
C LYS N 548 -25.39 -52.76 16.89
N TYR N 549 -26.41 -53.45 17.40
CA TYR N 549 -26.40 -54.91 17.34
C TYR N 549 -26.78 -55.42 15.96
N ASP N 550 -27.50 -54.61 15.17
CA ASP N 550 -27.83 -54.98 13.79
C ASP N 550 -26.56 -55.12 12.97
N PHE N 551 -25.60 -54.22 13.21
CA PHE N 551 -24.31 -54.32 12.54
C PHE N 551 -23.52 -55.54 12.99
N PHE N 552 -23.70 -55.96 14.25
CA PHE N 552 -22.89 -57.06 14.78
C PHE N 552 -23.29 -58.39 14.14
N ASP N 553 -24.59 -58.64 14.00
CA ASP N 553 -25.03 -59.89 13.39
C ASP N 553 -24.80 -59.88 11.89
N LYS N 554 -24.88 -58.70 11.26
CA LYS N 554 -24.72 -58.62 9.80
C LYS N 554 -23.30 -58.97 9.37
N ILE N 555 -22.30 -58.61 10.17
CA ILE N 555 -20.96 -59.13 9.96
C ILE N 555 -20.89 -60.61 10.31
N TYR N 556 -21.53 -61.05 11.37
CA TYR N 556 -21.39 -62.47 11.66
C TYR N 556 -21.84 -63.28 10.46
N LYS N 557 -23.09 -63.12 10.06
CA LYS N 557 -23.64 -63.91 8.96
C LYS N 557 -22.80 -63.88 7.71
N SER N 558 -22.38 -62.70 7.31
CA SER N 558 -21.62 -62.57 6.08
C SER N 558 -20.29 -63.28 6.13
N LYS N 559 -19.57 -63.11 7.22
CA LYS N 559 -18.29 -63.78 7.35
C LYS N 559 -18.49 -65.29 7.38
N MET N 560 -19.59 -65.72 8.00
CA MET N 560 -19.88 -67.15 8.00
C MET N 560 -20.06 -67.64 6.58
N VAL N 561 -20.85 -66.92 5.80
CA VAL N 561 -21.08 -67.31 4.42
C VAL N 561 -19.76 -67.37 3.68
N GLN N 562 -18.89 -66.41 3.95
CA GLN N 562 -17.59 -66.39 3.30
C GLN N 562 -16.79 -67.64 3.62
N LYS N 563 -16.66 -67.97 4.89
CA LYS N 563 -15.98 -69.21 5.24
C LYS N 563 -16.53 -70.31 4.37
N ARG N 564 -17.84 -70.45 4.31
CA ARG N 564 -18.50 -71.48 3.51
C ARG N 564 -18.09 -71.38 2.05
N LYS N 565 -18.00 -70.15 1.52
CA LYS N 565 -17.53 -69.96 0.15
C LYS N 565 -16.08 -70.39 0.00
N LEU N 566 -15.26 -70.18 1.04
CA LEU N 566 -13.90 -70.69 1.04
C LEU N 566 -13.88 -72.21 1.06
N PHE N 567 -14.72 -72.81 1.89
CA PHE N 567 -14.72 -74.26 2.08
C PHE N 567 -15.34 -75.02 0.91
N GLN N 568 -16.15 -74.37 0.08
CA GLN N 568 -16.79 -75.04 -1.05
C GLN N 568 -15.89 -75.15 -2.27
N PHE N 569 -14.85 -74.31 -2.37
CA PHE N 569 -14.01 -74.30 -3.56
C PHE N 569 -12.69 -75.03 -3.37
N GLN N 570 -12.16 -75.11 -2.15
CA GLN N 570 -10.90 -75.80 -1.95
C GLN N 570 -11.07 -77.31 -2.07
N GLU N 571 -12.26 -77.82 -1.72
CA GLU N 571 -12.53 -79.24 -1.89
C GLU N 571 -12.57 -79.63 -3.36
N SER N 572 -13.05 -78.73 -4.23
CA SER N 572 -13.02 -78.98 -5.67
C SER N 572 -11.59 -78.95 -6.21
N LEU N 573 -10.70 -78.21 -5.54
CA LEU N 573 -9.31 -78.13 -6.01
C LEU N 573 -8.56 -79.44 -5.75
N ILE N 574 -8.71 -80.01 -4.56
CA ILE N 574 -8.03 -81.27 -4.26
C ILE N 574 -8.69 -82.45 -4.95
N ASP N 575 -9.97 -82.35 -5.27
CA ASP N 575 -10.64 -83.40 -6.05
C ASP N 575 -10.36 -83.28 -7.54
N LYS N 576 -9.66 -82.23 -7.97
CA LYS N 576 -9.22 -82.13 -9.36
C LYS N 576 -7.88 -82.82 -9.57
N LEU N 577 -7.03 -82.84 -8.54
CA LEU N 577 -5.69 -83.41 -8.65
C LEU N 577 -5.69 -84.93 -8.81
N VAL N 578 -6.71 -85.63 -8.26
CA VAL N 578 -6.79 -87.08 -8.41
C VAL N 578 -7.07 -87.50 -9.84
N SER N 579 -7.85 -86.73 -10.59
CA SER N 579 -8.17 -87.03 -11.98
C SER N 579 -6.94 -86.90 -12.88
N SER O 221 -41.32 -52.63 -14.55
CA SER O 221 -40.41 -53.30 -15.47
C SER O 221 -40.32 -54.79 -15.18
N LEU O 222 -41.36 -55.32 -14.52
CA LEU O 222 -41.40 -56.73 -14.18
C LEU O 222 -41.72 -57.58 -15.40
N GLN O 223 -40.90 -58.61 -15.61
CA GLN O 223 -41.13 -59.62 -16.65
C GLN O 223 -41.12 -60.97 -15.94
N ILE O 224 -42.27 -61.36 -15.40
CA ILE O 224 -42.39 -62.62 -14.66
C ILE O 224 -42.67 -63.75 -15.64
N PRO O 225 -42.25 -64.98 -15.35
CA PRO O 225 -42.48 -66.08 -16.29
C PRO O 225 -43.93 -66.55 -16.28
N ILE O 226 -44.20 -67.52 -17.15
CA ILE O 226 -45.57 -67.95 -17.46
C ILE O 226 -46.23 -68.71 -16.32
N LYS O 227 -45.45 -69.33 -15.43
CA LYS O 227 -46.05 -70.16 -14.38
C LYS O 227 -46.71 -69.31 -13.31
N LEU O 228 -46.08 -68.20 -12.92
CA LEU O 228 -46.71 -67.26 -11.99
C LEU O 228 -47.96 -66.64 -12.59
N LYS O 229 -47.92 -66.32 -13.89
CA LYS O 229 -49.11 -65.82 -14.57
C LYS O 229 -50.23 -66.85 -14.56
N SER O 230 -49.90 -68.11 -14.83
CA SER O 230 -50.90 -69.17 -14.86
C SER O 230 -51.52 -69.40 -13.49
N VAL O 231 -50.70 -69.42 -12.44
CA VAL O 231 -51.27 -69.64 -11.12
C VAL O 231 -52.06 -68.42 -10.65
N LEU O 232 -51.66 -67.21 -11.08
CA LEU O 232 -52.42 -66.03 -10.69
C LEU O 232 -53.77 -65.97 -11.42
N VAL O 233 -53.80 -66.37 -12.69
CA VAL O 233 -55.08 -66.33 -13.38
C VAL O 233 -55.97 -67.50 -12.95
N ASP O 234 -55.39 -68.62 -12.51
CA ASP O 234 -56.26 -69.67 -11.97
C ASP O 234 -56.82 -69.28 -10.60
N ASP O 235 -56.03 -68.56 -9.79
CA ASP O 235 -56.59 -67.97 -8.58
C ASP O 235 -57.67 -66.93 -8.90
N TRP O 236 -57.49 -66.17 -9.98
CA TRP O 236 -58.52 -65.23 -10.42
C TRP O 236 -59.81 -65.96 -10.79
N GLU O 237 -59.69 -67.09 -11.50
CA GLU O 237 -60.87 -67.88 -11.86
C GLU O 237 -61.53 -68.48 -10.62
N TYR O 238 -60.74 -68.94 -9.66
CA TYR O 238 -61.31 -69.48 -8.42
C TYR O 238 -61.93 -68.40 -7.54
N VAL O 239 -61.49 -67.14 -7.65
CA VAL O 239 -62.01 -66.10 -6.78
C VAL O 239 -63.14 -65.29 -7.41
N THR O 240 -63.25 -65.29 -8.75
CA THR O 240 -64.31 -64.52 -9.41
C THR O 240 -65.43 -65.42 -9.94
N LYS O 241 -65.09 -66.43 -10.73
CA LYS O 241 -66.10 -67.35 -11.26
C LYS O 241 -66.50 -68.43 -10.27
N ASP O 242 -65.83 -68.52 -9.12
CA ASP O 242 -66.16 -69.49 -8.09
C ASP O 242 -66.24 -68.78 -6.75
N LYS O 243 -67.08 -69.30 -5.85
CA LYS O 243 -67.24 -68.70 -4.53
C LYS O 243 -66.05 -69.04 -3.62
N LYS O 244 -65.29 -70.09 -3.95
CA LYS O 244 -64.22 -70.61 -3.11
C LYS O 244 -63.11 -69.58 -2.88
N ILE O 245 -62.75 -69.41 -1.61
CA ILE O 245 -61.68 -68.52 -1.19
C ILE O 245 -60.62 -69.34 -0.46
N CYS O 246 -59.55 -68.67 -0.05
CA CYS O 246 -58.46 -69.33 0.66
C CYS O 246 -58.90 -69.76 2.06
N ARG O 247 -58.13 -70.67 2.63
CA ARG O 247 -58.44 -71.23 3.94
C ARG O 247 -58.22 -70.19 5.03
N LEU O 248 -58.86 -70.39 6.18
CA LEU O 248 -58.74 -69.38 7.23
C LEU O 248 -57.29 -69.09 7.58
N PRO O 249 -56.58 -70.05 8.21
CA PRO O 249 -55.21 -69.68 8.59
C PRO O 249 -54.36 -69.57 7.36
N ALA O 250 -54.96 -69.84 6.20
CA ALA O 250 -54.23 -69.77 4.95
C ALA O 250 -52.96 -70.60 4.98
N ASP O 251 -52.94 -71.64 5.80
CA ASP O 251 -51.79 -72.54 5.83
C ASP O 251 -50.48 -71.79 6.01
N VAL O 252 -49.50 -72.10 5.18
CA VAL O 252 -48.20 -71.45 5.28
C VAL O 252 -48.33 -69.97 5.07
N THR O 253 -47.99 -69.21 6.09
CA THR O 253 -48.06 -67.77 6.00
C THR O 253 -46.82 -67.24 5.34
N VAL O 254 -46.89 -65.98 4.97
CA VAL O 254 -45.77 -65.34 4.36
C VAL O 254 -44.68 -65.27 5.39
N GLU O 255 -45.03 -65.46 6.65
CA GLU O 255 -44.01 -65.50 7.66
C GLU O 255 -43.04 -66.50 7.14
N MET O 256 -43.51 -67.72 7.01
CA MET O 256 -42.62 -68.79 6.61
C MET O 256 -41.83 -68.44 5.38
N VAL O 257 -42.50 -67.97 4.33
CA VAL O 257 -41.77 -67.75 3.09
C VAL O 257 -40.64 -66.78 3.33
N LEU O 258 -40.94 -65.58 3.80
CA LEU O 258 -39.88 -64.59 3.93
C LEU O 258 -38.78 -65.10 4.86
N ASN O 259 -39.17 -65.76 5.93
CA ASN O 259 -38.19 -66.27 6.88
C ASN O 259 -37.20 -67.21 6.23
N LYS O 260 -37.68 -68.24 5.56
CA LYS O 260 -36.72 -69.19 5.02
C LYS O 260 -35.97 -68.52 3.88
N TYR O 261 -36.69 -67.81 3.04
CA TYR O 261 -36.11 -67.10 1.91
C TYR O 261 -34.88 -66.32 2.37
N GLU O 262 -34.99 -65.65 3.52
CA GLU O 262 -33.81 -65.03 4.12
C GLU O 262 -32.77 -66.08 4.51
N HIS O 263 -33.20 -67.18 5.12
CA HIS O 263 -32.28 -68.21 5.60
C HIS O 263 -31.56 -68.94 4.48
N GLU O 264 -32.07 -68.86 3.25
CA GLU O 264 -31.34 -69.41 2.11
C GLU O 264 -30.53 -68.35 1.37
N VAL O 265 -31.14 -67.18 1.10
CA VAL O 265 -30.47 -66.17 0.29
C VAL O 265 -29.30 -65.55 1.05
N SER O 266 -29.47 -65.28 2.35
CA SER O 266 -28.39 -64.69 3.14
C SER O 266 -27.21 -65.65 3.27
N GLN O 267 -27.49 -66.95 3.32
CA GLN O 267 -26.41 -67.94 3.26
C GLN O 267 -25.90 -68.12 1.84
N GLU O 268 -26.61 -67.59 0.85
CA GLU O 268 -26.05 -67.49 -0.49
C GLU O 268 -25.44 -66.12 -0.73
N LEU O 269 -25.99 -65.08 -0.10
CA LEU O 269 -25.44 -63.73 -0.24
C LEU O 269 -24.12 -63.63 0.50
N GLU O 270 -23.25 -62.75 0.01
CA GLU O 270 -21.84 -62.76 0.38
C GLU O 270 -21.46 -61.53 1.19
N SER O 271 -21.89 -60.35 0.76
CA SER O 271 -21.54 -59.12 1.45
C SER O 271 -22.42 -58.90 2.67
N PRO O 272 -21.90 -58.32 3.74
CA PRO O 272 -22.78 -57.83 4.82
C PRO O 272 -23.70 -56.72 4.38
N GLY O 273 -23.28 -55.91 3.40
CA GLY O 273 -24.15 -54.88 2.88
C GLY O 273 -25.36 -55.44 2.17
N SER O 274 -25.17 -56.49 1.37
CA SER O 274 -26.28 -57.08 0.62
C SER O 274 -27.26 -57.78 1.55
N GLN O 275 -26.77 -58.40 2.63
CA GLN O 275 -27.65 -59.00 3.62
C GLN O 275 -28.45 -57.95 4.39
N SER O 276 -27.90 -56.76 4.58
CA SER O 276 -28.67 -55.65 5.13
C SER O 276 -29.84 -55.29 4.24
N GLN O 277 -29.61 -55.22 2.92
CA GLN O 277 -30.71 -54.96 1.99
C GLN O 277 -31.70 -56.12 1.97
N LEU O 278 -31.23 -57.35 2.15
CA LEU O 278 -32.13 -58.50 2.19
C LEU O 278 -33.07 -58.43 3.39
N SER O 279 -32.50 -58.21 4.59
CA SER O 279 -33.34 -58.10 5.79
C SER O 279 -34.23 -56.87 5.71
N GLU O 280 -33.72 -55.78 5.14
CA GLU O 280 -34.47 -54.55 5.00
C GLU O 280 -35.68 -54.75 4.08
N TYR O 281 -35.47 -55.42 2.94
CA TYR O 281 -36.54 -55.78 2.02
C TYR O 281 -37.53 -56.77 2.60
N CYS O 282 -37.08 -57.70 3.45
CA CYS O 282 -38.00 -58.65 4.09
C CYS O 282 -38.90 -57.92 5.08
N ALA O 283 -38.32 -57.08 5.94
CA ALA O 283 -39.10 -56.36 6.93
C ALA O 283 -40.05 -55.36 6.27
N GLY O 284 -39.59 -54.65 5.24
CA GLY O 284 -40.45 -53.73 4.54
C GLY O 284 -41.60 -54.42 3.82
N LEU O 285 -41.33 -55.58 3.23
CA LEU O 285 -42.39 -56.34 2.56
C LEU O 285 -43.41 -56.85 3.57
N LYS O 286 -42.95 -57.32 4.74
CA LYS O 286 -43.88 -57.77 5.77
C LYS O 286 -44.77 -56.64 6.27
N LEU O 287 -44.17 -55.49 6.55
CA LEU O 287 -44.94 -54.37 7.08
C LEU O 287 -45.88 -53.80 6.01
N TYR O 288 -45.44 -53.81 4.75
CA TYR O 288 -46.30 -53.35 3.66
C TYR O 288 -47.45 -54.30 3.42
N PHE O 289 -47.21 -55.61 3.56
CA PHE O 289 -48.28 -56.59 3.47
C PHE O 289 -49.33 -56.33 4.55
N ASP O 290 -48.88 -56.12 5.79
CA ASP O 290 -49.79 -55.85 6.90
C ASP O 290 -50.56 -54.55 6.69
N LYS O 291 -49.90 -53.53 6.15
CA LYS O 291 -50.49 -52.21 6.09
C LYS O 291 -51.19 -51.95 4.76
N CYS O 292 -51.18 -52.91 3.84
CA CYS O 292 -51.79 -52.73 2.52
C CYS O 292 -52.73 -53.86 2.11
N LEU O 293 -52.83 -54.95 2.89
CA LEU O 293 -53.77 -56.01 2.59
C LEU O 293 -55.21 -55.50 2.64
N GLY O 294 -55.51 -54.66 3.63
CA GLY O 294 -56.83 -54.07 3.71
C GLY O 294 -57.08 -52.99 2.68
N ASN O 295 -56.05 -52.52 1.98
CA ASN O 295 -56.20 -51.43 1.04
C ASN O 295 -56.36 -51.92 -0.40
N MET O 296 -55.49 -52.81 -0.88
CA MET O 296 -55.72 -53.34 -2.22
C MET O 296 -55.85 -54.86 -2.29
N LEU O 297 -55.16 -55.61 -1.44
CA LEU O 297 -55.03 -57.06 -1.60
C LEU O 297 -56.27 -57.81 -1.12
N LEU O 298 -57.45 -57.47 -1.60
CA LEU O 298 -58.68 -58.14 -1.22
C LEU O 298 -59.61 -58.25 -2.42
N TYR O 299 -60.39 -59.33 -2.45
CA TYR O 299 -61.36 -59.54 -3.51
C TYR O 299 -62.76 -59.70 -2.93
N ARG O 300 -63.73 -60.08 -3.77
CA ARG O 300 -65.04 -60.40 -3.28
C ARG O 300 -65.00 -61.72 -2.50
N LEU O 301 -65.94 -61.83 -1.55
CA LEU O 301 -66.05 -62.92 -0.58
C LEU O 301 -64.80 -63.06 0.28
N GLU O 302 -64.01 -61.98 0.38
CA GLU O 302 -62.90 -61.89 1.31
C GLU O 302 -63.01 -60.71 2.26
N ARG O 303 -63.83 -59.71 1.92
CA ARG O 303 -64.09 -58.62 2.85
C ARG O 303 -64.83 -59.13 4.09
N LEU O 304 -65.79 -60.04 3.89
CA LEU O 304 -66.46 -60.68 5.01
C LEU O 304 -65.50 -61.53 5.83
N GLN O 305 -64.57 -62.21 5.16
CA GLN O 305 -63.56 -63.00 5.88
C GLN O 305 -62.65 -62.10 6.71
N TYR O 306 -62.26 -60.95 6.16
CA TYR O 306 -61.45 -59.99 6.89
C TYR O 306 -62.22 -59.40 8.08
N ASP O 307 -63.52 -59.15 7.90
CA ASP O 307 -64.35 -58.67 9.00
C ASP O 307 -64.44 -59.71 10.11
N GLU O 308 -64.61 -60.98 9.73
CA GLU O 308 -64.61 -62.07 10.71
C GLU O 308 -63.27 -62.16 11.43
N LEU O 309 -62.18 -61.99 10.70
CA LEU O 309 -60.84 -62.00 11.30
C LEU O 309 -60.66 -60.88 12.31
N LEU O 310 -61.12 -59.66 11.98
CA LEU O 310 -60.91 -58.56 12.91
C LEU O 310 -61.86 -58.63 14.11
N LYS O 311 -63.06 -59.19 13.94
CA LYS O 311 -63.90 -59.43 15.12
C LYS O 311 -63.36 -60.58 15.98
N LYS O 312 -62.70 -61.57 15.37
CA LYS O 312 -62.09 -62.63 16.15
C LYS O 312 -60.85 -62.15 16.89
N SER O 313 -60.10 -61.21 16.30
CA SER O 313 -58.88 -60.71 16.94
C SER O 313 -59.19 -59.92 18.21
N SER O 314 -60.30 -59.17 18.22
CA SER O 314 -60.67 -58.39 19.39
C SER O 314 -61.17 -59.25 20.54
N LYS O 315 -61.52 -60.51 20.28
CA LYS O 315 -62.04 -61.37 21.33
C LYS O 315 -60.94 -61.83 22.29
N ASP O 316 -59.76 -62.15 21.76
CA ASP O 316 -58.66 -62.66 22.56
C ASP O 316 -57.63 -61.58 22.91
N GLN O 317 -57.97 -60.30 22.69
CA GLN O 317 -57.22 -59.12 23.11
C GLN O 317 -55.89 -58.94 22.38
N LYS O 318 -55.53 -59.89 21.51
CA LYS O 318 -54.33 -59.71 20.70
C LYS O 318 -54.65 -58.85 19.49
N PRO O 319 -53.77 -57.90 19.14
CA PRO O 319 -54.03 -57.04 17.99
C PRO O 319 -53.96 -57.80 16.68
N LEU O 320 -54.69 -57.34 15.67
CA LEU O 320 -54.73 -58.06 14.40
C LEU O 320 -53.44 -57.96 13.60
N VAL O 321 -53.10 -59.00 12.84
CA VAL O 321 -51.87 -59.01 12.03
C VAL O 321 -52.00 -59.82 10.74
N PRO O 322 -51.94 -59.17 9.59
CA PRO O 322 -52.10 -59.86 8.30
C PRO O 322 -50.96 -60.79 7.88
N ILE O 323 -49.72 -60.51 8.28
CA ILE O 323 -48.59 -61.33 7.85
C ILE O 323 -48.75 -62.79 8.24
N ARG O 324 -49.13 -63.04 9.49
CA ARG O 324 -49.23 -64.41 9.95
C ARG O 324 -50.62 -64.97 9.74
N ILE O 325 -51.37 -64.36 8.84
CA ILE O 325 -52.72 -64.85 8.55
C ILE O 325 -52.88 -65.25 7.10
N TYR O 326 -52.79 -64.29 6.20
CA TYR O 326 -53.02 -64.59 4.79
C TYR O 326 -51.96 -65.48 4.21
N GLY O 327 -52.28 -66.15 3.11
CA GLY O 327 -51.36 -67.07 2.50
C GLY O 327 -50.34 -66.40 1.62
N ALA O 328 -49.25 -67.10 1.34
CA ALA O 328 -48.20 -66.54 0.49
C ALA O 328 -48.70 -66.12 -0.88
N ILE O 329 -49.92 -66.50 -1.25
CA ILE O 329 -50.42 -66.16 -2.58
C ILE O 329 -50.88 -64.70 -2.65
N HIS O 330 -51.44 -64.16 -1.56
CA HIS O 330 -51.71 -62.73 -1.50
C HIS O 330 -50.43 -61.90 -1.47
N LEU O 331 -49.33 -62.47 -0.96
CA LEU O 331 -48.04 -61.83 -1.10
C LEU O 331 -47.65 -61.70 -2.58
N LEU O 332 -47.85 -62.77 -3.36
CA LEU O 332 -47.57 -62.72 -4.78
C LEU O 332 -48.51 -61.74 -5.49
N ARG O 333 -49.73 -61.60 -4.98
CA ARG O 333 -50.64 -60.57 -5.46
C ARG O 333 -50.07 -59.17 -5.21
N LEU O 334 -49.47 -58.96 -4.05
CA LEU O 334 -48.80 -57.69 -3.75
C LEU O 334 -47.64 -57.43 -4.70
N ILE O 335 -46.84 -58.46 -4.98
CA ILE O 335 -45.78 -58.30 -5.98
C ILE O 335 -46.35 -57.99 -7.36
N SER O 336 -47.50 -58.57 -7.71
CA SER O 336 -48.11 -58.29 -9.00
C SER O 336 -48.57 -56.85 -9.11
N VAL O 337 -49.13 -56.28 -8.04
CA VAL O 337 -49.60 -54.90 -8.14
C VAL O 337 -48.45 -53.91 -7.94
N LEU O 338 -47.32 -54.37 -7.39
CA LEU O 338 -46.18 -53.49 -7.10
C LEU O 338 -45.65 -52.62 -8.25
N PRO O 339 -45.49 -53.10 -9.50
CA PRO O 339 -44.95 -52.18 -10.55
C PRO O 339 -45.83 -50.98 -10.86
N GLU O 340 -47.14 -51.17 -10.96
CA GLU O 340 -48.03 -50.03 -11.20
C GLU O 340 -48.14 -49.15 -9.96
N LEU O 341 -48.06 -49.76 -8.78
CA LEU O 341 -48.23 -49.03 -7.53
C LEU O 341 -47.02 -48.15 -7.22
N ILE O 342 -45.81 -48.60 -7.59
CA ILE O 342 -44.60 -47.85 -7.25
C ILE O 342 -44.50 -46.58 -8.08
N SER O 343 -44.79 -46.69 -9.39
CA SER O 343 -44.62 -45.56 -10.29
C SER O 343 -45.70 -44.49 -10.16
N SER O 344 -46.69 -44.69 -9.28
CA SER O 344 -47.76 -43.70 -9.13
C SER O 344 -47.23 -42.40 -8.53
N THR O 345 -46.35 -42.47 -7.54
CA THR O 345 -45.82 -41.30 -6.87
C THR O 345 -44.35 -41.10 -7.22
N THR O 346 -43.76 -40.06 -6.62
CA THR O 346 -42.38 -39.70 -6.88
C THR O 346 -41.45 -40.71 -6.21
N MET O 347 -40.65 -41.40 -7.02
CA MET O 347 -39.72 -42.40 -6.52
C MET O 347 -38.44 -42.32 -7.36
N ASP O 348 -37.33 -42.78 -6.79
CA ASP O 348 -36.02 -42.62 -7.38
C ASP O 348 -35.85 -43.47 -8.63
N LEU O 349 -34.69 -43.32 -9.25
CA LEU O 349 -34.25 -44.29 -10.25
C LEU O 349 -33.58 -45.48 -9.59
N GLN O 350 -32.52 -45.23 -8.81
CA GLN O 350 -31.72 -46.32 -8.25
C GLN O 350 -32.50 -47.10 -7.20
N SER O 351 -33.32 -46.43 -6.40
CA SER O 351 -34.16 -47.14 -5.44
C SER O 351 -35.18 -48.02 -6.15
N CYS O 352 -35.73 -47.52 -7.27
CA CYS O 352 -36.63 -48.34 -8.08
C CYS O 352 -35.92 -49.57 -8.62
N GLN O 353 -34.69 -49.40 -9.13
CA GLN O 353 -33.94 -50.55 -9.67
C GLN O 353 -33.62 -51.56 -8.58
N LEU O 354 -33.26 -51.08 -7.38
CA LEU O 354 -33.03 -51.97 -6.25
C LEU O 354 -34.30 -52.76 -5.91
N LEU O 355 -35.46 -52.07 -5.94
CA LEU O 355 -36.71 -52.73 -5.62
C LEU O 355 -37.06 -53.79 -6.65
N ILE O 356 -36.85 -53.52 -7.94
CA ILE O 356 -37.23 -54.54 -8.93
C ILE O 356 -36.20 -55.66 -8.94
N LYS O 357 -34.96 -55.37 -8.53
CA LYS O 357 -33.95 -56.43 -8.45
C LYS O 357 -34.26 -57.40 -7.30
N GLN O 358 -34.63 -56.84 -6.13
CA GLN O 358 -35.07 -57.69 -5.02
C GLN O 358 -36.37 -58.41 -5.38
N THR O 359 -37.24 -57.75 -6.15
CA THR O 359 -38.43 -58.38 -6.69
C THR O 359 -38.08 -59.59 -7.54
N GLU O 360 -37.15 -59.43 -8.50
CA GLU O 360 -36.84 -60.49 -9.43
C GLU O 360 -36.14 -61.66 -8.75
N ASP O 361 -35.20 -61.41 -7.83
CA ASP O 361 -34.56 -62.57 -7.23
C ASP O 361 -35.46 -63.25 -6.18
N PHE O 362 -36.36 -62.50 -5.53
CA PHE O 362 -37.39 -63.15 -4.71
C PHE O 362 -38.32 -64.01 -5.58
N LEU O 363 -38.69 -63.51 -6.77
CA LEU O 363 -39.55 -64.29 -7.65
C LEU O 363 -38.86 -65.54 -8.17
N VAL O 364 -37.58 -65.47 -8.53
CA VAL O 364 -36.92 -66.70 -9.00
C VAL O 364 -36.67 -67.65 -7.84
N TRP O 365 -36.48 -67.15 -6.62
CA TRP O 365 -36.41 -68.05 -5.47
C TRP O 365 -37.74 -68.73 -5.23
N LEU O 366 -38.84 -68.03 -5.48
CA LEU O 366 -40.15 -68.69 -5.49
C LEU O 366 -40.23 -69.72 -6.60
N LEU O 367 -39.70 -69.38 -7.79
CA LEU O 367 -39.73 -70.28 -8.94
C LEU O 367 -38.93 -71.55 -8.72
N MET O 368 -38.00 -71.54 -7.76
CA MET O 368 -37.30 -72.77 -7.41
C MET O 368 -38.27 -73.84 -6.88
N HIS O 369 -39.19 -73.44 -6.00
CA HIS O 369 -40.13 -74.39 -5.36
C HIS O 369 -41.54 -73.80 -5.31
N VAL O 370 -42.10 -73.44 -6.48
CA VAL O 370 -43.50 -73.02 -6.58
C VAL O 370 -44.43 -74.09 -6.01
N ASP O 371 -44.09 -75.37 -6.21
CA ASP O 371 -44.98 -76.46 -5.82
C ASP O 371 -45.12 -76.59 -4.30
N GLU O 372 -44.24 -75.94 -3.53
CA GLU O 372 -44.35 -75.98 -2.08
C GLU O 372 -45.55 -75.17 -1.59
N TYR O 373 -45.82 -74.02 -2.23
CA TYR O 373 -46.84 -73.10 -1.77
C TYR O 373 -48.01 -72.95 -2.74
N PHE O 374 -47.87 -73.45 -3.98
CA PHE O 374 -48.89 -73.20 -4.98
C PHE O 374 -49.46 -74.50 -5.57
N ASN O 375 -49.62 -75.52 -4.74
CA ASN O 375 -50.22 -76.79 -5.16
C ASN O 375 -51.62 -76.89 -4.58
N ASP O 376 -52.59 -77.21 -5.43
CA ASP O 376 -53.98 -77.35 -5.02
C ASP O 376 -54.21 -78.70 -4.35
N GLU P 258 -72.46 -35.35 -5.10
CA GLU P 258 -72.71 -35.70 -3.69
C GLU P 258 -72.84 -37.21 -3.53
N ASN P 259 -73.00 -37.91 -4.64
CA ASN P 259 -73.15 -39.35 -4.63
C ASN P 259 -72.72 -39.91 -5.98
N GLU P 260 -72.47 -41.21 -5.99
CA GLU P 260 -72.07 -41.91 -7.21
C GLU P 260 -73.01 -43.10 -7.43
N ASP P 261 -73.38 -43.33 -8.69
CA ASP P 261 -74.28 -44.43 -9.01
C ASP P 261 -73.60 -45.78 -8.81
N PHE P 262 -72.30 -45.84 -9.03
CA PHE P 262 -71.53 -47.07 -8.86
C PHE P 262 -70.48 -46.88 -7.77
N CYS P 263 -70.16 -47.98 -7.09
CA CYS P 263 -69.13 -47.97 -6.06
C CYS P 263 -67.76 -47.78 -6.71
N SER P 264 -67.06 -46.72 -6.32
CA SER P 264 -65.74 -46.46 -6.89
C SER P 264 -64.69 -47.45 -6.42
N ALA P 265 -64.99 -48.25 -5.39
CA ALA P 265 -64.05 -49.27 -4.91
C ALA P 265 -64.27 -50.61 -5.61
N CYS P 266 -65.46 -51.19 -5.46
CA CYS P 266 -65.72 -52.55 -5.92
C CYS P 266 -66.32 -52.62 -7.32
N ASN P 267 -66.78 -51.48 -7.87
CA ASN P 267 -67.30 -51.37 -9.25
C ASN P 267 -68.55 -52.21 -9.49
N GLN P 268 -69.47 -52.20 -8.53
CA GLN P 268 -70.85 -52.56 -8.78
C GLN P 268 -71.75 -51.73 -7.87
N SER P 269 -73.01 -51.60 -8.26
CA SER P 269 -73.96 -50.81 -7.50
C SER P 269 -74.44 -51.57 -6.26
N GLY P 270 -74.76 -50.80 -5.22
CA GLY P 270 -75.22 -51.38 -3.97
C GLY P 270 -75.52 -50.31 -2.94
N SER P 271 -75.53 -50.69 -1.65
CA SER P 271 -75.72 -49.71 -0.59
C SER P 271 -74.49 -48.83 -0.48
N PHE P 272 -74.71 -47.52 -0.44
CA PHE P 272 -73.63 -46.55 -0.51
C PHE P 272 -73.60 -45.68 0.74
N LEU P 273 -72.46 -45.02 0.94
CA LEU P 273 -72.29 -44.00 1.98
C LEU P 273 -71.78 -42.74 1.29
N CYS P 274 -72.62 -41.71 1.24
CA CYS P 274 -72.27 -40.50 0.52
C CYS P 274 -71.30 -39.66 1.33
N CYS P 275 -70.11 -39.42 0.77
CA CYS P 275 -69.14 -38.56 1.42
C CYS P 275 -69.53 -37.09 1.23
N ASP P 276 -68.89 -36.22 2.00
CA ASP P 276 -69.28 -34.82 2.00
C ASP P 276 -68.65 -34.06 0.84
N THR P 277 -67.35 -34.21 0.62
CA THR P 277 -66.63 -33.45 -0.39
C THR P 277 -66.48 -34.23 -1.69
N CYS P 278 -65.86 -35.40 -1.64
CA CYS P 278 -65.70 -36.20 -2.85
C CYS P 278 -67.02 -36.92 -3.16
N PRO P 279 -67.45 -36.91 -4.43
CA PRO P 279 -68.72 -37.56 -4.78
C PRO P 279 -68.69 -39.07 -4.77
N LYS P 280 -67.52 -39.69 -4.63
CA LYS P 280 -67.43 -41.15 -4.61
C LYS P 280 -68.04 -41.70 -3.33
N SER P 281 -68.71 -42.84 -3.45
CA SER P 281 -69.36 -43.51 -2.34
C SER P 281 -68.89 -44.96 -2.29
N PHE P 282 -68.99 -45.57 -1.11
CA PHE P 282 -68.47 -46.90 -0.88
C PHE P 282 -69.54 -47.79 -0.26
N HIS P 283 -69.33 -49.10 -0.40
CA HIS P 283 -70.17 -50.10 0.25
C HIS P 283 -69.81 -50.18 1.72
N PHE P 284 -70.59 -50.92 2.50
CA PHE P 284 -70.32 -51.07 3.92
C PHE P 284 -69.13 -51.99 4.21
N LEU P 285 -68.62 -52.69 3.19
CA LEU P 285 -67.39 -53.46 3.32
C LEU P 285 -66.26 -52.93 2.45
N CYS P 286 -66.54 -52.01 1.54
CA CYS P 286 -65.49 -51.55 0.65
C CYS P 286 -64.69 -50.44 1.32
N LEU P 287 -64.37 -50.64 2.59
CA LEU P 287 -63.58 -49.66 3.32
C LEU P 287 -62.48 -50.39 4.06
N ASP P 288 -61.42 -49.68 4.41
CA ASP P 288 -60.35 -50.30 5.17
C ASP P 288 -60.98 -51.12 6.27
N PRO P 289 -61.89 -50.50 7.04
CA PRO P 289 -62.61 -51.31 8.02
C PRO P 289 -63.98 -51.65 7.46
N PRO P 290 -64.47 -52.86 7.74
CA PRO P 290 -65.81 -53.24 7.29
C PRO P 290 -66.86 -52.55 8.13
N ILE P 291 -67.14 -51.28 7.85
CA ILE P 291 -68.08 -50.54 8.67
C ILE P 291 -69.34 -51.36 8.87
N ASP P 292 -69.73 -51.58 10.11
CA ASP P 292 -70.92 -52.35 10.40
C ASP P 292 -72.17 -51.55 10.06
N PRO P 293 -72.99 -52.07 9.14
CA PRO P 293 -74.22 -51.38 8.76
C PRO P 293 -75.11 -51.16 9.96
N ASN P 294 -75.83 -50.05 9.99
CA ASN P 294 -76.72 -49.75 11.11
C ASN P 294 -75.91 -49.55 12.38
N ASN P 295 -74.61 -49.37 12.24
CA ASN P 295 -73.76 -49.14 13.41
C ASN P 295 -72.64 -48.19 13.03
N LEU P 296 -72.87 -47.38 12.00
CA LEU P 296 -71.87 -46.44 11.56
C LEU P 296 -71.70 -45.27 12.51
N PRO P 297 -70.46 -45.01 12.95
CA PRO P 297 -70.19 -43.89 13.85
C PRO P 297 -70.92 -42.62 13.41
N LYS P 298 -71.42 -41.89 14.41
CA LYS P 298 -72.17 -40.66 14.14
C LYS P 298 -71.21 -39.51 13.86
N GLY P 299 -71.43 -38.85 12.74
CA GLY P 299 -70.62 -37.70 12.38
C GLY P 299 -70.80 -37.33 10.92
N ASP P 300 -69.82 -36.58 10.41
CA ASP P 300 -69.84 -36.03 9.06
C ASP P 300 -69.53 -37.12 8.04
N TRP P 301 -68.86 -38.20 8.46
CA TRP P 301 -68.33 -39.28 7.61
C TRP P 301 -67.30 -38.70 6.63
N HIS P 302 -66.18 -38.31 7.23
CA HIS P 302 -64.94 -38.10 6.48
C HIS P 302 -64.40 -39.45 6.01
N CYS P 303 -64.03 -39.52 4.73
CA CYS P 303 -63.38 -40.72 4.20
C CYS P 303 -61.89 -40.61 4.43
N ASN P 304 -61.11 -41.53 3.84
CA ASN P 304 -59.67 -41.50 4.02
C ASN P 304 -59.04 -40.33 3.28
N GLU P 305 -59.54 -40.03 2.07
CA GLU P 305 -59.07 -38.85 1.35
C GLU P 305 -59.41 -37.57 2.11
N CYS P 306 -60.65 -37.46 2.60
CA CYS P 306 -61.06 -36.26 3.31
C CYS P 306 -60.29 -36.09 4.61
N LYS P 307 -60.04 -37.20 5.32
CA LYS P 307 -59.25 -37.10 6.54
C LYS P 307 -57.78 -36.79 6.22
N PHE P 308 -57.30 -37.20 5.05
CA PHE P 308 -55.93 -36.84 4.67
C PHE P 308 -55.81 -35.36 4.34
N LYS P 309 -56.81 -34.79 3.65
CA LYS P 309 -56.78 -33.35 3.39
C LYS P 309 -56.92 -32.52 4.66
N ILE P 310 -57.86 -32.85 5.56
CA ILE P 310 -57.97 -31.94 6.70
C ILE P 310 -56.92 -32.23 7.76
N PHE P 311 -56.24 -33.38 7.67
CA PHE P 311 -55.09 -33.63 8.54
C PHE P 311 -53.92 -32.73 8.18
N ILE P 312 -53.72 -32.49 6.88
CA ILE P 312 -52.60 -31.65 6.43
C ILE P 312 -53.00 -30.20 6.22
N ASN P 313 -54.29 -29.87 6.32
CA ASN P 313 -54.83 -28.51 6.16
C ASN P 313 -54.48 -27.92 4.80
N ASN P 314 -54.46 -28.79 3.78
CA ASN P 314 -54.16 -28.50 2.36
C ASN P 314 -53.01 -27.50 2.18
N SER P 315 -51.89 -27.80 2.85
CA SER P 315 -50.68 -27.03 2.69
C SER P 315 -49.49 -27.98 2.55
N MET P 316 -48.57 -27.65 1.65
CA MET P 316 -47.55 -28.61 1.26
C MET P 316 -46.44 -28.72 2.30
N ALA P 317 -46.10 -27.62 2.99
CA ALA P 317 -44.92 -27.60 3.83
C ALA P 317 -45.06 -28.53 5.03
N THR P 318 -46.19 -28.45 5.73
CA THR P 318 -46.39 -29.32 6.88
C THR P 318 -46.54 -30.77 6.46
N LEU P 319 -47.07 -31.05 5.25
CA LEU P 319 -47.23 -32.43 4.82
C LEU P 319 -45.88 -33.05 4.47
N LYS P 320 -45.00 -32.31 3.81
CA LYS P 320 -43.65 -32.82 3.60
C LYS P 320 -42.88 -32.97 4.91
N LYS P 321 -43.13 -32.07 5.88
CA LYS P 321 -42.40 -32.22 7.14
C LYS P 321 -42.88 -33.42 7.94
N ILE P 322 -44.18 -33.74 7.93
CA ILE P 322 -44.59 -34.95 8.65
C ILE P 322 -44.30 -36.21 7.85
N GLU P 323 -44.21 -36.10 6.52
CA GLU P 323 -43.74 -37.23 5.71
C GLU P 323 -42.28 -37.56 6.02
N SER P 324 -41.44 -36.53 6.12
CA SER P 324 -40.04 -36.75 6.51
C SER P 324 -39.92 -37.26 7.93
N ASN P 325 -40.78 -36.77 8.84
CA ASN P 325 -40.80 -37.28 10.21
C ASN P 325 -41.21 -38.74 10.24
N PHE P 326 -42.19 -39.12 9.42
CA PHE P 326 -42.63 -40.52 9.35
C PHE P 326 -41.52 -41.42 8.82
N ILE P 327 -40.83 -40.98 7.76
CA ILE P 327 -39.71 -41.78 7.24
C ILE P 327 -38.58 -41.86 8.26
N LYS P 328 -38.38 -40.80 9.05
CA LYS P 328 -37.35 -40.82 10.09
C LYS P 328 -37.64 -41.85 11.16
N GLN P 329 -38.93 -42.13 11.41
CA GLN P 329 -39.30 -43.08 12.45
C GLN P 329 -38.91 -44.50 12.09
N ASN P 330 -39.25 -44.94 10.88
CA ASN P 330 -39.05 -46.34 10.48
C ASN P 330 -37.95 -46.41 9.40
N ASN P 331 -36.71 -46.50 9.86
CA ASN P 331 -35.57 -46.70 8.95
C ASN P 331 -35.29 -48.18 8.69
N ASN P 332 -35.98 -49.09 9.37
CA ASN P 332 -35.82 -50.51 9.08
C ASN P 332 -36.58 -50.90 7.82
N VAL P 333 -37.66 -50.18 7.52
CA VAL P 333 -38.49 -50.44 6.34
C VAL P 333 -38.31 -49.30 5.33
N LYS P 334 -37.13 -48.66 5.40
CA LYS P 334 -36.80 -47.39 4.75
C LYS P 334 -37.10 -47.31 3.26
N ILE P 335 -36.83 -48.38 2.51
CA ILE P 335 -37.06 -48.32 1.06
C ILE P 335 -38.55 -48.35 0.76
N PHE P 336 -39.33 -48.95 1.66
CA PHE P 336 -40.78 -48.99 1.53
C PHE P 336 -41.46 -47.84 2.25
N ALA P 337 -40.71 -46.99 2.95
CA ALA P 337 -41.28 -45.96 3.80
C ALA P 337 -42.08 -44.92 3.01
N LYS P 338 -41.61 -44.60 1.80
CA LYS P 338 -42.39 -43.74 0.91
C LYS P 338 -43.67 -44.45 0.49
N LEU P 339 -43.60 -45.75 0.25
CA LEU P 339 -44.77 -46.52 -0.15
C LEU P 339 -45.76 -46.75 0.98
N LEU P 340 -45.32 -46.67 2.24
CA LEU P 340 -46.25 -46.71 3.35
C LEU P 340 -47.09 -45.45 3.47
N PHE P 341 -46.65 -44.36 2.87
CA PHE P 341 -47.35 -43.09 3.06
C PHE P 341 -48.53 -42.97 2.11
N ASN P 342 -48.33 -43.38 0.87
CA ASN P 342 -49.39 -43.28 -0.11
C ASN P 342 -50.60 -44.06 0.37
N ILE P 343 -50.35 -45.13 1.13
CA ILE P 343 -51.45 -45.96 1.62
C ILE P 343 -52.44 -45.13 2.42
N ASP P 344 -51.91 -44.25 3.28
CA ASP P 344 -52.77 -43.42 4.09
C ASP P 344 -53.69 -42.59 3.22
N SER P 345 -53.17 -42.12 2.10
CA SER P 345 -53.96 -41.29 1.20
C SER P 345 -54.61 -42.16 0.13
N HIS P 346 -54.82 -43.43 0.45
CA HIS P 346 -55.41 -44.34 -0.52
C HIS P 346 -56.80 -44.81 -0.11
N ASN P 347 -57.78 -44.63 -0.98
CA ASN P 347 -59.10 -45.15 -0.70
C ASN P 347 -59.12 -46.59 -1.15
N PRO P 348 -59.26 -47.52 -0.20
CA PRO P 348 -59.24 -48.95 -0.52
C PRO P 348 -60.25 -49.29 -1.60
N LYS P 349 -59.84 -50.17 -2.51
CA LYS P 349 -60.66 -50.53 -3.66
C LYS P 349 -60.50 -52.02 -3.96
N GLN P 350 -61.36 -52.50 -4.87
CA GLN P 350 -61.25 -53.87 -5.33
C GLN P 350 -59.95 -54.07 -6.11
N PHE P 351 -59.37 -55.26 -5.98
CA PHE P 351 -58.13 -55.54 -6.69
C PHE P 351 -58.41 -55.75 -8.17
N GLN P 352 -58.23 -54.68 -8.96
CA GLN P 352 -58.26 -54.79 -10.41
C GLN P 352 -56.89 -55.28 -10.87
N LEU P 353 -56.88 -56.23 -11.80
CA LEU P 353 -55.64 -56.84 -12.27
C LEU P 353 -54.80 -55.85 -13.06
N PRO P 354 -53.47 -55.92 -12.94
CA PRO P 354 -52.61 -55.14 -13.84
C PRO P 354 -52.74 -55.63 -15.28
N ASN P 355 -52.45 -54.74 -16.22
CA ASN P 355 -52.69 -55.01 -17.63
C ASN P 355 -51.82 -56.14 -18.14
N TYR P 356 -50.56 -56.19 -17.71
CA TYR P 356 -49.67 -57.26 -18.15
C TYR P 356 -50.01 -58.59 -17.47
N ILE P 357 -50.64 -58.52 -16.29
CA ILE P 357 -51.10 -59.73 -15.61
C ILE P 357 -52.30 -60.32 -16.35
N LYS P 358 -53.16 -59.47 -16.92
CA LYS P 358 -54.32 -59.94 -17.66
C LYS P 358 -53.91 -60.76 -18.88
N GLU P 359 -52.85 -60.34 -19.56
CA GLU P 359 -52.29 -61.15 -20.64
C GLU P 359 -51.62 -62.38 -20.07
N THR P 360 -51.93 -63.54 -20.68
CA THR P 360 -51.52 -64.90 -20.28
C THR P 360 -51.32 -65.15 -18.79
N PHE P 533 -31.54 -26.27 -14.36
CA PHE P 533 -32.04 -27.54 -13.84
C PHE P 533 -31.38 -27.84 -12.50
N ASN P 534 -32.09 -27.54 -11.41
CA ASN P 534 -31.52 -27.69 -10.08
C ASN P 534 -31.38 -29.14 -9.63
N GLN P 535 -32.00 -30.08 -10.33
CA GLN P 535 -31.95 -31.48 -9.93
C GLN P 535 -30.64 -32.16 -10.31
N ASP P 536 -29.82 -31.53 -11.17
CA ASP P 536 -28.57 -32.16 -11.59
C ASP P 536 -27.50 -32.10 -10.52
N PHE P 537 -27.47 -31.03 -9.73
CA PHE P 537 -26.47 -30.85 -8.67
C PHE P 537 -27.06 -31.14 -7.29
N LYS P 538 -27.92 -32.15 -7.19
CA LYS P 538 -28.51 -32.51 -5.91
C LYS P 538 -27.47 -33.16 -5.01
N ILE P 539 -27.37 -32.67 -3.78
CA ILE P 539 -26.43 -33.21 -2.80
C ILE P 539 -27.11 -34.34 -2.05
N THR P 540 -26.50 -35.53 -2.10
CA THR P 540 -27.00 -36.70 -1.42
C THR P 540 -26.85 -36.54 0.09
N GLN P 541 -27.95 -36.74 0.82
CA GLN P 541 -27.92 -36.73 2.28
C GLN P 541 -27.71 -38.15 2.76
N ILE P 542 -26.48 -38.45 3.16
CA ILE P 542 -26.10 -39.79 3.56
C ILE P 542 -25.80 -39.77 5.06
N ASP P 543 -25.80 -40.95 5.68
CA ASP P 543 -25.52 -41.07 7.09
C ASP P 543 -24.24 -41.89 7.31
N GLU P 544 -23.79 -41.90 8.57
CA GLU P 544 -22.55 -42.58 8.91
C GLU P 544 -22.67 -44.09 8.78
N ASN P 545 -23.82 -44.64 9.21
CA ASN P 545 -24.02 -46.09 9.16
C ASN P 545 -24.09 -46.60 7.72
N SER P 546 -24.71 -45.83 6.82
CA SER P 546 -24.75 -46.22 5.42
C SER P 546 -23.36 -46.19 4.79
N ILE P 547 -22.54 -45.20 5.15
CA ILE P 547 -21.16 -45.16 4.68
C ILE P 547 -20.37 -46.35 5.20
N LYS P 548 -20.61 -46.71 6.46
CA LYS P 548 -19.95 -47.89 7.05
C LYS P 548 -20.34 -49.17 6.32
N TYR P 549 -21.63 -49.36 6.07
CA TYR P 549 -22.11 -50.52 5.31
C TYR P 549 -21.55 -50.55 3.90
N ASP P 550 -21.53 -49.40 3.22
CA ASP P 550 -21.04 -49.36 1.85
C ASP P 550 -19.54 -49.65 1.77
N PHE P 551 -18.77 -49.09 2.71
CA PHE P 551 -17.33 -49.33 2.73
C PHE P 551 -17.02 -50.80 3.00
N PHE P 552 -17.72 -51.39 3.97
CA PHE P 552 -17.53 -52.82 4.28
C PHE P 552 -17.95 -53.70 3.10
N ASP P 553 -19.08 -53.39 2.48
CA ASP P 553 -19.56 -54.14 1.32
C ASP P 553 -18.54 -54.08 0.19
N LYS P 554 -18.01 -52.89 -0.10
CA LYS P 554 -17.17 -52.79 -1.27
C LYS P 554 -15.78 -53.36 -1.02
N ILE P 555 -15.26 -53.26 0.21
CA ILE P 555 -13.97 -53.90 0.47
C ILE P 555 -14.11 -55.42 0.45
N TYR P 556 -15.23 -55.96 0.94
CA TYR P 556 -15.41 -57.41 0.88
C TYR P 556 -15.58 -57.88 -0.56
N LYS P 557 -16.31 -57.11 -1.38
CA LYS P 557 -16.41 -57.41 -2.80
C LYS P 557 -15.05 -57.42 -3.48
N SER P 558 -14.25 -56.37 -3.26
CA SER P 558 -12.95 -56.27 -3.93
C SER P 558 -12.01 -57.38 -3.48
N LYS P 559 -11.97 -57.65 -2.16
CA LYS P 559 -11.08 -58.67 -1.63
C LYS P 559 -11.45 -60.05 -2.16
N MET P 560 -12.73 -60.37 -2.23
CA MET P 560 -13.02 -61.73 -2.66
C MET P 560 -13.06 -61.87 -4.17
N VAL P 561 -13.28 -60.78 -4.93
CA VAL P 561 -13.13 -60.96 -6.37
C VAL P 561 -11.66 -61.14 -6.74
N GLN P 562 -10.73 -60.43 -6.07
CA GLN P 562 -9.32 -60.69 -6.39
C GLN P 562 -8.88 -62.05 -5.87
N LYS P 563 -9.40 -62.49 -4.72
CA LYS P 563 -9.08 -63.82 -4.21
C LYS P 563 -9.62 -64.92 -5.13
N ARG P 564 -10.87 -64.78 -5.60
CA ARG P 564 -11.46 -65.79 -6.45
C ARG P 564 -10.84 -65.80 -7.84
N LYS P 565 -10.45 -64.64 -8.36
CA LYS P 565 -9.76 -64.63 -9.64
C LYS P 565 -8.36 -65.22 -9.52
N LEU P 566 -7.69 -65.02 -8.36
CA LEU P 566 -6.41 -65.68 -8.13
C LEU P 566 -6.58 -67.19 -8.05
N PHE P 567 -7.64 -67.66 -7.37
CA PHE P 567 -7.93 -69.09 -7.31
C PHE P 567 -8.24 -69.67 -8.68
N GLN P 568 -9.00 -68.93 -9.50
CA GLN P 568 -9.33 -69.39 -10.85
C GLN P 568 -8.09 -69.45 -11.73
N PHE P 569 -7.21 -68.45 -11.63
CA PHE P 569 -5.96 -68.49 -12.40
C PHE P 569 -5.04 -69.61 -11.92
N GLN P 570 -5.01 -69.89 -10.61
CA GLN P 570 -4.23 -71.01 -10.11
C GLN P 570 -4.76 -72.34 -10.62
N GLU P 571 -6.09 -72.50 -10.64
CA GLU P 571 -6.69 -73.73 -11.15
C GLU P 571 -6.43 -73.88 -12.65
N SER P 572 -6.52 -72.77 -13.39
CA SER P 572 -6.25 -72.81 -14.83
C SER P 572 -4.79 -73.15 -15.12
N LEU P 573 -3.86 -72.60 -14.33
CA LEU P 573 -2.44 -72.92 -14.52
C LEU P 573 -2.15 -74.37 -14.14
N ILE P 574 -2.84 -74.88 -13.11
CA ILE P 574 -2.69 -76.29 -12.74
C ILE P 574 -3.17 -77.19 -13.87
N ASP P 575 -4.32 -76.84 -14.48
CA ASP P 575 -4.83 -77.61 -15.61
C ASP P 575 -3.91 -77.51 -16.83
N LYS P 576 -3.31 -76.34 -17.05
CA LYS P 576 -2.38 -76.17 -18.16
C LYS P 576 -1.12 -77.01 -17.96
N LEU P 577 -0.60 -77.04 -16.73
CA LEU P 577 0.58 -77.87 -16.46
C LEU P 577 0.26 -79.36 -16.49
N VAL P 578 -0.97 -79.74 -16.13
CA VAL P 578 -1.37 -81.14 -16.22
C VAL P 578 -1.51 -81.56 -17.67
N SER P 579 -2.15 -80.72 -18.50
CA SER P 579 -2.35 -81.06 -19.91
C SER P 579 -1.04 -81.05 -20.69
N ASN P 580 -0.10 -80.18 -20.32
CA ASN P 580 1.19 -80.13 -21.00
C ASN P 580 2.08 -81.29 -20.55
ZN ZN Q . 20.84 -17.94 -6.54
ZN ZN R . -6.96 -4.60 -22.84
ZN ZN S . -13.31 6.60 -30.13
ZN ZN T . 3.30 -32.26 15.09
ZN ZN U . -7.29 -28.66 8.12
ZN ZN V . -68.34 -51.50 -3.14
ZN ZN W . -64.32 -38.19 1.16
#